data_2JDI
#
_entry.id   2JDI
#
_cell.length_a   105.610
_cell.length_b   123.130
_cell.length_c   261.760
_cell.angle_alpha   90.00
_cell.angle_beta   90.00
_cell.angle_gamma   90.00
#
_symmetry.space_group_name_H-M   'P 21 21 21'
#
loop_
_entity.id
_entity.type
_entity.pdbx_description
1 polymer 'ATP SYNTHASE SUBUNIT ALPHA HEART ISOFORM'
2 polymer 'ATP SYNTHASE SUBUNIT BETA'
3 polymer 'ATP SYNTHASE GAMMA CHAIN'
4 polymer 'ATP SYNTHASE DELTA CHAIN'
5 polymer 'ATP SYNTHASE EPSILON CHAIN'
6 non-polymer 'PHOSPHOAMINOPHOSPHONIC ACID-ADENYLATE ESTER'
7 non-polymer 'MAGNESIUM ION'
8 water water
#
loop_
_entity_poly.entity_id
_entity_poly.type
_entity_poly.pdbx_seq_one_letter_code
_entity_poly.pdbx_strand_id
1 'polypeptide(L)'
;QKTGTAEVSSILEERILGADTSVDLEETGRVLSIGDGIARVHGLRNVQAEEMVEFSSGLKGMSLNLEPDNVGVVVFGNDK
LIKEGDIVKRTGAIVDVPVGEELLGRVVDALGNAIDGKGPIGSKARRRVGLKAPGIIPRISVREPMQTGIKAVDSLVPIG
RGQRELIIGDRQTGKTSIAIDTIINQKRFNDGTDEKKKLYCIYVAIGQKRSTVAQLVKRLTDADAMKYTIVVSATASDAA
PLQYLAPYSGCSMGEYFRDNGKHALIIYDDLSKQAVAYRQMSLLLRRPPGREAYPGDVFYLHSRLLERAAKMNDAFGGGS
LTALPVIETQAGDVSAYIPTNVISITDGQIFLETELFYKGIRPAINVGLSVSRVGSAAQTRAMKQVAGTMKLELAQYREV
AAFAQFGSDLDAATQQLLSRGVRLTELLKQGQYSPMAIEEQVAVIYAGVRGYLDKLEPSKITKFENAFLSHVISQHQALL
GKIRTDGKISEESDAKLKEIVTNFLAGFEA
;
A,B,C
2 'polypeptide(L)'
;AAQASPSPKAGATTGRIVAVIGAVVDVQFDEGLPPILNALEVQGRETRLVLEVAQHLGESTVRTIAMDGTEGLVRGQKVL
DSGAPIRIPVGPETLGRIMNVIGEPIDERGPIKTKQFAAIHAEAPEFVEMSVEQEILVTGIKVVDLLAPYAKGGKIGLFG
GAGVGKTVLIMELINNVAKAHGGYSVFAGVGERTREGNDLYHEMIESGVINLKDATSKVALVYGQMNEPPGARARVALTG
LTVAEYFRDQEGQDVLLFIDNIFRFTQAGSEVSALLGRIPSAVGYQPTLATDMGTMQERITTTKKGSITSVQAIYVPADD
LTDPAPATTFAHLDATTVLSRAIAELGIYPAVDPLDSTSRIMDPNIVGSEHYDVARGVQKILQDYKSLQDIIAILGMDEL
SEEDKLTVSRARKIQRFLSQPFQVAEVFTGHLGKLVPLKETIKGFQQILAGEYDHLPEQAFYMVGPIEEAVAKADKLAEE
HS
;
D,E,F
3 'polypeptide(L)'
;ATLKDITRRLKSIKNIQKITKSMKMVAAAKYARAERELKPARVYGVGSLALYEKADIKTPEDKKKHLIIGVSSDRGLCGA
IHSSVAKQMKSEAANLAAAGKEVKIIGVGDKIRSILHRTHSDQFLVTFKEVGRRPPTFGDASVIALELLNSGYEFDEGSI
IFNRFRSVISYKTEEKPIFSLDTISSAESMSIYDDIDADVLRNYQEYSLANIIYYSLKESTTSEQSARMTAMDNASKNAS
EMIDKLTLTFNRTRQAVITKELIEIISGAAALD
;
G
4 'polypeptide(L)'
;AEAAAAQAPAAGPGQMSFTFASPTQVFFNSANVRQVDVPTQTGAFGILAAHVPTLQVLRPGLVVVHAEDGTTSKYFVSSG
SVTVNADSSVQLLAEEAVTLDMLDLGAAKANLEKAQSELLGAADEATRAEIQIRIEANEALVKALE
;
H
5 'polypeptide(L)' VAYWRQAGLSYIRYSQICAKAVRDALKTEFKANAMKTSGSTIKIVKVKKE I
#
loop_
_chem_comp.id
_chem_comp.type
_chem_comp.name
_chem_comp.formula
ANP non-polymer 'PHOSPHOAMINOPHOSPHONIC ACID-ADENYLATE ESTER' 'C10 H17 N6 O12 P3'
MG non-polymer 'MAGNESIUM ION' 'Mg 2'
#
# COMPACT_ATOMS: atom_id res chain seq x y z
N ASP A 24 53.08 -21.46 -3.66
CA ASP A 24 53.03 -19.98 -3.86
C ASP A 24 51.61 -19.46 -3.64
N LEU A 25 51.29 -19.18 -2.38
CA LEU A 25 49.97 -18.66 -2.02
C LEU A 25 49.90 -17.12 -2.05
N GLU A 26 50.93 -16.49 -2.59
CA GLU A 26 50.93 -15.05 -2.78
C GLU A 26 50.42 -14.65 -4.16
N GLU A 27 50.83 -15.41 -5.18
CA GLU A 27 50.44 -15.15 -6.56
C GLU A 27 49.45 -16.20 -7.09
N THR A 28 49.18 -17.23 -6.29
CA THR A 28 48.19 -18.24 -6.65
C THR A 28 47.36 -18.64 -5.43
N GLY A 29 46.33 -19.45 -5.68
CA GLY A 29 45.48 -19.95 -4.60
C GLY A 29 44.72 -21.19 -5.03
N ARG A 30 43.92 -21.72 -4.11
CA ARG A 30 43.13 -22.91 -4.38
C ARG A 30 41.65 -22.69 -4.05
N VAL A 31 40.78 -23.26 -4.87
CA VAL A 31 39.35 -23.15 -4.66
C VAL A 31 38.95 -23.93 -3.41
N LEU A 32 38.33 -23.23 -2.47
CA LEU A 32 37.82 -23.82 -1.24
C LEU A 32 36.42 -24.36 -1.48
N SER A 33 35.63 -23.56 -2.19
CA SER A 33 34.25 -23.89 -2.52
C SER A 33 33.85 -23.15 -3.78
N ILE A 34 32.90 -23.72 -4.49
CA ILE A 34 32.36 -23.12 -5.72
C ILE A 34 30.89 -23.44 -5.84
N GLY A 35 30.10 -22.39 -6.03
CA GLY A 35 28.66 -22.53 -6.23
C GLY A 35 28.05 -21.22 -6.66
N ASP A 36 27.04 -21.31 -7.52
CA ASP A 36 26.28 -20.15 -7.97
C ASP A 36 27.15 -19.01 -8.48
N GLY A 37 28.22 -19.36 -9.20
CA GLY A 37 29.14 -18.38 -9.78
C GLY A 37 30.07 -17.68 -8.81
N ILE A 38 30.18 -18.21 -7.59
CA ILE A 38 31.14 -17.71 -6.61
C ILE A 38 32.17 -18.78 -6.25
N ALA A 39 33.43 -18.46 -6.50
CA ALA A 39 34.54 -19.27 -6.03
C ALA A 39 35.11 -18.57 -4.81
N ARG A 40 35.19 -19.28 -3.70
CA ARG A 40 35.97 -18.84 -2.54
C ARG A 40 37.37 -19.47 -2.65
N VAL A 41 38.40 -18.62 -2.70
CA VAL A 41 39.76 -19.06 -2.98
C VAL A 41 40.68 -18.82 -1.78
N HIS A 42 41.41 -19.86 -1.39
CA HIS A 42 42.44 -19.77 -0.36
C HIS A 42 43.74 -19.28 -1.00
N GLY A 43 44.48 -18.44 -0.30
CA GLY A 43 45.72 -17.88 -0.83
C GLY A 43 45.47 -16.61 -1.63
N LEU A 44 46.14 -16.48 -2.77
CA LEU A 44 46.12 -15.25 -3.57
C LEU A 44 46.40 -14.00 -2.72
N ARG A 45 47.35 -14.08 -1.79
CA ARG A 45 47.57 -13.02 -0.79
C ARG A 45 47.91 -11.64 -1.38
N ASN A 46 48.49 -11.64 -2.57
CA ASN A 46 48.87 -10.39 -3.25
C ASN A 46 47.85 -9.85 -4.27
N VAL A 47 46.65 -10.46 -4.36
CA VAL A 47 45.61 -9.97 -5.29
C VAL A 47 45.07 -8.61 -4.88
N GLN A 48 44.75 -7.80 -5.88
CA GLN A 48 44.16 -6.48 -5.69
C GLN A 48 42.64 -6.58 -5.72
N ALA A 49 41.96 -5.69 -5.00
CA ALA A 49 40.52 -5.60 -5.10
C ALA A 49 40.12 -5.35 -6.56
N GLU A 50 39.15 -6.14 -7.04
CA GLU A 50 38.61 -6.08 -8.40
C GLU A 50 39.55 -6.59 -9.50
N GLU A 51 40.65 -7.24 -9.11
CA GLU A 51 41.59 -7.82 -10.08
C GLU A 51 41.01 -9.08 -10.73
N MET A 52 41.26 -9.22 -12.03
CA MET A 52 40.83 -10.41 -12.76
C MET A 52 41.86 -11.52 -12.63
N VAL A 53 41.42 -12.66 -12.13
CA VAL A 53 42.28 -13.83 -11.95
C VAL A 53 41.83 -14.95 -12.91
N GLU A 54 42.63 -16.01 -13.04
CA GLU A 54 42.35 -17.09 -13.99
C GLU A 54 42.32 -18.47 -13.33
N PHE A 55 41.26 -19.23 -13.61
CA PHE A 55 41.10 -20.59 -13.11
C PHE A 55 41.81 -21.58 -14.02
N SER A 56 42.07 -22.79 -13.51
CA SER A 56 42.80 -23.81 -14.26
C SER A 56 42.13 -24.16 -15.60
N SER A 57 40.79 -24.12 -15.61
CA SER A 57 40.01 -24.39 -16.82
C SER A 57 40.15 -23.32 -17.91
N GLY A 58 40.71 -22.16 -17.54
CA GLY A 58 40.80 -21.03 -18.47
C GLY A 58 39.77 -19.94 -18.20
N LEU A 59 38.78 -20.24 -17.36
CA LEU A 59 37.76 -19.26 -16.99
C LEU A 59 38.39 -18.14 -16.18
N LYS A 60 37.87 -16.93 -16.39
CA LYS A 60 38.33 -15.78 -15.61
C LYS A 60 37.35 -15.51 -14.47
N GLY A 61 37.81 -14.76 -13.49
CA GLY A 61 36.98 -14.35 -12.35
C GLY A 61 37.49 -13.04 -11.81
N MET A 62 36.58 -12.25 -11.23
CA MET A 62 36.98 -10.99 -10.62
C MET A 62 36.94 -11.09 -9.10
N SER A 63 38.01 -10.61 -8.49
CA SER A 63 38.22 -10.65 -7.04
C SER A 63 37.47 -9.52 -6.36
N LEU A 64 36.20 -9.73 -6.07
CA LEU A 64 35.36 -8.67 -5.50
C LEU A 64 35.43 -8.62 -3.98
N ASN A 65 35.56 -9.79 -3.35
CA ASN A 65 35.67 -9.87 -1.90
C ASN A 65 37.04 -10.31 -1.45
N LEU A 66 37.80 -9.39 -0.86
CA LEU A 66 39.07 -9.74 -0.21
C LEU A 66 38.78 -9.86 1.29
N GLU A 67 38.84 -11.10 1.79
CA GLU A 67 38.56 -11.36 3.20
C GLU A 67 39.81 -11.90 3.88
N PRO A 68 39.84 -11.96 5.23
CA PRO A 68 41.05 -12.44 5.90
C PRO A 68 41.48 -13.85 5.47
N ASP A 69 40.53 -14.76 5.31
CA ASP A 69 40.84 -16.16 5.04
C ASP A 69 40.49 -16.63 3.63
N ASN A 70 39.91 -15.75 2.82
CA ASN A 70 39.58 -16.10 1.44
C ASN A 70 39.38 -14.91 0.48
N VAL A 71 39.42 -15.22 -0.82
CA VAL A 71 39.01 -14.28 -1.84
C VAL A 71 37.71 -14.78 -2.47
N GLY A 72 36.66 -13.94 -2.43
CA GLY A 72 35.40 -14.22 -3.13
C GLY A 72 35.53 -13.80 -4.57
N VAL A 73 35.55 -14.77 -5.48
CA VAL A 73 35.76 -14.55 -6.91
C VAL A 73 34.50 -14.83 -7.72
N VAL A 74 34.02 -13.83 -8.46
CA VAL A 74 32.85 -14.00 -9.33
C VAL A 74 33.27 -14.59 -10.67
N VAL A 75 32.52 -15.59 -11.13
CA VAL A 75 32.92 -16.43 -12.26
C VAL A 75 32.40 -15.92 -13.61
N PHE A 76 33.32 -15.68 -14.54
CA PHE A 76 32.97 -15.28 -15.89
C PHE A 76 32.70 -16.51 -16.77
N GLY A 77 31.69 -17.28 -16.40
CA GLY A 77 31.31 -18.47 -17.16
C GLY A 77 30.57 -19.53 -16.36
N ASN A 78 30.53 -20.75 -16.89
CA ASN A 78 29.84 -21.88 -16.28
C ASN A 78 30.69 -22.47 -15.15
N ASP A 79 30.12 -22.54 -13.94
CA ASP A 79 30.92 -23.04 -12.81
C ASP A 79 31.12 -24.57 -12.79
N LYS A 80 30.48 -25.29 -13.71
CA LYS A 80 30.73 -26.72 -13.88
C LYS A 80 32.21 -26.99 -14.16
N LEU A 81 32.88 -25.99 -14.73
CA LEU A 81 34.31 -26.06 -15.08
C LEU A 81 35.26 -25.64 -13.94
N ILE A 82 34.69 -25.37 -12.76
CA ILE A 82 35.49 -25.07 -11.58
C ILE A 82 35.15 -26.07 -10.47
N LYS A 83 36.18 -26.67 -9.89
CA LYS A 83 36.02 -27.66 -8.79
C LYS A 83 36.83 -27.27 -7.57
N GLU A 84 36.45 -27.74 -6.39
CA GLU A 84 37.26 -27.56 -5.18
C GLU A 84 38.69 -28.03 -5.45
N GLY A 85 39.66 -27.24 -5.00
CA GLY A 85 41.07 -27.61 -5.15
C GLY A 85 41.72 -27.12 -6.43
N ASP A 86 40.92 -26.59 -7.36
CA ASP A 86 41.47 -26.04 -8.59
C ASP A 86 42.40 -24.86 -8.31
N ILE A 87 43.49 -24.79 -9.06
CA ILE A 87 44.45 -23.68 -8.95
C ILE A 87 43.90 -22.40 -9.61
N VAL A 88 44.11 -21.29 -8.92
CA VAL A 88 43.72 -19.96 -9.41
C VAL A 88 44.96 -19.09 -9.39
N LYS A 89 45.22 -18.39 -10.50
CA LYS A 89 46.44 -17.61 -10.65
C LYS A 89 46.19 -16.13 -10.95
N ARG A 90 47.09 -15.28 -10.43
CA ARG A 90 47.20 -13.90 -10.90
C ARG A 90 47.96 -13.93 -12.22
N THR A 91 47.63 -13.04 -13.14
CA THR A 91 48.29 -13.03 -14.45
C THR A 91 48.73 -11.64 -14.92
N GLY A 92 48.67 -10.66 -14.02
CA GLY A 92 48.92 -9.26 -14.39
C GLY A 92 47.83 -8.72 -15.30
N ALA A 93 46.70 -9.43 -15.31
CA ALA A 93 45.56 -9.08 -16.15
C ALA A 93 45.04 -7.68 -15.90
N ILE A 94 44.66 -7.02 -16.97
CA ILE A 94 44.03 -5.71 -16.89
C ILE A 94 42.64 -5.83 -17.55
N VAL A 95 41.61 -5.42 -16.83
CA VAL A 95 40.25 -5.47 -17.36
C VAL A 95 40.08 -4.29 -18.31
N ASP A 96 40.48 -4.52 -19.57
CA ASP A 96 40.34 -3.52 -20.60
C ASP A 96 39.62 -4.11 -21.81
N VAL A 97 39.29 -3.24 -22.76
CA VAL A 97 38.55 -3.64 -23.96
C VAL A 97 39.16 -2.94 -25.16
N PRO A 98 39.04 -3.55 -26.36
CA PRO A 98 39.50 -2.87 -27.55
C PRO A 98 38.67 -1.62 -27.77
N VAL A 99 39.30 -0.59 -28.33
CA VAL A 99 38.64 0.67 -28.58
C VAL A 99 39.10 1.19 -29.95
N GLY A 100 38.26 1.99 -30.61
CA GLY A 100 38.62 2.59 -31.89
C GLY A 100 37.56 2.45 -32.96
N GLU A 101 37.89 2.96 -34.16
CA GLU A 101 36.94 2.97 -35.28
C GLU A 101 36.71 1.58 -35.88
N GLU A 102 37.56 0.63 -35.54
CA GLU A 102 37.43 -0.74 -36.07
C GLU A 102 36.28 -1.52 -35.45
N LEU A 103 35.77 -1.04 -34.33
CA LEU A 103 34.60 -1.63 -33.68
C LEU A 103 33.30 -1.24 -34.38
N LEU A 104 33.34 -0.16 -35.16
CA LEU A 104 32.16 0.33 -35.88
C LEU A 104 31.67 -0.72 -36.86
N GLY A 105 30.38 -1.04 -36.79
CA GLY A 105 29.80 -2.07 -37.64
C GLY A 105 29.88 -3.46 -37.04
N ARG A 106 30.46 -3.56 -35.86
CA ARG A 106 30.70 -4.86 -35.23
C ARG A 106 29.79 -5.12 -34.04
N VAL A 107 29.42 -6.39 -33.86
CA VAL A 107 28.74 -6.86 -32.67
C VAL A 107 29.76 -7.60 -31.80
N VAL A 108 29.92 -7.14 -30.56
CA VAL A 108 30.89 -7.72 -29.64
C VAL A 108 30.22 -8.16 -28.35
N ASP A 109 30.89 -9.01 -27.58
CA ASP A 109 30.40 -9.36 -26.26
C ASP A 109 30.84 -8.30 -25.23
N ALA A 110 30.58 -8.57 -23.95
CA ALA A 110 30.94 -7.63 -22.88
C ALA A 110 32.43 -7.29 -22.79
N LEU A 111 33.29 -8.12 -23.39
CA LEU A 111 34.74 -7.91 -23.33
C LEU A 111 35.34 -7.47 -24.68
N GLY A 112 34.49 -7.19 -25.66
CA GLY A 112 34.95 -6.70 -26.95
C GLY A 112 35.37 -7.78 -27.93
N ASN A 113 35.00 -9.02 -27.63
CA ASN A 113 35.18 -10.13 -28.56
C ASN A 113 34.10 -10.12 -29.61
N ALA A 114 34.49 -10.21 -30.88
CA ALA A 114 33.54 -10.31 -31.98
C ALA A 114 32.62 -11.52 -31.80
N ILE A 115 31.31 -11.28 -31.89
CA ILE A 115 30.31 -12.36 -31.80
C ILE A 115 29.45 -12.39 -33.05
N ASP A 116 29.87 -11.66 -34.08
CA ASP A 116 29.14 -11.55 -35.34
C ASP A 116 29.69 -12.47 -36.43
N GLY A 117 30.79 -13.16 -36.11
CA GLY A 117 31.38 -14.15 -37.02
C GLY A 117 32.15 -13.55 -38.18
N LYS A 118 32.46 -12.26 -38.10
CA LYS A 118 33.16 -11.57 -39.17
C LYS A 118 34.66 -11.45 -38.91
N GLY A 119 35.15 -12.20 -37.92
CA GLY A 119 36.58 -12.26 -37.62
C GLY A 119 37.05 -11.29 -36.57
N PRO A 120 38.38 -11.22 -36.35
CA PRO A 120 38.97 -10.41 -35.28
C PRO A 120 38.69 -8.91 -35.43
N ILE A 121 38.53 -8.23 -34.31
CA ILE A 121 38.50 -6.77 -34.30
C ILE A 121 39.91 -6.30 -34.67
N GLY A 122 40.00 -5.35 -35.58
CA GLY A 122 41.32 -4.84 -36.01
C GLY A 122 41.89 -3.78 -35.10
N SER A 123 41.62 -3.91 -33.80
CA SER A 123 41.92 -2.86 -32.81
C SER A 123 43.41 -2.59 -32.62
N LYS A 124 43.77 -1.31 -32.67
CA LYS A 124 45.13 -0.85 -32.39
C LYS A 124 45.26 -0.24 -31.00
N ALA A 125 44.13 0.10 -30.37
CA ALA A 125 44.14 0.68 -29.03
C ALA A 125 43.17 -0.01 -28.10
N ARG A 126 43.49 0.06 -26.81
CA ARG A 126 42.65 -0.51 -25.76
C ARG A 126 42.50 0.46 -24.60
N ARG A 127 41.46 0.27 -23.80
CA ARG A 127 41.15 1.15 -22.68
C ARG A 127 40.54 0.35 -21.53
N ARG A 128 40.91 0.72 -20.30
CA ARG A 128 40.34 0.12 -19.09
C ARG A 128 38.84 0.38 -19.01
N VAL A 129 38.10 -0.60 -18.52
CA VAL A 129 36.64 -0.49 -18.41
C VAL A 129 36.25 0.31 -17.18
N GLY A 130 37.11 0.29 -16.17
CA GLY A 130 36.87 0.97 -14.90
C GLY A 130 37.76 2.18 -14.76
N LEU A 131 37.26 3.32 -15.21
CA LEU A 131 38.00 4.58 -15.12
C LEU A 131 37.11 5.65 -14.49
N LYS A 132 37.77 6.66 -13.93
CA LYS A 132 37.08 7.78 -13.32
C LYS A 132 36.58 8.75 -14.40
N ALA A 133 35.41 9.32 -14.16
CA ALA A 133 34.84 10.36 -15.01
C ALA A 133 35.72 11.61 -14.99
N PRO A 134 35.68 12.43 -16.07
CA PRO A 134 36.30 13.74 -15.97
C PRO A 134 35.68 14.52 -14.82
N GLY A 135 36.48 15.32 -14.12
CA GLY A 135 35.99 16.10 -13.00
C GLY A 135 35.31 17.40 -13.41
N ILE A 136 35.23 18.34 -12.47
CA ILE A 136 34.60 19.63 -12.69
C ILE A 136 35.25 20.43 -13.83
N ILE A 137 36.55 20.70 -13.71
CA ILE A 137 37.25 21.65 -14.59
C ILE A 137 37.32 21.34 -16.10
N PRO A 138 37.55 20.07 -16.49
CA PRO A 138 37.73 19.76 -17.93
C PRO A 138 36.47 19.94 -18.79
N ARG A 139 35.33 20.25 -18.17
CA ARG A 139 34.04 20.33 -18.84
C ARG A 139 33.62 21.76 -19.21
N ILE A 140 32.73 21.86 -20.20
CA ILE A 140 32.03 23.10 -20.51
C ILE A 140 30.54 22.77 -20.61
N SER A 141 29.68 23.76 -20.40
CA SER A 141 28.22 23.57 -20.40
C SER A 141 27.71 22.97 -21.71
N VAL A 142 26.79 22.01 -21.58
CA VAL A 142 26.18 21.34 -22.73
C VAL A 142 25.41 22.34 -23.58
N ARG A 143 25.79 22.42 -24.86
CA ARG A 143 25.28 23.45 -25.76
C ARG A 143 25.02 23.01 -27.21
N GLU A 144 25.45 21.81 -27.56
CA GLU A 144 25.26 21.31 -28.93
C GLU A 144 24.08 20.35 -28.96
N PRO A 145 23.15 20.55 -29.91
CA PRO A 145 22.00 19.65 -30.00
C PRO A 145 22.42 18.20 -30.25
N MET A 146 21.78 17.28 -29.54
CA MET A 146 21.83 15.86 -29.88
C MET A 146 20.45 15.50 -30.41
N GLN A 147 20.30 15.55 -31.73
CA GLN A 147 18.99 15.45 -32.38
C GLN A 147 18.53 14.02 -32.47
N THR A 148 17.38 13.72 -31.87
CA THR A 148 16.78 12.39 -31.94
C THR A 148 15.96 12.19 -33.23
N GLY A 149 15.50 13.30 -33.81
CA GLY A 149 14.56 13.25 -34.95
C GLY A 149 13.15 12.90 -34.51
N ILE A 150 12.93 12.84 -33.19
CA ILE A 150 11.61 12.56 -32.62
C ILE A 150 11.04 13.88 -32.10
N LYS A 151 9.97 14.34 -32.74
CA LYS A 151 9.37 15.66 -32.48
C LYS A 151 9.16 15.96 -31.00
N ALA A 152 8.53 15.04 -30.27
CA ALA A 152 8.21 15.27 -28.86
C ALA A 152 9.46 15.53 -28.04
N VAL A 153 10.52 14.77 -28.32
CA VAL A 153 11.78 14.87 -27.60
C VAL A 153 12.52 16.15 -27.97
N ASP A 154 12.82 16.32 -29.26
CA ASP A 154 13.56 17.49 -29.73
C ASP A 154 12.88 18.83 -29.40
N SER A 155 11.55 18.83 -29.32
CA SER A 155 10.83 20.07 -29.03
C SER A 155 10.63 20.31 -27.54
N LEU A 156 10.28 19.25 -26.81
CA LEU A 156 9.85 19.40 -25.41
C LEU A 156 10.75 18.76 -24.34
N VAL A 157 11.60 17.83 -24.76
CA VAL A 157 12.59 17.24 -23.85
C VAL A 157 14.01 17.24 -24.49
N PRO A 158 14.50 18.43 -24.90
CA PRO A 158 15.70 18.52 -25.76
C PRO A 158 16.94 17.91 -25.12
N ILE A 159 17.75 17.24 -25.95
CA ILE A 159 18.97 16.61 -25.48
C ILE A 159 20.17 17.24 -26.18
N GLY A 160 21.18 17.60 -25.40
CA GLY A 160 22.43 18.13 -25.94
C GLY A 160 23.58 17.17 -25.78
N ARG A 161 24.69 17.43 -26.46
CA ARG A 161 25.82 16.51 -26.43
C ARG A 161 26.59 16.59 -25.11
N GLY A 162 26.70 15.44 -24.44
CA GLY A 162 27.29 15.34 -23.11
C GLY A 162 26.25 15.09 -22.03
N GLN A 163 24.99 15.23 -22.40
CA GLN A 163 23.87 15.04 -21.47
C GLN A 163 23.67 13.57 -21.14
N ARG A 164 23.04 13.31 -20.00
CA ARG A 164 22.55 11.99 -19.66
C ARG A 164 21.04 12.13 -19.54
N GLU A 165 20.33 11.44 -20.43
CA GLU A 165 18.87 11.52 -20.47
C GLU A 165 18.29 10.11 -20.39
N LEU A 166 17.54 9.87 -19.33
CA LEU A 166 16.93 8.57 -19.08
C LEU A 166 15.71 8.33 -19.94
N ILE A 167 15.61 7.12 -20.50
CA ILE A 167 14.38 6.62 -21.13
C ILE A 167 13.79 5.60 -20.15
N ILE A 168 12.58 5.86 -19.66
CA ILE A 168 12.02 5.09 -18.55
C ILE A 168 10.53 4.81 -18.75
N GLY A 169 10.12 3.58 -18.42
CA GLY A 169 8.74 3.17 -18.51
C GLY A 169 8.63 1.67 -18.35
N ASP A 170 7.40 1.18 -18.24
CA ASP A 170 7.11 -0.24 -18.10
C ASP A 170 7.54 -1.03 -19.33
N ARG A 171 7.52 -2.35 -19.23
CA ARG A 171 7.71 -3.22 -20.39
C ARG A 171 6.86 -2.75 -21.55
N GLN A 172 7.42 -2.87 -22.77
CA GLN A 172 6.67 -2.68 -24.00
C GLN A 172 5.97 -1.32 -24.12
N THR A 173 6.64 -0.26 -23.65
CA THR A 173 6.08 1.08 -23.76
C THR A 173 6.77 1.89 -24.85
N GLY A 174 7.81 1.30 -25.45
CA GLY A 174 8.50 1.86 -26.60
C GLY A 174 9.87 2.45 -26.30
N LYS A 175 10.55 1.93 -25.29
CA LYS A 175 11.80 2.52 -24.80
C LYS A 175 12.93 2.36 -25.81
N THR A 176 13.17 1.12 -26.23
CA THR A 176 14.21 0.80 -27.19
C THR A 176 14.00 1.56 -28.51
N SER A 177 12.75 1.65 -28.93
CA SER A 177 12.41 2.36 -30.16
C SER A 177 12.88 3.81 -30.18
N ILE A 178 12.80 4.49 -29.03
CA ILE A 178 13.32 5.86 -28.93
C ILE A 178 14.81 5.89 -29.26
N ALA A 179 15.53 4.94 -28.67
CA ALA A 179 16.98 4.81 -28.86
C ALA A 179 17.34 4.47 -30.30
N ILE A 180 16.61 3.54 -30.90
CA ILE A 180 16.87 3.10 -32.28
C ILE A 180 16.61 4.20 -33.29
N ASP A 181 15.53 4.96 -33.09
CA ASP A 181 15.26 6.09 -33.97
C ASP A 181 16.36 7.14 -33.86
N THR A 182 16.82 7.39 -32.63
CA THR A 182 17.92 8.32 -32.37
C THR A 182 19.20 7.91 -33.13
N ILE A 183 19.57 6.63 -33.05
CA ILE A 183 20.72 6.11 -33.79
C ILE A 183 20.55 6.25 -35.31
N ILE A 184 19.39 5.84 -35.81
CA ILE A 184 19.07 5.97 -37.24
C ILE A 184 19.12 7.43 -37.69
N ASN A 185 18.74 8.35 -36.80
CA ASN A 185 18.72 9.79 -37.15
C ASN A 185 20.10 10.36 -37.52
N GLN A 186 21.16 9.81 -36.93
CA GLN A 186 22.51 10.33 -37.11
C GLN A 186 23.08 10.09 -38.51
N LYS A 187 22.43 9.23 -39.29
CA LYS A 187 22.89 8.93 -40.67
C LYS A 187 23.11 10.19 -41.52
N ARG A 188 22.19 11.15 -41.42
CA ARG A 188 22.27 12.36 -42.24
C ARG A 188 23.48 13.24 -41.88
N PHE A 189 23.77 13.35 -40.59
CA PHE A 189 24.95 14.09 -40.14
C PHE A 189 26.22 13.33 -40.54
N ASN A 190 26.16 12.00 -40.39
CA ASN A 190 27.31 11.13 -40.66
C ASN A 190 27.62 10.95 -42.14
N ASP A 191 26.59 11.05 -42.99
CA ASP A 191 26.78 11.06 -44.44
C ASP A 191 27.17 12.44 -44.95
N GLY A 192 27.15 13.43 -44.06
CA GLY A 192 27.46 14.81 -44.41
C GLY A 192 28.95 15.13 -44.37
N THR A 193 29.28 16.41 -44.56
CA THR A 193 30.67 16.86 -44.57
C THR A 193 31.02 17.68 -43.33
N ASP A 194 29.99 18.13 -42.60
CA ASP A 194 30.20 18.86 -41.36
C ASP A 194 30.73 17.91 -40.27
N GLU A 195 32.05 17.77 -40.26
CA GLU A 195 32.76 17.03 -39.22
C GLU A 195 32.66 17.84 -37.93
N LYS A 196 31.63 17.54 -37.15
CA LYS A 196 31.29 18.29 -35.93
C LYS A 196 29.89 17.87 -35.52
N LYS A 197 29.02 17.69 -36.51
CA LYS A 197 27.65 17.25 -36.29
C LYS A 197 27.57 15.73 -36.25
N LYS A 198 28.67 15.08 -36.62
CA LYS A 198 28.75 13.62 -36.68
C LYS A 198 28.68 13.02 -35.27
N LEU A 199 27.97 11.91 -35.16
CA LEU A 199 27.75 11.25 -33.88
C LEU A 199 27.88 9.74 -34.03
N TYR A 200 28.90 9.17 -33.39
CA TYR A 200 29.10 7.72 -33.42
C TYR A 200 28.32 7.07 -32.29
N CYS A 201 27.69 5.95 -32.59
CA CYS A 201 26.72 5.35 -31.68
C CYS A 201 27.18 4.01 -31.11
N ILE A 202 26.78 3.76 -29.87
CA ILE A 202 27.08 2.51 -29.18
C ILE A 202 25.81 2.04 -28.50
N TYR A 203 25.41 0.81 -28.82
CA TYR A 203 24.22 0.21 -28.23
C TYR A 203 24.65 -0.95 -27.34
N VAL A 204 24.45 -0.77 -26.04
CA VAL A 204 24.76 -1.80 -25.05
C VAL A 204 23.47 -2.53 -24.70
N ALA A 205 23.41 -3.81 -25.07
CA ALA A 205 22.32 -4.69 -24.69
C ALA A 205 22.74 -5.51 -23.48
N ILE A 206 21.95 -5.43 -22.40
CA ILE A 206 22.21 -6.15 -21.16
C ILE A 206 21.00 -7.02 -20.80
N GLY A 207 21.21 -8.33 -20.73
CA GLY A 207 20.19 -9.24 -20.22
C GLY A 207 19.10 -9.62 -21.19
N GLN A 208 19.19 -9.11 -22.42
CA GLN A 208 18.23 -9.39 -23.48
C GLN A 208 18.45 -10.80 -24.05
N LYS A 209 17.47 -11.31 -24.78
CA LYS A 209 17.66 -12.58 -25.47
C LYS A 209 18.41 -12.32 -26.78
N ARG A 210 19.20 -13.30 -27.21
CA ARG A 210 20.02 -13.14 -28.41
C ARG A 210 19.23 -12.84 -29.70
N SER A 211 18.04 -13.42 -29.83
CA SER A 211 17.23 -13.17 -31.04
C SER A 211 16.69 -11.74 -31.10
N THR A 212 16.38 -11.17 -29.93
CA THR A 212 16.01 -9.76 -29.84
C THR A 212 17.14 -8.89 -30.38
N VAL A 213 18.35 -9.14 -29.90
CA VAL A 213 19.54 -8.40 -30.35
C VAL A 213 19.76 -8.56 -31.86
N ALA A 214 19.50 -9.75 -32.38
CA ALA A 214 19.63 -10.01 -33.83
C ALA A 214 18.61 -9.20 -34.65
N GLN A 215 17.38 -9.10 -34.13
CA GLN A 215 16.36 -8.26 -34.76
C GLN A 215 16.77 -6.79 -34.74
N LEU A 216 17.34 -6.38 -33.62
CA LEU A 216 17.85 -5.02 -33.43
C LEU A 216 18.91 -4.69 -34.47
N VAL A 217 19.88 -5.58 -34.64
CA VAL A 217 20.98 -5.33 -35.58
C VAL A 217 20.53 -5.37 -37.03
N LYS A 218 19.57 -6.24 -37.34
CA LYS A 218 18.94 -6.30 -38.66
C LYS A 218 18.30 -4.95 -38.98
N ARG A 219 17.54 -4.42 -38.02
CA ARG A 219 16.92 -3.11 -38.15
C ARG A 219 17.95 -2.02 -38.48
N LEU A 220 19.07 -1.99 -37.75
CA LEU A 220 20.11 -0.98 -37.97
C LEU A 220 20.87 -1.16 -39.27
N THR A 221 21.07 -2.42 -39.66
CA THR A 221 21.75 -2.74 -40.91
C THR A 221 20.90 -2.30 -42.09
N ASP A 222 19.59 -2.61 -42.04
CA ASP A 222 18.65 -2.21 -43.11
C ASP A 222 18.51 -0.69 -43.21
N ALA A 223 18.67 -0.01 -42.08
CA ALA A 223 18.62 1.45 -42.02
C ALA A 223 19.95 2.07 -42.47
N ASP A 224 20.96 1.22 -42.69
CA ASP A 224 22.33 1.65 -42.98
C ASP A 224 22.98 2.41 -41.81
N ALA A 225 22.61 2.01 -40.59
CA ALA A 225 23.08 2.66 -39.37
C ALA A 225 24.26 1.94 -38.70
N MET A 226 24.46 0.67 -39.04
CA MET A 226 25.52 -0.15 -38.43
C MET A 226 26.93 0.39 -38.65
N LYS A 227 27.13 1.06 -39.78
CA LYS A 227 28.48 1.54 -40.16
C LYS A 227 29.05 2.61 -39.23
N TYR A 228 28.19 3.17 -38.38
CA TYR A 228 28.65 4.15 -37.38
C TYR A 228 28.25 3.73 -35.97
N THR A 229 27.81 2.48 -35.82
CA THR A 229 27.36 1.93 -34.54
C THR A 229 28.21 0.73 -34.09
N ILE A 230 28.49 0.69 -32.79
CA ILE A 230 29.06 -0.47 -32.12
C ILE A 230 27.98 -1.11 -31.25
N VAL A 231 27.78 -2.42 -31.39
CA VAL A 231 26.87 -3.14 -30.50
C VAL A 231 27.65 -3.98 -29.49
N VAL A 232 27.54 -3.60 -28.21
CA VAL A 232 28.09 -4.40 -27.11
C VAL A 232 26.94 -5.18 -26.47
N SER A 233 27.08 -6.50 -26.44
CA SER A 233 25.97 -7.38 -26.07
C SER A 233 26.36 -8.43 -25.03
N ALA A 234 25.74 -8.33 -23.85
CA ALA A 234 25.86 -9.34 -22.80
C ALA A 234 24.45 -9.84 -22.49
N THR A 235 24.09 -10.94 -23.11
CA THR A 235 22.71 -11.41 -23.14
C THR A 235 22.32 -12.28 -21.93
N ALA A 236 21.08 -12.78 -21.94
CA ALA A 236 20.48 -13.41 -20.76
C ALA A 236 21.19 -14.66 -20.24
N SER A 237 21.86 -15.39 -21.13
CA SER A 237 22.58 -16.61 -20.76
C SER A 237 24.06 -16.35 -20.44
N ASP A 238 24.52 -15.11 -20.64
CA ASP A 238 25.88 -14.73 -20.22
C ASP A 238 25.91 -14.59 -18.70
N ALA A 239 27.02 -15.03 -18.11
CA ALA A 239 27.18 -14.97 -16.65
C ALA A 239 26.97 -13.54 -16.13
N ALA A 240 26.44 -13.44 -14.90
CA ALA A 240 26.19 -12.16 -14.23
C ALA A 240 27.32 -11.11 -14.30
N PRO A 241 28.58 -11.50 -14.05
CA PRO A 241 29.65 -10.50 -14.12
C PRO A 241 29.87 -9.91 -15.52
N LEU A 242 29.53 -10.68 -16.55
CA LEU A 242 29.61 -10.18 -17.93
C LEU A 242 28.57 -9.08 -18.19
N GLN A 243 27.36 -9.28 -17.67
CA GLN A 243 26.28 -8.29 -17.74
C GLN A 243 26.60 -7.05 -16.91
N TYR A 244 27.25 -7.27 -15.76
CA TYR A 244 27.72 -6.19 -14.88
C TYR A 244 28.75 -5.29 -15.59
N LEU A 245 29.65 -5.90 -16.34
CA LEU A 245 30.72 -5.15 -17.02
C LEU A 245 30.28 -4.43 -18.28
N ALA A 246 29.31 -5.01 -19.01
CA ALA A 246 28.96 -4.52 -20.35
C ALA A 246 28.80 -2.99 -20.50
N PRO A 247 28.03 -2.34 -19.58
CA PRO A 247 27.91 -0.87 -19.64
C PRO A 247 29.24 -0.13 -19.60
N TYR A 248 30.12 -0.54 -18.69
CA TYR A 248 31.42 0.09 -18.54
C TYR A 248 32.30 -0.12 -19.77
N SER A 249 32.25 -1.33 -20.32
CA SER A 249 32.94 -1.63 -21.58
C SER A 249 32.45 -0.75 -22.72
N GLY A 250 31.13 -0.71 -22.92
CA GLY A 250 30.52 0.22 -23.88
C GLY A 250 30.99 1.64 -23.62
N CYS A 251 30.98 2.04 -22.35
CA CYS A 251 31.35 3.40 -21.95
C CYS A 251 32.78 3.78 -22.39
N SER A 252 33.73 2.89 -22.10
CA SER A 252 35.12 3.09 -22.49
C SER A 252 35.29 3.27 -23.99
N MET A 253 34.55 2.48 -24.77
CA MET A 253 34.53 2.62 -26.24
C MET A 253 34.02 4.00 -26.64
N GLY A 254 32.99 4.48 -25.94
CA GLY A 254 32.48 5.84 -26.14
C GLY A 254 33.48 6.92 -25.77
N GLU A 255 34.25 6.67 -24.71
CA GLU A 255 35.23 7.62 -24.18
C GLU A 255 36.38 7.89 -25.14
N TYR A 256 36.74 6.90 -25.96
CA TYR A 256 37.76 7.07 -26.98
C TYR A 256 37.38 8.20 -27.94
N PHE A 257 36.10 8.24 -28.32
CA PHE A 257 35.61 9.30 -29.19
C PHE A 257 35.59 10.64 -28.45
N ARG A 258 35.09 10.62 -27.22
CA ARG A 258 34.97 11.81 -26.39
C ARG A 258 36.32 12.50 -26.19
N ASP A 259 37.37 11.72 -26.00
CA ASP A 259 38.68 12.28 -25.67
C ASP A 259 39.50 12.63 -26.91
N ASN A 260 39.01 12.25 -28.08
CA ASN A 260 39.70 12.56 -29.34
C ASN A 260 39.00 13.63 -30.17
N GLY A 261 38.23 14.48 -29.49
CA GLY A 261 37.56 15.61 -30.12
C GLY A 261 36.38 15.22 -30.97
N LYS A 262 35.84 14.02 -30.72
CA LYS A 262 34.70 13.51 -31.46
C LYS A 262 33.50 13.32 -30.54
N HIS A 263 32.35 12.94 -31.11
CA HIS A 263 31.11 12.84 -30.35
C HIS A 263 30.51 11.46 -30.45
N ALA A 264 30.14 10.91 -29.30
CA ALA A 264 29.59 9.57 -29.23
C ALA A 264 28.30 9.55 -28.45
N LEU A 265 27.41 8.65 -28.84
CA LEU A 265 26.15 8.44 -28.15
C LEU A 265 26.09 7.01 -27.66
N ILE A 266 25.87 6.83 -26.37
CA ILE A 266 25.73 5.49 -25.82
C ILE A 266 24.35 5.24 -25.21
N ILE A 267 23.81 4.05 -25.50
CA ILE A 267 22.53 3.61 -24.99
C ILE A 267 22.78 2.40 -24.08
N TYR A 268 22.24 2.43 -22.87
CA TYR A 268 22.37 1.32 -21.94
C TYR A 268 21.02 0.65 -21.79
N ASP A 269 20.81 -0.41 -22.57
CA ASP A 269 19.51 -1.08 -22.66
C ASP A 269 19.56 -2.51 -22.10
N ASP A 270 19.28 -2.69 -20.81
CA ASP A 270 18.89 -1.63 -19.89
C ASP A 270 19.61 -1.77 -18.55
N LEU A 271 19.63 -0.69 -17.78
CA LEU A 271 20.34 -0.66 -16.50
C LEU A 271 19.61 -1.39 -15.39
N SER A 272 18.32 -1.69 -15.61
CA SER A 272 17.56 -2.49 -14.64
C SER A 272 18.12 -3.90 -14.61
N LYS A 273 18.44 -4.41 -15.80
CA LYS A 273 19.00 -5.76 -15.93
C LYS A 273 20.44 -5.82 -15.39
N GLN A 274 21.23 -4.77 -15.61
CA GLN A 274 22.58 -4.71 -15.04
C GLN A 274 22.57 -4.73 -13.51
N ALA A 275 21.64 -3.97 -12.91
CA ALA A 275 21.49 -3.94 -11.46
C ALA A 275 21.08 -5.29 -10.86
N VAL A 276 20.24 -6.02 -11.58
CA VAL A 276 19.83 -7.38 -11.20
C VAL A 276 21.04 -8.33 -11.19
N ALA A 277 21.89 -8.23 -12.21
CA ALA A 277 23.13 -9.02 -12.30
C ALA A 277 24.07 -8.72 -11.13
N TYR A 278 24.24 -7.42 -10.83
CA TYR A 278 25.06 -7.00 -9.70
C TYR A 278 24.47 -7.45 -8.35
N ARG A 279 23.14 -7.40 -8.22
CA ARG A 279 22.47 -7.87 -7.01
C ARG A 279 22.72 -9.37 -6.77
N GLN A 280 22.67 -10.16 -7.84
CA GLN A 280 22.95 -11.60 -7.76
C GLN A 280 24.31 -11.82 -7.11
N MET A 281 25.33 -11.20 -7.69
CA MET A 281 26.71 -11.34 -7.21
C MET A 281 26.82 -10.88 -5.76
N SER A 282 26.24 -9.72 -5.47
CA SER A 282 26.31 -9.12 -4.13
C SER A 282 25.69 -10.01 -3.08
N LEU A 283 24.52 -10.56 -3.36
CA LEU A 283 23.82 -11.44 -2.42
C LEU A 283 24.61 -12.73 -2.20
N LEU A 284 25.17 -13.27 -3.28
CA LEU A 284 25.91 -14.53 -3.23
C LEU A 284 27.29 -14.38 -2.60
N LEU A 285 27.84 -13.16 -2.65
CA LEU A 285 29.03 -12.80 -1.87
C LEU A 285 28.66 -12.48 -0.42
N ARG A 286 27.37 -12.61 -0.09
CA ARG A 286 26.83 -12.35 1.26
C ARG A 286 27.07 -10.93 1.75
N ARG A 287 27.07 -9.98 0.81
CA ARG A 287 27.01 -8.56 1.16
C ARG A 287 25.60 -8.25 1.65
N PRO A 288 25.48 -7.28 2.59
CA PRO A 288 24.19 -7.00 3.25
C PRO A 288 23.13 -6.54 2.26
N PRO A 289 21.94 -7.18 2.30
CA PRO A 289 20.84 -6.73 1.44
C PRO A 289 20.09 -5.52 2.02
N GLY A 290 19.69 -4.60 1.13
CA GLY A 290 18.85 -3.47 1.53
C GLY A 290 17.49 -3.56 0.85
N ARG A 291 16.89 -2.40 0.59
CA ARG A 291 15.59 -2.29 -0.07
C ARG A 291 15.60 -3.08 -1.39
N GLU A 292 14.58 -3.92 -1.57
CA GLU A 292 14.45 -4.76 -2.76
C GLU A 292 15.63 -5.72 -2.92
N ALA A 293 16.33 -5.95 -1.81
CA ALA A 293 17.51 -6.83 -1.72
C ALA A 293 18.75 -6.31 -2.46
N TYR A 294 18.71 -5.05 -2.90
CA TYR A 294 19.88 -4.43 -3.52
C TYR A 294 20.94 -4.03 -2.48
N PRO A 295 22.23 -4.04 -2.89
CA PRO A 295 23.29 -3.63 -1.97
C PRO A 295 23.39 -2.12 -1.82
N GLY A 296 24.04 -1.67 -0.75
CA GLY A 296 24.19 -0.25 -0.46
C GLY A 296 24.95 0.54 -1.51
N ASP A 297 25.71 -0.16 -2.35
CA ASP A 297 26.54 0.49 -3.37
C ASP A 297 25.90 0.48 -4.76
N VAL A 298 24.61 0.14 -4.83
CA VAL A 298 23.94 0.03 -6.14
C VAL A 298 23.76 1.39 -6.84
N PHE A 299 23.56 2.45 -6.06
CA PHE A 299 23.54 3.81 -6.59
C PHE A 299 24.92 4.16 -7.16
N TYR A 300 25.95 3.91 -6.37
CA TYR A 300 27.35 4.12 -6.73
C TYR A 300 27.71 3.40 -8.04
N LEU A 301 27.16 2.19 -8.20
CA LEU A 301 27.24 1.44 -9.47
C LEU A 301 26.84 2.27 -10.70
N HIS A 302 25.68 2.91 -10.63
CA HIS A 302 25.17 3.64 -11.78
C HIS A 302 25.72 5.06 -11.87
N SER A 303 25.99 5.70 -10.73
CA SER A 303 26.53 7.05 -10.76
C SER A 303 27.95 7.11 -11.37
N ARG A 304 28.78 6.11 -11.03
CA ARG A 304 30.12 5.98 -11.62
C ARG A 304 30.02 5.88 -13.14
N LEU A 305 29.06 5.08 -13.61
CA LEU A 305 28.85 4.88 -15.04
C LEU A 305 28.35 6.14 -15.73
N LEU A 306 27.35 6.78 -15.13
CA LEU A 306 26.64 7.86 -15.84
C LEU A 306 27.37 9.19 -15.81
N GLU A 307 28.31 9.33 -14.87
CA GLU A 307 29.11 10.55 -14.77
C GLU A 307 30.18 10.63 -15.85
N ARG A 308 30.51 9.47 -16.43
CA ARG A 308 31.51 9.39 -17.49
C ARG A 308 31.01 9.92 -18.84
N ALA A 309 29.70 10.10 -18.97
CA ALA A 309 29.15 10.87 -20.07
C ALA A 309 29.40 12.35 -19.76
N ALA A 310 30.01 13.06 -20.70
CA ALA A 310 30.41 14.46 -20.47
C ALA A 310 30.55 15.26 -21.74
N LYS A 311 30.57 16.58 -21.59
CA LYS A 311 30.94 17.49 -22.67
C LYS A 311 32.27 18.13 -22.30
N MET A 312 33.27 17.97 -23.15
CA MET A 312 34.63 18.48 -22.87
C MET A 312 34.79 19.89 -23.40
N ASN A 313 35.51 20.73 -22.66
CA ASN A 313 35.85 22.04 -23.14
C ASN A 313 36.86 21.96 -24.30
N ASP A 314 37.04 23.08 -25.01
CA ASP A 314 37.93 23.12 -26.17
C ASP A 314 39.37 22.78 -25.82
N ALA A 315 39.78 23.12 -24.61
CA ALA A 315 41.13 22.84 -24.12
C ALA A 315 41.38 21.33 -24.07
N PHE A 316 40.31 20.57 -23.88
CA PHE A 316 40.37 19.11 -23.88
C PHE A 316 39.87 18.47 -25.19
N GLY A 317 39.76 19.28 -26.24
CA GLY A 317 39.39 18.76 -27.57
C GLY A 317 37.93 18.95 -27.94
N GLY A 318 37.09 19.22 -26.94
CA GLY A 318 35.71 19.57 -27.18
C GLY A 318 34.78 18.43 -27.58
N GLY A 319 35.23 17.20 -27.37
CA GLY A 319 34.42 16.02 -27.63
C GLY A 319 33.33 15.80 -26.59
N SER A 320 32.48 14.81 -26.83
CA SER A 320 31.37 14.56 -25.92
C SER A 320 30.97 13.09 -25.91
N LEU A 321 30.43 12.66 -24.78
CA LEU A 321 29.74 11.39 -24.70
C LEU A 321 28.36 11.64 -24.11
N THR A 322 27.33 11.36 -24.90
CA THR A 322 25.94 11.47 -24.45
C THR A 322 25.43 10.09 -24.09
N ALA A 323 24.78 9.96 -22.94
CA ALA A 323 24.23 8.68 -22.52
C ALA A 323 22.71 8.68 -22.49
N LEU A 324 22.13 7.62 -23.03
CA LEU A 324 20.70 7.37 -22.88
C LEU A 324 20.49 6.06 -22.13
N PRO A 325 20.58 6.09 -20.79
CA PRO A 325 20.25 4.89 -20.02
C PRO A 325 18.80 4.54 -20.21
N VAL A 326 18.51 3.24 -20.11
CA VAL A 326 17.13 2.76 -20.12
C VAL A 326 16.84 2.13 -18.76
N ILE A 327 15.66 2.42 -18.22
CA ILE A 327 15.21 1.78 -16.98
C ILE A 327 13.81 1.23 -17.22
N GLU A 328 13.60 0.01 -16.76
CA GLU A 328 12.29 -0.60 -16.82
C GLU A 328 11.61 -0.48 -15.47
N THR A 329 10.44 0.15 -15.45
CA THR A 329 9.63 0.24 -14.24
C THR A 329 8.63 -0.90 -14.16
N GLN A 330 8.13 -1.16 -12.96
CA GLN A 330 7.13 -2.19 -12.73
C GLN A 330 5.81 -1.54 -12.34
N ALA A 331 4.76 -1.78 -13.13
CA ALA A 331 3.44 -1.18 -12.90
C ALA A 331 3.53 0.34 -12.65
N GLY A 332 4.36 1.01 -13.45
CA GLY A 332 4.50 2.47 -13.44
C GLY A 332 5.17 3.09 -12.22
N ASP A 333 5.85 2.27 -11.41
CA ASP A 333 6.44 2.80 -10.17
C ASP A 333 7.79 3.45 -10.42
N VAL A 334 7.77 4.75 -10.70
CA VAL A 334 9.00 5.52 -10.94
C VAL A 334 9.78 5.76 -9.64
N SER A 335 9.18 5.37 -8.51
CA SER A 335 9.78 5.59 -7.19
C SER A 335 10.34 4.34 -6.53
N ALA A 336 10.38 3.23 -7.29
CA ALA A 336 11.15 2.05 -6.88
C ALA A 336 12.63 2.40 -6.79
N TYR A 337 13.43 1.50 -6.23
CA TYR A 337 14.81 1.79 -5.85
C TYR A 337 15.71 2.18 -7.05
N ILE A 338 15.80 1.31 -8.04
CA ILE A 338 16.69 1.57 -9.18
C ILE A 338 16.19 2.74 -10.05
N PRO A 339 14.87 2.80 -10.33
CA PRO A 339 14.38 4.02 -10.99
C PRO A 339 14.72 5.32 -10.25
N THR A 340 14.48 5.37 -8.94
CA THR A 340 14.82 6.52 -8.10
C THR A 340 16.29 6.92 -8.28
N ASN A 341 17.19 5.94 -8.20
CA ASN A 341 18.62 6.18 -8.39
C ASN A 341 18.92 6.85 -9.71
N VAL A 342 18.50 6.23 -10.83
CA VAL A 342 18.87 6.72 -12.16
C VAL A 342 18.14 8.04 -12.50
N ILE A 343 16.92 8.19 -12.01
CA ILE A 343 16.21 9.47 -12.16
C ILE A 343 17.04 10.60 -11.54
N SER A 344 17.51 10.39 -10.31
CA SER A 344 18.27 11.42 -9.60
CA SER A 344 18.29 11.38 -9.57
C SER A 344 19.62 11.69 -10.25
N ILE A 345 20.30 10.63 -10.71
CA ILE A 345 21.60 10.77 -11.36
C ILE A 345 21.56 11.61 -12.64
N THR A 346 20.55 11.37 -13.48
CA THR A 346 20.52 11.92 -14.84
C THR A 346 20.11 13.38 -14.91
N ASP A 347 20.31 13.99 -16.07
CA ASP A 347 19.97 15.39 -16.33
C ASP A 347 18.51 15.60 -16.74
N GLY A 348 17.76 14.51 -16.82
CA GLY A 348 16.39 14.57 -17.28
C GLY A 348 15.90 13.19 -17.67
N GLN A 349 14.58 13.08 -17.87
CA GLN A 349 13.94 11.79 -18.09
C GLN A 349 12.86 11.94 -19.16
N ILE A 350 12.79 10.93 -20.03
CA ILE A 350 11.66 10.75 -20.94
C ILE A 350 10.79 9.61 -20.37
N PHE A 351 9.62 9.99 -19.81
CA PHE A 351 8.68 9.04 -19.19
C PHE A 351 7.68 8.48 -20.22
N LEU A 352 7.63 7.16 -20.34
CA LEU A 352 6.68 6.51 -21.25
C LEU A 352 5.59 5.79 -20.45
N GLU A 353 4.38 5.79 -21.00
CA GLU A 353 3.22 5.28 -20.27
C GLU A 353 2.33 4.39 -21.13
N THR A 354 1.83 3.31 -20.52
CA THR A 354 1.04 2.30 -21.22
C THR A 354 -0.33 2.80 -21.71
N GLU A 355 -1.00 3.59 -20.87
CA GLU A 355 -2.30 4.15 -21.23
C GLU A 355 -2.18 5.15 -22.38
N LEU A 356 -1.12 5.95 -22.38
CA LEU A 356 -0.77 6.80 -23.51
C LEU A 356 -0.56 5.96 -24.78
N PHE A 357 0.25 4.91 -24.68
CA PHE A 357 0.54 4.02 -25.80
C PHE A 357 -0.74 3.49 -26.46
N TYR A 358 -1.63 2.92 -25.65
CA TYR A 358 -2.85 2.31 -26.19
C TYR A 358 -3.95 3.31 -26.57
N LYS A 359 -3.90 4.51 -26.00
CA LYS A 359 -4.78 5.61 -26.43
C LYS A 359 -4.41 6.13 -27.83
N GLY A 360 -3.21 5.77 -28.28
CA GLY A 360 -2.73 6.19 -29.60
C GLY A 360 -1.61 7.19 -29.54
N ILE A 361 -1.20 7.58 -28.33
CA ILE A 361 -0.06 8.48 -28.14
C ILE A 361 1.21 7.63 -28.30
N ARG A 362 1.78 7.64 -29.50
CA ARG A 362 3.01 6.91 -29.80
C ARG A 362 3.93 7.81 -30.62
N PRO A 363 5.15 8.10 -30.13
CA PRO A 363 5.78 7.64 -28.88
C PRO A 363 5.00 8.04 -27.63
N ALA A 364 4.92 7.14 -26.66
CA ALA A 364 4.05 7.27 -25.48
C ALA A 364 4.60 8.18 -24.39
N ILE A 365 5.14 9.34 -24.81
CA ILE A 365 5.80 10.26 -23.90
C ILE A 365 4.78 11.09 -23.13
N ASN A 366 4.85 11.01 -21.80
CA ASN A 366 4.13 11.95 -20.93
C ASN A 366 4.94 13.23 -20.90
N VAL A 367 4.52 14.22 -21.70
CA VAL A 367 5.21 15.50 -21.83
C VAL A 367 5.19 16.30 -20.52
N GLY A 368 4.07 16.22 -19.80
CA GLY A 368 3.93 16.89 -18.51
C GLY A 368 5.00 16.53 -17.49
N LEU A 369 5.30 15.24 -17.39
CA LEU A 369 6.26 14.72 -16.40
C LEU A 369 7.70 14.69 -16.90
N SER A 370 7.89 14.50 -18.20
CA SER A 370 9.22 14.42 -18.79
C SER A 370 9.94 15.75 -18.66
N VAL A 371 11.24 15.68 -18.46
CA VAL A 371 12.03 16.88 -18.24
C VAL A 371 13.44 16.76 -18.80
N SER A 372 14.00 17.91 -19.17
CA SER A 372 15.38 18.04 -19.56
C SER A 372 15.88 19.31 -18.88
N ARG A 373 16.78 19.15 -17.91
CA ARG A 373 17.32 20.30 -17.18
CA ARG A 373 17.35 20.27 -17.17
C ARG A 373 18.26 21.13 -18.03
N VAL A 374 18.77 20.54 -19.12
CA VAL A 374 19.60 21.28 -20.08
C VAL A 374 18.74 22.24 -20.89
N GLY A 375 17.58 21.75 -21.35
CA GLY A 375 16.58 22.60 -21.98
C GLY A 375 16.99 23.26 -23.28
N SER A 376 16.61 24.54 -23.41
CA SER A 376 16.80 25.34 -24.61
C SER A 376 18.23 25.37 -25.13
N ALA A 377 19.19 25.27 -24.21
CA ALA A 377 20.62 25.31 -24.54
C ALA A 377 21.00 24.22 -25.56
N ALA A 378 20.16 23.19 -25.64
CA ALA A 378 20.40 22.08 -26.55
C ALA A 378 19.59 22.20 -27.84
N GLN A 379 18.98 23.36 -28.06
CA GLN A 379 18.07 23.56 -29.20
C GLN A 379 18.56 24.60 -30.18
N THR A 380 18.36 24.32 -31.47
CA THR A 380 18.66 25.29 -32.53
C THR A 380 17.67 26.44 -32.46
N ARG A 381 18.03 27.57 -33.07
CA ARG A 381 17.14 28.73 -33.14
C ARG A 381 15.78 28.36 -33.74
N ALA A 382 15.81 27.62 -34.85
CA ALA A 382 14.61 27.16 -35.54
C ALA A 382 13.64 26.43 -34.62
N MET A 383 14.15 25.50 -33.83
CA MET A 383 13.32 24.74 -32.89
C MET A 383 12.87 25.63 -31.74
N LYS A 384 13.77 26.46 -31.25
CA LYS A 384 13.51 27.34 -30.13
C LYS A 384 12.34 28.31 -30.41
N GLN A 385 12.16 28.68 -31.68
CA GLN A 385 11.12 29.65 -32.05
C GLN A 385 9.70 29.08 -32.10
N VAL A 386 9.56 27.76 -31.97
CA VAL A 386 8.24 27.11 -32.01
C VAL A 386 7.95 26.23 -30.78
N ALA A 387 9.02 25.75 -30.14
CA ALA A 387 8.90 24.83 -29.01
C ALA A 387 8.41 25.53 -27.75
N GLY A 388 8.82 26.78 -27.58
CA GLY A 388 8.41 27.59 -26.44
C GLY A 388 6.90 27.77 -26.38
N THR A 389 6.31 28.09 -27.53
CA THR A 389 4.86 28.26 -27.64
C THR A 389 4.11 26.94 -27.40
N MET A 390 4.55 25.86 -28.06
CA MET A 390 3.92 24.55 -27.92
C MET A 390 3.92 24.08 -26.47
N LYS A 391 5.04 24.32 -25.78
CA LYS A 391 5.18 23.97 -24.38
C LYS A 391 4.12 24.65 -23.52
N LEU A 392 3.93 25.96 -23.72
CA LEU A 392 2.95 26.72 -22.94
C LEU A 392 1.51 26.31 -23.25
N GLU A 393 1.19 26.19 -24.53
CA GLU A 393 -0.16 25.86 -24.95
C GLU A 393 -0.58 24.47 -24.48
N LEU A 394 0.37 23.53 -24.50
CA LEU A 394 0.12 22.21 -23.92
C LEU A 394 0.00 22.26 -22.39
N ALA A 395 0.84 23.07 -21.75
CA ALA A 395 0.78 23.22 -20.29
C ALA A 395 -0.57 23.79 -19.86
N GLN A 396 -1.02 24.83 -20.56
CA GLN A 396 -2.34 25.43 -20.35
C GLN A 396 -3.46 24.41 -20.61
N TYR A 397 -3.30 23.62 -21.68
CA TYR A 397 -4.22 22.55 -22.04
C TYR A 397 -4.32 21.48 -20.94
N ARG A 398 -3.19 21.18 -20.31
CA ARG A 398 -3.14 20.14 -19.28
C ARG A 398 -3.96 20.48 -18.03
N GLU A 399 -4.10 21.77 -17.74
CA GLU A 399 -4.89 22.22 -16.60
C GLU A 399 -6.39 22.01 -16.84
N VAL A 400 -6.77 21.87 -18.11
CA VAL A 400 -8.17 21.89 -18.54
C VAL A 400 -8.61 20.56 -19.18
N ALA A 401 -7.66 19.77 -19.64
CA ALA A 401 -7.91 18.52 -20.40
C ALA A 401 -8.89 17.53 -19.76
N ALA A 402 -8.98 17.57 -18.43
CA ALA A 402 -9.85 16.67 -17.67
C ALA A 402 -11.33 16.75 -18.09
N PHE A 403 -11.80 17.96 -18.40
CA PHE A 403 -13.16 18.15 -18.92
C PHE A 403 -13.15 18.58 -20.40
N ALA A 404 -12.60 17.72 -21.24
CA ALA A 404 -12.64 17.89 -22.69
C ALA A 404 -13.87 17.18 -23.26
N GLN A 405 -14.26 16.11 -22.58
CA GLN A 405 -15.43 15.32 -22.95
C GLN A 405 -16.61 15.65 -22.02
N PHE A 406 -16.46 16.74 -21.27
CA PHE A 406 -17.45 17.16 -20.28
C PHE A 406 -17.62 18.69 -20.24
N GLY A 407 -16.90 19.39 -21.12
CA GLY A 407 -16.93 20.85 -21.14
C GLY A 407 -17.58 21.41 -22.39
N SER A 408 -18.80 20.96 -22.67
CA SER A 408 -19.56 21.40 -23.84
C SER A 408 -20.21 22.78 -23.67
N ASP A 409 -20.29 23.24 -22.43
CA ASP A 409 -21.01 24.47 -22.09
C ASP A 409 -20.10 25.67 -21.81
N LEU A 410 -18.91 25.41 -21.26
CA LEU A 410 -17.99 26.47 -20.80
C LEU A 410 -17.56 27.46 -21.90
N ASP A 411 -17.01 28.59 -21.47
CA ASP A 411 -16.77 29.73 -22.36
C ASP A 411 -15.67 29.50 -23.41
N ALA A 412 -15.66 30.36 -24.42
CA ALA A 412 -14.79 30.25 -25.60
C ALA A 412 -13.30 30.12 -25.30
N ALA A 413 -12.85 30.76 -24.24
CA ALA A 413 -11.42 30.77 -23.87
C ALA A 413 -10.93 29.37 -23.53
N THR A 414 -11.67 28.68 -22.66
CA THR A 414 -11.32 27.31 -22.26
C THR A 414 -11.66 26.29 -23.33
N GLN A 415 -12.59 26.63 -24.22
CA GLN A 415 -12.89 25.83 -25.40
C GLN A 415 -11.74 25.86 -26.40
N GLN A 416 -11.11 27.04 -26.53
CA GLN A 416 -9.98 27.23 -27.44
C GLN A 416 -8.72 26.52 -26.94
N LEU A 417 -8.55 26.49 -25.62
CA LEU A 417 -7.43 25.75 -25.01
C LEU A 417 -7.48 24.26 -25.34
N LEU A 418 -8.68 23.68 -25.23
CA LEU A 418 -8.91 22.27 -25.53
C LEU A 418 -8.73 21.97 -27.01
N SER A 419 -9.33 22.80 -27.87
CA SER A 419 -9.21 22.66 -29.32
C SER A 419 -7.76 22.68 -29.80
N ARG A 420 -7.01 23.68 -29.35
CA ARG A 420 -5.59 23.81 -29.70
C ARG A 420 -4.76 22.65 -29.14
N GLY A 421 -4.95 22.37 -27.84
CA GLY A 421 -4.17 21.35 -27.14
C GLY A 421 -4.32 19.93 -27.67
N VAL A 422 -5.55 19.56 -28.03
CA VAL A 422 -5.83 18.26 -28.62
C VAL A 422 -5.14 18.13 -29.97
N ARG A 423 -5.11 19.22 -30.73
CA ARG A 423 -4.44 19.27 -32.03
C ARG A 423 -2.92 19.11 -31.90
N LEU A 424 -2.33 19.85 -30.97
CA LEU A 424 -0.88 19.78 -30.73
C LEU A 424 -0.44 18.40 -30.26
N THR A 425 -1.29 17.75 -29.47
CA THR A 425 -1.05 16.40 -28.96
C THR A 425 -0.92 15.41 -30.12
N GLU A 426 -1.77 15.56 -31.13
CA GLU A 426 -1.73 14.71 -32.32
C GLU A 426 -0.46 14.94 -33.12
N LEU A 427 0.05 16.17 -33.09
CA LEU A 427 1.26 16.53 -33.84
C LEU A 427 2.54 15.98 -33.20
N LEU A 428 2.43 15.49 -31.96
CA LEU A 428 3.56 14.87 -31.27
C LEU A 428 3.61 13.37 -31.50
N LYS A 429 2.57 12.84 -32.13
CA LYS A 429 2.55 11.43 -32.53
C LYS A 429 3.51 11.26 -33.71
N GLN A 430 4.16 10.09 -33.76
CA GLN A 430 5.14 9.81 -34.80
C GLN A 430 5.26 8.31 -35.02
N GLY A 431 5.36 7.92 -36.29
CA GLY A 431 5.66 6.53 -36.62
C GLY A 431 7.09 6.17 -36.27
N GLN A 432 7.42 4.89 -36.38
CA GLN A 432 8.78 4.41 -36.14
C GLN A 432 9.67 4.45 -37.38
N TYR A 433 10.98 4.44 -37.13
CA TYR A 433 12.01 4.21 -38.16
C TYR A 433 12.12 5.32 -39.19
N SER A 434 11.47 6.45 -38.92
CA SER A 434 11.56 7.63 -39.78
C SER A 434 11.76 8.91 -38.96
N PRO A 435 12.95 9.05 -38.32
CA PRO A 435 13.25 10.26 -37.57
C PRO A 435 13.34 11.47 -38.51
N MET A 436 13.01 12.65 -38.01
CA MET A 436 12.84 13.83 -38.87
C MET A 436 13.96 14.86 -38.77
N ALA A 437 14.28 15.47 -39.90
CA ALA A 437 15.14 16.65 -39.93
C ALA A 437 14.47 17.77 -39.14
N ILE A 438 15.27 18.64 -38.54
CA ILE A 438 14.75 19.71 -37.69
C ILE A 438 13.79 20.64 -38.45
N GLU A 439 14.13 20.98 -39.70
CA GLU A 439 13.29 21.85 -40.52
C GLU A 439 11.90 21.25 -40.75
N GLU A 440 11.85 19.93 -40.85
CA GLU A 440 10.59 19.21 -41.06
C GLU A 440 9.76 19.20 -39.78
N GLN A 441 10.44 19.03 -38.65
CA GLN A 441 9.82 19.11 -37.34
C GLN A 441 9.16 20.47 -37.11
N VAL A 442 9.92 21.54 -37.32
CA VAL A 442 9.42 22.90 -37.08
C VAL A 442 8.30 23.31 -38.04
N ALA A 443 8.34 22.79 -39.27
CA ALA A 443 7.29 23.02 -40.26
C ALA A 443 5.95 22.42 -39.83
N VAL A 444 6.01 21.26 -39.17
CA VAL A 444 4.81 20.60 -38.66
C VAL A 444 4.30 21.29 -37.41
N ILE A 445 5.19 21.63 -36.49
CA ILE A 445 4.82 22.32 -35.24
C ILE A 445 4.30 23.73 -35.51
N TYR A 446 4.81 24.35 -36.59
CA TYR A 446 4.35 25.65 -37.07
C TYR A 446 2.87 25.66 -37.44
N ALA A 447 2.45 24.66 -38.22
CA ALA A 447 1.07 24.50 -38.63
C ALA A 447 0.08 24.40 -37.45
N GLY A 448 0.48 23.72 -36.38
CA GLY A 448 -0.37 23.57 -35.21
C GLY A 448 -0.44 24.82 -34.36
N VAL A 449 0.72 25.42 -34.10
CA VAL A 449 0.84 26.56 -33.20
C VAL A 449 0.29 27.88 -33.77
N ARG A 450 0.35 28.03 -35.10
CA ARG A 450 -0.26 29.19 -35.75
C ARG A 450 -1.75 28.99 -36.03
N GLY A 451 -2.29 27.85 -35.63
CA GLY A 451 -3.73 27.61 -35.61
C GLY A 451 -4.37 27.01 -36.85
N TYR A 452 -3.57 26.77 -37.89
CA TYR A 452 -4.08 26.31 -39.18
C TYR A 452 -4.84 24.99 -39.13
N LEU A 453 -4.62 24.19 -38.08
CA LEU A 453 -5.28 22.90 -37.94
C LEU A 453 -6.40 22.89 -36.90
N ASP A 454 -6.77 24.07 -36.40
CA ASP A 454 -7.77 24.19 -35.32
C ASP A 454 -9.19 23.75 -35.70
N LYS A 455 -9.49 23.75 -36.99
CA LYS A 455 -10.81 23.32 -37.48
C LYS A 455 -10.83 21.85 -37.92
N LEU A 456 -9.65 21.26 -38.11
CA LEU A 456 -9.54 19.89 -38.60
C LEU A 456 -9.87 18.87 -37.51
N GLU A 457 -10.63 17.84 -37.91
CA GLU A 457 -10.96 16.72 -37.03
C GLU A 457 -9.68 16.06 -36.50
N PRO A 458 -9.51 16.07 -35.16
CA PRO A 458 -8.34 15.54 -34.45
C PRO A 458 -7.87 14.17 -34.96
N SER A 459 -8.81 13.27 -35.22
CA SER A 459 -8.48 11.91 -35.64
C SER A 459 -7.92 11.83 -37.07
N LYS A 460 -7.96 12.95 -37.79
CA LYS A 460 -7.38 13.00 -39.14
C LYS A 460 -5.99 13.65 -39.21
N ILE A 461 -5.49 14.13 -38.07
CA ILE A 461 -4.23 14.89 -38.06
C ILE A 461 -2.98 14.07 -38.44
N THR A 462 -2.87 12.85 -37.90
CA THR A 462 -1.74 11.99 -38.24
C THR A 462 -1.70 11.71 -39.74
N LYS A 463 -2.86 11.40 -40.30
CA LYS A 463 -3.00 11.17 -41.73
C LYS A 463 -2.65 12.44 -42.53
N PHE A 464 -3.05 13.59 -42.00
CA PHE A 464 -2.71 14.89 -42.59
C PHE A 464 -1.20 15.10 -42.68
N GLU A 465 -0.52 14.86 -41.55
CA GLU A 465 0.91 15.13 -41.42
C GLU A 465 1.74 14.26 -42.35
N ASN A 466 1.42 12.98 -42.41
CA ASN A 466 2.09 12.05 -43.33
C ASN A 466 2.07 12.59 -44.75
N ALA A 467 0.87 12.92 -45.24
CA ALA A 467 0.68 13.45 -46.57
C ALA A 467 1.26 14.86 -46.72
N PHE A 468 1.10 15.68 -45.69
CA PHE A 468 1.61 17.05 -45.71
C PHE A 468 3.13 17.06 -45.82
N LEU A 469 3.77 16.25 -44.98
CA LEU A 469 5.23 16.16 -44.96
C LEU A 469 5.78 15.63 -46.27
N SER A 470 5.12 14.62 -46.83
CA SER A 470 5.51 14.03 -48.11
C SER A 470 5.39 15.05 -49.24
N HIS A 471 4.38 15.91 -49.16
CA HIS A 471 4.19 16.97 -50.14
C HIS A 471 5.27 18.06 -50.07
N VAL A 472 5.57 18.54 -48.86
CA VAL A 472 6.58 19.60 -48.68
C VAL A 472 8.01 19.11 -48.95
N ILE A 473 8.28 17.83 -48.66
CA ILE A 473 9.58 17.25 -48.98
C ILE A 473 9.73 17.07 -50.49
N SER A 474 8.73 16.45 -51.11
CA SER A 474 8.76 16.16 -52.54
C SER A 474 8.86 17.39 -53.42
N GLN A 475 8.03 18.40 -53.14
CA GLN A 475 7.89 19.56 -54.03
C GLN A 475 8.50 20.86 -53.49
N HIS A 476 8.44 21.05 -52.18
CA HIS A 476 8.90 22.32 -51.58
C HIS A 476 10.20 22.16 -50.81
N GLN A 477 11.20 21.56 -51.46
CA GLN A 477 12.53 21.38 -50.88
C GLN A 477 13.28 22.72 -50.76
N ALA A 478 12.91 23.68 -51.59
CA ALA A 478 13.44 25.04 -51.51
C ALA A 478 13.01 25.72 -50.20
N LEU A 479 11.74 25.53 -49.83
CA LEU A 479 11.18 26.08 -48.61
C LEU A 479 11.87 25.50 -47.37
N LEU A 480 12.02 24.17 -47.36
CA LEU A 480 12.66 23.47 -46.24
C LEU A 480 14.12 23.88 -46.10
N GLY A 481 14.81 23.98 -47.24
CA GLY A 481 16.19 24.47 -47.31
C GLY A 481 16.33 25.87 -46.72
N LYS A 482 15.39 26.75 -47.09
CA LYS A 482 15.35 28.11 -46.57
C LYS A 482 15.15 28.15 -45.05
N ILE A 483 14.31 27.27 -44.51
CA ILE A 483 14.08 27.18 -43.06
C ILE A 483 15.39 26.83 -42.32
N ARG A 484 16.17 25.94 -42.93
CA ARG A 484 17.46 25.55 -42.38
C ARG A 484 18.56 26.57 -42.71
N THR A 485 18.50 27.14 -43.92
CA THR A 485 19.42 28.20 -44.35
C THR A 485 19.36 29.38 -43.38
N ASP A 486 18.15 29.91 -43.17
CA ASP A 486 17.94 31.06 -42.29
C ASP A 486 18.10 30.68 -40.82
N GLY A 487 17.80 29.42 -40.49
CA GLY A 487 17.82 28.96 -39.10
C GLY A 487 16.56 29.38 -38.37
N LYS A 488 15.52 29.69 -39.15
CA LYS A 488 14.18 30.01 -38.63
C LYS A 488 13.18 30.10 -39.77
N ILE A 489 11.89 30.20 -39.41
CA ILE A 489 10.84 30.47 -40.38
C ILE A 489 10.66 31.97 -40.47
N SER A 490 11.10 32.54 -41.59
CA SER A 490 11.01 33.97 -41.84
C SER A 490 9.60 34.38 -42.24
N GLU A 491 9.40 35.67 -42.51
CA GLU A 491 8.11 36.17 -42.99
C GLU A 491 7.73 35.54 -44.33
N GLU A 492 8.69 35.48 -45.24
CA GLU A 492 8.51 34.87 -46.55
C GLU A 492 8.22 33.37 -46.44
N SER A 493 8.92 32.69 -45.55
CA SER A 493 8.69 31.27 -45.28
C SER A 493 7.33 31.05 -44.60
N ASP A 494 6.95 31.97 -43.73
CA ASP A 494 5.64 31.96 -43.07
C ASP A 494 4.51 32.13 -44.09
N ALA A 495 4.70 33.04 -45.05
CA ALA A 495 3.73 33.29 -46.11
C ALA A 495 3.54 32.06 -47.01
N LYS A 496 4.65 31.48 -47.45
CA LYS A 496 4.63 30.29 -48.30
C LYS A 496 4.03 29.08 -47.56
N LEU A 497 4.31 28.98 -46.27
CA LEU A 497 3.76 27.91 -45.44
C LEU A 497 2.26 28.02 -45.24
N LYS A 498 1.79 29.26 -45.03
CA LYS A 498 0.37 29.54 -44.86
C LYS A 498 -0.44 29.12 -46.10
N GLU A 499 0.07 29.43 -47.28
CA GLU A 499 -0.62 29.08 -48.53
C GLU A 499 -0.58 27.58 -48.83
N ILE A 500 0.54 26.93 -48.55
CA ILE A 500 0.64 25.47 -48.72
C ILE A 500 -0.32 24.75 -47.77
N VAL A 501 -0.28 25.10 -46.49
CA VAL A 501 -1.08 24.42 -45.47
C VAL A 501 -2.60 24.62 -45.66
N THR A 502 -3.02 25.87 -45.85
CA THR A 502 -4.45 26.20 -45.91
C THR A 502 -5.14 25.62 -47.15
N ASN A 503 -4.47 25.70 -48.30
CA ASN A 503 -4.97 25.08 -49.53
C ASN A 503 -4.95 23.55 -49.46
N PHE A 504 -3.85 23.01 -48.95
CA PHE A 504 -3.67 21.56 -48.77
C PHE A 504 -4.73 20.97 -47.84
N LEU A 505 -5.01 21.67 -46.74
CA LEU A 505 -5.99 21.22 -45.76
C LEU A 505 -7.40 21.14 -46.34
N ALA A 506 -7.77 22.14 -47.14
CA ALA A 506 -9.05 22.17 -47.83
C ALA A 506 -9.26 20.93 -48.70
N GLY A 507 -8.23 20.56 -49.46
CA GLY A 507 -8.27 19.36 -50.30
C GLY A 507 -8.32 18.07 -49.49
N PHE A 508 -7.60 18.06 -48.37
CA PHE A 508 -7.48 16.87 -47.53
C PHE A 508 -8.77 16.50 -46.76
N GLU A 509 -9.53 17.51 -46.35
CA GLU A 509 -10.75 17.27 -45.58
C GLU A 509 -12.02 17.22 -46.45
N ALA A 510 -11.84 17.12 -47.76
CA ALA A 510 -12.96 16.97 -48.69
C ALA A 510 -13.64 15.61 -48.52
N VAL B 23 43.12 -6.22 36.16
CA VAL B 23 43.28 -7.57 36.79
C VAL B 23 42.01 -8.07 37.49
N ASP B 24 41.24 -7.16 38.08
CA ASP B 24 40.02 -7.52 38.79
C ASP B 24 38.90 -7.80 37.78
N LEU B 25 38.77 -9.08 37.40
CA LEU B 25 37.76 -9.51 36.41
C LEU B 25 36.34 -9.52 36.98
N GLU B 26 36.23 -9.35 38.29
CA GLU B 26 34.93 -9.34 38.97
C GLU B 26 34.27 -7.97 38.92
N GLU B 27 35.07 -6.92 39.16
CA GLU B 27 34.56 -5.57 39.33
C GLU B 27 34.88 -4.68 38.14
N THR B 28 35.66 -5.22 37.21
CA THR B 28 36.20 -4.47 36.09
C THR B 28 36.14 -5.33 34.84
N GLY B 29 36.07 -4.69 33.67
CA GLY B 29 36.15 -5.40 32.42
C GLY B 29 36.91 -4.58 31.40
N ARG B 30 37.09 -5.16 30.22
CA ARG B 30 37.71 -4.47 29.09
C ARG B 30 36.86 -4.63 27.83
N VAL B 31 36.72 -3.52 27.11
CA VAL B 31 35.95 -3.49 25.86
C VAL B 31 36.58 -4.43 24.86
N LEU B 32 35.77 -5.36 24.34
CA LEU B 32 36.18 -6.28 23.28
C LEU B 32 35.90 -5.68 21.92
N SER B 33 34.72 -5.07 21.79
CA SER B 33 34.26 -4.46 20.56
C SER B 33 33.26 -3.35 20.87
N ILE B 34 33.16 -2.40 19.95
CA ILE B 34 32.23 -1.28 20.05
C ILE B 34 31.90 -0.89 18.61
N GLY B 35 30.62 -0.78 18.30
CA GLY B 35 30.26 -0.70 16.89
C GLY B 35 28.94 -0.07 16.54
N ASP B 36 27.87 -0.56 17.14
CA ASP B 36 26.53 -0.09 16.83
C ASP B 36 25.79 0.31 18.11
N GLY B 37 26.30 1.34 18.78
CA GLY B 37 25.77 1.82 20.07
C GLY B 37 25.98 0.88 21.24
N ILE B 38 26.54 -0.30 20.95
CA ILE B 38 26.77 -1.33 21.95
C ILE B 38 28.23 -1.75 22.10
N ALA B 39 28.69 -1.79 23.35
CA ALA B 39 30.01 -2.31 23.69
C ALA B 39 29.89 -3.75 24.19
N ARG B 40 30.78 -4.61 23.69
CA ARG B 40 30.91 -5.97 24.23
C ARG B 40 32.10 -5.97 25.16
N VAL B 41 31.88 -6.37 26.40
CA VAL B 41 32.88 -6.21 27.45
C VAL B 41 33.25 -7.57 28.08
N HIS B 42 34.55 -7.85 28.13
CA HIS B 42 35.10 -9.04 28.78
C HIS B 42 35.20 -8.80 30.28
N GLY B 43 34.90 -9.83 31.09
CA GLY B 43 34.97 -9.70 32.53
C GLY B 43 33.70 -9.20 33.18
N LEU B 44 33.85 -8.25 34.11
CA LEU B 44 32.72 -7.78 34.95
C LEU B 44 31.88 -8.94 35.51
N ARG B 45 32.56 -9.99 35.96
CA ARG B 45 31.88 -11.20 36.43
C ARG B 45 30.78 -10.96 37.46
N ASN B 46 30.97 -9.97 38.33
CA ASN B 46 29.96 -9.68 39.36
C ASN B 46 28.94 -8.60 39.01
N VAL B 47 28.95 -8.13 37.76
CA VAL B 47 28.03 -7.07 37.36
C VAL B 47 26.59 -7.58 37.37
N GLN B 48 25.67 -6.73 37.79
CA GLN B 48 24.24 -7.05 37.77
C GLN B 48 23.61 -6.72 36.43
N ALA B 49 22.57 -7.47 36.06
CA ALA B 49 21.70 -7.09 34.95
C ALA B 49 21.14 -5.68 35.22
N GLU B 50 21.28 -4.81 34.21
CA GLU B 50 20.82 -3.41 34.27
C GLU B 50 21.60 -2.52 35.23
N GLU B 51 22.82 -2.95 35.59
CA GLU B 51 23.71 -2.13 36.41
C GLU B 51 24.37 -1.07 35.55
N MET B 52 24.50 0.14 36.10
CA MET B 52 25.28 1.19 35.45
C MET B 52 26.75 0.83 35.55
N VAL B 53 27.46 1.00 34.45
CA VAL B 53 28.91 0.84 34.44
C VAL B 53 29.55 2.14 33.94
N GLU B 54 30.84 2.35 34.25
CA GLU B 54 31.54 3.56 33.83
C GLU B 54 32.74 3.24 32.96
N PHE B 55 32.81 3.90 31.82
CA PHE B 55 33.90 3.70 30.88
C PHE B 55 35.10 4.56 31.23
N SER B 56 36.24 4.23 30.62
CA SER B 56 37.49 4.93 30.82
C SER B 56 37.35 6.42 30.50
N SER B 57 36.61 6.71 29.43
CA SER B 57 36.43 8.07 28.91
C SER B 57 35.53 8.96 29.78
N GLY B 58 34.79 8.34 30.69
CA GLY B 58 33.86 9.05 31.56
C GLY B 58 32.40 8.78 31.25
N LEU B 59 32.11 8.19 30.09
CA LEU B 59 30.75 7.80 29.75
C LEU B 59 30.21 6.73 30.68
N LYS B 60 28.89 6.72 30.84
CA LYS B 60 28.20 5.65 31.55
C LYS B 60 27.56 4.72 30.53
N GLY B 61 27.33 3.49 30.95
CA GLY B 61 26.59 2.53 30.15
C GLY B 61 25.73 1.67 31.03
N MET B 62 24.78 0.97 30.41
CA MET B 62 23.95 0.01 31.14
C MET B 62 24.25 -1.41 30.70
N SER B 63 24.49 -2.27 31.69
CA SER B 63 24.67 -3.70 31.48
C SER B 63 23.37 -4.32 31.04
N LEU B 64 23.26 -4.56 29.73
CA LEU B 64 22.00 -5.06 29.18
C LEU B 64 21.99 -6.58 29.11
N ASN B 65 22.95 -7.14 28.38
CA ASN B 65 23.03 -8.56 28.13
C ASN B 65 24.17 -9.20 28.93
N LEU B 66 23.82 -10.09 29.84
CA LEU B 66 24.82 -10.88 30.56
C LEU B 66 24.98 -12.22 29.85
N GLU B 67 26.11 -12.40 29.18
CA GLU B 67 26.34 -13.64 28.46
C GLU B 67 27.44 -14.47 29.14
N PRO B 68 27.55 -15.77 28.83
CA PRO B 68 28.62 -16.58 29.44
C PRO B 68 30.01 -15.98 29.27
N ASP B 69 30.28 -15.40 28.11
CA ASP B 69 31.63 -14.92 27.77
C ASP B 69 31.77 -13.39 27.63
N ASN B 70 30.68 -12.65 27.80
CA ASN B 70 30.72 -11.18 27.69
C ASN B 70 29.53 -10.49 28.32
N VAL B 71 29.62 -9.17 28.44
CA VAL B 71 28.51 -8.32 28.84
C VAL B 71 28.24 -7.33 27.72
N GLY B 72 26.99 -7.25 27.29
CA GLY B 72 26.55 -6.27 26.30
C GLY B 72 26.14 -5.00 27.02
N VAL B 73 26.79 -3.90 26.66
CA VAL B 73 26.59 -2.63 27.34
C VAL B 73 26.03 -1.57 26.39
N VAL B 74 24.89 -1.00 26.78
CA VAL B 74 24.28 0.13 26.08
C VAL B 74 24.96 1.42 26.56
N VAL B 75 25.44 2.22 25.61
CA VAL B 75 26.28 3.39 25.93
C VAL B 75 25.46 4.68 25.96
N PHE B 76 25.51 5.39 27.09
CA PHE B 76 24.80 6.65 27.24
C PHE B 76 25.62 7.83 26.75
N GLY B 77 25.93 7.81 25.46
CA GLY B 77 26.72 8.87 24.85
C GLY B 77 27.27 8.42 23.51
N ASN B 78 28.18 9.23 22.97
CA ASN B 78 28.77 9.00 21.65
C ASN B 78 29.78 7.86 21.73
N ASP B 79 29.61 6.84 20.90
CA ASP B 79 30.46 5.66 21.01
C ASP B 79 31.88 5.81 20.46
N LYS B 80 32.17 6.96 19.83
CA LYS B 80 33.54 7.31 19.44
C LYS B 80 34.44 7.52 20.66
N LEU B 81 33.83 7.71 21.82
CA LEU B 81 34.56 7.89 23.06
C LEU B 81 34.91 6.56 23.72
N ILE B 82 34.64 5.45 23.03
CA ILE B 82 34.94 4.13 23.55
C ILE B 82 35.76 3.36 22.54
N LYS B 83 36.84 2.75 23.01
CA LYS B 83 37.75 1.98 22.17
C LYS B 83 37.90 0.56 22.70
N GLU B 84 38.18 -0.41 21.82
CA GLU B 84 38.58 -1.75 22.25
C GLU B 84 39.75 -1.66 23.23
N GLY B 85 39.63 -2.34 24.36
CA GLY B 85 40.67 -2.33 25.38
C GLY B 85 40.43 -1.35 26.52
N ASP B 86 39.45 -0.46 26.36
CA ASP B 86 39.14 0.49 27.41
C ASP B 86 38.66 -0.25 28.65
N ILE B 87 39.06 0.26 29.80
CA ILE B 87 38.63 -0.31 31.08
C ILE B 87 37.20 0.13 31.39
N VAL B 88 36.39 -0.83 31.87
CA VAL B 88 34.99 -0.60 32.23
C VAL B 88 34.81 -1.02 33.69
N LYS B 89 34.13 -0.20 34.48
CA LYS B 89 34.02 -0.44 35.90
C LYS B 89 32.59 -0.52 36.39
N ARG B 90 32.33 -1.44 37.31
CA ARG B 90 31.05 -1.52 38.00
C ARG B 90 30.83 -0.24 38.79
N THR B 91 29.58 0.19 38.92
CA THR B 91 29.20 1.23 39.88
C THR B 91 28.47 0.61 41.06
N GLY B 92 28.02 -0.64 40.89
CA GLY B 92 27.33 -1.35 41.96
C GLY B 92 25.84 -1.03 42.04
N ALA B 93 25.35 -0.16 41.16
CA ALA B 93 23.98 0.32 41.24
C ALA B 93 23.21 0.09 39.95
N ILE B 94 21.99 -0.41 40.12
CA ILE B 94 21.02 -0.50 39.01
C ILE B 94 20.77 0.92 38.49
N VAL B 95 20.74 1.07 37.16
CA VAL B 95 20.65 2.41 36.54
C VAL B 95 19.70 3.32 37.31
N ASP B 96 20.25 4.41 37.86
CA ASP B 96 19.46 5.34 38.65
C ASP B 96 19.81 6.81 38.35
N VAL B 97 19.04 7.72 38.94
CA VAL B 97 19.26 9.16 38.75
C VAL B 97 19.06 9.90 40.07
N PRO B 98 19.71 11.07 40.23
CA PRO B 98 19.45 11.91 41.39
C PRO B 98 18.01 12.36 41.36
N VAL B 99 17.40 12.42 42.54
CA VAL B 99 16.04 12.95 42.67
C VAL B 99 15.97 13.91 43.84
N GLY B 100 14.91 14.71 43.90
CA GLY B 100 14.70 15.64 45.01
C GLY B 100 14.32 17.04 44.57
N GLU B 101 14.04 17.90 45.54
CA GLU B 101 13.63 19.28 45.27
C GLU B 101 14.77 20.18 44.80
N GLU B 102 16.02 19.71 44.94
CA GLU B 102 17.18 20.47 44.47
C GLU B 102 17.24 20.63 42.95
N LEU B 103 16.55 19.75 42.24
CA LEU B 103 16.47 19.74 40.79
C LEU B 103 15.52 20.81 40.22
N LEU B 104 14.65 21.34 41.08
CA LEU B 104 13.73 22.41 40.69
C LEU B 104 14.53 23.63 40.22
N GLY B 105 14.11 24.21 39.10
CA GLY B 105 14.79 25.38 38.53
C GLY B 105 15.92 24.99 37.62
N ARG B 106 16.18 23.68 37.49
CA ARG B 106 17.37 23.21 36.80
C ARG B 106 17.10 22.50 35.48
N VAL B 107 18.07 22.61 34.58
CA VAL B 107 18.06 21.89 33.33
C VAL B 107 19.15 20.81 33.38
N VAL B 108 18.74 19.56 33.21
CA VAL B 108 19.67 18.41 33.27
C VAL B 108 19.58 17.54 32.02
N ASP B 109 20.60 16.71 31.81
CA ASP B 109 20.58 15.73 30.73
C ASP B 109 19.90 14.45 31.23
N ALA B 110 19.85 13.41 30.40
CA ALA B 110 19.11 12.19 30.72
C ALA B 110 19.63 11.48 31.96
N LEU B 111 20.89 11.74 32.30
CA LEU B 111 21.53 11.13 33.46
C LEU B 111 21.40 11.98 34.73
N GLY B 112 20.84 13.18 34.59
CA GLY B 112 20.63 14.06 35.74
C GLY B 112 21.78 15.01 36.01
N ASN B 113 22.71 15.13 35.07
CA ASN B 113 23.81 16.09 35.16
C ASN B 113 23.34 17.47 34.72
N ALA B 114 23.75 18.52 35.43
CA ALA B 114 23.37 19.89 35.09
C ALA B 114 23.95 20.31 33.74
N ILE B 115 23.12 20.89 32.89
CA ILE B 115 23.58 21.41 31.60
C ILE B 115 23.30 22.90 31.43
N ASP B 116 22.80 23.52 32.50
CA ASP B 116 22.50 24.96 32.50
C ASP B 116 23.66 25.84 32.98
N GLY B 117 24.76 25.22 33.39
CA GLY B 117 25.94 25.95 33.88
C GLY B 117 25.78 26.61 35.24
N LYS B 118 24.73 26.24 35.98
CA LYS B 118 24.45 26.89 37.26
C LYS B 118 25.06 26.14 38.45
N GLY B 119 25.95 25.19 38.16
CA GLY B 119 26.69 24.50 39.19
C GLY B 119 26.07 23.22 39.72
N PRO B 120 26.65 22.68 40.81
CA PRO B 120 26.26 21.40 41.39
C PRO B 120 24.78 21.34 41.75
N ILE B 121 24.18 20.19 41.49
CA ILE B 121 22.85 19.87 42.01
C ILE B 121 23.07 19.05 43.29
N GLY B 122 22.56 19.57 44.40
CA GLY B 122 22.84 18.98 45.71
C GLY B 122 22.15 17.69 46.12
N SER B 123 21.44 17.06 45.20
CA SER B 123 20.60 15.89 45.53
C SER B 123 21.38 14.73 46.15
N LYS B 124 20.88 14.20 47.26
CA LYS B 124 21.52 13.06 47.93
C LYS B 124 20.88 11.73 47.54
N ALA B 125 19.55 11.73 47.41
CA ALA B 125 18.80 10.52 47.12
C ALA B 125 18.82 10.21 45.63
N ARG B 126 18.76 8.92 45.32
CA ARG B 126 18.65 8.44 43.94
C ARG B 126 17.51 7.45 43.81
N ARG B 127 16.91 7.39 42.62
CA ARG B 127 15.87 6.40 42.32
C ARG B 127 16.22 5.64 41.06
N ARG B 128 15.92 4.35 41.05
CA ARG B 128 16.09 3.51 39.86
C ARG B 128 15.16 3.97 38.74
N VAL B 129 15.70 4.12 37.53
CA VAL B 129 14.91 4.64 36.41
C VAL B 129 13.87 3.64 35.89
N GLY B 130 14.09 2.35 36.15
CA GLY B 130 13.23 1.30 35.62
C GLY B 130 12.30 0.70 36.65
N LEU B 131 12.10 1.40 37.76
CA LEU B 131 11.25 0.88 38.84
C LEU B 131 9.81 0.65 38.36
N LYS B 132 9.24 -0.48 38.74
CA LYS B 132 7.87 -0.83 38.36
C LYS B 132 6.83 0.10 39.02
N ALA B 133 5.79 0.44 38.26
CA ALA B 133 4.66 1.24 38.74
C ALA B 133 3.94 0.57 39.90
N PRO B 134 3.36 1.37 40.82
CA PRO B 134 2.55 0.84 41.93
C PRO B 134 1.46 -0.06 41.41
N GLY B 135 1.10 -1.07 42.19
CA GLY B 135 0.05 -2.00 41.79
C GLY B 135 -1.32 -1.45 42.11
N ILE B 136 -2.29 -2.35 42.25
CA ILE B 136 -3.68 -1.96 42.46
C ILE B 136 -3.90 -1.30 43.82
N ILE B 137 -3.48 -1.95 44.89
CA ILE B 137 -3.80 -1.53 46.26
C ILE B 137 -3.28 -0.15 46.71
N PRO B 138 -2.04 0.24 46.30
CA PRO B 138 -1.57 1.56 46.71
C PRO B 138 -2.33 2.75 46.10
N ARG B 139 -3.27 2.49 45.20
CA ARG B 139 -3.90 3.57 44.42
C ARG B 139 -5.31 3.90 44.90
N ILE B 140 -5.78 5.06 44.45
CA ILE B 140 -7.17 5.47 44.60
C ILE B 140 -7.57 6.27 43.33
N SER B 141 -8.87 6.34 43.03
CA SER B 141 -9.32 6.99 41.79
C SER B 141 -9.03 8.49 41.81
N VAL B 142 -8.64 9.05 40.66
CA VAL B 142 -8.28 10.46 40.57
C VAL B 142 -9.49 11.32 40.93
N ARG B 143 -9.26 12.37 41.71
CA ARG B 143 -10.34 13.13 42.34
C ARG B 143 -10.00 14.61 42.48
N GLU B 144 -8.74 14.96 42.23
CA GLU B 144 -8.30 16.34 42.39
C GLU B 144 -8.02 16.92 41.00
N PRO B 145 -8.50 18.16 40.75
CA PRO B 145 -8.27 18.77 39.44
C PRO B 145 -6.79 19.04 39.16
N MET B 146 -6.35 18.70 37.95
CA MET B 146 -5.07 19.19 37.46
C MET B 146 -5.41 20.28 36.43
N GLN B 147 -5.36 21.53 36.86
CA GLN B 147 -5.85 22.64 36.04
C GLN B 147 -4.82 23.11 35.03
N THR B 148 -5.15 23.03 33.74
CA THR B 148 -4.27 23.52 32.67
C THR B 148 -4.34 25.05 32.54
N GLY B 149 -5.47 25.64 32.92
CA GLY B 149 -5.72 27.06 32.69
C GLY B 149 -6.13 27.38 31.25
N ILE B 150 -6.39 26.33 30.48
CA ILE B 150 -6.84 26.43 29.08
C ILE B 150 -8.33 26.11 29.03
N LYS B 151 -9.13 27.06 28.56
CA LYS B 151 -10.60 26.99 28.63
C LYS B 151 -11.17 25.71 28.00
N ALA B 152 -10.69 25.37 26.80
CA ALA B 152 -11.17 24.19 26.07
C ALA B 152 -10.90 22.88 26.80
N VAL B 153 -9.76 22.82 27.48
CA VAL B 153 -9.36 21.62 28.20
C VAL B 153 -10.07 21.47 29.55
N ASP B 154 -10.02 22.51 30.38
CA ASP B 154 -10.56 22.41 31.74
C ASP B 154 -12.08 22.24 31.77
N SER B 155 -12.76 22.76 30.75
CA SER B 155 -14.21 22.61 30.62
C SER B 155 -14.63 21.28 29.98
N LEU B 156 -14.04 20.95 28.84
CA LEU B 156 -14.53 19.84 28.02
C LEU B 156 -13.69 18.57 28.05
N VAL B 157 -12.41 18.70 28.38
CA VAL B 157 -11.53 17.53 28.53
C VAL B 157 -10.81 17.57 29.89
N PRO B 158 -11.57 17.58 31.01
CA PRO B 158 -10.94 17.83 32.31
C PRO B 158 -9.93 16.75 32.72
N ILE B 159 -8.81 17.20 33.30
CA ILE B 159 -7.72 16.31 33.73
C ILE B 159 -7.64 16.27 35.27
N GLY B 160 -7.53 15.06 35.83
CA GLY B 160 -7.36 14.88 37.28
C GLY B 160 -5.92 14.54 37.66
N ARG B 161 -5.56 14.80 38.91
CA ARG B 161 -4.20 14.50 39.40
C ARG B 161 -3.97 12.99 39.55
N GLY B 162 -3.03 12.45 38.76
CA GLY B 162 -2.76 11.02 38.69
C GLY B 162 -3.12 10.43 37.33
N GLN B 163 -3.86 11.19 36.54
CA GLN B 163 -4.33 10.75 35.23
C GLN B 163 -3.19 10.77 34.21
N ARG B 164 -3.35 10.03 33.12
CA ARG B 164 -2.51 10.14 31.94
C ARG B 164 -3.38 10.66 30.80
N GLU B 165 -3.01 11.81 30.26
CA GLU B 165 -3.77 12.39 29.16
C GLU B 165 -2.83 12.67 27.99
N LEU B 166 -3.06 11.97 26.89
CA LEU B 166 -2.27 12.11 25.67
C LEU B 166 -2.58 13.43 24.96
N ILE B 167 -1.53 14.12 24.54
CA ILE B 167 -1.64 15.23 23.61
C ILE B 167 -1.14 14.71 22.28
N ILE B 168 -1.99 14.75 21.26
CA ILE B 168 -1.68 14.10 19.99
C ILE B 168 -2.11 14.94 18.78
N GLY B 169 -1.26 14.99 17.77
CA GLY B 169 -1.56 15.72 16.54
C GLY B 169 -0.36 15.81 15.64
N ASP B 170 -0.57 16.36 14.44
CA ASP B 170 0.51 16.54 13.46
C ASP B 170 1.52 17.56 13.97
N ARG B 171 2.64 17.64 13.27
CA ARG B 171 3.65 18.65 13.56
C ARG B 171 2.99 20.03 13.57
N GLN B 172 3.49 20.89 14.46
CA GLN B 172 3.09 22.30 14.50
C GLN B 172 1.58 22.52 14.64
N THR B 173 0.94 21.78 15.54
CA THR B 173 -0.48 21.98 15.82
C THR B 173 -0.74 22.55 17.22
N GLY B 174 0.33 22.90 17.93
CA GLY B 174 0.25 23.52 19.26
C GLY B 174 0.34 22.54 20.42
N LYS B 175 0.97 21.40 20.21
CA LYS B 175 1.03 20.34 21.24
C LYS B 175 1.84 20.80 22.46
N THR B 176 3.07 21.24 22.23
CA THR B 176 3.93 21.76 23.29
C THR B 176 3.31 22.92 24.07
N SER B 177 2.60 23.79 23.36
CA SER B 177 1.98 24.97 23.98
C SER B 177 0.93 24.63 25.02
N ILE B 178 0.18 23.54 24.79
CA ILE B 178 -0.76 23.02 25.79
C ILE B 178 -0.04 22.74 27.11
N ALA B 179 1.11 22.07 26.99
CA ALA B 179 1.91 21.68 28.14
C ALA B 179 2.56 22.88 28.82
N ILE B 180 3.12 23.79 28.02
CA ILE B 180 3.78 24.99 28.55
C ILE B 180 2.81 25.86 29.34
N ASP B 181 1.63 26.11 28.76
CA ASP B 181 0.58 26.87 29.46
C ASP B 181 0.15 26.18 30.76
N THR B 182 0.06 24.86 30.74
CA THR B 182 -0.31 24.08 31.93
C THR B 182 0.72 24.29 33.06
N ILE B 183 2.00 24.25 32.71
CA ILE B 183 3.08 24.52 33.67
C ILE B 183 2.97 25.94 34.23
N ILE B 184 2.85 26.92 33.33
CA ILE B 184 2.75 28.32 33.74
C ILE B 184 1.54 28.54 34.65
N ASN B 185 0.46 27.79 34.39
CA ASN B 185 -0.75 27.88 35.20
C ASN B 185 -0.54 27.62 36.69
N GLN B 186 0.39 26.72 37.01
CA GLN B 186 0.54 26.22 38.37
C GLN B 186 1.05 27.28 39.35
N LYS B 187 1.60 28.37 38.81
CA LYS B 187 2.14 29.48 39.60
C LYS B 187 1.20 29.99 40.69
N ARG B 188 -0.11 30.04 40.39
CA ARG B 188 -1.07 30.55 41.38
C ARG B 188 -1.23 29.64 42.60
N PHE B 189 -0.93 28.35 42.43
CA PHE B 189 -1.00 27.40 43.54
C PHE B 189 0.35 27.36 44.24
N ASN B 190 1.41 27.35 43.44
CA ASN B 190 2.76 27.20 43.94
C ASN B 190 3.27 28.39 44.73
N ASP B 191 2.69 29.56 44.49
CA ASP B 191 2.93 30.76 45.28
C ASP B 191 2.18 30.73 46.61
N GLY B 192 1.17 29.86 46.72
CA GLY B 192 0.38 29.72 47.96
C GLY B 192 1.13 28.98 49.06
N THR B 193 0.42 28.62 50.13
CA THR B 193 1.04 27.91 51.24
C THR B 193 0.46 26.51 51.49
N ASP B 194 -0.67 26.23 50.85
CA ASP B 194 -1.28 24.90 50.86
C ASP B 194 -0.52 23.99 49.89
N GLU B 195 0.34 23.11 50.44
CA GLU B 195 1.19 22.22 49.62
C GLU B 195 0.42 21.13 48.88
N LYS B 196 -0.79 20.83 49.36
CA LYS B 196 -1.67 19.84 48.72
C LYS B 196 -2.22 20.38 47.40
N LYS B 197 -2.30 21.70 47.31
CA LYS B 197 -2.76 22.40 46.12
C LYS B 197 -1.65 22.50 45.07
N LYS B 198 -0.40 22.44 45.53
CA LYS B 198 0.76 22.69 44.66
C LYS B 198 1.03 21.60 43.63
N LEU B 199 1.71 21.97 42.55
CA LEU B 199 2.03 21.02 41.48
C LEU B 199 3.43 21.30 40.93
N TYR B 200 4.33 20.37 41.16
CA TYR B 200 5.70 20.48 40.68
C TYR B 200 5.80 19.89 39.30
N CYS B 201 6.53 20.55 38.41
CA CYS B 201 6.51 20.18 36.99
C CYS B 201 7.83 19.64 36.48
N ILE B 202 7.73 18.69 35.56
CA ILE B 202 8.89 18.12 34.91
C ILE B 202 8.62 18.10 33.41
N TYR B 203 9.45 18.80 32.65
CA TYR B 203 9.33 18.79 31.21
C TYR B 203 10.48 17.95 30.66
N VAL B 204 10.14 16.86 29.99
CA VAL B 204 11.13 15.99 29.37
C VAL B 204 11.17 16.25 27.87
N ALA B 205 12.29 16.79 27.40
CA ALA B 205 12.47 17.04 25.97
C ALA B 205 13.21 15.86 25.31
N ILE B 206 12.53 15.19 24.37
CA ILE B 206 13.14 14.04 23.70
C ILE B 206 13.26 14.27 22.18
N GLY B 207 14.49 14.33 21.69
CA GLY B 207 14.76 14.41 20.26
C GLY B 207 14.52 15.78 19.64
N GLN B 208 14.19 16.76 20.47
CA GLN B 208 13.94 18.14 20.04
C GLN B 208 15.22 18.86 19.63
N LYS B 209 15.08 20.02 18.99
CA LYS B 209 16.20 20.88 18.76
C LYS B 209 16.60 21.52 20.09
N ARG B 210 17.90 21.67 20.30
CA ARG B 210 18.42 22.31 21.50
C ARG B 210 17.95 23.75 21.65
N SER B 211 17.87 24.47 20.53
CA SER B 211 17.39 25.87 20.51
C SER B 211 15.97 25.97 21.04
N THR B 212 15.13 25.06 20.60
CA THR B 212 13.75 25.00 21.06
C THR B 212 13.69 24.88 22.59
N VAL B 213 14.47 23.95 23.14
CA VAL B 213 14.48 23.73 24.59
C VAL B 213 14.97 24.98 25.31
N ALA B 214 16.00 25.63 24.76
CA ALA B 214 16.52 26.87 25.32
C ALA B 214 15.50 28.01 25.34
N GLN B 215 14.73 28.14 24.26
CA GLN B 215 13.66 29.14 24.19
C GLN B 215 12.54 28.81 25.16
N LEU B 216 12.32 27.51 25.34
CA LEU B 216 11.32 26.98 26.24
C LEU B 216 11.61 27.39 27.69
N VAL B 217 12.84 27.11 28.15
CA VAL B 217 13.27 27.50 29.50
C VAL B 217 13.25 29.02 29.72
N LYS B 218 13.56 29.79 28.66
CA LYS B 218 13.49 31.25 28.74
C LYS B 218 12.06 31.72 28.99
N ARG B 219 11.11 31.13 28.27
CA ARG B 219 9.68 31.43 28.41
C ARG B 219 9.20 31.10 29.83
N LEU B 220 9.52 29.90 30.31
CA LEU B 220 9.23 29.50 31.68
C LEU B 220 9.84 30.46 32.71
N THR B 221 11.10 30.81 32.51
CA THR B 221 11.80 31.75 33.39
C THR B 221 11.10 33.10 33.41
N ASP B 222 10.74 33.60 32.23
CA ASP B 222 10.03 34.88 32.10
C ASP B 222 8.64 34.86 32.76
N ALA B 223 8.00 33.69 32.75
CA ALA B 223 6.70 33.51 33.39
C ALA B 223 6.82 33.18 34.88
N ASP B 224 8.06 33.09 35.38
CA ASP B 224 8.38 32.68 36.75
C ASP B 224 7.91 31.26 37.11
N ALA B 225 7.87 30.39 36.11
CA ALA B 225 7.43 29.00 36.27
C ALA B 225 8.62 28.03 36.43
N MET B 226 9.80 28.50 36.09
CA MET B 226 10.99 27.66 36.08
C MET B 226 11.36 27.20 37.49
N LYS B 227 11.09 28.05 38.49
CA LYS B 227 11.44 27.75 39.88
C LYS B 227 10.81 26.48 40.45
N TYR B 228 9.68 26.02 39.86
CA TYR B 228 9.04 24.77 40.28
C TYR B 228 9.06 23.69 39.19
N THR B 229 9.92 23.87 38.21
CA THR B 229 10.02 22.96 37.07
C THR B 229 11.43 22.38 36.95
N ILE B 230 11.50 21.10 36.62
CA ILE B 230 12.74 20.43 36.25
C ILE B 230 12.67 20.16 34.74
N VAL B 231 13.70 20.56 33.99
CA VAL B 231 13.76 20.19 32.58
C VAL B 231 14.84 19.14 32.34
N VAL B 232 14.41 18.01 31.80
CA VAL B 232 15.29 16.92 31.42
C VAL B 232 15.39 16.92 29.90
N SER B 233 16.61 17.01 29.38
CA SER B 233 16.77 17.25 27.95
C SER B 233 17.71 16.28 27.25
N ALA B 234 17.17 15.53 26.30
CA ALA B 234 17.95 14.66 25.43
C ALA B 234 17.55 15.02 24.00
N THR B 235 18.35 15.86 23.37
CA THR B 235 17.96 16.53 22.12
C THR B 235 18.40 15.75 20.88
N ALA B 236 18.25 16.35 19.70
CA ALA B 236 18.39 15.60 18.45
C ALA B 236 19.82 15.11 18.17
N SER B 237 20.81 15.74 18.77
CA SER B 237 22.22 15.35 18.57
C SER B 237 22.73 14.45 19.71
N ASP B 238 21.92 14.30 20.74
CA ASP B 238 22.21 13.34 21.80
C ASP B 238 22.01 11.91 21.27
N ALA B 239 22.91 11.01 21.67
CA ALA B 239 22.83 9.60 21.26
C ALA B 239 21.48 8.97 21.63
N ALA B 240 21.03 8.01 20.82
CA ALA B 240 19.71 7.39 20.97
C ALA B 240 19.41 6.83 22.36
N PRO B 241 20.39 6.14 22.98
CA PRO B 241 20.15 5.63 24.34
C PRO B 241 19.86 6.71 25.39
N LEU B 242 20.40 7.92 25.23
CA LEU B 242 20.04 9.03 26.12
C LEU B 242 18.60 9.48 25.90
N GLN B 243 18.17 9.48 24.63
CA GLN B 243 16.79 9.84 24.31
C GLN B 243 15.82 8.78 24.83
N TYR B 244 16.21 7.52 24.66
CA TYR B 244 15.48 6.40 25.22
C TYR B 244 15.32 6.54 26.74
N LEU B 245 16.41 6.93 27.40
CA LEU B 245 16.48 7.01 28.86
C LEU B 245 15.68 8.17 29.46
N ALA B 246 15.73 9.32 28.78
CA ALA B 246 15.23 10.60 29.33
C ALA B 246 13.84 10.55 30.01
N PRO B 247 12.83 9.91 29.36
CA PRO B 247 11.52 9.82 30.00
C PRO B 247 11.53 9.10 31.35
N TYR B 248 12.28 8.00 31.46
CA TYR B 248 12.35 7.21 32.71
C TYR B 248 13.03 7.98 33.84
N SER B 249 14.11 8.67 33.49
CA SER B 249 14.81 9.56 34.41
C SER B 249 13.89 10.66 34.93
N GLY B 250 13.23 11.37 34.00
CA GLY B 250 12.25 12.37 34.36
C GLY B 250 11.16 11.80 35.24
N CYS B 251 10.68 10.61 34.88
CA CYS B 251 9.62 9.92 35.62
C CYS B 251 10.03 9.66 37.06
N SER B 252 11.26 9.18 37.25
CA SER B 252 11.81 8.93 38.60
C SER B 252 11.88 10.21 39.43
N MET B 253 12.28 11.31 38.79
CA MET B 253 12.28 12.61 39.45
C MET B 253 10.87 13.01 39.87
N GLY B 254 9.88 12.69 39.03
CA GLY B 254 8.47 12.90 39.35
C GLY B 254 7.92 12.03 40.47
N GLU B 255 8.30 10.75 40.45
CA GLU B 255 7.88 9.79 41.47
C GLU B 255 8.37 10.18 42.87
N TYR B 256 9.52 10.84 42.91
CA TYR B 256 10.01 11.41 44.16
C TYR B 256 8.92 12.25 44.83
N PHE B 257 8.27 13.09 44.03
CA PHE B 257 7.18 13.94 44.55
C PHE B 257 5.96 13.11 44.89
N ARG B 258 5.57 12.24 43.94
CA ARG B 258 4.42 11.33 44.11
C ARG B 258 4.46 10.55 45.43
N ASP B 259 5.64 10.03 45.77
CA ASP B 259 5.80 9.19 46.95
C ASP B 259 6.19 9.96 48.21
N ASN B 260 6.37 11.28 48.05
CA ASN B 260 6.61 12.17 49.19
C ASN B 260 5.33 12.90 49.63
N GLY B 261 4.17 12.39 49.20
CA GLY B 261 2.87 13.02 49.48
C GLY B 261 2.65 14.34 48.75
N LYS B 262 3.40 14.57 47.67
CA LYS B 262 3.27 15.78 46.88
C LYS B 262 2.72 15.44 45.49
N HIS B 263 2.54 16.46 44.65
CA HIS B 263 1.93 16.26 43.35
C HIS B 263 2.82 16.82 42.26
N ALA B 264 3.11 15.97 41.27
CA ALA B 264 3.96 16.37 40.16
C ALA B 264 3.24 16.15 38.82
N LEU B 265 3.66 16.94 37.85
CA LEU B 265 3.21 16.83 36.46
C LEU B 265 4.41 16.57 35.59
N ILE B 266 4.30 15.58 34.72
CA ILE B 266 5.36 15.30 33.77
C ILE B 266 4.86 15.31 32.32
N ILE B 267 5.61 16.01 31.47
CA ILE B 267 5.32 16.07 30.05
C ILE B 267 6.41 15.28 29.33
N TYR B 268 6.01 14.32 28.50
CA TYR B 268 6.96 13.59 27.65
C TYR B 268 6.86 14.13 26.23
N ASP B 269 7.77 15.04 25.90
CA ASP B 269 7.72 15.76 24.63
C ASP B 269 8.91 15.45 23.71
N ASP B 270 8.82 14.41 22.88
CA ASP B 270 7.63 13.59 22.69
C ASP B 270 7.98 12.10 22.61
N LEU B 271 6.98 11.25 22.84
CA LEU B 271 7.19 9.81 22.82
C LEU B 271 7.35 9.19 21.43
N SER B 272 6.95 9.94 20.39
CA SER B 272 7.18 9.49 19.01
C SER B 272 8.68 9.42 18.75
N LYS B 273 9.39 10.46 19.17
CA LYS B 273 10.83 10.51 19.00
C LYS B 273 11.55 9.49 19.89
N GLN B 274 11.02 9.28 21.10
CA GLN B 274 11.54 8.23 21.97
C GLN B 274 11.48 6.85 21.31
N ALA B 275 10.31 6.50 20.77
CA ALA B 275 10.12 5.22 20.10
C ALA B 275 11.06 5.05 18.90
N VAL B 276 11.34 6.13 18.18
CA VAL B 276 12.32 6.13 17.07
C VAL B 276 13.74 5.82 17.57
N ALA B 277 14.15 6.49 18.66
CA ALA B 277 15.43 6.22 19.30
C ALA B 277 15.53 4.76 19.76
N TYR B 278 14.46 4.26 20.38
CA TYR B 278 14.43 2.85 20.80
C TYR B 278 14.47 1.88 19.62
N ARG B 279 13.78 2.21 18.54
CA ARG B 279 13.84 1.40 17.32
C ARG B 279 15.27 1.39 16.76
N GLN B 280 15.95 2.52 16.78
CA GLN B 280 17.34 2.58 16.35
C GLN B 280 18.15 1.57 17.14
N MET B 281 18.05 1.63 18.47
CA MET B 281 18.77 0.73 19.36
C MET B 281 18.44 -0.73 19.04
N SER B 282 17.15 -1.02 18.87
CA SER B 282 16.67 -2.40 18.69
C SER B 282 17.11 -3.01 17.38
N LEU B 283 17.09 -2.22 16.31
CA LEU B 283 17.55 -2.69 14.99
C LEU B 283 19.06 -2.92 15.02
N LEU B 284 19.78 -2.06 15.74
CA LEU B 284 21.23 -2.23 15.86
C LEU B 284 21.55 -3.47 16.71
N LEU B 285 20.67 -3.78 17.66
CA LEU B 285 20.78 -5.04 18.43
C LEU B 285 20.34 -6.27 17.64
N ARG B 286 19.86 -6.04 16.41
CA ARG B 286 19.36 -7.09 15.50
C ARG B 286 18.15 -7.85 16.04
N ARG B 287 17.30 -7.17 16.81
CA ARG B 287 16.02 -7.73 17.25
C ARG B 287 15.05 -7.68 16.05
N PRO B 288 14.14 -8.68 15.95
CA PRO B 288 13.25 -8.79 14.77
C PRO B 288 12.25 -7.65 14.67
N PRO B 289 12.30 -6.87 13.58
CA PRO B 289 11.35 -5.77 13.41
C PRO B 289 9.92 -6.25 13.06
N GLY B 290 8.91 -5.44 13.39
CA GLY B 290 7.52 -5.71 13.04
C GLY B 290 6.90 -4.56 12.25
N ARG B 291 5.68 -4.19 12.62
CA ARG B 291 5.00 -3.01 12.10
C ARG B 291 5.87 -1.79 12.08
N GLU B 292 5.98 -1.16 10.91
CA GLU B 292 6.84 0.01 10.68
C GLU B 292 8.26 -0.20 11.22
N ALA B 293 8.70 -1.47 11.22
CA ALA B 293 10.04 -1.86 11.69
C ALA B 293 10.29 -1.64 13.20
N TYR B 294 9.22 -1.37 13.96
CA TYR B 294 9.34 -1.24 15.41
C TYR B 294 9.50 -2.62 16.06
N PRO B 295 10.19 -2.69 17.21
CA PRO B 295 10.33 -3.96 17.92
C PRO B 295 9.03 -4.32 18.61
N GLY B 296 8.88 -5.60 18.95
CA GLY B 296 7.65 -6.12 19.56
C GLY B 296 7.39 -5.56 20.93
N ASP B 297 8.44 -5.09 21.60
CA ASP B 297 8.31 -4.49 22.94
C ASP B 297 8.11 -2.97 22.92
N VAL B 298 7.77 -2.39 21.75
CA VAL B 298 7.57 -0.94 21.67
C VAL B 298 6.32 -0.46 22.43
N PHE B 299 5.30 -1.31 22.52
CA PHE B 299 4.14 -1.01 23.36
C PHE B 299 4.59 -0.91 24.82
N TYR B 300 5.32 -1.92 25.26
CA TYR B 300 5.78 -2.04 26.65
C TYR B 300 6.75 -0.92 27.08
N LEU B 301 7.53 -0.44 26.11
CA LEU B 301 8.39 0.75 26.31
C LEU B 301 7.60 1.92 26.91
N HIS B 302 6.42 2.18 26.33
CA HIS B 302 5.57 3.29 26.74
C HIS B 302 4.61 2.91 27.87
N SER B 303 4.20 1.65 27.91
CA SER B 303 3.23 1.22 28.92
C SER B 303 3.80 1.22 30.34
N ARG B 304 5.03 0.74 30.51
CA ARG B 304 5.64 0.70 31.84
C ARG B 304 5.94 2.11 32.33
N LEU B 305 6.29 2.99 31.40
CA LEU B 305 6.53 4.40 31.68
C LEU B 305 5.27 5.08 32.21
N LEU B 306 4.19 5.01 31.42
CA LEU B 306 2.99 5.77 31.72
C LEU B 306 2.16 5.20 32.88
N GLU B 307 2.34 3.91 33.16
CA GLU B 307 1.71 3.27 34.33
C GLU B 307 2.21 3.91 35.64
N ARG B 308 3.36 4.56 35.58
CA ARG B 308 4.00 5.15 36.75
C ARG B 308 3.38 6.48 37.18
N ALA B 309 2.71 7.17 36.25
CA ALA B 309 1.79 8.24 36.65
C ALA B 309 0.62 7.56 37.37
N ALA B 310 0.30 8.05 38.56
CA ALA B 310 -0.67 7.38 39.43
C ALA B 310 -1.14 8.31 40.50
N LYS B 311 -2.28 7.98 41.10
CA LYS B 311 -2.78 8.66 42.28
C LYS B 311 -2.72 7.69 43.46
N MET B 312 -2.05 8.10 44.52
CA MET B 312 -1.81 7.21 45.67
C MET B 312 -2.88 7.42 46.73
N ASN B 313 -3.29 6.35 47.40
CA ASN B 313 -4.19 6.49 48.54
C ASN B 313 -3.48 7.20 49.70
N ASP B 314 -4.23 7.58 50.72
CA ASP B 314 -3.71 8.32 51.88
C ASP B 314 -2.66 7.56 52.70
N ALA B 315 -2.77 6.23 52.74
CA ALA B 315 -1.80 5.38 53.45
C ALA B 315 -0.41 5.44 52.83
N PHE B 316 -0.37 5.66 51.51
CA PHE B 316 0.88 5.87 50.78
C PHE B 316 1.29 7.36 50.70
N GLY B 317 0.54 8.22 51.36
CA GLY B 317 0.86 9.65 51.40
C GLY B 317 -0.05 10.56 50.59
N GLY B 318 -0.85 9.96 49.71
CA GLY B 318 -1.87 10.71 48.98
C GLY B 318 -1.35 11.57 47.85
N GLY B 319 -0.10 11.33 47.44
CA GLY B 319 0.52 12.10 46.38
C GLY B 319 0.08 11.57 45.02
N SER B 320 0.62 12.19 43.97
CA SER B 320 0.27 11.82 42.60
C SER B 320 1.34 12.24 41.62
N LEU B 321 1.35 11.57 40.47
CA LEU B 321 2.08 12.00 39.31
C LEU B 321 1.12 11.94 38.12
N THR B 322 0.93 13.09 37.47
CA THR B 322 0.11 13.19 36.26
C THR B 322 1.06 13.23 35.06
N ALA B 323 0.72 12.50 33.99
CA ALA B 323 1.54 12.50 32.77
C ALA B 323 0.81 13.08 31.55
N LEU B 324 1.51 13.94 30.82
CA LEU B 324 1.03 14.41 29.53
C LEU B 324 2.01 13.97 28.46
N PRO B 325 1.88 12.72 27.99
CA PRO B 325 2.73 12.30 26.88
C PRO B 325 2.31 12.99 25.59
N VAL B 326 3.25 13.20 24.69
CA VAL B 326 2.98 13.84 23.41
C VAL B 326 3.29 12.85 22.29
N ILE B 327 2.38 12.73 21.32
CA ILE B 327 2.60 11.90 20.15
C ILE B 327 2.39 12.76 18.91
N GLU B 328 3.31 12.65 17.96
CA GLU B 328 3.15 13.30 16.67
C GLU B 328 2.56 12.33 15.66
N THR B 329 1.43 12.73 15.05
CA THR B 329 0.84 11.92 13.99
C THR B 329 1.38 12.36 12.63
N GLN B 330 1.11 11.54 11.62
CA GLN B 330 1.40 11.90 10.22
C GLN B 330 0.06 12.06 9.54
N ALA B 331 -0.22 13.28 9.08
CA ALA B 331 -1.41 13.57 8.29
C ALA B 331 -2.72 13.20 9.00
N GLY B 332 -2.75 13.41 10.31
CA GLY B 332 -3.96 13.17 11.11
C GLY B 332 -4.30 11.72 11.38
N ASP B 333 -3.40 10.81 11.02
CA ASP B 333 -3.66 9.37 11.13
C ASP B 333 -3.44 8.78 12.53
N VAL B 334 -4.51 8.77 13.33
CA VAL B 334 -4.44 8.25 14.70
C VAL B 334 -4.42 6.71 14.75
N SER B 335 -4.67 6.07 13.60
CA SER B 335 -4.85 4.63 13.58
C SER B 335 -3.52 3.89 13.39
N ALA B 336 -2.43 4.64 13.25
CA ALA B 336 -1.11 4.06 13.12
C ALA B 336 -0.65 3.35 14.41
N TYR B 337 0.43 2.57 14.29
CA TYR B 337 0.91 1.69 15.35
C TYR B 337 1.22 2.41 16.68
N ILE B 338 2.12 3.38 16.64
CA ILE B 338 2.56 4.05 17.87
C ILE B 338 1.44 4.89 18.49
N PRO B 339 0.73 5.72 17.68
CA PRO B 339 -0.44 6.42 18.21
C PRO B 339 -1.45 5.50 18.90
N THR B 340 -1.85 4.40 18.25
CA THR B 340 -2.83 3.49 18.88
C THR B 340 -2.26 2.85 20.17
N ASN B 341 -0.98 2.46 20.14
CA ASN B 341 -0.30 1.97 21.34
C ASN B 341 -0.54 2.90 22.50
N VAL B 342 -0.31 4.20 22.27
CA VAL B 342 -0.33 5.16 23.38
C VAL B 342 -1.77 5.46 23.83
N ILE B 343 -2.69 5.57 22.88
CA ILE B 343 -4.12 5.67 23.20
C ILE B 343 -4.56 4.50 24.07
N SER B 344 -4.01 3.32 23.82
CA SER B 344 -4.36 2.10 24.56
C SER B 344 -3.67 2.02 25.92
N ILE B 345 -2.88 3.03 26.24
CA ILE B 345 -2.24 3.15 27.57
C ILE B 345 -2.87 4.28 28.39
N THR B 346 -3.00 5.47 27.79
CA THR B 346 -3.44 6.67 28.50
C THR B 346 -4.95 6.64 28.85
N ASP B 347 -5.41 7.61 29.63
CA ASP B 347 -6.82 7.71 30.02
C ASP B 347 -7.58 8.76 29.20
N GLY B 348 -7.34 8.78 27.89
CA GLY B 348 -7.95 9.78 27.03
C GLY B 348 -6.89 10.53 26.25
N GLN B 349 -7.32 11.41 25.35
CA GLN B 349 -6.42 12.18 24.51
C GLN B 349 -7.05 13.53 24.18
N ILE B 350 -6.19 14.51 23.98
CA ILE B 350 -6.57 15.80 23.44
C ILE B 350 -6.03 15.80 22.02
N PHE B 351 -6.94 15.80 21.05
CA PHE B 351 -6.58 15.74 19.64
C PHE B 351 -6.50 17.15 19.04
N LEU B 352 -5.32 17.51 18.53
CA LEU B 352 -5.13 18.79 17.88
C LEU B 352 -5.10 18.60 16.37
N GLU B 353 -5.87 19.42 15.67
CA GLU B 353 -6.15 19.20 14.26
C GLU B 353 -5.50 20.27 13.40
N THR B 354 -4.78 19.84 12.37
CA THR B 354 -4.15 20.76 11.41
C THR B 354 -5.15 21.74 10.80
N GLU B 355 -6.29 21.23 10.35
CA GLU B 355 -7.32 22.03 9.66
C GLU B 355 -7.85 23.16 10.54
N LEU B 356 -8.13 22.85 11.79
CA LEU B 356 -8.57 23.86 12.78
C LEU B 356 -7.46 24.88 13.04
N PHE B 357 -6.23 24.40 13.21
CA PHE B 357 -5.07 25.25 13.47
C PHE B 357 -4.86 26.27 12.34
N TYR B 358 -4.98 25.80 11.10
CA TYR B 358 -4.86 26.64 9.90
C TYR B 358 -5.96 27.70 9.83
N LYS B 359 -7.17 27.34 10.27
CA LYS B 359 -8.30 28.26 10.29
C LYS B 359 -8.21 29.29 11.40
N GLY B 360 -7.16 29.20 12.22
CA GLY B 360 -6.97 30.08 13.37
C GLY B 360 -7.81 29.70 14.57
N ILE B 361 -8.32 28.46 14.58
CA ILE B 361 -8.97 27.90 15.76
C ILE B 361 -7.86 27.41 16.69
N ARG B 362 -7.52 28.24 17.68
CA ARG B 362 -6.40 27.94 18.56
C ARG B 362 -6.74 28.24 20.03
N PRO B 363 -6.54 27.26 20.94
CA PRO B 363 -6.01 25.90 20.73
C PRO B 363 -6.86 25.08 19.73
N ALA B 364 -6.18 24.35 18.86
CA ALA B 364 -6.80 23.61 17.76
C ALA B 364 -7.40 22.27 18.16
N ILE B 365 -8.20 22.27 19.22
CA ILE B 365 -8.73 21.04 19.79
C ILE B 365 -10.02 20.56 19.10
N ASN B 366 -9.97 19.33 18.59
CA ASN B 366 -11.17 18.66 18.12
C ASN B 366 -11.93 18.13 19.33
N VAL B 367 -12.96 18.87 19.75
CA VAL B 367 -13.76 18.52 20.92
C VAL B 367 -14.40 17.13 20.78
N GLY B 368 -14.97 16.86 19.61
CA GLY B 368 -15.66 15.61 19.34
C GLY B 368 -14.79 14.37 19.51
N LEU B 369 -13.54 14.46 19.06
CA LEU B 369 -12.63 13.32 19.12
C LEU B 369 -11.75 13.28 20.38
N SER B 370 -11.76 14.36 21.16
CA SER B 370 -11.05 14.41 22.43
C SER B 370 -11.86 13.76 23.54
N VAL B 371 -11.17 13.08 24.46
CA VAL B 371 -11.81 12.37 25.57
C VAL B 371 -10.95 12.49 26.83
N SER B 372 -11.59 12.60 27.98
CA SER B 372 -10.94 12.35 29.26
C SER B 372 -11.71 11.25 29.98
N ARG B 373 -11.12 10.06 30.05
CA ARG B 373 -11.85 8.87 30.54
C ARG B 373 -12.16 8.95 32.02
N VAL B 374 -11.31 9.63 32.78
CA VAL B 374 -11.46 9.69 34.25
C VAL B 374 -11.52 11.11 34.84
N GLY B 375 -11.40 12.14 34.01
CA GLY B 375 -11.30 13.52 34.50
C GLY B 375 -12.56 14.17 35.06
N SER B 376 -13.73 13.66 34.65
CA SER B 376 -15.01 14.19 35.11
C SER B 376 -15.15 14.17 36.65
N ALA B 377 -14.64 13.12 37.27
CA ALA B 377 -14.63 13.03 38.74
C ALA B 377 -13.62 14.01 39.38
N ALA B 378 -12.79 14.64 38.56
CA ALA B 378 -11.82 15.62 39.04
C ALA B 378 -12.03 16.98 38.36
N GLN B 379 -13.29 17.37 38.27
CA GLN B 379 -13.67 18.67 37.73
C GLN B 379 -14.55 19.36 38.76
N THR B 380 -14.25 20.63 39.04
CA THR B 380 -14.99 21.39 40.04
C THR B 380 -16.46 21.48 39.68
N ARG B 381 -17.32 21.54 40.70
CA ARG B 381 -18.76 21.69 40.49
C ARG B 381 -19.10 22.94 39.68
N ALA B 382 -18.39 24.03 39.96
CA ALA B 382 -18.58 25.29 39.24
C ALA B 382 -18.40 25.14 37.73
N MET B 383 -17.33 24.47 37.32
CA MET B 383 -17.06 24.25 35.90
C MET B 383 -18.06 23.27 35.28
N LYS B 384 -18.48 22.26 36.05
CA LYS B 384 -19.52 21.33 35.61
C LYS B 384 -20.85 22.02 35.30
N GLN B 385 -21.16 23.07 36.06
CA GLN B 385 -22.43 23.80 35.92
C GLN B 385 -22.52 24.57 34.60
N VAL B 386 -21.39 25.07 34.12
CA VAL B 386 -21.38 25.80 32.85
C VAL B 386 -20.96 24.93 31.66
N ALA B 387 -20.00 24.04 31.88
CA ALA B 387 -19.41 23.22 30.79
C ALA B 387 -20.34 22.13 30.27
N GLY B 388 -21.16 21.57 31.17
CA GLY B 388 -22.14 20.55 30.79
C GLY B 388 -23.09 21.05 29.71
N THR B 389 -23.61 22.26 29.91
CA THR B 389 -24.48 22.90 28.92
C THR B 389 -23.71 23.39 27.67
N MET B 390 -22.44 23.80 27.85
CA MET B 390 -21.59 24.15 26.70
C MET B 390 -21.27 22.94 25.83
N LYS B 391 -20.98 21.81 26.47
CA LYS B 391 -20.71 20.54 25.78
C LYS B 391 -21.91 20.16 24.92
N LEU B 392 -23.09 20.26 25.53
CA LEU B 392 -24.36 19.93 24.88
C LEU B 392 -24.69 20.87 23.72
N GLU B 393 -24.51 22.17 23.93
CA GLU B 393 -24.79 23.19 22.91
C GLU B 393 -23.80 23.20 21.74
N LEU B 394 -22.54 22.82 22.01
CA LEU B 394 -21.55 22.69 20.95
C LEU B 394 -21.77 21.43 20.13
N ALA B 395 -22.17 20.35 20.81
CA ALA B 395 -22.49 19.08 20.16
C ALA B 395 -23.58 19.25 19.10
N GLN B 396 -24.67 19.91 19.49
CA GLN B 396 -25.79 20.20 18.59
C GLN B 396 -25.40 21.14 17.45
N TYR B 397 -24.42 22.00 17.69
CA TYR B 397 -23.90 22.92 16.69
C TYR B 397 -23.09 22.18 15.61
N ARG B 398 -22.40 21.12 16.03
CA ARG B 398 -21.48 20.40 15.14
C ARG B 398 -22.18 19.56 14.05
N GLU B 399 -23.48 19.29 14.23
CA GLU B 399 -24.26 18.62 13.19
C GLU B 399 -24.90 19.60 12.18
N VAL B 400 -25.31 20.76 12.66
CA VAL B 400 -25.96 21.77 11.82
C VAL B 400 -24.98 22.73 11.12
N ALA B 401 -23.72 22.33 11.03
CA ALA B 401 -22.69 23.13 10.36
C ALA B 401 -21.93 22.30 9.33
N LEU B 410 -33.33 28.30 5.61
CA LEU B 410 -32.81 28.24 6.99
C LEU B 410 -33.95 28.35 7.99
N ASP B 411 -34.21 27.25 8.71
CA ASP B 411 -35.34 27.17 9.65
C ASP B 411 -34.99 27.73 11.03
N ALA B 412 -36.01 27.80 11.89
CA ALA B 412 -35.89 28.38 13.23
C ALA B 412 -35.34 27.42 14.27
N ALA B 413 -35.70 26.14 14.14
CA ALA B 413 -35.27 25.09 15.07
C ALA B 413 -33.76 24.92 15.12
N THR B 414 -33.11 25.17 13.98
CA THR B 414 -31.65 25.09 13.86
C THR B 414 -31.05 26.47 13.57
N GLN B 415 -31.58 27.49 14.23
CA GLN B 415 -31.14 28.87 14.02
C GLN B 415 -30.38 29.40 15.23
N GLN B 416 -30.86 29.03 16.42
CA GLN B 416 -30.17 29.34 17.67
C GLN B 416 -28.87 28.54 17.76
N LEU B 417 -28.86 27.35 17.15
CA LEU B 417 -27.73 26.44 17.20
C LEU B 417 -26.48 27.01 16.52
N LEU B 418 -26.64 27.57 15.33
CA LEU B 418 -25.54 28.20 14.61
C LEU B 418 -25.16 29.56 15.20
N SER B 419 -26.08 30.14 15.97
CA SER B 419 -25.82 31.41 16.66
C SER B 419 -25.01 31.17 17.94
N ARG B 420 -25.51 30.26 18.78
CA ARG B 420 -24.87 29.92 20.05
C ARG B 420 -23.53 29.22 19.84
N GLY B 421 -23.50 28.31 18.85
CA GLY B 421 -22.30 27.55 18.54
C GLY B 421 -21.08 28.35 18.14
N VAL B 422 -21.27 29.35 17.28
CA VAL B 422 -20.16 30.20 16.82
C VAL B 422 -19.62 31.10 17.94
N ARG B 423 -20.49 31.42 18.90
CA ARG B 423 -20.11 32.24 20.04
C ARG B 423 -19.36 31.42 21.09
N LEU B 424 -19.80 30.19 21.31
CA LEU B 424 -19.11 29.28 22.22
C LEU B 424 -17.75 28.89 21.66
N THR B 425 -17.71 28.63 20.35
CA THR B 425 -16.47 28.34 19.63
C THR B 425 -15.47 29.49 19.77
N GLU B 426 -15.98 30.73 19.77
CA GLU B 426 -15.13 31.89 20.00
C GLU B 426 -14.59 31.91 21.43
N LEU B 427 -15.40 31.47 22.38
CA LEU B 427 -15.02 31.47 23.80
C LEU B 427 -13.88 30.51 24.09
N LEU B 428 -13.77 29.44 23.30
CA LEU B 428 -12.74 28.43 23.50
C LEU B 428 -11.41 28.79 22.83
N LYS B 429 -11.39 29.90 22.09
CA LYS B 429 -10.14 30.42 21.54
C LYS B 429 -9.33 31.04 22.67
N GLN B 430 -8.01 30.92 22.58
CA GLN B 430 -7.12 31.40 23.63
C GLN B 430 -5.70 31.56 23.10
N GLY B 431 -5.07 32.67 23.48
CA GLY B 431 -3.65 32.87 23.20
C GLY B 431 -2.78 32.09 24.17
N GLN B 432 -1.47 32.20 24.01
CA GLN B 432 -0.53 31.49 24.86
C GLN B 432 -0.05 32.36 26.02
N TYR B 433 0.41 31.69 27.08
CA TYR B 433 1.10 32.30 28.21
C TYR B 433 0.21 33.11 29.13
N SER B 434 -1.10 32.92 29.00
CA SER B 434 -2.05 33.51 29.91
C SER B 434 -3.10 32.50 30.37
N PRO B 435 -2.66 31.39 30.99
CA PRO B 435 -3.63 30.42 31.50
C PRO B 435 -4.54 31.08 32.52
N MET B 436 -5.80 30.66 32.55
CA MET B 436 -6.81 31.32 33.37
C MET B 436 -7.17 30.53 34.62
N ALA B 437 -7.34 31.25 35.73
CA ALA B 437 -7.89 30.70 36.95
C ALA B 437 -9.25 30.10 36.64
N ILE B 438 -9.60 29.01 37.32
CA ILE B 438 -10.84 28.30 37.04
C ILE B 438 -12.10 29.16 37.19
N GLU B 439 -12.16 29.97 38.25
CA GLU B 439 -13.31 30.86 38.46
C GLU B 439 -13.50 31.86 37.33
N GLU B 440 -12.39 32.30 36.72
CA GLU B 440 -12.41 33.21 35.59
C GLU B 440 -12.98 32.51 34.35
N GLN B 441 -12.54 31.28 34.12
CA GLN B 441 -13.05 30.44 33.03
C GLN B 441 -14.55 30.20 33.17
N VAL B 442 -14.97 29.90 34.39
CA VAL B 442 -16.39 29.70 34.71
C VAL B 442 -17.20 30.95 34.36
N ALA B 443 -16.68 32.12 34.72
CA ALA B 443 -17.34 33.40 34.46
C ALA B 443 -17.56 33.69 32.97
N VAL B 444 -16.55 33.43 32.15
CA VAL B 444 -16.63 33.71 30.70
C VAL B 444 -17.47 32.68 29.94
N ILE B 445 -17.47 31.43 30.41
CA ILE B 445 -18.31 30.39 29.83
C ILE B 445 -19.78 30.60 30.24
N TYR B 446 -19.98 31.07 31.46
CA TYR B 446 -21.31 31.49 31.97
C TYR B 446 -21.98 32.51 31.05
N ALA B 447 -21.21 33.52 30.63
CA ALA B 447 -21.68 34.53 29.69
C ALA B 447 -22.28 33.90 28.41
N GLY B 448 -21.54 32.99 27.78
CA GLY B 448 -21.99 32.33 26.56
C GLY B 448 -23.16 31.39 26.77
N VAL B 449 -23.04 30.53 27.79
CA VAL B 449 -24.01 29.49 28.08
C VAL B 449 -25.38 30.03 28.52
N ARG B 450 -25.39 31.06 29.36
CA ARG B 450 -26.62 31.66 29.86
C ARG B 450 -27.20 32.69 28.87
N GLY B 451 -26.51 32.87 27.74
CA GLY B 451 -26.97 33.76 26.68
C GLY B 451 -26.76 35.21 27.01
N TYR B 452 -25.56 35.71 26.75
CA TYR B 452 -25.25 37.13 26.91
C TYR B 452 -24.36 37.61 25.76
N LEU B 453 -23.99 36.67 24.90
CA LEU B 453 -23.16 36.94 23.72
C LEU B 453 -24.01 36.88 22.45
N ASP B 454 -25.24 36.40 22.59
CA ASP B 454 -26.13 36.16 21.45
C ASP B 454 -26.49 37.42 20.66
N LYS B 455 -26.68 38.53 21.38
CA LYS B 455 -26.99 39.81 20.75
C LYS B 455 -25.73 40.51 20.23
N LEU B 456 -24.57 39.91 20.50
CA LEU B 456 -23.29 40.45 20.04
C LEU B 456 -22.83 39.73 18.80
N GLU B 457 -22.14 40.44 17.90
CA GLU B 457 -21.65 39.83 16.67
C GLU B 457 -20.42 38.94 16.92
N PRO B 458 -20.40 37.74 16.31
CA PRO B 458 -19.38 36.71 16.56
C PRO B 458 -17.93 37.21 16.50
N SER B 459 -17.68 38.25 15.72
CA SER B 459 -16.33 38.75 15.49
C SER B 459 -15.81 39.69 16.60
N LYS B 460 -16.63 39.95 17.61
CA LYS B 460 -16.25 40.83 18.72
C LYS B 460 -16.29 40.13 20.10
N ILE B 461 -16.69 38.86 20.10
CA ILE B 461 -16.76 38.04 21.33
C ILE B 461 -15.47 38.07 22.15
N THR B 462 -14.33 37.91 21.47
CA THR B 462 -13.02 37.94 22.11
C THR B 462 -12.78 39.24 22.85
N LYS B 463 -13.06 40.37 22.19
CA LYS B 463 -12.91 41.70 22.81
C LYS B 463 -13.81 41.85 24.04
N PHE B 464 -15.00 41.26 23.99
CA PHE B 464 -15.92 41.27 25.13
C PHE B 464 -15.34 40.54 26.32
N GLU B 465 -14.79 39.35 26.06
CA GLU B 465 -14.26 38.47 27.09
C GLU B 465 -13.15 39.12 27.92
N ASN B 466 -12.15 39.70 27.24
CA ASN B 466 -11.03 40.36 27.91
C ASN B 466 -11.47 41.56 28.74
N ALA B 467 -12.40 42.35 28.18
CA ALA B 467 -12.95 43.52 28.86
C ALA B 467 -13.82 43.12 30.05
N PHE B 468 -14.62 42.07 29.87
CA PHE B 468 -15.45 41.52 30.95
C PHE B 468 -14.58 40.91 32.05
N LEU B 469 -13.49 40.27 31.62
CA LEU B 469 -12.57 39.61 32.53
C LEU B 469 -11.76 40.62 33.34
N SER B 470 -11.16 41.58 32.67
CA SER B 470 -10.41 42.65 33.33
C SER B 470 -11.31 43.42 34.31
N HIS B 471 -12.61 43.47 34.00
CA HIS B 471 -13.61 44.07 34.87
C HIS B 471 -13.86 43.25 36.13
N VAL B 472 -14.10 41.95 35.97
CA VAL B 472 -14.38 41.07 37.12
C VAL B 472 -13.15 40.83 38.00
N ILE B 473 -11.97 40.81 37.39
CA ILE B 473 -10.70 40.68 38.11
C ILE B 473 -10.41 41.97 38.91
N SER B 474 -10.80 43.11 38.34
CA SER B 474 -10.63 44.40 39.02
C SER B 474 -11.73 44.65 40.05
N GLN B 475 -12.98 44.75 39.57
CA GLN B 475 -14.11 45.18 40.39
C GLN B 475 -14.67 44.10 41.33
N HIS B 476 -14.73 42.86 40.88
CA HIS B 476 -15.42 41.80 41.63
C HIS B 476 -14.54 40.60 41.98
N GLN B 477 -13.54 40.84 42.81
CA GLN B 477 -12.67 39.76 43.32
C GLN B 477 -13.40 38.88 44.33
N ALA B 478 -14.36 39.47 45.04
CA ALA B 478 -15.13 38.78 46.07
C ALA B 478 -15.99 37.65 45.53
N LEU B 479 -16.55 37.84 44.34
CA LEU B 479 -17.37 36.81 43.70
C LEU B 479 -16.50 35.69 43.14
N LEU B 480 -15.38 36.07 42.53
CA LEU B 480 -14.44 35.11 41.95
C LEU B 480 -13.72 34.30 43.04
N GLY B 481 -13.51 34.92 44.21
CA GLY B 481 -12.99 34.21 45.37
C GLY B 481 -13.99 33.21 45.91
N LYS B 482 -15.26 33.61 45.96
CA LYS B 482 -16.36 32.79 46.47
C LYS B 482 -16.60 31.54 45.63
N ILE B 483 -16.51 31.69 44.30
CA ILE B 483 -16.61 30.56 43.38
C ILE B 483 -15.40 29.63 43.55
N ARG B 484 -14.23 30.23 43.72
CA ARG B 484 -12.99 29.49 43.94
C ARG B 484 -13.03 28.67 45.24
N THR B 485 -13.41 29.32 46.33
CA THR B 485 -13.48 28.67 47.65
C THR B 485 -14.54 27.56 47.67
N ASP B 486 -15.77 27.90 47.28
CA ASP B 486 -16.88 26.95 47.30
C ASP B 486 -16.83 25.90 46.18
N GLY B 487 -16.07 26.18 45.13
CA GLY B 487 -15.94 25.27 43.98
C GLY B 487 -17.25 25.01 43.27
N LYS B 488 -18.20 25.93 43.43
CA LYS B 488 -19.60 25.74 43.01
C LYS B 488 -20.26 27.11 42.82
N ILE B 489 -21.26 27.16 41.93
CA ILE B 489 -22.06 28.37 41.77
C ILE B 489 -23.38 28.23 42.54
N SER B 490 -23.40 28.78 43.75
CA SER B 490 -24.62 28.80 44.56
C SER B 490 -25.64 29.77 43.95
N GLU B 491 -26.89 29.70 44.40
CA GLU B 491 -27.93 30.60 43.92
C GLU B 491 -27.61 32.07 44.22
N GLU B 492 -26.90 32.29 45.33
CA GLU B 492 -26.36 33.59 45.71
C GLU B 492 -25.36 34.10 44.68
N SER B 493 -24.39 33.26 44.33
CA SER B 493 -23.35 33.59 43.35
C SER B 493 -23.87 33.67 41.92
N ASP B 494 -24.90 32.88 41.63
CA ASP B 494 -25.55 32.90 40.31
C ASP B 494 -26.25 34.23 40.10
N ALA B 495 -27.00 34.67 41.11
CA ALA B 495 -27.68 35.96 41.09
C ALA B 495 -26.69 37.10 40.92
N LYS B 496 -25.63 37.09 41.74
CA LYS B 496 -24.61 38.13 41.72
C LYS B 496 -23.87 38.19 40.38
N LEU B 497 -23.66 37.02 39.77
CA LEU B 497 -23.04 36.91 38.46
C LEU B 497 -24.00 37.41 37.37
N LYS B 498 -25.27 37.06 37.50
CA LYS B 498 -26.32 37.51 36.58
C LYS B 498 -26.39 39.04 36.52
N GLU B 499 -26.19 39.68 37.67
CA GLU B 499 -26.22 41.13 37.78
C GLU B 499 -25.05 41.80 37.05
N ILE B 500 -23.86 41.23 37.19
CA ILE B 500 -22.64 41.78 36.60
C ILE B 500 -22.62 41.67 35.07
N VAL B 501 -22.93 40.48 34.55
CA VAL B 501 -22.94 40.24 33.10
C VAL B 501 -24.00 41.09 32.40
N THR B 502 -25.15 41.28 33.05
CA THR B 502 -26.22 42.14 32.53
C THR B 502 -25.74 43.59 32.46
N ASN B 503 -25.28 44.12 33.59
CA ASN B 503 -24.81 45.51 33.69
C ASN B 503 -23.62 45.81 32.78
N PHE B 504 -22.74 44.83 32.61
CA PHE B 504 -21.60 44.99 31.72
C PHE B 504 -22.01 44.95 30.25
N LEU B 505 -22.99 44.10 29.93
CA LEU B 505 -23.50 43.99 28.57
C LEU B 505 -24.11 45.31 28.09
N ALA B 506 -24.84 45.98 28.98
CA ALA B 506 -25.40 47.30 28.71
C ALA B 506 -24.32 48.38 28.61
N GLY B 507 -23.27 48.24 29.42
CA GLY B 507 -22.14 49.17 29.43
C GLY B 507 -21.21 49.01 28.24
N PHE B 508 -21.01 47.76 27.83
CA PHE B 508 -20.19 47.43 26.66
C PHE B 508 -20.95 47.82 25.40
N GLU B 509 -20.32 48.67 24.58
CA GLU B 509 -20.96 49.20 23.38
C GLU B 509 -20.19 48.78 22.11
N ALA B 510 -18.86 48.81 22.20
CA ALA B 510 -18.00 48.40 21.09
C ALA B 510 -16.76 47.70 21.61
N ASP C 24 26.58 -48.25 21.41
CA ASP C 24 26.10 -48.22 20.00
C ASP C 24 25.15 -47.06 19.74
N LEU C 25 25.54 -46.17 18.83
CA LEU C 25 24.70 -45.04 18.45
C LEU C 25 24.18 -45.14 17.02
N GLU C 26 24.08 -46.37 16.53
CA GLU C 26 23.52 -46.64 15.20
C GLU C 26 21.99 -46.71 15.26
N GLU C 27 21.47 -47.48 16.21
CA GLU C 27 20.03 -47.71 16.34
C GLU C 27 19.39 -46.82 17.41
N THR C 28 20.22 -46.14 18.20
CA THR C 28 19.72 -45.24 19.22
C THR C 28 20.47 -43.92 19.16
N GLY C 29 19.98 -42.96 19.94
CA GLY C 29 20.59 -41.65 20.07
C GLY C 29 20.23 -41.05 21.41
N ARG C 30 20.74 -39.85 21.67
CA ARG C 30 20.48 -39.11 22.90
C ARG C 30 20.03 -37.70 22.57
N VAL C 31 19.05 -37.20 23.30
CA VAL C 31 18.61 -35.82 23.12
C VAL C 31 19.71 -34.86 23.54
N LEU C 32 20.13 -34.01 22.60
CA LEU C 32 21.06 -32.91 22.85
C LEU C 32 20.33 -31.69 23.41
N SER C 33 19.23 -31.32 22.76
CA SER C 33 18.42 -30.19 23.20
C SER C 33 16.98 -30.42 22.80
N ILE C 34 16.08 -29.72 23.50
CA ILE C 34 14.64 -29.82 23.25
C ILE C 34 13.98 -28.49 23.59
N GLY C 35 13.20 -27.99 22.66
CA GLY C 35 12.49 -26.74 22.82
C GLY C 35 11.57 -26.51 21.64
N ASP C 36 10.35 -26.07 21.93
CA ASP C 36 9.38 -25.68 20.91
C ASP C 36 9.07 -26.81 19.91
N GLY C 37 8.96 -28.04 20.42
CA GLY C 37 8.61 -29.19 19.60
C GLY C 37 9.70 -29.74 18.69
N ILE C 38 10.92 -29.24 18.84
CA ILE C 38 12.08 -29.72 18.09
C ILE C 38 13.11 -30.36 19.03
N ALA C 39 13.43 -31.63 18.78
CA ALA C 39 14.49 -32.29 19.51
C ALA C 39 15.71 -32.45 18.58
N ARG C 40 16.87 -32.03 19.07
CA ARG C 40 18.13 -32.32 18.37
C ARG C 40 18.77 -33.53 19.02
N VAL C 41 19.05 -34.56 18.23
CA VAL C 41 19.44 -35.86 18.73
C VAL C 41 20.84 -36.27 18.24
N HIS C 42 21.72 -36.58 19.18
CA HIS C 42 23.04 -37.12 18.90
C HIS C 42 22.93 -38.62 18.56
N GLY C 43 23.73 -39.09 17.60
CA GLY C 43 23.72 -40.51 17.24
C GLY C 43 22.65 -40.83 16.21
N LEU C 44 21.93 -41.94 16.42
CA LEU C 44 20.96 -42.44 15.44
C LEU C 44 21.60 -42.50 14.05
N ARG C 45 22.81 -43.03 13.97
CA ARG C 45 23.55 -43.09 12.69
C ARG C 45 22.79 -43.81 11.58
N ASN C 46 21.95 -44.78 11.95
CA ASN C 46 21.22 -45.56 10.95
C ASN C 46 19.81 -45.08 10.63
N VAL C 47 19.42 -43.94 11.21
CA VAL C 47 18.06 -43.43 10.99
C VAL C 47 17.87 -42.96 9.55
N GLN C 48 16.67 -43.22 9.03
CA GLN C 48 16.29 -42.81 7.67
C GLN C 48 15.54 -41.49 7.69
N ALA C 49 15.70 -40.69 6.63
CA ALA C 49 14.95 -39.46 6.48
C ALA C 49 13.45 -39.76 6.55
N GLU C 50 12.76 -39.07 7.46
CA GLU C 50 11.30 -39.17 7.66
C GLU C 50 10.85 -40.37 8.49
N GLU C 51 11.82 -41.10 9.05
CA GLU C 51 11.53 -42.22 9.94
C GLU C 51 10.95 -41.76 11.28
N MET C 52 9.97 -42.51 11.76
CA MET C 52 9.41 -42.28 13.09
C MET C 52 10.39 -42.82 14.12
N VAL C 53 10.67 -42.03 15.15
CA VAL C 53 11.51 -42.48 16.26
C VAL C 53 10.72 -42.38 17.57
N GLU C 54 11.18 -43.09 18.59
CA GLU C 54 10.51 -43.08 19.88
C GLU C 54 11.45 -42.59 20.98
N PHE C 55 10.97 -41.63 21.77
CA PHE C 55 11.72 -41.11 22.90
C PHE C 55 11.58 -42.00 24.12
N SER C 56 12.48 -41.79 25.08
CA SER C 56 12.47 -42.49 26.36
C SER C 56 11.07 -42.61 26.99
N SER C 57 10.33 -41.49 26.98
CA SER C 57 9.03 -41.39 27.67
C SER C 57 7.88 -42.09 26.96
N GLY C 58 8.08 -42.41 25.68
CA GLY C 58 7.04 -43.03 24.86
C GLY C 58 6.53 -42.16 23.73
N LEU C 59 6.78 -40.85 23.81
CA LEU C 59 6.44 -39.93 22.71
C LEU C 59 7.14 -40.33 21.43
N LYS C 60 6.51 -40.04 20.30
CA LYS C 60 7.09 -40.33 19.01
C LYS C 60 7.44 -39.03 18.30
N GLY C 61 8.32 -39.13 17.30
CA GLY C 61 8.74 -37.97 16.55
C GLY C 61 9.19 -38.36 15.17
N MET C 62 9.22 -37.40 14.25
CA MET C 62 9.63 -37.68 12.89
C MET C 62 10.99 -37.04 12.59
N SER C 63 11.92 -37.86 12.13
CA SER C 63 13.27 -37.41 11.73
C SER C 63 13.24 -36.62 10.43
N LEU C 64 13.21 -35.31 10.53
CA LEU C 64 13.10 -34.47 9.31
C LEU C 64 14.41 -33.84 8.83
N ASN C 65 15.32 -33.57 9.76
CA ASN C 65 16.66 -33.04 9.41
C ASN C 65 17.74 -34.03 9.77
N LEU C 66 18.38 -34.63 8.77
CA LEU C 66 19.56 -35.46 9.01
C LEU C 66 20.82 -34.64 8.74
N GLU C 67 21.44 -34.19 9.82
CA GLU C 67 22.60 -33.32 9.71
C GLU C 67 23.83 -34.10 10.12
N PRO C 68 25.04 -33.60 9.77
CA PRO C 68 26.23 -34.41 10.03
C PRO C 68 26.43 -34.81 11.50
N ASP C 69 25.99 -33.94 12.41
CA ASP C 69 26.28 -34.11 13.84
C ASP C 69 25.01 -34.30 14.70
N ASN C 70 23.85 -34.27 14.06
CA ASN C 70 22.59 -34.39 14.78
C ASN C 70 21.42 -34.71 13.86
N VAL C 71 20.35 -35.22 14.45
CA VAL C 71 19.09 -35.40 13.75
C VAL C 71 18.10 -34.41 14.35
N GLY C 72 17.42 -33.64 13.49
CA GLY C 72 16.34 -32.75 13.92
C GLY C 72 15.01 -33.48 13.86
N VAL C 73 14.39 -33.66 15.02
CA VAL C 73 13.19 -34.47 15.16
C VAL C 73 12.02 -33.60 15.62
N VAL C 74 10.93 -33.62 14.84
CA VAL C 74 9.69 -32.93 15.22
C VAL C 74 8.85 -33.83 16.13
N VAL C 75 8.36 -33.27 17.23
CA VAL C 75 7.77 -34.06 18.30
C VAL C 75 6.25 -34.14 18.18
N PHE C 76 5.72 -35.37 18.15
CA PHE C 76 4.27 -35.57 18.09
C PHE C 76 3.64 -35.53 19.49
N GLY C 77 3.77 -34.38 20.16
CA GLY C 77 3.27 -34.25 21.52
C GLY C 77 3.90 -33.13 22.33
N ASN C 78 3.75 -33.22 23.64
CA ASN C 78 4.20 -32.16 24.55
C ASN C 78 5.67 -32.32 24.92
N ASP C 79 6.48 -31.30 24.65
CA ASP C 79 7.93 -31.47 24.87
C ASP C 79 8.39 -31.51 26.33
N LYS C 80 7.47 -31.22 27.26
CA LYS C 80 7.75 -31.43 28.69
C LYS C 80 8.08 -32.90 28.98
N LEU C 81 7.65 -33.78 28.06
CA LEU C 81 7.90 -35.21 28.21
C LEU C 81 9.25 -35.65 27.63
N ILE C 82 10.06 -34.68 27.18
CA ILE C 82 11.41 -34.93 26.69
C ILE C 82 12.44 -34.03 27.40
N LYS C 83 13.59 -34.62 27.73
CA LYS C 83 14.67 -33.92 28.43
C LYS C 83 16.00 -34.19 27.73
N GLU C 84 16.94 -33.26 27.88
CA GLU C 84 18.33 -33.51 27.50
C GLU C 84 18.77 -34.84 28.11
N GLY C 85 19.41 -35.67 27.31
CA GLY C 85 19.92 -36.94 27.82
C GLY C 85 19.01 -38.14 27.63
N ASP C 86 17.73 -37.89 27.29
CA ASP C 86 16.79 -38.98 27.02
C ASP C 86 17.23 -39.78 25.79
N ILE C 87 17.07 -41.10 25.86
CA ILE C 87 17.35 -41.96 24.72
C ILE C 87 16.30 -41.73 23.66
N VAL C 88 16.70 -41.93 22.41
CA VAL C 88 15.80 -41.90 21.27
C VAL C 88 16.08 -43.18 20.49
N LYS C 89 15.03 -43.88 20.09
CA LYS C 89 15.19 -45.19 19.46
C LYS C 89 14.54 -45.23 18.09
N ARG C 90 15.23 -45.89 17.15
CA ARG C 90 14.69 -46.12 15.82
C ARG C 90 13.45 -47.00 15.86
N THR C 91 12.51 -46.70 14.95
CA THR C 91 11.35 -47.54 14.70
C THR C 91 11.59 -48.36 13.44
N GLY C 92 12.46 -47.85 12.56
CA GLY C 92 12.71 -48.47 11.27
C GLY C 92 11.58 -48.25 10.28
N ALA C 93 10.62 -47.42 10.66
CA ALA C 93 9.42 -47.20 9.85
C ALA C 93 8.96 -45.74 9.74
N ILE C 94 8.40 -45.41 8.56
CA ILE C 94 7.67 -44.17 8.31
C ILE C 94 6.29 -44.22 9.00
N VAL C 95 5.68 -43.06 9.25
CA VAL C 95 4.36 -43.00 9.90
C VAL C 95 3.29 -43.72 9.09
N ASP C 96 2.38 -44.40 9.78
CA ASP C 96 1.22 -45.01 9.14
C ASP C 96 -0.02 -44.82 10.01
N VAL C 97 -1.17 -45.19 9.46
CA VAL C 97 -2.43 -44.98 10.17
C VAL C 97 -3.37 -46.15 9.98
N PRO C 98 -4.26 -46.37 10.96
CA PRO C 98 -5.34 -47.33 10.75
C PRO C 98 -6.19 -46.90 9.55
N VAL C 99 -6.75 -47.89 8.87
CA VAL C 99 -7.37 -47.69 7.56
C VAL C 99 -8.49 -48.72 7.44
N GLY C 100 -9.56 -48.40 6.71
CA GLY C 100 -10.65 -49.35 6.49
C GLY C 100 -12.01 -48.89 7.01
N GLU C 101 -13.02 -49.74 6.80
CA GLU C 101 -14.41 -49.38 7.11
C GLU C 101 -14.73 -49.26 8.59
N GLU C 102 -13.85 -49.77 9.44
CA GLU C 102 -14.09 -49.72 10.89
C GLU C 102 -13.94 -48.30 11.43
N LEU C 103 -13.36 -47.41 10.62
CA LEU C 103 -13.22 -46.00 10.99
C LEU C 103 -14.52 -45.22 10.79
N LEU C 104 -15.43 -45.77 9.99
CA LEU C 104 -16.69 -45.13 9.68
C LEU C 104 -17.55 -44.94 10.93
N GLY C 105 -17.92 -43.69 11.20
CA GLY C 105 -18.71 -43.35 12.37
C GLY C 105 -17.85 -43.03 13.56
N ARG C 106 -16.54 -42.93 13.34
CA ARG C 106 -15.59 -42.69 14.42
C ARG C 106 -14.92 -41.32 14.29
N VAL C 107 -14.57 -40.74 15.44
CA VAL C 107 -13.74 -39.54 15.49
C VAL C 107 -12.35 -39.93 15.97
N VAL C 108 -11.35 -39.65 15.15
CA VAL C 108 -9.96 -39.99 15.49
C VAL C 108 -9.07 -38.77 15.51
N ASP C 109 -7.90 -38.90 16.14
CA ASP C 109 -6.87 -37.86 16.03
C ASP C 109 -6.03 -38.07 14.76
N ALA C 110 -4.98 -37.28 14.61
CA ALA C 110 -4.19 -37.25 13.39
C ALA C 110 -3.46 -38.57 13.10
N LEU C 111 -3.36 -39.43 14.11
CA LEU C 111 -2.64 -40.70 14.00
C LEU C 111 -3.61 -41.87 13.99
N GLY C 112 -4.91 -41.57 13.96
CA GLY C 112 -5.93 -42.60 13.90
C GLY C 112 -6.38 -43.15 15.25
N ASN C 113 -5.93 -42.53 16.34
CA ASN C 113 -6.38 -42.94 17.69
C ASN C 113 -7.78 -42.43 17.96
N ALA C 114 -8.62 -43.30 18.54
CA ALA C 114 -9.98 -42.91 18.88
C ALA C 114 -9.99 -41.78 19.88
N ILE C 115 -10.85 -40.79 19.65
CA ILE C 115 -11.04 -39.69 20.60
C ILE C 115 -12.52 -39.46 20.92
N ASP C 116 -13.38 -40.35 20.43
CA ASP C 116 -14.83 -40.23 20.64
C ASP C 116 -15.35 -41.03 21.83
N GLY C 117 -14.47 -41.76 22.49
CA GLY C 117 -14.82 -42.49 23.72
C GLY C 117 -15.60 -43.77 23.46
N LYS C 118 -15.73 -44.15 22.20
CA LYS C 118 -16.51 -45.33 21.82
C LYS C 118 -15.67 -46.61 21.72
N GLY C 119 -14.43 -46.54 22.19
CA GLY C 119 -13.55 -47.70 22.21
C GLY C 119 -12.43 -47.63 21.20
N PRO C 120 -11.58 -48.67 21.17
CA PRO C 120 -10.47 -48.74 20.22
C PRO C 120 -10.95 -49.06 18.81
N ILE C 121 -10.24 -48.57 17.80
CA ILE C 121 -10.65 -48.72 16.40
C ILE C 121 -10.28 -50.12 15.90
N GLY C 122 -11.30 -50.92 15.60
CA GLY C 122 -11.12 -52.31 15.17
C GLY C 122 -10.72 -52.51 13.71
N SER C 123 -9.92 -51.59 13.17
CA SER C 123 -9.41 -51.71 11.81
C SER C 123 -8.45 -52.89 11.68
N LYS C 124 -8.31 -53.40 10.45
CA LYS C 124 -7.43 -54.53 10.19
C LYS C 124 -6.42 -54.27 9.08
N ALA C 125 -6.30 -53.00 8.67
CA ALA C 125 -5.30 -52.57 7.70
C ALA C 125 -4.62 -51.27 8.11
N ARG C 126 -3.35 -51.15 7.75
CA ARG C 126 -2.57 -49.94 8.01
C ARG C 126 -2.10 -49.37 6.68
N ARG C 127 -1.98 -48.05 6.62
CA ARG C 127 -1.48 -47.42 5.41
C ARG C 127 -0.55 -46.27 5.76
N ARG C 128 0.57 -46.19 5.03
CA ARG C 128 1.53 -45.10 5.19
C ARG C 128 0.83 -43.75 4.92
N VAL C 129 1.23 -42.72 5.66
CA VAL C 129 0.66 -41.38 5.48
C VAL C 129 1.27 -40.61 4.29
N GLY C 130 2.56 -40.85 4.03
CA GLY C 130 3.28 -40.11 2.99
C GLY C 130 3.55 -40.94 1.76
N LEU C 131 2.58 -40.95 0.84
CA LEU C 131 2.72 -41.71 -0.41
C LEU C 131 2.48 -40.76 -1.58
N LYS C 132 3.30 -40.86 -2.61
CA LYS C 132 3.14 -40.03 -3.80
C LYS C 132 1.83 -40.37 -4.52
N ALA C 133 1.17 -39.34 -5.03
CA ALA C 133 -0.05 -39.47 -5.83
C ALA C 133 0.16 -40.34 -7.07
N PRO C 134 -0.89 -41.05 -7.52
CA PRO C 134 -0.84 -41.84 -8.74
C PRO C 134 -0.37 -40.98 -9.91
N GLY C 135 0.42 -41.58 -10.81
CA GLY C 135 0.88 -40.89 -12.01
C GLY C 135 -0.19 -40.81 -13.08
N ILE C 136 0.26 -40.61 -14.32
CA ILE C 136 -0.65 -40.47 -15.47
C ILE C 136 -1.47 -41.75 -15.76
N ILE C 137 -0.76 -42.87 -15.95
CA ILE C 137 -1.39 -44.14 -16.39
C ILE C 137 -2.53 -44.71 -15.52
N PRO C 138 -2.37 -44.73 -14.19
CA PRO C 138 -3.41 -45.34 -13.36
C PRO C 138 -4.75 -44.57 -13.33
N ARG C 139 -4.78 -43.38 -13.93
CA ARG C 139 -5.97 -42.53 -13.91
C ARG C 139 -6.82 -42.61 -15.19
N ILE C 140 -8.03 -42.08 -15.10
CA ILE C 140 -8.89 -41.81 -16.25
C ILE C 140 -9.66 -40.53 -15.93
N SER C 141 -10.12 -39.81 -16.96
CA SER C 141 -10.76 -38.51 -16.79
C SER C 141 -11.99 -38.56 -15.88
N VAL C 142 -12.14 -37.51 -15.07
CA VAL C 142 -13.29 -37.35 -14.16
C VAL C 142 -14.59 -37.30 -14.97
N ARG C 143 -15.54 -38.17 -14.65
CA ARG C 143 -16.71 -38.40 -15.50
C ARG C 143 -18.01 -38.72 -14.74
N GLU C 144 -17.89 -39.04 -13.46
CA GLU C 144 -19.06 -39.39 -12.65
C GLU C 144 -19.41 -38.23 -11.74
N PRO C 145 -20.68 -37.85 -11.69
CA PRO C 145 -21.09 -36.76 -10.80
C PRO C 145 -20.79 -37.04 -9.33
N MET C 146 -20.34 -36.01 -8.64
CA MET C 146 -20.25 -36.01 -7.19
C MET C 146 -21.23 -34.92 -6.76
N GLN C 147 -22.47 -35.33 -6.49
CA GLN C 147 -23.55 -34.39 -6.20
C GLN C 147 -23.41 -33.80 -4.81
N THR C 148 -23.38 -32.47 -4.73
CA THR C 148 -23.40 -31.77 -3.44
C THR C 148 -24.83 -31.61 -2.89
N GLY C 149 -25.80 -31.60 -3.80
CA GLY C 149 -27.19 -31.32 -3.46
C GLY C 149 -27.44 -29.83 -3.32
N ILE C 150 -26.42 -29.03 -3.65
CA ILE C 150 -26.48 -27.58 -3.59
C ILE C 150 -26.62 -27.06 -5.03
N LYS C 151 -27.78 -26.47 -5.33
CA LYS C 151 -28.11 -26.03 -6.69
C LYS C 151 -26.99 -25.22 -7.39
N ALA C 152 -26.45 -24.23 -6.69
CA ALA C 152 -25.45 -23.33 -7.28
C ALA C 152 -24.18 -24.07 -7.66
N VAL C 153 -23.77 -25.01 -6.82
CA VAL C 153 -22.56 -25.80 -7.06
C VAL C 153 -22.81 -26.80 -8.19
N ASP C 154 -23.84 -27.62 -8.05
CA ASP C 154 -24.14 -28.69 -9.01
C ASP C 154 -24.40 -28.17 -10.42
N SER C 155 -24.99 -26.98 -10.52
CA SER C 155 -25.31 -26.38 -11.82
C SER C 155 -24.17 -25.58 -12.43
N LEU C 156 -23.53 -24.74 -11.61
CA LEU C 156 -22.55 -23.76 -12.12
C LEU C 156 -21.10 -24.22 -12.05
N VAL C 157 -20.73 -24.87 -10.95
CA VAL C 157 -19.35 -25.32 -10.75
C VAL C 157 -19.33 -26.80 -10.33
N PRO C 158 -19.82 -27.67 -11.21
CA PRO C 158 -20.06 -29.08 -10.88
C PRO C 158 -18.80 -29.85 -10.50
N ILE C 159 -18.95 -30.78 -9.57
CA ILE C 159 -17.86 -31.61 -9.07
C ILE C 159 -18.07 -33.06 -9.50
N GLY C 160 -17.00 -33.65 -10.05
CA GLY C 160 -17.00 -35.06 -10.43
C GLY C 160 -16.19 -35.90 -9.46
N ARG C 161 -16.36 -37.22 -9.52
CA ARG C 161 -15.63 -38.11 -8.62
C ARG C 161 -14.16 -38.21 -9.04
N GLY C 162 -13.26 -37.87 -8.11
CA GLY C 162 -11.83 -37.75 -8.38
C GLY C 162 -11.36 -36.31 -8.52
N GLN C 163 -12.30 -35.37 -8.47
CA GLN C 163 -11.98 -33.95 -8.61
C GLN C 163 -11.49 -33.34 -7.28
N ARG C 164 -10.76 -32.23 -7.39
CA ARG C 164 -10.44 -31.37 -6.27
C ARG C 164 -11.16 -30.04 -6.52
N GLU C 165 -11.96 -29.61 -5.57
CA GLU C 165 -12.63 -28.32 -5.67
C GLU C 165 -12.52 -27.55 -4.36
N LEU C 166 -11.79 -26.46 -4.41
CA LEU C 166 -11.58 -25.60 -3.26
C LEU C 166 -12.85 -24.87 -2.82
N ILE C 167 -13.09 -24.83 -1.51
CA ILE C 167 -14.07 -23.90 -0.93
C ILE C 167 -13.26 -22.78 -0.28
N ILE C 168 -13.48 -21.54 -0.70
CA ILE C 168 -12.63 -20.43 -0.26
C ILE C 168 -13.41 -19.15 0.03
N GLY C 169 -12.96 -18.37 1.02
CA GLY C 169 -13.61 -17.12 1.42
C GLY C 169 -13.24 -16.68 2.83
N ASP C 170 -13.65 -15.46 3.22
CA ASP C 170 -13.36 -14.92 4.55
C ASP C 170 -13.99 -15.79 5.65
N ARG C 171 -13.62 -15.52 6.90
CA ARG C 171 -14.29 -16.15 8.03
C ARG C 171 -15.81 -15.99 7.93
N GLN C 172 -16.52 -17.01 8.36
CA GLN C 172 -17.99 -16.97 8.51
C GLN C 172 -18.77 -16.61 7.22
N THR C 173 -18.31 -17.14 6.10
CA THR C 173 -19.02 -16.95 4.82
C THR C 173 -19.82 -18.17 4.38
N GLY C 174 -19.75 -19.24 5.17
CA GLY C 174 -20.49 -20.47 4.86
C GLY C 174 -19.67 -21.59 4.23
N LYS C 175 -18.35 -21.57 4.44
CA LYS C 175 -17.42 -22.56 3.82
C LYS C 175 -17.64 -23.99 4.33
N THR C 176 -17.58 -24.17 5.64
CA THR C 176 -17.83 -25.49 6.25
C THR C 176 -19.22 -26.01 5.86
N SER C 177 -20.21 -25.13 5.85
CA SER C 177 -21.59 -25.49 5.50
C SER C 177 -21.73 -26.14 4.12
N ILE C 178 -20.91 -25.72 3.16
CA ILE C 178 -20.89 -26.38 1.85
C ILE C 178 -20.47 -27.84 2.00
N ALA C 179 -19.42 -28.07 2.78
CA ALA C 179 -18.87 -29.41 3.00
C ALA C 179 -19.85 -30.29 3.77
N ILE C 180 -20.47 -29.74 4.81
CA ILE C 180 -21.46 -30.48 5.60
C ILE C 180 -22.67 -30.95 4.79
N ASP C 181 -23.32 -30.02 4.09
CA ASP C 181 -24.44 -30.37 3.22
C ASP C 181 -24.06 -31.41 2.17
N THR C 182 -22.82 -31.33 1.65
CA THR C 182 -22.34 -32.32 0.68
C THR C 182 -22.29 -33.73 1.31
N ILE C 183 -21.75 -33.81 2.52
CA ILE C 183 -21.72 -35.08 3.27
C ILE C 183 -23.13 -35.62 3.51
N ILE C 184 -24.02 -34.75 4.02
CA ILE C 184 -25.41 -35.11 4.30
C ILE C 184 -26.16 -35.59 3.06
N ASN C 185 -25.79 -35.04 1.89
CA ASN C 185 -26.41 -35.41 0.63
C ASN C 185 -26.23 -36.88 0.25
N GLN C 186 -25.08 -37.46 0.63
CA GLN C 186 -24.72 -38.83 0.23
C GLN C 186 -25.58 -39.94 0.86
N LYS C 187 -26.30 -39.62 1.94
CA LYS C 187 -27.22 -40.57 2.58
C LYS C 187 -28.15 -41.26 1.59
N ARG C 188 -28.64 -40.48 0.63
CA ARG C 188 -29.56 -40.95 -0.41
C ARG C 188 -29.00 -42.16 -1.16
N PHE C 189 -27.71 -42.13 -1.45
CA PHE C 189 -27.03 -43.21 -2.15
C PHE C 189 -26.53 -44.28 -1.18
N ASN C 190 -26.04 -43.84 -0.03
CA ASN C 190 -25.37 -44.75 0.90
C ASN C 190 -26.32 -45.76 1.54
N ASP C 191 -27.60 -45.41 1.61
CA ASP C 191 -28.66 -46.30 2.08
C ASP C 191 -29.00 -47.42 1.09
N GLY C 192 -28.53 -47.29 -0.15
CA GLY C 192 -28.80 -48.28 -1.20
C GLY C 192 -27.86 -49.49 -1.18
N THR C 193 -28.02 -50.37 -2.16
CA THR C 193 -27.17 -51.56 -2.29
C THR C 193 -26.23 -51.48 -3.51
N ASP C 194 -26.31 -50.37 -4.25
CA ASP C 194 -25.41 -50.15 -5.37
C ASP C 194 -24.16 -49.45 -4.88
N GLU C 195 -23.08 -50.22 -4.73
CA GLU C 195 -21.83 -49.71 -4.15
C GLU C 195 -21.07 -48.76 -5.08
N LYS C 196 -21.43 -48.78 -6.37
CA LYS C 196 -20.84 -47.89 -7.37
C LYS C 196 -21.23 -46.43 -7.18
N LYS C 197 -22.40 -46.19 -6.59
CA LYS C 197 -22.93 -44.84 -6.42
C LYS C 197 -22.71 -44.30 -5.00
N LYS C 198 -22.24 -45.18 -4.12
CA LYS C 198 -21.96 -44.80 -2.74
C LYS C 198 -20.75 -43.87 -2.63
N LEU C 199 -20.72 -43.09 -1.55
CA LEU C 199 -19.60 -42.18 -1.31
C LEU C 199 -19.36 -42.12 0.18
N TYR C 200 -18.19 -42.63 0.58
CA TYR C 200 -17.78 -42.63 1.98
C TYR C 200 -17.05 -41.32 2.25
N CYS C 201 -17.33 -40.73 3.40
CA CYS C 201 -16.89 -39.35 3.65
C CYS C 201 -15.84 -39.23 4.75
N ILE C 202 -14.93 -38.29 4.56
CA ILE C 202 -13.89 -37.99 5.54
C ILE C 202 -13.80 -36.50 5.78
N TYR C 203 -13.99 -36.10 7.04
CA TYR C 203 -13.86 -34.71 7.42
C TYR C 203 -12.61 -34.53 8.27
N VAL C 204 -11.63 -33.79 7.74
CA VAL C 204 -10.43 -33.48 8.49
C VAL C 204 -10.53 -32.07 9.09
N ALA C 205 -10.54 -32.00 10.42
CA ALA C 205 -10.47 -30.73 11.14
C ALA C 205 -9.01 -30.42 11.47
N ILE C 206 -8.53 -29.26 11.03
CA ILE C 206 -7.16 -28.81 11.33
C ILE C 206 -7.17 -27.43 11.99
N GLY C 207 -6.71 -27.38 13.24
CA GLY C 207 -6.50 -26.12 13.95
C GLY C 207 -7.76 -25.53 14.55
N GLN C 208 -8.88 -26.25 14.43
CA GLN C 208 -10.17 -25.81 14.96
C GLN C 208 -10.20 -26.02 16.46
N LYS C 209 -11.17 -25.41 17.15
CA LYS C 209 -11.35 -25.72 18.56
C LYS C 209 -12.23 -26.96 18.74
N ARG C 210 -11.94 -27.75 19.77
CA ARG C 210 -12.65 -29.00 20.01
C ARG C 210 -14.17 -28.88 20.09
N SER C 211 -14.67 -27.82 20.75
CA SER C 211 -16.13 -27.65 20.87
C SER C 211 -16.80 -27.46 19.49
N THR C 212 -16.09 -26.82 18.57
CA THR C 212 -16.57 -26.65 17.20
C THR C 212 -16.68 -27.99 16.49
N VAL C 213 -15.61 -28.80 16.58
CA VAL C 213 -15.62 -30.15 16.01
C VAL C 213 -16.73 -31.01 16.62
N ALA C 214 -16.98 -30.84 17.92
CA ALA C 214 -18.03 -31.58 18.60
C ALA C 214 -19.43 -31.18 18.09
N GLN C 215 -19.61 -29.89 17.83
CA GLN C 215 -20.89 -29.39 17.31
C GLN C 215 -21.14 -29.92 15.90
N LEU C 216 -20.06 -30.04 15.12
CA LEU C 216 -20.05 -30.59 13.77
C LEU C 216 -20.45 -32.07 13.76
N VAL C 217 -19.85 -32.84 14.67
CA VAL C 217 -20.12 -34.29 14.78
C VAL C 217 -21.58 -34.54 15.18
N LYS C 218 -22.08 -33.71 16.11
CA LYS C 218 -23.48 -33.77 16.52
C LYS C 218 -24.40 -33.56 15.31
N ARG C 219 -24.09 -32.54 14.51
CA ARG C 219 -24.87 -32.23 13.31
C ARG C 219 -24.92 -33.42 12.36
N LEU C 220 -23.75 -34.02 12.10
CA LEU C 220 -23.66 -35.19 11.23
C LEU C 220 -24.39 -36.42 11.79
N THR C 221 -24.36 -36.56 13.12
CA THR C 221 -25.03 -37.67 13.80
C THR C 221 -26.55 -37.52 13.70
N ASP C 222 -27.05 -36.31 13.96
CA ASP C 222 -28.49 -36.02 13.86
C ASP C 222 -29.04 -36.15 12.44
N ALA C 223 -28.18 -35.99 11.45
CA ALA C 223 -28.55 -36.18 10.05
C ALA C 223 -28.37 -37.63 9.63
N ASP C 224 -27.86 -38.46 10.54
CA ASP C 224 -27.55 -39.88 10.28
C ASP C 224 -26.50 -40.05 9.19
N ALA C 225 -25.57 -39.11 9.15
CA ALA C 225 -24.49 -39.10 8.16
C ALA C 225 -23.17 -39.61 8.75
N MET C 226 -23.08 -39.66 10.08
CA MET C 226 -21.85 -40.13 10.74
C MET C 226 -21.48 -41.57 10.35
N LYS C 227 -22.49 -42.42 10.19
CA LYS C 227 -22.27 -43.84 9.90
C LYS C 227 -21.41 -44.11 8.66
N TYR C 228 -21.38 -43.18 7.72
CA TYR C 228 -20.52 -43.30 6.52
C TYR C 228 -19.41 -42.24 6.47
N THR C 229 -19.14 -41.61 7.61
CA THR C 229 -18.13 -40.55 7.70
C THR C 229 -17.03 -40.91 8.73
N ILE C 230 -15.78 -40.65 8.36
CA ILE C 230 -14.67 -40.65 9.30
C ILE C 230 -14.30 -39.19 9.63
N VAL C 231 -14.26 -38.85 10.92
CA VAL C 231 -13.76 -37.54 11.33
C VAL C 231 -12.34 -37.67 11.87
N VAL C 232 -11.43 -36.94 11.21
CA VAL C 232 -10.03 -36.88 11.61
C VAL C 232 -9.78 -35.48 12.17
N SER C 233 -9.35 -35.41 13.43
CA SER C 233 -9.27 -34.12 14.12
C SER C 233 -7.91 -33.84 14.77
N ALA C 234 -7.25 -32.80 14.29
CA ALA C 234 -6.05 -32.27 14.90
C ALA C 234 -6.32 -30.81 15.25
N THR C 235 -6.72 -30.59 16.50
CA THR C 235 -7.25 -29.30 16.93
C THR C 235 -6.17 -28.31 17.39
N ALA C 236 -6.61 -27.11 17.79
CA ALA C 236 -5.72 -25.96 18.03
C ALA C 236 -4.64 -26.15 19.11
N SER C 237 -4.92 -26.99 20.10
CA SER C 237 -3.95 -27.30 21.14
C SER C 237 -3.14 -28.56 20.85
N ASP C 238 -3.39 -29.21 19.69
CA ASP C 238 -2.51 -30.31 19.25
C ASP C 238 -1.21 -29.74 18.71
N ALA C 239 -0.11 -30.44 18.97
CA ALA C 239 1.22 -30.01 18.51
C ALA C 239 1.26 -29.77 17.01
N ALA C 240 2.05 -28.80 16.57
CA ALA C 240 2.08 -28.41 15.16
C ALA C 240 2.29 -29.59 14.20
N PRO C 241 3.23 -30.52 14.49
CA PRO C 241 3.43 -31.66 13.58
C PRO C 241 2.18 -32.47 13.35
N LEU C 242 1.33 -32.56 14.38
CA LEU C 242 0.08 -33.31 14.30
C LEU C 242 -0.93 -32.63 13.37
N GLN C 243 -1.00 -31.30 13.45
CA GLN C 243 -1.84 -30.51 12.55
C GLN C 243 -1.29 -30.56 11.14
N TYR C 244 0.03 -30.53 11.03
CA TYR C 244 0.71 -30.70 9.75
C TYR C 244 0.34 -32.05 9.14
N LEU C 245 0.31 -33.09 9.97
CA LEU C 245 0.13 -34.45 9.49
C LEU C 245 -1.31 -34.80 9.12
N ALA C 246 -2.27 -34.24 9.86
CA ALA C 246 -3.68 -34.66 9.78
C ALA C 246 -4.29 -34.79 8.37
N PRO C 247 -4.07 -33.78 7.48
CA PRO C 247 -4.59 -33.93 6.12
C PRO C 247 -4.06 -35.18 5.39
N TYR C 248 -2.76 -35.45 5.52
CA TYR C 248 -2.14 -36.63 4.91
C TYR C 248 -2.69 -37.94 5.50
N SER C 249 -2.87 -37.98 6.82
CA SER C 249 -3.47 -39.15 7.49
C SER C 249 -4.87 -39.46 6.96
N GLY C 250 -5.72 -38.44 6.92
CA GLY C 250 -7.07 -38.55 6.37
C GLY C 250 -7.03 -38.98 4.92
N CYS C 251 -6.07 -38.42 4.18
CA CYS C 251 -5.91 -38.75 2.77
C CYS C 251 -5.70 -40.26 2.60
N SER C 252 -4.79 -40.82 3.39
CA SER C 252 -4.48 -42.25 3.33
C SER C 252 -5.70 -43.11 3.62
N MET C 253 -6.50 -42.68 4.58
CA MET C 253 -7.77 -43.35 4.89
C MET C 253 -8.70 -43.32 3.70
N GLY C 254 -8.70 -42.20 2.97
CA GLY C 254 -9.49 -42.06 1.76
C GLY C 254 -8.94 -42.87 0.61
N GLU C 255 -7.62 -42.98 0.52
CA GLU C 255 -6.98 -43.78 -0.54
C GLU C 255 -7.25 -45.28 -0.43
N TYR C 256 -7.57 -45.75 0.79
CA TYR C 256 -8.02 -47.12 0.96
C TYR C 256 -9.23 -47.39 0.09
N PHE C 257 -10.18 -46.46 0.10
CA PHE C 257 -11.39 -46.58 -0.70
C PHE C 257 -11.03 -46.41 -2.17
N ARG C 258 -10.22 -45.39 -2.46
CA ARG C 258 -9.80 -45.10 -3.82
C ARG C 258 -9.22 -46.32 -4.53
N ASP C 259 -8.35 -47.04 -3.83
CA ASP C 259 -7.59 -48.15 -4.42
C ASP C 259 -8.32 -49.50 -4.37
N ASN C 260 -9.52 -49.49 -3.81
CA ASN C 260 -10.32 -50.71 -3.69
C ASN C 260 -11.71 -50.64 -4.36
N GLY C 261 -11.78 -49.89 -5.46
CA GLY C 261 -13.00 -49.79 -6.24
C GLY C 261 -14.17 -49.10 -5.56
N LYS C 262 -13.87 -48.29 -4.56
CA LYS C 262 -14.89 -47.52 -3.85
C LYS C 262 -14.62 -46.02 -4.01
N HIS C 263 -15.58 -45.21 -3.60
CA HIS C 263 -15.44 -43.78 -3.76
C HIS C 263 -15.49 -43.06 -2.43
N ALA C 264 -14.51 -42.18 -2.25
CA ALA C 264 -14.41 -41.42 -1.01
C ALA C 264 -14.40 -39.93 -1.30
N LEU C 265 -14.90 -39.17 -0.34
CA LEU C 265 -14.84 -37.71 -0.37
C LEU C 265 -14.13 -37.23 0.89
N ILE C 266 -13.12 -36.37 0.72
CA ILE C 266 -12.38 -35.83 1.86
C ILE C 266 -12.42 -34.30 1.90
N ILE C 267 -12.70 -33.76 3.08
CA ILE C 267 -12.73 -32.33 3.32
C ILE C 267 -11.54 -31.96 4.23
N TYR C 268 -10.78 -30.95 3.80
CA TYR C 268 -9.66 -30.46 4.60
C TYR C 268 -10.01 -29.07 5.13
N ASP C 269 -10.50 -29.03 6.37
CA ASP C 269 -11.00 -27.80 6.98
C ASP C 269 -10.15 -27.39 8.21
N ASP C 270 -9.11 -26.58 8.01
CA ASP C 270 -8.75 -26.02 6.71
C ASP C 270 -7.24 -26.04 6.45
N LEU C 271 -6.87 -25.81 5.20
CA LEU C 271 -5.47 -25.86 4.79
C LEU C 271 -4.71 -24.57 5.11
N SER C 272 -5.43 -23.50 5.44
CA SER C 272 -4.78 -22.27 5.91
C SER C 272 -4.09 -22.53 7.24
N LYS C 273 -4.79 -23.21 8.13
CA LYS C 273 -4.27 -23.57 9.44
C LYS C 273 -3.17 -24.64 9.36
N GLN C 274 -3.31 -25.58 8.42
CA GLN C 274 -2.23 -26.53 8.16
C GLN C 274 -0.92 -25.83 7.75
N ALA C 275 -1.02 -24.88 6.82
CA ALA C 275 0.16 -24.13 6.38
C ALA C 275 0.82 -23.35 7.53
N VAL C 276 0.00 -22.84 8.46
CA VAL C 276 0.51 -22.11 9.63
C VAL C 276 1.28 -23.06 10.59
N ALA C 277 0.73 -24.25 10.80
CA ALA C 277 1.41 -25.32 11.56
C ALA C 277 2.74 -25.72 10.94
N TYR C 278 2.75 -25.94 9.62
CA TYR C 278 3.95 -26.28 8.89
C TYR C 278 4.98 -25.16 8.93
N ARG C 279 4.52 -23.91 8.82
CA ARG C 279 5.40 -22.75 8.95
C ARG C 279 6.12 -22.73 10.31
N GLN C 280 5.37 -22.97 11.39
CA GLN C 280 5.96 -23.07 12.72
C GLN C 280 7.09 -24.11 12.80
N MET C 281 6.79 -25.36 12.46
CA MET C 281 7.78 -26.44 12.46
C MET C 281 9.02 -26.10 11.64
N SER C 282 8.79 -25.54 10.46
CA SER C 282 9.87 -25.29 9.51
C SER C 282 10.81 -24.19 10.04
N LEU C 283 10.24 -23.08 10.49
CA LEU C 283 11.00 -22.02 11.17
C LEU C 283 11.79 -22.53 12.38
N LEU C 284 11.17 -23.38 13.20
CA LEU C 284 11.83 -23.93 14.38
C LEU C 284 12.88 -25.00 14.08
N LEU C 285 12.77 -25.62 12.91
CA LEU C 285 13.81 -26.51 12.38
C LEU C 285 14.96 -25.71 11.78
N ARG C 286 14.84 -24.38 11.86
CA ARG C 286 15.79 -23.40 11.36
C ARG C 286 15.93 -23.44 9.83
N ARG C 287 14.89 -23.89 9.13
CA ARG C 287 14.82 -23.72 7.68
C ARG C 287 14.42 -22.26 7.41
N PRO C 288 15.27 -21.52 6.66
CA PRO C 288 14.99 -20.10 6.46
C PRO C 288 13.70 -19.87 5.69
N PRO C 289 12.87 -18.88 6.14
CA PRO C 289 11.56 -18.62 5.53
C PRO C 289 11.65 -17.95 4.19
N GLY C 290 10.56 -18.04 3.41
CA GLY C 290 10.38 -17.26 2.18
C GLY C 290 9.25 -16.26 2.30
N ARG C 291 8.52 -16.05 1.20
CA ARG C 291 7.42 -15.07 1.14
C ARG C 291 6.45 -15.27 2.27
N GLU C 292 6.04 -14.16 2.87
CA GLU C 292 5.10 -14.13 3.99
C GLU C 292 5.48 -15.02 5.16
N ALA C 293 6.77 -15.30 5.27
CA ALA C 293 7.36 -16.12 6.34
C ALA C 293 7.03 -17.60 6.23
N TYR C 294 6.22 -17.98 5.23
CA TYR C 294 5.98 -19.39 4.96
C TYR C 294 7.23 -20.05 4.37
N PRO C 295 7.40 -21.37 4.55
CA PRO C 295 8.54 -22.07 3.96
C PRO C 295 8.56 -21.92 2.43
N GLY C 296 9.75 -22.00 1.83
CA GLY C 296 9.89 -21.89 0.38
C GLY C 296 9.01 -22.87 -0.39
N ASP C 297 8.68 -23.98 0.22
CA ASP C 297 7.90 -25.03 -0.43
C ASP C 297 6.48 -25.21 0.13
N VAL C 298 5.85 -24.11 0.51
CA VAL C 298 4.47 -24.18 0.99
C VAL C 298 3.51 -24.58 -0.15
N PHE C 299 3.87 -24.29 -1.41
CA PHE C 299 3.10 -24.75 -2.54
C PHE C 299 3.06 -26.28 -2.52
N TYR C 300 4.24 -26.88 -2.43
CA TYR C 300 4.42 -28.34 -2.48
C TYR C 300 3.74 -29.06 -1.30
N LEU C 301 3.69 -28.41 -0.14
CA LEU C 301 2.92 -28.90 1.01
C LEU C 301 1.51 -29.30 0.58
N HIS C 302 0.82 -28.36 -0.07
CA HIS C 302 -0.56 -28.56 -0.51
C HIS C 302 -0.67 -29.35 -1.80
N SER C 303 0.30 -29.20 -2.70
CA SER C 303 0.21 -29.84 -4.00
C SER C 303 0.33 -31.37 -3.89
N ARG C 304 1.27 -31.84 -3.09
CA ARG C 304 1.48 -33.29 -2.93
C ARG C 304 0.28 -33.97 -2.26
N LEU C 305 -0.42 -33.24 -1.38
CA LEU C 305 -1.64 -33.71 -0.72
C LEU C 305 -2.80 -33.83 -1.69
N LEU C 306 -3.06 -32.75 -2.41
CA LEU C 306 -4.26 -32.65 -3.24
C LEU C 306 -4.16 -33.49 -4.52
N GLU C 307 -2.94 -33.71 -5.01
CA GLU C 307 -2.70 -34.60 -6.15
C GLU C 307 -3.16 -36.03 -5.88
N ARG C 308 -3.28 -36.38 -4.60
CA ARG C 308 -3.63 -37.73 -4.20
C ARG C 308 -5.13 -37.99 -4.32
N ALA C 309 -5.91 -36.92 -4.37
CA ALA C 309 -7.30 -37.02 -4.79
C ALA C 309 -7.26 -37.28 -6.30
N ALA C 310 -7.86 -38.40 -6.71
CA ALA C 310 -7.80 -38.83 -8.12
C ALA C 310 -8.94 -39.76 -8.48
N LYS C 311 -9.20 -39.85 -9.79
CA LYS C 311 -10.04 -40.89 -10.36
C LYS C 311 -9.14 -41.98 -10.97
N MET C 312 -9.34 -43.23 -10.53
CA MET C 312 -8.57 -44.37 -11.02
C MET C 312 -9.24 -45.01 -12.23
N ASN C 313 -8.44 -45.53 -13.16
CA ASN C 313 -9.01 -46.27 -14.27
C ASN C 313 -9.49 -47.65 -13.83
N ASP C 314 -10.13 -48.37 -14.76
CA ASP C 314 -10.71 -49.68 -14.49
C ASP C 314 -9.65 -50.70 -14.05
N ALA C 315 -8.49 -50.67 -14.69
CA ALA C 315 -7.40 -51.60 -14.38
C ALA C 315 -6.94 -51.47 -12.92
N PHE C 316 -7.11 -50.29 -12.34
CA PHE C 316 -6.76 -50.02 -10.95
C PHE C 316 -7.98 -50.05 -10.02
N GLY C 317 -9.10 -50.56 -10.54
CA GLY C 317 -10.32 -50.74 -9.75
C GLY C 317 -11.45 -49.75 -9.96
N GLY C 318 -11.17 -48.66 -10.67
CA GLY C 318 -12.19 -47.65 -11.00
C GLY C 318 -12.66 -46.78 -9.85
N GLY C 319 -12.00 -46.90 -8.70
CA GLY C 319 -12.36 -46.13 -7.51
C GLY C 319 -11.92 -44.67 -7.65
N SER C 320 -12.26 -43.87 -6.65
CA SER C 320 -11.90 -42.45 -6.69
C SER C 320 -11.78 -41.85 -5.30
N LEU C 321 -11.03 -40.74 -5.20
CA LEU C 321 -11.05 -39.91 -4.02
C LEU C 321 -11.22 -38.46 -4.46
N THR C 322 -12.28 -37.83 -3.98
CA THR C 322 -12.62 -36.43 -4.27
C THR C 322 -12.24 -35.57 -3.06
N ALA C 323 -11.59 -34.43 -3.30
CA ALA C 323 -11.20 -33.53 -2.20
C ALA C 323 -11.85 -32.15 -2.27
N LEU C 324 -12.29 -31.69 -1.11
CA LEU C 324 -12.77 -30.32 -0.94
C LEU C 324 -11.89 -29.64 0.11
N PRO C 325 -10.73 -29.12 -0.32
CA PRO C 325 -9.93 -28.33 0.63
C PRO C 325 -10.63 -27.00 0.92
N VAL C 326 -10.30 -26.41 2.06
CA VAL C 326 -10.86 -25.13 2.49
C VAL C 326 -9.70 -24.16 2.73
N ILE C 327 -9.85 -22.94 2.24
CA ILE C 327 -8.89 -21.85 2.46
C ILE C 327 -9.64 -20.62 2.96
N GLU C 328 -9.07 -19.97 3.97
CA GLU C 328 -9.64 -18.75 4.52
C GLU C 328 -8.88 -17.54 3.98
N THR C 329 -9.58 -16.67 3.27
CA THR C 329 -9.01 -15.42 2.79
C THR C 329 -9.10 -14.36 3.89
N GLN C 330 -8.36 -13.27 3.70
CA GLN C 330 -8.44 -12.12 4.60
C GLN C 330 -9.00 -10.97 3.78
N ALA C 331 -10.05 -10.34 4.30
CA ALA C 331 -10.72 -9.21 3.65
C ALA C 331 -11.11 -9.44 2.18
N GLY C 332 -11.46 -10.69 1.87
CA GLY C 332 -11.98 -11.06 0.55
C GLY C 332 -10.94 -11.10 -0.57
N ASP C 333 -9.67 -11.14 -0.22
CA ASP C 333 -8.62 -11.10 -1.23
C ASP C 333 -8.28 -12.50 -1.79
N VAL C 334 -9.06 -12.96 -2.78
CA VAL C 334 -8.74 -14.25 -3.44
C VAL C 334 -7.42 -14.24 -4.18
N SER C 335 -6.91 -13.04 -4.46
CA SER C 335 -5.68 -12.86 -5.24
C SER C 335 -4.40 -12.97 -4.41
N ALA C 336 -4.53 -13.26 -3.12
CA ALA C 336 -3.37 -13.37 -2.24
C ALA C 336 -2.52 -14.62 -2.56
N TYR C 337 -1.37 -14.71 -1.93
CA TYR C 337 -0.36 -15.74 -2.21
C TYR C 337 -0.83 -17.19 -1.94
N ILE C 338 -1.19 -17.49 -0.69
CA ILE C 338 -1.66 -18.84 -0.37
C ILE C 338 -2.95 -19.21 -1.12
N PRO C 339 -3.98 -18.33 -1.09
CA PRO C 339 -5.17 -18.57 -1.89
C PRO C 339 -4.89 -18.94 -3.35
N THR C 340 -4.08 -18.14 -4.05
CA THR C 340 -3.76 -18.46 -5.45
C THR C 340 -2.94 -19.75 -5.59
N ASN C 341 -2.03 -20.01 -4.64
CA ASN C 341 -1.34 -21.31 -4.57
C ASN C 341 -2.31 -22.49 -4.68
N VAL C 342 -3.31 -22.50 -3.81
CA VAL C 342 -4.27 -23.61 -3.77
C VAL C 342 -5.25 -23.59 -4.96
N ILE C 343 -5.66 -22.40 -5.42
CA ILE C 343 -6.45 -22.34 -6.67
C ILE C 343 -5.65 -22.99 -7.81
N SER C 344 -4.33 -22.79 -7.80
CA SER C 344 -3.43 -23.31 -8.83
C SER C 344 -3.15 -24.81 -8.70
N ILE C 345 -3.69 -25.43 -7.65
CA ILE C 345 -3.61 -26.88 -7.45
C ILE C 345 -4.93 -27.58 -7.81
N THR C 346 -6.04 -27.08 -7.27
CA THR C 346 -7.34 -27.75 -7.40
C THR C 346 -7.94 -27.65 -8.81
N ASP C 347 -8.97 -28.45 -9.06
CA ASP C 347 -9.72 -28.42 -10.32
C ASP C 347 -10.95 -27.50 -10.20
N GLY C 348 -10.73 -26.33 -9.62
CA GLY C 348 -11.78 -25.34 -9.50
C GLY C 348 -11.90 -24.87 -8.07
N GLN C 349 -12.75 -23.88 -7.86
CA GLN C 349 -13.00 -23.34 -6.53
C GLN C 349 -14.37 -22.72 -6.47
N ILE C 350 -14.93 -22.74 -5.27
CA ILE C 350 -16.18 -22.10 -4.95
C ILE C 350 -15.78 -20.92 -4.08
N PHE C 351 -15.94 -19.70 -4.59
CA PHE C 351 -15.57 -18.51 -3.85
C PHE C 351 -16.77 -17.83 -3.19
N LEU C 352 -16.72 -17.69 -1.87
CA LEU C 352 -17.82 -17.11 -1.09
C LEU C 352 -17.47 -15.71 -0.62
N GLU C 353 -18.42 -14.78 -0.76
CA GLU C 353 -18.19 -13.36 -0.41
C GLU C 353 -19.11 -12.87 0.68
N THR C 354 -18.55 -12.13 1.63
CA THR C 354 -19.32 -11.63 2.78
C THR C 354 -20.45 -10.68 2.36
N GLU C 355 -20.19 -9.89 1.32
CA GLU C 355 -21.17 -8.94 0.78
C GLU C 355 -22.40 -9.67 0.23
N LEU C 356 -22.19 -10.74 -0.52
CA LEU C 356 -23.29 -11.56 -0.99
C LEU C 356 -24.00 -12.23 0.17
N PHE C 357 -23.23 -12.75 1.12
CA PHE C 357 -23.78 -13.41 2.30
C PHE C 357 -24.81 -12.52 3.01
N TYR C 358 -24.44 -11.27 3.24
CA TYR C 358 -25.32 -10.36 3.99
C TYR C 358 -26.48 -9.78 3.20
N LYS C 359 -26.34 -9.76 1.88
CA LYS C 359 -27.42 -9.36 0.97
C LYS C 359 -28.46 -10.47 0.84
N GLY C 360 -28.19 -11.63 1.42
CA GLY C 360 -29.12 -12.76 1.38
C GLY C 360 -28.82 -13.78 0.30
N ILE C 361 -27.76 -13.56 -0.47
CA ILE C 361 -27.30 -14.55 -1.44
C ILE C 361 -26.58 -15.65 -0.65
N ARG C 362 -27.30 -16.71 -0.35
CA ARG C 362 -26.74 -17.85 0.37
C ARG C 362 -27.25 -19.13 -0.29
N PRO C 363 -26.34 -20.00 -0.74
CA PRO C 363 -24.88 -19.87 -0.59
C PRO C 363 -24.31 -18.61 -1.27
N ALA C 364 -23.34 -17.99 -0.61
CA ALA C 364 -22.79 -16.70 -1.03
C ALA C 364 -21.77 -16.80 -2.16
N ILE C 365 -22.10 -17.57 -3.19
CA ILE C 365 -21.16 -17.88 -4.26
C ILE C 365 -21.00 -16.74 -5.27
N ASN C 366 -19.78 -16.27 -5.43
CA ASN C 366 -19.44 -15.38 -6.53
C ASN C 366 -19.24 -16.20 -7.79
N VAL C 367 -20.20 -16.09 -8.71
CA VAL C 367 -20.24 -16.91 -9.91
C VAL C 367 -19.01 -16.67 -10.81
N GLY C 368 -18.72 -15.41 -11.11
CA GLY C 368 -17.62 -15.07 -12.02
C GLY C 368 -16.25 -15.56 -11.54
N LEU C 369 -16.02 -15.50 -10.24
CA LEU C 369 -14.73 -15.87 -9.66
C LEU C 369 -14.59 -17.36 -9.34
N SER C 370 -15.72 -18.07 -9.29
CA SER C 370 -15.72 -19.51 -9.07
C SER C 370 -15.57 -20.23 -10.40
N VAL C 371 -14.96 -21.41 -10.39
CA VAL C 371 -14.90 -22.23 -11.59
C VAL C 371 -14.93 -23.72 -11.26
N SER C 372 -15.32 -24.51 -12.25
CA SER C 372 -15.08 -25.95 -12.27
C SER C 372 -14.16 -26.20 -13.46
N ARG C 373 -13.14 -27.01 -13.25
CA ARG C 373 -12.18 -27.32 -14.31
C ARG C 373 -12.51 -28.65 -14.98
N VAL C 374 -13.61 -29.25 -14.54
CA VAL C 374 -14.17 -30.46 -15.19
C VAL C 374 -15.45 -30.14 -15.97
N GLY C 375 -16.24 -29.20 -15.47
CA GLY C 375 -17.42 -28.71 -16.22
C GLY C 375 -18.51 -29.75 -16.42
N SER C 376 -19.19 -29.68 -17.57
CA SER C 376 -20.38 -30.51 -17.82
C SER C 376 -20.13 -32.02 -17.83
N ALA C 377 -18.87 -32.41 -18.02
CA ALA C 377 -18.46 -33.81 -17.95
C ALA C 377 -18.81 -34.43 -16.60
N ALA C 378 -18.89 -33.59 -15.58
CA ALA C 378 -19.24 -34.01 -14.22
C ALA C 378 -20.76 -33.99 -13.95
N GLN C 379 -21.57 -33.70 -14.95
CA GLN C 379 -23.03 -33.56 -14.78
C GLN C 379 -23.85 -34.65 -15.46
N THR C 380 -25.02 -34.97 -14.90
CA THR C 380 -26.03 -35.77 -15.61
C THR C 380 -26.46 -34.99 -16.85
N ARG C 381 -27.02 -35.69 -17.83
CA ARG C 381 -27.50 -35.03 -19.04
C ARG C 381 -28.63 -34.05 -18.70
N ALA C 382 -29.51 -34.42 -17.77
CA ALA C 382 -30.61 -33.54 -17.33
C ALA C 382 -30.10 -32.19 -16.85
N MET C 383 -29.07 -32.21 -15.99
CA MET C 383 -28.49 -30.97 -15.46
C MET C 383 -27.75 -30.17 -16.53
N LYS C 384 -27.01 -30.87 -17.39
CA LYS C 384 -26.31 -30.23 -18.49
C LYS C 384 -27.30 -29.51 -19.43
N GLN C 385 -28.48 -30.09 -19.61
CA GLN C 385 -29.54 -29.52 -20.44
C GLN C 385 -30.02 -28.16 -19.91
N VAL C 386 -30.26 -28.08 -18.60
CA VAL C 386 -30.81 -26.86 -18.00
C VAL C 386 -29.73 -25.81 -17.66
N ALA C 387 -28.52 -26.27 -17.34
CA ALA C 387 -27.46 -25.38 -16.85
C ALA C 387 -26.41 -25.04 -17.90
N GLY C 388 -26.54 -25.65 -19.09
CA GLY C 388 -25.56 -25.53 -20.17
C GLY C 388 -24.76 -24.24 -20.31
N THR C 389 -25.46 -23.11 -20.36
CA THR C 389 -24.83 -21.82 -20.65
C THR C 389 -24.97 -20.84 -19.49
N MET C 390 -25.55 -21.32 -18.39
CA MET C 390 -25.98 -20.48 -17.29
C MET C 390 -24.85 -19.75 -16.57
N LYS C 391 -23.69 -20.39 -16.45
CA LYS C 391 -22.57 -19.77 -15.75
C LYS C 391 -21.99 -18.53 -16.44
N LEU C 392 -21.84 -18.59 -17.75
CA LEU C 392 -21.37 -17.41 -18.51
C LEU C 392 -22.44 -16.33 -18.48
N GLU C 393 -23.68 -16.76 -18.65
CA GLU C 393 -24.85 -15.92 -18.58
C GLU C 393 -24.89 -15.09 -17.27
N LEU C 394 -24.74 -15.77 -16.14
CA LEU C 394 -24.73 -15.10 -14.84
C LEU C 394 -23.53 -14.18 -14.58
N ALA C 395 -22.39 -14.49 -15.20
CA ALA C 395 -21.21 -13.64 -15.09
C ALA C 395 -21.41 -12.36 -15.90
N GLN C 396 -21.99 -12.52 -17.10
CA GLN C 396 -22.36 -11.38 -17.92
C GLN C 396 -23.49 -10.56 -17.29
N TYR C 397 -24.43 -11.24 -16.64
CA TYR C 397 -25.50 -10.54 -15.92
C TYR C 397 -24.94 -9.53 -14.93
N ARG C 398 -23.98 -9.97 -14.12
CA ARG C 398 -23.43 -9.11 -13.08
C ARG C 398 -22.64 -7.94 -13.64
N GLU C 399 -21.94 -8.15 -14.77
CA GLU C 399 -21.26 -7.07 -15.49
C GLU C 399 -22.26 -6.02 -15.95
N VAL C 400 -23.36 -6.49 -16.55
CA VAL C 400 -24.38 -5.62 -17.14
C VAL C 400 -25.21 -4.93 -16.07
N ALA C 401 -25.43 -5.61 -14.94
CA ALA C 401 -26.12 -5.02 -13.80
C ALA C 401 -25.35 -3.82 -13.23
N ALA C 402 -24.02 -3.96 -13.14
CA ALA C 402 -23.16 -2.86 -12.68
C ALA C 402 -23.15 -1.68 -13.67
N PHE C 403 -23.04 -1.99 -14.97
CA PHE C 403 -23.10 -0.96 -16.01
C PHE C 403 -24.45 -0.25 -16.05
N ALA C 404 -25.52 -0.98 -15.73
CA ALA C 404 -26.87 -0.41 -15.75
C ALA C 404 -27.14 0.55 -14.59
N GLN C 405 -26.84 0.12 -13.37
CA GLN C 405 -27.15 0.84 -12.11
C GLN C 405 -28.10 2.05 -12.17
N PHE C 406 -27.64 3.14 -12.80
CA PHE C 406 -28.42 4.38 -12.95
C PHE C 406 -29.50 4.27 -14.02
N GLY C 407 -30.68 4.84 -13.73
CA GLY C 407 -31.85 4.74 -14.61
C GLY C 407 -31.72 5.46 -15.94
N SER C 408 -31.03 4.82 -16.89
CA SER C 408 -30.84 5.37 -18.24
C SER C 408 -31.61 4.56 -19.29
N ASP C 409 -31.17 4.66 -20.54
CA ASP C 409 -31.84 3.99 -21.66
C ASP C 409 -31.22 2.64 -22.01
N LEU C 410 -31.80 1.58 -21.45
CA LEU C 410 -31.40 0.21 -21.74
C LEU C 410 -32.34 -0.38 -22.79
N ASP C 411 -31.77 -1.04 -23.81
CA ASP C 411 -32.59 -1.67 -24.85
C ASP C 411 -33.33 -2.91 -24.33
N ALA C 412 -34.21 -3.47 -25.18
CA ALA C 412 -35.02 -4.63 -24.81
C ALA C 412 -34.19 -5.87 -24.45
N ALA C 413 -33.07 -6.05 -25.13
CA ALA C 413 -32.22 -7.22 -24.95
C ALA C 413 -31.39 -7.22 -23.66
N THR C 414 -30.98 -6.04 -23.21
CA THR C 414 -30.23 -5.94 -21.94
C THR C 414 -31.16 -5.99 -20.73
N GLN C 415 -32.35 -5.39 -20.87
CA GLN C 415 -33.38 -5.45 -19.85
C GLN C 415 -33.83 -6.89 -19.60
N GLN C 416 -33.96 -7.66 -20.69
CA GLN C 416 -34.28 -9.08 -20.62
C GLN C 416 -33.21 -9.86 -19.87
N LEU C 417 -31.95 -9.55 -20.19
CA LEU C 417 -30.79 -10.18 -19.57
C LEU C 417 -30.71 -9.86 -18.08
N LEU C 418 -31.01 -8.61 -17.71
CA LEU C 418 -31.08 -8.21 -16.32
C LEU C 418 -32.24 -8.91 -15.62
N SER C 419 -33.39 -8.96 -16.28
CA SER C 419 -34.58 -9.61 -15.73
C SER C 419 -34.35 -11.09 -15.46
N ARG C 420 -33.74 -11.77 -16.42
CA ARG C 420 -33.43 -13.19 -16.28
C ARG C 420 -32.42 -13.43 -15.16
N GLY C 421 -31.37 -12.60 -15.12
CA GLY C 421 -30.26 -12.77 -14.17
C GLY C 421 -30.66 -12.57 -12.73
N VAL C 422 -31.53 -11.58 -12.49
CA VAL C 422 -32.07 -11.31 -11.17
C VAL C 422 -32.82 -12.54 -10.67
N ARG C 423 -33.63 -13.14 -11.54
CA ARG C 423 -34.50 -14.25 -11.17
C ARG C 423 -33.74 -15.57 -10.97
N LEU C 424 -32.75 -15.84 -11.81
CA LEU C 424 -31.83 -16.97 -11.59
C LEU C 424 -31.02 -16.85 -10.29
N THR C 425 -30.55 -15.64 -9.97
CA THR C 425 -29.79 -15.39 -8.75
C THR C 425 -30.63 -15.79 -7.53
N GLU C 426 -31.90 -15.42 -7.54
CA GLU C 426 -32.85 -15.82 -6.50
C GLU C 426 -33.04 -17.33 -6.48
N LEU C 427 -33.14 -17.94 -7.67
CA LEU C 427 -33.33 -19.39 -7.80
C LEU C 427 -32.19 -20.22 -7.20
N LEU C 428 -30.98 -19.67 -7.24
CA LEU C 428 -29.80 -20.38 -6.78
C LEU C 428 -29.51 -20.14 -5.29
N LYS C 429 -30.39 -19.41 -4.63
CA LYS C 429 -30.37 -19.31 -3.16
C LYS C 429 -30.86 -20.63 -2.62
N GLN C 430 -30.36 -20.99 -1.44
CA GLN C 430 -30.75 -22.25 -0.83
C GLN C 430 -30.48 -22.20 0.67
N GLY C 431 -31.36 -22.85 1.44
CA GLY C 431 -31.13 -23.02 2.87
C GLY C 431 -30.16 -24.15 3.13
N GLN C 432 -29.80 -24.32 4.40
CA GLN C 432 -28.85 -25.35 4.85
C GLN C 432 -29.57 -26.63 5.23
N TYR C 433 -28.83 -27.74 5.22
CA TYR C 433 -29.24 -29.04 5.80
C TYR C 433 -30.41 -29.72 5.08
N SER C 434 -30.71 -29.27 3.87
CA SER C 434 -31.64 -29.98 2.99
C SER C 434 -31.08 -30.09 1.57
N PRO C 435 -29.94 -30.79 1.41
CA PRO C 435 -29.40 -30.97 0.06
C PRO C 435 -30.42 -31.65 -0.87
N MET C 436 -30.47 -31.18 -2.11
CA MET C 436 -31.53 -31.57 -3.05
C MET C 436 -31.10 -32.64 -4.05
N ALA C 437 -31.98 -33.62 -4.27
CA ALA C 437 -31.78 -34.63 -5.31
C ALA C 437 -31.63 -33.94 -6.65
N ILE C 438 -30.80 -34.49 -7.53
CA ILE C 438 -30.49 -33.87 -8.81
C ILE C 438 -31.74 -33.59 -9.67
N GLU C 439 -32.68 -34.54 -9.71
CA GLU C 439 -33.89 -34.38 -10.51
C GLU C 439 -34.75 -33.22 -10.02
N GLU C 440 -34.67 -32.95 -8.71
CA GLU C 440 -35.40 -31.85 -8.07
C GLU C 440 -34.74 -30.51 -8.41
N GLN C 441 -33.42 -30.52 -8.42
CA GLN C 441 -32.64 -29.36 -8.85
C GLN C 441 -32.98 -29.01 -10.29
N VAL C 442 -33.05 -30.05 -11.12
CA VAL C 442 -33.27 -29.89 -12.55
C VAL C 442 -34.64 -29.24 -12.80
N ALA C 443 -35.66 -29.72 -12.09
CA ALA C 443 -37.02 -29.20 -12.22
C ALA C 443 -37.13 -27.71 -11.86
N VAL C 444 -36.42 -27.27 -10.82
CA VAL C 444 -36.48 -25.86 -10.41
C VAL C 444 -35.72 -24.96 -11.39
N ILE C 445 -34.52 -25.38 -11.78
CA ILE C 445 -33.70 -24.63 -12.74
C ILE C 445 -34.47 -24.48 -14.06
N TYR C 446 -35.17 -25.54 -14.47
CA TYR C 446 -35.99 -25.55 -15.69
C TYR C 446 -36.94 -24.36 -15.75
N ALA C 447 -37.67 -24.12 -14.66
CA ALA C 447 -38.61 -23.01 -14.56
C ALA C 447 -37.94 -21.65 -14.86
N GLY C 448 -36.75 -21.46 -14.33
CA GLY C 448 -35.97 -20.23 -14.55
C GLY C 448 -35.38 -20.11 -15.95
N VAL C 449 -34.71 -21.16 -16.39
CA VAL C 449 -33.98 -21.17 -17.67
C VAL C 449 -34.89 -21.05 -18.89
N ARG C 450 -36.10 -21.57 -18.76
CA ARG C 450 -37.08 -21.53 -19.85
C ARG C 450 -37.94 -20.26 -19.83
N GLY C 451 -37.70 -19.39 -18.86
CA GLY C 451 -38.31 -18.07 -18.84
C GLY C 451 -39.67 -17.93 -18.18
N TYR C 452 -40.04 -18.90 -17.34
CA TYR C 452 -41.36 -18.88 -16.71
C TYR C 452 -41.44 -17.91 -15.52
N LEU C 453 -40.29 -17.46 -15.04
CA LEU C 453 -40.22 -16.60 -13.86
C LEU C 453 -40.00 -15.13 -14.21
N ASP C 454 -39.81 -14.86 -15.50
CA ASP C 454 -39.41 -13.54 -16.01
C ASP C 454 -40.32 -12.36 -15.64
N LYS C 455 -41.62 -12.62 -15.55
CA LYS C 455 -42.60 -11.56 -15.25
C LYS C 455 -43.07 -11.58 -13.78
N LEU C 456 -42.38 -12.37 -12.97
CA LEU C 456 -42.61 -12.40 -11.52
C LEU C 456 -41.76 -11.35 -10.83
N GLU C 457 -42.28 -10.82 -9.72
CA GLU C 457 -41.48 -9.94 -8.86
C GLU C 457 -40.33 -10.76 -8.26
N PRO C 458 -39.10 -10.21 -8.28
CA PRO C 458 -37.91 -10.90 -7.79
C PRO C 458 -38.02 -11.46 -6.37
N SER C 459 -38.82 -10.79 -5.53
CA SER C 459 -38.96 -11.19 -4.12
C SER C 459 -39.92 -12.36 -3.91
N LYS C 460 -40.59 -12.78 -4.98
CA LYS C 460 -41.52 -13.90 -4.87
C LYS C 460 -40.97 -15.21 -5.45
N ILE C 461 -39.74 -15.17 -5.95
CA ILE C 461 -39.07 -16.32 -6.57
C ILE C 461 -38.80 -17.49 -5.60
N THR C 462 -38.31 -17.17 -4.40
CA THR C 462 -38.11 -18.17 -3.36
C THR C 462 -39.43 -18.86 -2.99
N LYS C 463 -40.49 -18.06 -2.83
CA LYS C 463 -41.83 -18.59 -2.54
C LYS C 463 -42.30 -19.52 -3.66
N PHE C 464 -42.06 -19.12 -4.91
CA PHE C 464 -42.39 -19.93 -6.08
C PHE C 464 -41.72 -21.29 -6.01
N GLU C 465 -40.41 -21.30 -5.80
CA GLU C 465 -39.62 -22.52 -5.78
C GLU C 465 -40.08 -23.49 -4.69
N ASN C 466 -40.22 -22.98 -3.46
CA ASN C 466 -40.74 -23.77 -2.34
C ASN C 466 -42.06 -24.44 -2.63
N ALA C 467 -42.98 -23.70 -3.27
CA ALA C 467 -44.29 -24.22 -3.63
C ALA C 467 -44.22 -25.16 -4.83
N PHE C 468 -43.41 -24.82 -5.82
CA PHE C 468 -43.25 -25.64 -7.03
C PHE C 468 -42.64 -26.99 -6.72
N LEU C 469 -41.51 -26.95 -6.02
CA LEU C 469 -40.77 -28.16 -5.62
C LEU C 469 -41.65 -29.11 -4.80
N SER C 470 -42.26 -28.59 -3.74
CA SER C 470 -43.15 -29.41 -2.90
C SER C 470 -44.35 -29.96 -3.68
N HIS C 471 -44.77 -29.23 -4.72
CA HIS C 471 -45.86 -29.69 -5.59
C HIS C 471 -45.43 -30.84 -6.52
N VAL C 472 -44.26 -30.70 -7.16
CA VAL C 472 -43.77 -31.77 -8.04
C VAL C 472 -43.40 -33.03 -7.24
N ILE C 473 -42.87 -32.82 -6.03
CA ILE C 473 -42.59 -33.92 -5.08
C ILE C 473 -43.86 -34.67 -4.69
N SER C 474 -44.90 -33.93 -4.33
CA SER C 474 -46.16 -34.52 -3.86
C SER C 474 -46.95 -35.20 -4.98
N GLN C 475 -46.98 -34.57 -6.15
CA GLN C 475 -47.95 -34.93 -7.18
C GLN C 475 -47.32 -35.49 -8.46
N HIS C 476 -46.01 -35.36 -8.62
CA HIS C 476 -45.34 -35.79 -9.86
C HIS C 476 -44.08 -36.62 -9.62
N GLN C 477 -44.18 -37.59 -8.71
CA GLN C 477 -43.09 -38.53 -8.43
C GLN C 477 -42.64 -39.32 -9.67
N ALA C 478 -43.60 -39.65 -10.52
CA ALA C 478 -43.30 -40.34 -11.78
C ALA C 478 -42.40 -39.50 -12.69
N LEU C 479 -42.67 -38.21 -12.79
CA LEU C 479 -41.89 -37.31 -13.64
C LEU C 479 -40.48 -37.16 -13.09
N LEU C 480 -40.37 -36.93 -11.78
CA LEU C 480 -39.08 -36.82 -11.09
C LEU C 480 -38.28 -38.13 -11.16
N GLY C 481 -38.96 -39.25 -10.92
CA GLY C 481 -38.36 -40.58 -11.02
C GLY C 481 -37.78 -40.87 -12.39
N LYS C 482 -38.51 -40.45 -13.43
CA LYS C 482 -38.09 -40.66 -14.81
C LYS C 482 -36.87 -39.81 -15.18
N ILE C 483 -36.84 -38.56 -14.70
CA ILE C 483 -35.71 -37.68 -14.93
C ILE C 483 -34.47 -38.25 -14.24
N ARG C 484 -34.65 -38.75 -13.02
CA ARG C 484 -33.60 -39.42 -12.26
C ARG C 484 -33.09 -40.67 -12.98
N THR C 485 -34.00 -41.64 -13.21
CA THR C 485 -33.68 -42.89 -13.90
C THR C 485 -32.99 -42.68 -15.25
N ASP C 486 -33.65 -41.95 -16.16
CA ASP C 486 -33.10 -41.65 -17.47
C ASP C 486 -31.86 -40.76 -17.41
N GLY C 487 -31.75 -39.97 -16.35
CA GLY C 487 -30.64 -39.03 -16.17
C GLY C 487 -30.65 -37.89 -17.17
N LYS C 488 -31.78 -37.74 -17.87
CA LYS C 488 -31.98 -36.74 -18.91
C LYS C 488 -33.43 -36.25 -18.90
N ILE C 489 -33.68 -35.15 -19.60
CA ILE C 489 -35.06 -34.72 -19.85
C ILE C 489 -35.46 -35.15 -21.25
N SER C 490 -36.27 -36.20 -21.32
CA SER C 490 -36.80 -36.68 -22.59
C SER C 490 -37.77 -35.65 -23.17
N GLU C 491 -38.14 -35.83 -24.44
CA GLU C 491 -39.09 -34.94 -25.08
C GLU C 491 -40.44 -35.02 -24.38
N GLU C 492 -40.72 -36.19 -23.81
CA GLU C 492 -41.93 -36.44 -23.05
C GLU C 492 -41.92 -35.71 -21.72
N SER C 493 -40.79 -35.80 -21.02
CA SER C 493 -40.59 -35.07 -19.76
C SER C 493 -40.66 -33.56 -19.96
N ASP C 494 -40.10 -33.09 -21.07
CA ASP C 494 -40.08 -31.68 -21.43
C ASP C 494 -41.50 -31.14 -21.59
N ALA C 495 -42.34 -31.92 -22.27
CA ALA C 495 -43.75 -31.59 -22.46
C ALA C 495 -44.53 -31.63 -21.13
N LYS C 496 -44.26 -32.65 -20.31
CA LYS C 496 -44.92 -32.80 -19.00
C LYS C 496 -44.57 -31.64 -18.07
N LEU C 497 -43.28 -31.28 -18.03
CA LEU C 497 -42.82 -30.12 -17.28
C LEU C 497 -43.48 -28.83 -17.74
N LYS C 498 -43.60 -28.67 -19.06
CA LYS C 498 -44.20 -27.48 -19.66
C LYS C 498 -45.65 -27.28 -19.22
N GLU C 499 -46.45 -28.34 -19.27
CA GLU C 499 -47.84 -28.32 -18.80
C GLU C 499 -47.93 -27.92 -17.32
N ILE C 500 -47.06 -28.51 -16.50
CA ILE C 500 -47.04 -28.22 -15.06
C ILE C 500 -46.67 -26.77 -14.77
N VAL C 501 -45.57 -26.28 -15.35
CA VAL C 501 -45.10 -24.94 -15.06
C VAL C 501 -46.04 -23.84 -15.58
N THR C 502 -46.58 -24.00 -16.78
CA THR C 502 -47.43 -22.97 -17.39
C THR C 502 -48.71 -22.75 -16.57
N ASN C 503 -49.37 -23.84 -16.19
CA ASN C 503 -50.56 -23.80 -15.35
C ASN C 503 -50.28 -23.34 -13.93
N PHE C 504 -49.20 -23.86 -13.33
CA PHE C 504 -48.77 -23.48 -11.98
C PHE C 504 -48.45 -21.98 -11.90
N LEU C 505 -47.82 -21.48 -12.96
CA LEU C 505 -47.41 -20.09 -13.07
C LEU C 505 -48.64 -19.17 -13.15
N ALA C 506 -49.58 -19.55 -14.02
CA ALA C 506 -50.85 -18.83 -14.16
C ALA C 506 -51.58 -18.70 -12.82
N GLY C 507 -51.51 -19.76 -12.01
CA GLY C 507 -52.08 -19.75 -10.66
C GLY C 507 -51.29 -18.88 -9.69
N PHE C 508 -49.97 -18.93 -9.79
CA PHE C 508 -49.09 -18.13 -8.92
C PHE C 508 -49.18 -16.64 -9.22
N GLU C 509 -49.33 -16.29 -10.50
CA GLU C 509 -49.35 -14.90 -10.97
C GLU C 509 -50.55 -14.10 -10.44
N ALA C 510 -51.75 -14.63 -10.64
CA ALA C 510 -52.98 -13.95 -10.24
C ALA C 510 -53.44 -14.36 -8.85
N THR D 13 33.65 -43.29 -9.21
CA THR D 13 34.06 -42.93 -7.82
C THR D 13 32.85 -42.85 -6.88
N THR D 14 33.10 -43.12 -5.60
CA THR D 14 32.05 -43.34 -4.61
C THR D 14 32.04 -42.32 -3.48
N GLY D 15 30.83 -41.91 -3.11
CA GLY D 15 30.63 -41.00 -2.00
C GLY D 15 29.63 -41.56 -1.00
N ARG D 16 29.44 -40.82 0.08
CA ARG D 16 28.51 -41.21 1.13
C ARG D 16 27.69 -39.99 1.50
N ILE D 17 26.37 -40.19 1.65
CA ILE D 17 25.48 -39.13 2.13
C ILE D 17 25.91 -38.72 3.53
N VAL D 18 26.03 -37.40 3.74
CA VAL D 18 26.36 -36.86 5.07
C VAL D 18 25.23 -36.00 5.65
N ALA D 19 24.38 -35.47 4.78
CA ALA D 19 23.20 -34.72 5.23
C ALA D 19 22.02 -34.88 4.29
N VAL D 20 20.82 -34.90 4.86
CA VAL D 20 19.57 -34.91 4.11
C VAL D 20 18.60 -33.93 4.76
N ILE D 21 18.26 -32.88 4.02
CA ILE D 21 17.21 -31.95 4.43
C ILE D 21 16.29 -31.70 3.24
N GLY D 22 15.06 -32.21 3.32
CA GLY D 22 14.14 -32.16 2.19
C GLY D 22 14.80 -32.72 0.95
N ALA D 23 14.77 -31.96 -0.13
CA ALA D 23 15.31 -32.38 -1.43
C ALA D 23 16.82 -32.20 -1.54
N VAL D 24 17.41 -31.56 -0.54
CA VAL D 24 18.82 -31.21 -0.56
C VAL D 24 19.66 -32.24 0.22
N VAL D 25 20.59 -32.87 -0.50
CA VAL D 25 21.37 -33.99 0.00
C VAL D 25 22.84 -33.64 -0.13
N ASP D 26 23.58 -33.72 0.97
CA ASP D 26 25.02 -33.49 0.94
C ASP D 26 25.74 -34.83 0.89
N VAL D 27 26.72 -34.94 0.01
CA VAL D 27 27.46 -36.17 -0.20
C VAL D 27 28.95 -35.87 -0.12
N GLN D 28 29.67 -36.68 0.65
CA GLN D 28 31.12 -36.55 0.79
C GLN D 28 31.84 -37.62 -0.02
N PHE D 29 32.89 -37.20 -0.74
CA PHE D 29 33.72 -38.07 -1.56
C PHE D 29 35.15 -38.11 -1.06
N ASP D 30 35.70 -39.31 -0.91
CA ASP D 30 37.08 -39.49 -0.46
C ASP D 30 38.13 -39.19 -1.53
N GLU D 31 37.77 -39.44 -2.80
CA GLU D 31 38.73 -39.30 -3.90
C GLU D 31 38.32 -38.21 -4.90
N GLY D 32 37.89 -38.62 -6.09
CA GLY D 32 37.50 -37.68 -7.14
C GLY D 32 36.15 -37.03 -6.88
N LEU D 33 36.15 -35.71 -6.73
CA LEU D 33 34.94 -34.95 -6.54
C LEU D 33 34.20 -34.77 -7.88
N PRO D 34 32.88 -35.05 -7.90
CA PRO D 34 32.08 -34.89 -9.10
C PRO D 34 31.84 -33.42 -9.42
N PRO D 35 32.00 -33.03 -10.71
CA PRO D 35 31.75 -31.66 -11.10
C PRO D 35 30.28 -31.24 -10.93
N ILE D 36 30.07 -29.95 -10.70
CA ILE D 36 28.72 -29.39 -10.67
C ILE D 36 27.95 -29.81 -11.93
N LEU D 37 26.67 -30.12 -11.77
CA LEU D 37 25.77 -30.62 -12.83
C LEU D 37 25.81 -32.15 -13.04
N ASN D 38 26.82 -32.83 -12.51
CA ASN D 38 26.89 -34.29 -12.66
C ASN D 38 25.72 -35.00 -11.98
N ALA D 39 25.27 -36.09 -12.61
CA ALA D 39 24.24 -36.94 -12.01
C ALA D 39 24.89 -37.99 -11.12
N LEU D 40 24.42 -38.10 -9.89
CA LEU D 40 24.87 -39.13 -8.94
C LEU D 40 23.76 -40.14 -8.69
N GLU D 41 24.12 -41.41 -8.57
CA GLU D 41 23.16 -42.48 -8.37
C GLU D 41 23.21 -42.98 -6.94
N VAL D 42 22.09 -42.88 -6.23
CA VAL D 42 22.00 -43.41 -4.87
C VAL D 42 21.86 -44.94 -4.92
N GLN D 43 22.69 -45.61 -4.12
CA GLN D 43 22.66 -47.07 -4.05
C GLN D 43 21.65 -47.54 -3.02
N GLY D 44 21.19 -48.78 -3.19
CA GLY D 44 20.26 -49.41 -2.25
C GLY D 44 18.86 -48.82 -2.28
N ARG D 45 18.41 -48.39 -3.46
CA ARG D 45 17.06 -47.85 -3.64
C ARG D 45 16.24 -48.77 -4.54
N GLU D 46 14.94 -48.85 -4.27
CA GLU D 46 14.02 -49.67 -5.07
C GLU D 46 13.90 -49.13 -6.49
N THR D 47 13.75 -47.82 -6.62
CA THR D 47 13.76 -47.16 -7.92
C THR D 47 14.92 -46.17 -7.99
N ARG D 48 15.38 -45.90 -9.21
CA ARG D 48 16.53 -45.03 -9.44
C ARG D 48 16.36 -43.64 -8.81
N LEU D 49 17.27 -43.30 -7.91
CA LEU D 49 17.30 -41.97 -7.30
C LEU D 49 18.54 -41.21 -7.74
N VAL D 50 18.33 -40.17 -8.55
CA VAL D 50 19.43 -39.34 -9.05
C VAL D 50 19.57 -38.08 -8.18
N LEU D 51 20.81 -37.74 -7.90
CA LEU D 51 21.13 -36.47 -7.25
C LEU D 51 21.94 -35.66 -8.26
N GLU D 52 21.59 -34.39 -8.43
CA GLU D 52 22.36 -33.53 -9.33
C GLU D 52 23.24 -32.61 -8.48
N VAL D 53 24.54 -32.61 -8.79
CA VAL D 53 25.50 -31.77 -8.08
C VAL D 53 25.22 -30.29 -8.37
N ALA D 54 25.04 -29.53 -7.30
CA ALA D 54 24.74 -28.10 -7.39
C ALA D 54 25.90 -27.22 -6.92
N GLN D 55 26.62 -27.69 -5.90
CA GLN D 55 27.69 -26.89 -5.27
C GLN D 55 28.81 -27.78 -4.76
N HIS D 56 30.03 -27.25 -4.74
CA HIS D 56 31.12 -27.82 -3.97
C HIS D 56 31.24 -27.01 -2.68
N LEU D 57 30.93 -27.65 -1.55
CA LEU D 57 30.89 -26.99 -0.25
C LEU D 57 32.27 -26.78 0.38
N GLY D 58 33.26 -27.48 -0.14
CA GLY D 58 34.57 -27.60 0.50
C GLY D 58 34.61 -28.87 1.33
N GLU D 59 35.79 -29.18 1.86
CA GLU D 59 36.00 -30.37 2.70
C GLU D 59 35.51 -31.63 2.00
N SER D 60 35.75 -31.70 0.68
CA SER D 60 35.41 -32.86 -0.14
C SER D 60 33.90 -33.21 -0.14
N THR D 61 33.07 -32.21 0.11
CA THR D 61 31.62 -32.41 0.18
C THR D 61 30.90 -31.62 -0.90
N VAL D 62 29.94 -32.27 -1.55
CA VAL D 62 29.09 -31.61 -2.55
C VAL D 62 27.66 -31.50 -2.04
N ARG D 63 26.98 -30.42 -2.42
CA ARG D 63 25.55 -30.26 -2.18
C ARG D 63 24.81 -30.60 -3.46
N THR D 64 23.74 -31.38 -3.30
CA THR D 64 22.98 -31.91 -4.44
C THR D 64 21.50 -31.63 -4.31
N ILE D 65 20.80 -31.70 -5.45
CA ILE D 65 19.34 -31.71 -5.48
C ILE D 65 18.85 -33.08 -5.95
N ALA D 66 17.94 -33.69 -5.18
CA ALA D 66 17.36 -34.98 -5.52
C ALA D 66 16.32 -34.85 -6.64
N MET D 67 16.24 -35.85 -7.51
CA MET D 67 15.25 -35.89 -8.60
C MET D 67 13.97 -36.64 -8.21
N ASP D 68 13.95 -37.19 -7.01
CA ASP D 68 12.78 -37.89 -6.47
C ASP D 68 12.83 -37.78 -4.96
N GLY D 69 11.88 -38.41 -4.27
CA GLY D 69 11.75 -38.27 -2.81
C GLY D 69 12.96 -38.77 -2.06
N THR D 70 13.30 -38.07 -0.98
CA THR D 70 14.45 -38.43 -0.16
C THR D 70 14.10 -39.26 1.07
N GLU D 71 12.84 -39.65 1.23
CA GLU D 71 12.44 -40.49 2.36
C GLU D 71 13.19 -41.81 2.29
N GLY D 72 13.63 -42.30 3.45
CA GLY D 72 14.35 -43.56 3.50
C GLY D 72 15.86 -43.47 3.37
N LEU D 73 16.37 -42.31 2.97
CA LEU D 73 17.82 -42.09 2.90
C LEU D 73 18.47 -42.05 4.30
N VAL D 74 19.68 -42.61 4.39
CA VAL D 74 20.43 -42.72 5.63
C VAL D 74 21.80 -42.05 5.45
N ARG D 75 22.28 -41.38 6.51
CA ARG D 75 23.64 -40.86 6.50
C ARG D 75 24.62 -42.02 6.44
N GLY D 76 25.47 -42.00 5.42
CA GLY D 76 26.43 -43.07 5.17
C GLY D 76 26.11 -43.87 3.92
N GLN D 77 24.90 -43.69 3.38
CA GLN D 77 24.46 -44.43 2.21
C GLN D 77 25.33 -44.11 0.99
N LYS D 78 25.64 -45.15 0.22
CA LYS D 78 26.57 -45.03 -0.90
C LYS D 78 25.94 -44.29 -2.07
N VAL D 79 26.77 -43.49 -2.74
CA VAL D 79 26.35 -42.69 -3.91
C VAL D 79 27.44 -42.83 -4.99
N LEU D 80 27.04 -43.19 -6.21
CA LEU D 80 27.98 -43.30 -7.33
C LEU D 80 27.89 -42.10 -8.27
N ASP D 81 29.04 -41.59 -8.67
CA ASP D 81 29.12 -40.56 -9.70
C ASP D 81 28.94 -41.25 -11.05
N SER D 82 27.98 -40.79 -11.85
CA SER D 82 27.75 -41.37 -13.18
C SER D 82 28.76 -40.89 -14.22
N GLY D 83 29.46 -39.81 -13.92
CA GLY D 83 30.50 -39.27 -14.82
C GLY D 83 29.96 -38.26 -15.80
N ALA D 84 28.68 -37.94 -15.67
CA ALA D 84 28.00 -37.02 -16.59
C ALA D 84 26.74 -36.44 -15.94
N PRO D 85 26.23 -35.32 -16.50
CA PRO D 85 24.90 -34.85 -16.09
C PRO D 85 23.81 -35.85 -16.49
N ILE D 86 22.60 -35.62 -16.01
CA ILE D 86 21.45 -36.42 -16.41
C ILE D 86 21.38 -36.52 -17.93
N ARG D 87 21.37 -37.75 -18.44
CA ARG D 87 21.28 -38.00 -19.87
C ARG D 87 20.01 -38.78 -20.16
N ILE D 88 19.29 -38.37 -21.19
CA ILE D 88 17.97 -38.91 -21.48
C ILE D 88 17.89 -39.40 -22.91
N PRO D 89 16.94 -40.31 -23.22
CA PRO D 89 16.73 -40.75 -24.60
C PRO D 89 16.26 -39.58 -25.47
N VAL D 90 16.82 -39.49 -26.68
CA VAL D 90 16.33 -38.55 -27.69
C VAL D 90 16.10 -39.33 -28.99
N GLY D 91 15.50 -38.69 -29.98
CA GLY D 91 15.27 -39.34 -31.26
C GLY D 91 13.84 -39.79 -31.48
N PRO D 92 13.55 -40.35 -32.67
CA PRO D 92 12.22 -40.75 -33.14
C PRO D 92 11.41 -41.58 -32.16
N GLU D 93 12.08 -42.44 -31.39
CA GLU D 93 11.37 -43.35 -30.49
C GLU D 93 10.81 -42.72 -29.21
N THR D 94 11.08 -41.42 -29.02
CA THR D 94 10.44 -40.66 -27.93
C THR D 94 9.00 -40.27 -28.31
N LEU D 95 8.70 -40.31 -29.61
CA LEU D 95 7.40 -39.92 -30.13
C LEU D 95 6.34 -40.93 -29.74
N GLY D 96 5.28 -40.43 -29.10
CA GLY D 96 4.18 -41.29 -28.66
C GLY D 96 4.39 -41.81 -27.26
N ARG D 97 5.57 -41.53 -26.70
CA ARG D 97 5.94 -42.00 -25.37
C ARG D 97 5.81 -40.89 -24.35
N ILE D 98 5.70 -41.28 -23.08
CA ILE D 98 5.82 -40.37 -21.96
C ILE D 98 7.05 -40.70 -21.14
N MET D 99 7.88 -39.68 -20.92
CA MET D 99 9.11 -39.77 -20.13
C MET D 99 9.03 -38.88 -18.88
N ASN D 100 9.77 -39.25 -17.83
CA ASN D 100 9.95 -38.39 -16.67
C ASN D 100 11.25 -37.56 -16.72
N VAL D 101 11.58 -36.84 -15.65
CA VAL D 101 12.74 -35.93 -15.61
C VAL D 101 14.04 -36.60 -16.01
N ILE D 102 14.22 -37.86 -15.59
CA ILE D 102 15.47 -38.58 -15.87
C ILE D 102 15.39 -39.51 -17.08
N GLY D 103 14.32 -39.39 -17.88
CA GLY D 103 14.22 -40.12 -19.15
C GLY D 103 13.66 -41.53 -19.11
N GLU D 104 13.13 -41.93 -17.95
CA GLU D 104 12.47 -43.23 -17.79
C GLU D 104 11.06 -43.21 -18.37
N PRO D 105 10.62 -44.31 -19.01
CA PRO D 105 9.25 -44.35 -19.50
C PRO D 105 8.26 -44.39 -18.33
N ILE D 106 7.22 -43.57 -18.39
CA ILE D 106 6.17 -43.57 -17.36
C ILE D 106 4.79 -43.88 -17.96
N ASP D 107 4.79 -44.49 -19.14
CA ASP D 107 3.55 -44.88 -19.82
C ASP D 107 3.31 -46.39 -19.80
N GLU D 108 4.16 -47.11 -19.05
CA GLU D 108 4.07 -48.57 -18.88
C GLU D 108 4.11 -49.35 -20.19
N ARG D 109 4.84 -48.82 -21.17
CA ARG D 109 4.96 -49.46 -22.47
C ARG D 109 6.38 -49.99 -22.72
N GLY D 110 7.11 -50.18 -21.63
CA GLY D 110 8.45 -50.75 -21.72
C GLY D 110 9.52 -49.73 -22.10
N PRO D 111 10.75 -50.21 -22.35
CA PRO D 111 11.89 -49.33 -22.59
C PRO D 111 11.71 -48.38 -23.79
N ILE D 112 12.31 -47.19 -23.68
CA ILE D 112 12.42 -46.31 -24.82
C ILE D 112 13.55 -46.90 -25.68
N LYS D 113 13.18 -47.65 -26.72
CA LYS D 113 14.14 -48.39 -27.53
C LYS D 113 15.00 -47.48 -28.43
N THR D 114 15.66 -46.51 -27.81
CA THR D 114 16.57 -45.61 -28.50
C THR D 114 18.01 -46.01 -28.22
N LYS D 115 18.90 -45.64 -29.14
CA LYS D 115 20.33 -45.82 -28.91
C LYS D 115 21.05 -44.47 -29.01
N GLN D 116 20.28 -43.40 -28.85
CA GLN D 116 20.83 -42.05 -28.82
C GLN D 116 20.34 -41.35 -27.55
N PHE D 117 21.28 -40.72 -26.84
CA PHE D 117 21.00 -40.08 -25.56
C PHE D 117 21.61 -38.69 -25.54
N ALA D 118 21.08 -37.81 -24.70
CA ALA D 118 21.59 -36.45 -24.58
C ALA D 118 21.54 -35.94 -23.14
N ALA D 119 22.57 -35.19 -22.74
CA ALA D 119 22.57 -34.51 -21.45
C ALA D 119 21.51 -33.41 -21.45
N ILE D 120 20.83 -33.22 -20.33
CA ILE D 120 19.77 -32.20 -20.23
C ILE D 120 20.32 -30.78 -20.02
N HIS D 121 21.62 -30.70 -19.73
CA HIS D 121 22.30 -29.41 -19.66
C HIS D 121 23.11 -29.21 -20.93
N ALA D 122 23.00 -28.03 -21.52
CA ALA D 122 23.69 -27.71 -22.78
C ALA D 122 23.82 -26.21 -22.92
N GLU D 123 24.79 -25.79 -23.73
CA GLU D 123 25.00 -24.38 -24.03
C GLU D 123 23.91 -23.87 -24.95
N ALA D 124 23.52 -22.61 -24.75
CA ALA D 124 22.54 -21.96 -25.62
C ALA D 124 23.16 -21.64 -26.98
N PRO D 125 22.37 -21.70 -28.07
CA PRO D 125 22.90 -21.33 -29.38
C PRO D 125 23.46 -19.91 -29.37
N GLU D 126 24.55 -19.72 -30.10
CA GLU D 126 25.27 -18.45 -30.12
C GLU D 126 24.52 -17.39 -30.94
N PHE D 127 24.96 -16.13 -30.81
CA PHE D 127 24.40 -15.01 -31.58
C PHE D 127 24.40 -15.27 -33.10
N VAL D 128 25.52 -15.78 -33.63
CA VAL D 128 25.63 -16.07 -35.07
C VAL D 128 24.62 -17.08 -35.56
N GLU D 129 24.00 -17.81 -34.63
CA GLU D 129 23.08 -18.91 -34.96
C GLU D 129 21.62 -18.44 -35.04
N MET D 130 21.40 -17.15 -34.79
CA MET D 130 20.03 -16.62 -34.74
C MET D 130 19.41 -16.46 -36.12
N SER D 131 18.09 -16.60 -36.17
CA SER D 131 17.29 -16.36 -37.38
C SER D 131 16.38 -15.15 -37.14
N VAL D 132 16.27 -14.29 -38.15
CA VAL D 132 15.46 -13.06 -38.01
C VAL D 132 14.12 -13.14 -38.76
N GLU D 133 13.88 -14.27 -39.42
CA GLU D 133 12.64 -14.49 -40.17
C GLU D 133 11.44 -14.48 -39.22
N GLN D 134 10.42 -13.72 -39.56
CA GLN D 134 9.19 -13.70 -38.77
C GLN D 134 7.93 -13.59 -39.63
N GLU D 135 7.20 -14.70 -39.73
CA GLU D 135 5.91 -14.69 -40.42
C GLU D 135 4.78 -15.13 -39.50
N ILE D 136 3.60 -14.57 -39.73
CA ILE D 136 2.44 -14.81 -38.89
C ILE D 136 2.06 -16.30 -38.82
N LEU D 137 1.66 -16.72 -37.63
CA LEU D 137 1.07 -18.02 -37.44
C LEU D 137 -0.37 -17.78 -37.02
N VAL D 138 -1.30 -17.99 -37.93
CA VAL D 138 -2.72 -17.79 -37.65
C VAL D 138 -3.23 -18.89 -36.71
N THR D 139 -3.89 -18.48 -35.64
CA THR D 139 -4.43 -19.41 -34.64
C THR D 139 -5.93 -19.64 -34.80
N GLY D 140 -6.62 -18.70 -35.48
CA GLY D 140 -8.08 -18.75 -35.58
C GLY D 140 -8.77 -18.28 -34.30
N ILE D 141 -7.99 -17.70 -33.40
CA ILE D 141 -8.50 -17.06 -32.20
C ILE D 141 -8.48 -15.56 -32.43
N LYS D 142 -9.67 -14.96 -32.38
CA LYS D 142 -9.88 -13.55 -32.77
C LYS D 142 -8.94 -12.58 -32.04
N VAL D 143 -8.97 -12.60 -30.72
CA VAL D 143 -8.17 -11.65 -29.93
C VAL D 143 -6.66 -11.73 -30.21
N VAL D 144 -6.15 -12.96 -30.35
CA VAL D 144 -4.73 -13.19 -30.61
C VAL D 144 -4.35 -12.74 -32.02
N ASP D 145 -5.05 -13.24 -33.03
CA ASP D 145 -4.75 -12.91 -34.41
C ASP D 145 -4.88 -11.40 -34.69
N LEU D 146 -5.89 -10.75 -34.11
CA LEU D 146 -6.08 -9.32 -34.34
C LEU D 146 -4.99 -8.47 -33.70
N LEU D 147 -4.77 -8.66 -32.40
CA LEU D 147 -4.04 -7.67 -31.60
C LEU D 147 -2.57 -7.98 -31.32
N ALA D 148 -2.28 -9.27 -31.17
CA ALA D 148 -0.96 -9.71 -30.76
C ALA D 148 -0.63 -11.07 -31.40
N PRO D 149 -0.49 -11.10 -32.74
CA PRO D 149 -0.36 -12.37 -33.48
C PRO D 149 0.92 -13.14 -33.15
N TYR D 150 0.83 -14.46 -33.20
CA TYR D 150 1.97 -15.33 -33.00
C TYR D 150 2.81 -15.43 -34.27
N ALA D 151 4.10 -15.69 -34.11
CA ALA D 151 5.01 -15.87 -35.23
C ALA D 151 5.49 -17.32 -35.31
N LYS D 152 5.55 -17.84 -36.52
CA LYS D 152 6.14 -19.15 -36.78
C LYS D 152 7.61 -19.12 -36.37
N GLY D 153 7.99 -20.04 -35.49
CA GLY D 153 9.36 -20.14 -35.02
C GLY D 153 9.70 -19.14 -33.94
N GLY D 154 8.69 -18.44 -33.44
CA GLY D 154 8.86 -17.40 -32.45
C GLY D 154 8.56 -17.90 -31.06
N LYS D 155 8.83 -17.06 -30.08
CA LYS D 155 8.63 -17.41 -28.67
C LYS D 155 7.35 -16.78 -28.15
N ILE D 156 6.41 -17.64 -27.78
CA ILE D 156 5.07 -17.25 -27.35
C ILE D 156 4.91 -17.55 -25.85
N GLY D 157 4.46 -16.55 -25.11
CA GLY D 157 4.17 -16.71 -23.68
C GLY D 157 2.73 -16.39 -23.33
N LEU D 158 2.12 -17.27 -22.53
CA LEU D 158 0.74 -17.10 -22.06
C LEU D 158 0.75 -16.87 -20.55
N PHE D 159 0.57 -15.61 -20.14
CA PHE D 159 0.62 -15.22 -18.73
C PHE D 159 -0.75 -15.28 -18.08
N GLY D 160 -0.81 -15.67 -16.82
CA GLY D 160 -2.06 -15.65 -16.10
C GLY D 160 -1.94 -16.08 -14.66
N GLY D 161 -2.76 -15.49 -13.79
CA GLY D 161 -2.93 -15.96 -12.44
C GLY D 161 -3.59 -17.33 -12.42
N ALA D 162 -3.77 -17.89 -11.24
CA ALA D 162 -4.41 -19.19 -11.08
C ALA D 162 -5.87 -19.20 -11.56
N GLY D 163 -6.20 -20.12 -12.46
CA GLY D 163 -7.58 -20.32 -12.93
C GLY D 163 -8.15 -19.36 -13.98
N VAL D 164 -7.30 -18.60 -14.66
CA VAL D 164 -7.80 -17.58 -15.60
C VAL D 164 -7.82 -18.02 -17.07
N GLY D 165 -7.16 -19.14 -17.40
CA GLY D 165 -7.27 -19.73 -18.73
C GLY D 165 -6.02 -20.10 -19.53
N LYS D 166 -4.87 -20.19 -18.87
CA LYS D 166 -3.61 -20.48 -19.57
C LYS D 166 -3.63 -21.84 -20.27
N THR D 167 -4.05 -22.87 -19.54
CA THR D 167 -4.05 -24.25 -20.04
C THR D 167 -5.14 -24.47 -21.07
N VAL D 168 -6.31 -23.90 -20.85
CA VAL D 168 -7.39 -23.99 -21.83
C VAL D 168 -6.91 -23.40 -23.15
N LEU D 169 -6.23 -22.26 -23.08
CA LEU D 169 -5.71 -21.60 -24.29
C LEU D 169 -4.65 -22.46 -24.99
N ILE D 170 -3.72 -23.03 -24.22
CA ILE D 170 -2.66 -23.86 -24.80
C ILE D 170 -3.23 -25.14 -25.42
N MET D 171 -4.30 -25.66 -24.82
CA MET D 171 -4.99 -26.84 -25.34
C MET D 171 -5.73 -26.50 -26.62
N GLU D 172 -6.26 -25.27 -26.71
CA GLU D 172 -6.89 -24.82 -27.93
C GLU D 172 -5.85 -24.60 -29.03
N LEU D 173 -4.69 -24.08 -28.66
CA LEU D 173 -3.60 -23.89 -29.61
C LEU D 173 -3.15 -25.24 -30.18
N ILE D 174 -3.01 -26.22 -29.29
CA ILE D 174 -2.71 -27.61 -29.68
C ILE D 174 -3.75 -28.13 -30.67
N ASN D 175 -5.02 -27.85 -30.39
CA ASN D 175 -6.14 -28.23 -31.26
C ASN D 175 -6.09 -27.57 -32.65
N ASN D 176 -5.84 -26.25 -32.69
CA ASN D 176 -5.88 -25.48 -33.93
C ASN D 176 -4.61 -25.47 -34.75
N VAL D 177 -3.47 -25.68 -34.12
CA VAL D 177 -2.16 -25.52 -34.76
C VAL D 177 -1.37 -26.82 -34.82
N ALA D 178 -1.41 -27.60 -33.73
CA ALA D 178 -0.58 -28.79 -33.60
C ALA D 178 -1.18 -30.05 -34.23
N LYS D 179 -2.50 -30.18 -34.18
CA LYS D 179 -3.20 -31.35 -34.74
C LYS D 179 -2.99 -31.53 -36.24
N ALA D 180 -2.80 -30.42 -36.96
CA ALA D 180 -2.56 -30.44 -38.39
C ALA D 180 -1.11 -30.05 -38.74
N HIS D 181 -0.23 -30.18 -37.75
CA HIS D 181 1.20 -29.86 -37.95
C HIS D 181 1.93 -31.00 -38.66
N GLY D 182 2.75 -30.62 -39.65
CA GLY D 182 3.48 -31.59 -40.47
C GLY D 182 4.78 -32.10 -39.88
N GLY D 183 5.29 -31.40 -38.87
CA GLY D 183 6.50 -31.82 -38.17
C GLY D 183 6.23 -32.45 -36.82
N TYR D 184 7.16 -32.28 -35.88
CA TYR D 184 7.06 -32.90 -34.56
C TYR D 184 6.67 -31.91 -33.48
N SER D 185 5.98 -32.41 -32.47
CA SER D 185 5.65 -31.61 -31.29
C SER D 185 6.20 -32.24 -30.03
N VAL D 186 6.53 -31.40 -29.06
CA VAL D 186 6.93 -31.85 -27.74
C VAL D 186 6.07 -31.11 -26.73
N PHE D 187 5.43 -31.85 -25.84
CA PHE D 187 4.74 -31.23 -24.72
C PHE D 187 5.44 -31.55 -23.41
N ALA D 188 5.81 -30.49 -22.68
CA ALA D 188 6.46 -30.63 -21.38
C ALA D 188 5.51 -30.21 -20.27
N GLY D 189 5.11 -31.18 -19.45
CA GLY D 189 4.29 -30.92 -18.28
C GLY D 189 5.20 -30.66 -17.10
N VAL D 190 5.23 -29.39 -16.69
CA VAL D 190 6.16 -28.93 -15.66
C VAL D 190 5.39 -28.39 -14.45
N GLY D 191 5.41 -29.14 -13.35
CA GLY D 191 4.77 -28.75 -12.11
C GLY D 191 3.29 -28.49 -12.17
N GLU D 192 2.59 -29.15 -13.09
CA GLU D 192 1.14 -28.97 -13.24
C GLU D 192 0.30 -30.17 -12.77
N ARG D 193 -0.96 -30.26 -13.18
CA ARG D 193 -1.86 -31.29 -12.65
C ARG D 193 -1.66 -32.60 -13.40
N THR D 194 -1.47 -33.68 -12.65
CA THR D 194 -1.33 -35.01 -13.27
C THR D 194 -2.59 -35.37 -14.05
N ARG D 195 -3.75 -34.96 -13.53
CA ARG D 195 -5.04 -35.15 -14.21
C ARG D 195 -5.02 -34.55 -15.62
N GLU D 196 -4.39 -33.39 -15.78
CA GLU D 196 -4.29 -32.76 -17.11
C GLU D 196 -3.38 -33.53 -18.05
N GLY D 197 -2.35 -34.17 -17.50
CA GLY D 197 -1.47 -35.05 -18.28
C GLY D 197 -2.22 -36.27 -18.80
N ASN D 198 -3.09 -36.83 -17.96
CA ASN D 198 -3.89 -37.99 -18.35
C ASN D 198 -4.95 -37.61 -19.40
N ASP D 199 -5.65 -36.49 -19.16
CA ASP D 199 -6.59 -35.91 -20.13
C ASP D 199 -5.91 -35.77 -21.50
N LEU D 200 -4.78 -35.07 -21.54
CA LEU D 200 -4.04 -34.82 -22.79
C LEU D 200 -3.60 -36.10 -23.49
N TYR D 201 -3.03 -37.03 -22.72
CA TYR D 201 -2.54 -38.29 -23.27
C TYR D 201 -3.64 -39.04 -24.02
N HIS D 202 -4.80 -39.19 -23.38
CA HIS D 202 -5.88 -39.94 -24.00
C HIS D 202 -6.56 -39.17 -25.13
N GLU D 203 -6.54 -37.85 -25.04
CA GLU D 203 -7.03 -37.01 -26.14
C GLU D 203 -6.18 -37.17 -27.40
N MET D 204 -4.86 -37.26 -27.22
CA MET D 204 -3.96 -37.41 -28.35
C MET D 204 -3.99 -38.78 -29.01
N ILE D 205 -4.28 -39.80 -28.20
CA ILE D 205 -4.49 -41.16 -28.71
C ILE D 205 -5.78 -41.20 -29.54
N GLU D 206 -6.82 -40.52 -29.04
CA GLU D 206 -8.09 -40.40 -29.76
C GLU D 206 -7.94 -39.64 -31.07
N SER D 207 -7.18 -38.56 -31.04
CA SER D 207 -6.98 -37.73 -32.23
C SER D 207 -6.02 -38.36 -33.23
N GLY D 208 -5.29 -39.39 -32.78
CA GLY D 208 -4.34 -40.12 -33.63
C GLY D 208 -2.97 -39.47 -33.67
N VAL D 209 -2.82 -38.37 -32.94
CA VAL D 209 -1.56 -37.64 -32.84
C VAL D 209 -0.51 -38.54 -32.15
N ILE D 210 -0.97 -39.33 -31.18
CA ILE D 210 -0.19 -40.44 -30.62
C ILE D 210 -0.82 -41.75 -31.10
N ASN D 211 0.01 -42.64 -31.63
CA ASN D 211 -0.44 -43.97 -32.05
C ASN D 211 0.32 -45.07 -31.32
N LEU D 212 -0.42 -45.92 -30.60
CA LEU D 212 0.18 -46.94 -29.74
C LEU D 212 0.58 -48.21 -30.47
N LYS D 213 0.13 -48.38 -31.71
CA LYS D 213 0.38 -49.64 -32.44
C LYS D 213 1.28 -49.50 -33.66
N ASP D 214 1.47 -48.28 -34.14
CA ASP D 214 2.40 -48.04 -35.25
C ASP D 214 3.41 -46.92 -34.91
N ALA D 215 4.13 -46.44 -35.92
CA ALA D 215 5.19 -45.48 -35.71
C ALA D 215 4.85 -44.06 -36.20
N THR D 216 3.57 -43.75 -36.30
CA THR D 216 3.12 -42.46 -36.86
C THR D 216 2.98 -41.31 -35.85
N SER D 217 3.25 -41.56 -34.56
CA SER D 217 3.11 -40.53 -33.53
C SER D 217 3.92 -39.25 -33.84
N LYS D 218 3.32 -38.10 -33.56
CA LYS D 218 3.92 -36.81 -33.89
C LYS D 218 4.28 -35.98 -32.66
N VAL D 219 3.95 -36.50 -31.49
CA VAL D 219 4.16 -35.77 -30.24
C VAL D 219 4.96 -36.61 -29.24
N ALA D 220 6.00 -36.00 -28.67
CA ALA D 220 6.74 -36.58 -27.55
C ALA D 220 6.30 -35.90 -26.26
N LEU D 221 6.00 -36.69 -25.22
CA LEU D 221 5.53 -36.18 -23.95
C LEU D 221 6.55 -36.37 -22.84
N VAL D 222 6.71 -35.34 -22.01
CA VAL D 222 7.63 -35.33 -20.89
C VAL D 222 6.91 -34.71 -19.69
N TYR D 223 6.85 -35.43 -18.57
CA TYR D 223 6.09 -34.95 -17.41
C TYR D 223 6.82 -35.06 -16.07
N GLY D 224 6.68 -34.00 -15.27
CA GLY D 224 7.14 -33.94 -13.88
C GLY D 224 6.22 -32.97 -13.18
N GLN D 225 5.09 -33.47 -12.67
CA GLN D 225 3.99 -32.62 -12.22
C GLN D 225 4.11 -32.19 -10.76
N MET D 226 3.05 -31.63 -10.19
CA MET D 226 3.11 -31.02 -8.84
C MET D 226 3.04 -32.03 -7.68
N ASN D 227 2.97 -33.32 -8.01
CA ASN D 227 3.14 -34.39 -7.04
C ASN D 227 4.62 -34.71 -6.80
N GLU D 228 5.49 -34.10 -7.60
CA GLU D 228 6.92 -34.36 -7.56
C GLU D 228 7.64 -33.37 -6.65
N PRO D 229 8.78 -33.80 -6.05
CA PRO D 229 9.59 -32.89 -5.25
C PRO D 229 10.32 -31.86 -6.15
N PRO D 230 10.81 -30.76 -5.56
CA PRO D 230 11.24 -29.61 -6.35
C PRO D 230 12.35 -29.91 -7.35
N GLY D 231 13.22 -30.85 -7.03
CA GLY D 231 14.32 -31.21 -7.93
C GLY D 231 13.80 -31.64 -9.28
N ALA D 232 12.78 -32.50 -9.27
CA ALA D 232 12.16 -32.98 -10.51
C ALA D 232 11.54 -31.81 -11.25
N ARG D 233 10.81 -30.96 -10.54
CA ARG D 233 10.17 -29.79 -11.12
C ARG D 233 11.17 -28.77 -11.67
N ALA D 234 12.35 -28.72 -11.09
CA ALA D 234 13.40 -27.79 -11.52
C ALA D 234 14.07 -28.22 -12.82
N ARG D 235 14.08 -29.53 -13.08
CA ARG D 235 14.84 -30.05 -14.21
C ARG D 235 13.98 -30.58 -15.36
N VAL D 236 12.73 -30.94 -15.09
CA VAL D 236 11.87 -31.51 -16.13
C VAL D 236 11.69 -30.61 -17.39
N ALA D 237 11.71 -29.28 -17.22
CA ALA D 237 11.69 -28.37 -18.38
C ALA D 237 12.90 -28.58 -19.28
N LEU D 238 14.07 -28.77 -18.68
CA LEU D 238 15.30 -29.03 -19.44
C LEU D 238 15.20 -30.38 -20.19
N THR D 239 14.62 -31.38 -19.54
CA THR D 239 14.41 -32.69 -20.16
C THR D 239 13.55 -32.54 -21.42
N GLY D 240 12.44 -31.83 -21.28
CA GLY D 240 11.52 -31.63 -22.39
C GLY D 240 12.15 -30.84 -23.52
N LEU D 241 12.92 -29.82 -23.18
CA LEU D 241 13.54 -29.01 -24.24
C LEU D 241 14.72 -29.71 -24.90
N THR D 242 15.38 -30.62 -24.18
CA THR D 242 16.46 -31.43 -24.73
C THR D 242 15.92 -32.35 -25.84
N VAL D 243 14.75 -32.94 -25.60
CA VAL D 243 14.03 -33.71 -26.61
C VAL D 243 13.77 -32.85 -27.86
N ALA D 244 13.28 -31.62 -27.64
CA ALA D 244 12.95 -30.69 -28.72
C ALA D 244 14.20 -30.24 -29.49
N GLU D 245 15.28 -29.97 -28.75
CA GLU D 245 16.58 -29.61 -29.34
C GLU D 245 17.09 -30.68 -30.33
N TYR D 246 16.84 -31.95 -30.01
CA TYR D 246 17.21 -33.03 -30.93
C TYR D 246 16.45 -32.90 -32.24
N PHE D 247 15.13 -32.73 -32.15
CA PHE D 247 14.30 -32.64 -33.34
C PHE D 247 14.64 -31.41 -34.18
N ARG D 248 15.00 -30.31 -33.52
CA ARG D 248 15.43 -29.10 -34.20
C ARG D 248 16.74 -29.29 -34.96
N ASP D 249 17.73 -29.92 -34.29
CA ASP D 249 19.10 -29.96 -34.83
C ASP D 249 19.46 -31.20 -35.63
N GLN D 250 18.81 -32.32 -35.34
CA GLN D 250 19.22 -33.62 -35.89
C GLN D 250 18.24 -34.14 -36.93
N GLU D 251 16.96 -33.81 -36.74
CA GLU D 251 15.94 -34.04 -37.77
C GLU D 251 15.76 -32.79 -38.62
N GLY D 252 16.10 -31.64 -38.05
CA GLY D 252 16.01 -30.36 -38.76
C GLY D 252 14.62 -29.75 -38.80
N GLN D 253 13.62 -30.61 -38.95
CA GLN D 253 12.23 -30.21 -39.24
C GLN D 253 11.59 -29.31 -38.19
N ASP D 254 10.48 -28.67 -38.57
CA ASP D 254 9.80 -27.70 -37.71
C ASP D 254 9.22 -28.35 -36.46
N VAL D 255 9.59 -27.78 -35.32
CA VAL D 255 9.20 -28.33 -34.03
C VAL D 255 8.26 -27.36 -33.32
N LEU D 256 7.19 -27.88 -32.73
CA LEU D 256 6.36 -27.12 -31.81
C LEU D 256 6.68 -27.58 -30.40
N LEU D 257 6.91 -26.62 -29.50
CA LEU D 257 7.21 -26.94 -28.12
C LEU D 257 6.21 -26.25 -27.20
N PHE D 258 5.42 -27.04 -26.49
CA PHE D 258 4.46 -26.51 -25.52
C PHE D 258 4.97 -26.81 -24.12
N ILE D 259 4.99 -25.79 -23.27
CA ILE D 259 5.38 -25.96 -21.87
C ILE D 259 4.29 -25.41 -20.96
N ASP D 260 3.77 -26.29 -20.10
CA ASP D 260 2.81 -25.90 -19.08
C ASP D 260 3.25 -26.55 -17.76
N ASN D 261 3.88 -25.81 -16.85
CA ASN D 261 3.98 -24.36 -16.82
C ASN D 261 5.42 -23.95 -16.48
N ILE D 262 6.02 -23.09 -17.30
CA ILE D 262 7.43 -22.74 -17.12
C ILE D 262 7.78 -21.99 -15.83
N PHE D 263 6.79 -21.32 -15.22
CA PHE D 263 6.96 -20.73 -13.88
C PHE D 263 7.45 -21.79 -12.88
N ARG D 264 6.96 -23.01 -13.04
CA ARG D 264 7.24 -24.08 -12.07
C ARG D 264 8.73 -24.43 -11.96
N PHE D 265 9.48 -24.16 -13.03
CA PHE D 265 10.95 -24.23 -13.06
C PHE D 265 11.59 -23.23 -12.08
N THR D 266 11.11 -21.98 -12.09
CA THR D 266 11.62 -20.93 -11.19
C THR D 266 11.16 -21.17 -9.75
N GLN D 267 9.91 -21.60 -9.59
CA GLN D 267 9.35 -21.88 -8.27
C GLN D 267 10.10 -23.01 -7.58
N ALA D 268 10.39 -24.10 -8.31
CA ALA D 268 11.16 -25.23 -7.78
C ALA D 268 12.51 -24.76 -7.22
N GLY D 269 13.16 -23.86 -7.97
CA GLY D 269 14.40 -23.22 -7.56
C GLY D 269 14.25 -22.42 -6.28
N SER D 270 13.10 -21.77 -6.09
CA SER D 270 12.88 -20.99 -4.87
C SER D 270 12.61 -21.89 -3.68
N GLU D 271 12.07 -23.09 -3.93
CA GLU D 271 11.78 -24.04 -2.85
C GLU D 271 13.04 -24.55 -2.17
N VAL D 272 14.12 -24.67 -2.93
CA VAL D 272 15.39 -25.22 -2.43
C VAL D 272 16.44 -24.14 -2.13
N SER D 273 16.16 -22.89 -2.53
CA SER D 273 17.16 -21.82 -2.47
C SER D 273 17.78 -21.62 -1.09
N ALA D 274 16.93 -21.53 -0.06
CA ALA D 274 17.42 -21.33 1.30
C ALA D 274 18.29 -22.49 1.77
N LEU D 275 17.87 -23.71 1.43
CA LEU D 275 18.60 -24.91 1.81
C LEU D 275 19.91 -25.07 1.05
N LEU D 276 20.05 -24.33 -0.05
CA LEU D 276 21.33 -24.23 -0.78
C LEU D 276 22.20 -23.14 -0.18
N GLY D 277 21.71 -22.53 0.90
CA GLY D 277 22.46 -21.54 1.67
C GLY D 277 22.51 -20.13 1.11
N ARG D 278 21.49 -19.72 0.35
CA ARG D 278 21.44 -18.38 -0.25
C ARG D 278 20.61 -17.38 0.55
N ILE D 279 21.13 -16.16 0.69
CA ILE D 279 20.29 -15.08 1.14
CA ILE D 279 20.35 -14.98 1.12
C ILE D 279 19.25 -14.78 0.08
N PRO D 280 17.99 -14.58 0.51
CA PRO D 280 16.96 -14.35 -0.50
C PRO D 280 17.09 -13.01 -1.20
N SER D 281 16.61 -12.97 -2.44
CA SER D 281 16.36 -11.72 -3.12
C SER D 281 14.91 -11.31 -2.76
N ALA D 282 14.37 -10.32 -3.46
CA ALA D 282 13.03 -9.82 -3.20
C ALA D 282 11.97 -10.91 -3.42
N VAL D 283 10.91 -10.86 -2.62
CA VAL D 283 9.74 -11.74 -2.74
C VAL D 283 10.11 -13.24 -2.59
N GLY D 284 11.14 -13.51 -1.80
CA GLY D 284 11.52 -14.88 -1.43
C GLY D 284 12.31 -15.64 -2.49
N TYR D 285 12.61 -15.01 -3.62
CA TYR D 285 13.27 -15.72 -4.71
C TYR D 285 14.80 -15.85 -4.57
N GLN D 286 15.32 -16.88 -5.24
CA GLN D 286 16.74 -17.10 -5.40
C GLN D 286 17.41 -15.88 -6.05
N PRO D 287 18.59 -15.47 -5.56
CA PRO D 287 19.35 -14.37 -6.17
C PRO D 287 19.65 -14.61 -7.65
N THR D 288 19.67 -15.89 -8.03
CA THR D 288 20.05 -16.35 -9.38
C THR D 288 18.89 -16.49 -10.35
N LEU D 289 17.71 -16.01 -9.97
CA LEU D 289 16.48 -16.14 -10.77
C LEU D 289 16.68 -15.83 -12.27
N ALA D 290 17.31 -14.69 -12.55
CA ALA D 290 17.42 -14.18 -13.93
C ALA D 290 18.44 -14.95 -14.77
N THR D 291 19.61 -15.24 -14.20
CA THR D 291 20.62 -16.02 -14.92
C THR D 291 20.21 -17.49 -15.10
N ASP D 292 19.57 -18.08 -14.08
CA ASP D 292 18.98 -19.42 -14.20
C ASP D 292 17.98 -19.47 -15.34
N MET D 293 17.10 -18.48 -15.37
CA MET D 293 16.07 -18.39 -16.41
C MET D 293 16.71 -18.21 -17.78
N GLY D 294 17.73 -17.35 -17.84
CA GLY D 294 18.40 -17.02 -19.10
C GLY D 294 19.06 -18.22 -19.74
N THR D 295 19.72 -19.04 -18.92
CA THR D 295 20.45 -20.22 -19.39
C THR D 295 19.50 -21.29 -19.95
N MET D 296 18.31 -21.36 -19.36
CA MET D 296 17.26 -22.25 -19.80
C MET D 296 16.55 -21.70 -21.04
N GLN D 297 16.05 -20.46 -20.93
CA GLN D 297 15.25 -19.83 -22.02
C GLN D 297 16.00 -19.66 -23.34
N GLU D 298 17.28 -19.31 -23.27
CA GLU D 298 18.08 -19.07 -24.47
C GLU D 298 18.31 -20.32 -25.33
N ARG D 299 17.97 -21.49 -24.78
CA ARG D 299 18.00 -22.75 -25.53
C ARG D 299 16.68 -22.99 -26.25
N ILE D 300 15.63 -22.39 -25.72
CA ILE D 300 14.29 -22.48 -26.31
C ILE D 300 14.22 -21.45 -27.44
N THR D 301 14.66 -21.85 -28.63
CA THR D 301 14.83 -20.92 -29.72
C THR D 301 14.93 -21.59 -31.08
N THR D 302 14.42 -20.88 -32.08
CA THR D 302 14.69 -21.21 -33.47
C THR D 302 16.15 -20.84 -33.73
N THR D 303 16.82 -21.60 -34.59
CA THR D 303 18.18 -21.29 -35.03
C THR D 303 18.23 -21.44 -36.54
N LYS D 304 19.42 -21.25 -37.11
CA LYS D 304 19.63 -21.47 -38.54
C LYS D 304 19.45 -22.94 -38.94
N LYS D 305 19.66 -23.84 -37.98
CA LYS D 305 19.51 -25.29 -38.21
C LYS D 305 18.05 -25.76 -38.25
N GLY D 306 17.19 -25.09 -37.50
CA GLY D 306 15.79 -25.53 -37.38
C GLY D 306 14.90 -24.61 -36.56
N SER D 307 13.60 -24.76 -36.78
CA SER D 307 12.61 -23.88 -36.18
C SER D 307 11.93 -24.53 -34.99
N ILE D 308 11.80 -23.75 -33.92
CA ILE D 308 10.96 -24.13 -32.79
C ILE D 308 9.95 -23.01 -32.58
N THR D 309 8.68 -23.34 -32.71
CA THR D 309 7.61 -22.45 -32.31
C THR D 309 7.30 -22.86 -30.87
N SER D 310 7.63 -22.00 -29.92
CA SER D 310 7.47 -22.33 -28.52
C SER D 310 6.31 -21.58 -27.89
N VAL D 311 5.45 -22.32 -27.20
CA VAL D 311 4.32 -21.75 -26.51
C VAL D 311 4.43 -22.13 -25.04
N GLN D 312 4.63 -21.13 -24.19
CA GLN D 312 4.89 -21.39 -22.77
C GLN D 312 3.83 -20.75 -21.90
N ALA D 313 3.15 -21.58 -21.11
CA ALA D 313 2.24 -21.10 -20.09
C ALA D 313 3.09 -20.57 -18.94
N ILE D 314 2.76 -19.37 -18.45
CA ILE D 314 3.57 -18.68 -17.45
C ILE D 314 2.68 -18.22 -16.31
N TYR D 315 2.76 -18.91 -15.19
CA TYR D 315 1.95 -18.63 -14.01
C TYR D 315 2.33 -17.30 -13.35
N VAL D 316 1.33 -16.59 -12.81
CA VAL D 316 1.53 -15.25 -12.25
C VAL D 316 1.08 -15.30 -10.78
N PRO D 317 2.02 -15.46 -9.83
CA PRO D 317 1.64 -15.62 -8.42
C PRO D 317 0.92 -14.39 -7.88
N ALA D 318 -0.16 -14.60 -7.14
CA ALA D 318 -0.93 -13.51 -6.53
C ALA D 318 -1.47 -12.50 -7.55
N ASP D 319 -1.63 -12.96 -8.80
CA ASP D 319 -2.11 -12.12 -9.90
C ASP D 319 -1.25 -10.89 -10.20
N ASP D 320 -0.05 -10.85 -9.61
CA ASP D 320 0.82 -9.70 -9.75
C ASP D 320 1.87 -9.90 -10.84
N LEU D 321 1.66 -9.30 -12.01
CA LEU D 321 2.58 -9.41 -13.13
C LEU D 321 3.96 -8.78 -12.87
N THR D 322 4.10 -8.05 -11.75
CA THR D 322 5.40 -7.49 -11.36
C THR D 322 6.19 -8.48 -10.51
N ASP D 323 5.57 -9.61 -10.16
CA ASP D 323 6.26 -10.68 -9.43
C ASP D 323 7.53 -11.02 -10.22
N PRO D 324 8.68 -11.08 -9.55
CA PRO D 324 9.95 -11.32 -10.24
C PRO D 324 9.96 -12.47 -11.27
N ALA D 325 9.20 -13.55 -11.01
CA ALA D 325 9.16 -14.67 -11.94
C ALA D 325 8.55 -14.31 -13.33
N PRO D 326 7.25 -13.91 -13.40
CA PRO D 326 6.76 -13.48 -14.71
C PRO D 326 7.43 -12.19 -15.24
N ALA D 327 7.76 -11.24 -14.35
CA ALA D 327 8.39 -9.98 -14.78
C ALA D 327 9.64 -10.24 -15.62
N THR D 328 10.43 -11.20 -15.16
CA THR D 328 11.70 -11.54 -15.79
C THR D 328 11.48 -12.35 -17.07
N THR D 329 10.31 -12.96 -17.19
CA THR D 329 9.98 -13.81 -18.36
C THR D 329 9.66 -13.02 -19.65
N PHE D 330 9.08 -11.82 -19.50
CA PHE D 330 8.63 -11.03 -20.66
C PHE D 330 9.70 -10.83 -21.73
N ALA D 331 10.92 -10.49 -21.30
CA ALA D 331 12.02 -10.18 -22.22
C ALA D 331 12.43 -11.36 -23.09
N HIS D 332 11.98 -12.55 -22.71
CA HIS D 332 12.32 -13.76 -23.43
C HIS D 332 11.32 -14.11 -24.53
N LEU D 333 10.34 -13.23 -24.77
CA LEU D 333 9.24 -13.54 -25.68
C LEU D 333 9.16 -12.64 -26.93
N ASP D 334 8.56 -13.15 -27.99
CA ASP D 334 8.26 -12.38 -29.19
C ASP D 334 6.79 -11.98 -29.23
N ALA D 335 5.94 -12.79 -28.62
CA ALA D 335 4.53 -12.50 -28.50
C ALA D 335 4.08 -12.86 -27.10
N THR D 336 3.30 -11.98 -26.49
CA THR D 336 2.80 -12.21 -25.14
C THR D 336 1.28 -12.15 -25.16
N THR D 337 0.65 -13.17 -24.61
CA THR D 337 -0.78 -13.15 -24.38
C THR D 337 -0.98 -13.11 -22.87
N VAL D 338 -1.52 -11.99 -22.39
CA VAL D 338 -1.72 -11.78 -20.97
C VAL D 338 -3.20 -11.92 -20.63
N LEU D 339 -3.49 -12.89 -19.77
CA LEU D 339 -4.85 -13.17 -19.32
C LEU D 339 -5.11 -12.45 -18.01
N SER D 340 -6.38 -12.23 -17.68
CA SER D 340 -6.73 -11.39 -16.54
C SER D 340 -7.96 -11.92 -15.82
N ARG D 341 -7.87 -12.03 -14.49
CA ARG D 341 -9.00 -12.47 -13.67
C ARG D 341 -10.16 -11.48 -13.75
N ALA D 342 -9.84 -10.18 -13.86
CA ALA D 342 -10.87 -9.14 -13.95
C ALA D 342 -11.73 -9.26 -15.20
N ILE D 343 -11.14 -9.79 -16.28
CA ILE D 343 -11.85 -10.06 -17.53
C ILE D 343 -12.58 -11.42 -17.49
N ALA D 344 -11.89 -12.45 -17.00
CA ALA D 344 -12.49 -13.79 -16.88
C ALA D 344 -13.75 -13.75 -16.02
N GLU D 345 -13.71 -12.97 -14.94
CA GLU D 345 -14.81 -12.81 -13.99
C GLU D 345 -16.10 -12.23 -14.60
N LEU D 346 -15.95 -11.58 -15.75
CA LEU D 346 -17.10 -11.05 -16.50
C LEU D 346 -17.71 -12.07 -17.45
N GLY D 347 -17.08 -13.23 -17.58
CA GLY D 347 -17.50 -14.23 -18.55
C GLY D 347 -16.86 -14.04 -19.91
N ILE D 348 -15.97 -13.05 -20.03
CA ILE D 348 -15.23 -12.85 -21.27
C ILE D 348 -14.12 -13.90 -21.36
N TYR D 349 -14.35 -14.92 -22.18
CA TYR D 349 -13.34 -15.95 -22.46
C TYR D 349 -13.10 -16.02 -23.97
N PRO D 350 -11.84 -16.18 -24.40
CA PRO D 350 -10.63 -16.26 -23.56
C PRO D 350 -10.35 -14.91 -22.89
N ALA D 351 -9.82 -14.96 -21.66
CA ALA D 351 -9.72 -13.80 -20.80
C ALA D 351 -8.51 -12.92 -21.08
N VAL D 352 -8.23 -12.71 -22.36
CA VAL D 352 -7.08 -11.93 -22.81
C VAL D 352 -7.29 -10.43 -22.56
N ASP D 353 -6.32 -9.80 -21.91
CA ASP D 353 -6.29 -8.35 -21.75
C ASP D 353 -5.81 -7.74 -23.07
N PRO D 354 -6.72 -7.06 -23.80
CA PRO D 354 -6.43 -6.48 -25.11
C PRO D 354 -5.44 -5.32 -25.01
N LEU D 355 -5.27 -4.82 -23.79
CA LEU D 355 -4.41 -3.65 -23.51
C LEU D 355 -3.14 -4.05 -22.76
N ASP D 356 -2.83 -5.34 -22.75
CA ASP D 356 -1.59 -5.81 -22.15
C ASP D 356 -0.98 -7.00 -22.87
N SER D 357 -1.32 -7.14 -24.15
CA SER D 357 -0.81 -8.24 -24.97
C SER D 357 -0.15 -7.64 -26.21
N THR D 358 1.04 -8.13 -26.54
CA THR D 358 1.87 -7.51 -27.56
C THR D 358 2.52 -8.56 -28.46
N SER D 359 3.00 -8.12 -29.61
CA SER D 359 3.74 -8.97 -30.51
C SER D 359 4.72 -8.19 -31.34
N ARG D 360 5.92 -8.74 -31.50
CA ARG D 360 6.95 -8.19 -32.37
C ARG D 360 6.43 -7.89 -33.79
N ILE D 361 5.56 -8.75 -34.30
CA ILE D 361 5.09 -8.64 -35.68
C ILE D 361 3.86 -7.75 -35.88
N MET D 362 3.29 -7.24 -34.78
CA MET D 362 2.29 -6.16 -34.85
C MET D 362 2.99 -4.89 -35.34
N ASP D 363 3.17 -4.85 -36.65
CA ASP D 363 3.94 -3.86 -37.36
C ASP D 363 3.26 -3.70 -38.71
N PRO D 364 2.95 -2.44 -39.12
CA PRO D 364 2.27 -2.22 -40.40
C PRO D 364 3.03 -2.79 -41.60
N ASN D 365 4.36 -2.86 -41.50
CA ASN D 365 5.20 -3.42 -42.56
C ASN D 365 5.16 -4.94 -42.64
N ILE D 366 4.70 -5.60 -41.58
CA ILE D 366 4.66 -7.05 -41.52
C ILE D 366 3.24 -7.61 -41.76
N VAL D 367 2.28 -7.12 -40.99
CA VAL D 367 0.90 -7.61 -41.10
C VAL D 367 0.04 -6.82 -42.11
N GLY D 368 0.62 -5.80 -42.73
CA GLY D 368 -0.13 -4.92 -43.64
C GLY D 368 -0.85 -3.83 -42.86
N SER D 369 -1.05 -2.68 -43.50
CA SER D 369 -1.60 -1.52 -42.81
C SER D 369 -3.06 -1.68 -42.34
N GLU D 370 -3.85 -2.46 -43.10
CA GLU D 370 -5.25 -2.70 -42.72
C GLU D 370 -5.40 -3.45 -41.39
N HIS D 371 -4.64 -4.54 -41.25
CA HIS D 371 -4.58 -5.33 -40.01
C HIS D 371 -4.13 -4.46 -38.84
N TYR D 372 -3.02 -3.74 -39.04
CA TYR D 372 -2.44 -2.87 -38.02
C TYR D 372 -3.41 -1.76 -37.57
N ASP D 373 -4.02 -1.07 -38.54
CA ASP D 373 -4.94 0.04 -38.26
C ASP D 373 -6.15 -0.38 -37.43
N VAL D 374 -6.75 -1.52 -37.79
CA VAL D 374 -7.91 -2.04 -37.06
C VAL D 374 -7.52 -2.45 -35.63
N ALA D 375 -6.34 -3.05 -35.48
CA ALA D 375 -5.86 -3.50 -34.18
C ALA D 375 -5.59 -2.32 -33.25
N ARG D 376 -4.91 -1.29 -33.79
CA ARG D 376 -4.65 -0.05 -33.04
C ARG D 376 -5.94 0.71 -32.73
N GLY D 377 -6.87 0.70 -33.69
CA GLY D 377 -8.20 1.30 -33.51
C GLY D 377 -8.97 0.63 -32.39
N VAL D 378 -8.92 -0.70 -32.35
CA VAL D 378 -9.55 -1.49 -31.30
C VAL D 378 -8.94 -1.17 -29.93
N GLN D 379 -7.61 -1.08 -29.87
CA GLN D 379 -6.93 -0.81 -28.62
C GLN D 379 -7.24 0.60 -28.12
N LYS D 380 -7.32 1.57 -29.05
CA LYS D 380 -7.68 2.94 -28.70
C LYS D 380 -9.09 3.05 -28.10
N ILE D 381 -10.08 2.46 -28.76
CA ILE D 381 -11.46 2.50 -28.28
C ILE D 381 -11.59 1.82 -26.90
N LEU D 382 -10.89 0.71 -26.72
CA LEU D 382 -10.90 0.00 -25.44
C LEU D 382 -10.17 0.77 -24.34
N GLN D 383 -9.05 1.40 -24.65
CA GLN D 383 -8.35 2.23 -23.66
C GLN D 383 -9.14 3.49 -23.31
N ASP D 384 -9.78 4.09 -24.32
CA ASP D 384 -10.65 5.26 -24.13
C ASP D 384 -11.84 4.95 -23.20
N TYR D 385 -12.48 3.80 -23.42
CA TYR D 385 -13.59 3.34 -22.58
C TYR D 385 -13.14 3.05 -21.14
N LYS D 386 -11.99 2.37 -21.02
CA LYS D 386 -11.43 2.03 -19.72
C LYS D 386 -11.14 3.27 -18.89
N SER D 387 -10.64 4.32 -19.54
CA SER D 387 -10.35 5.60 -18.88
C SER D 387 -11.62 6.39 -18.51
N LEU D 388 -12.74 6.09 -19.16
CA LEU D 388 -14.02 6.74 -18.88
C LEU D 388 -14.87 6.02 -17.85
N GLN D 389 -14.83 4.68 -17.88
CA GLN D 389 -15.64 3.81 -17.03
C GLN D 389 -15.91 4.33 -15.63
N ASP D 390 -14.84 4.66 -14.93
CA ASP D 390 -14.91 5.06 -13.53
C ASP D 390 -15.56 6.43 -13.34
N ILE D 391 -15.37 7.32 -14.31
CA ILE D 391 -15.96 8.65 -14.28
C ILE D 391 -17.48 8.56 -14.46
N ILE D 392 -17.92 7.73 -15.40
CA ILE D 392 -19.35 7.59 -15.68
C ILE D 392 -20.08 6.65 -14.70
N ALA D 393 -19.33 5.85 -13.96
CA ALA D 393 -19.89 5.07 -12.86
C ALA D 393 -20.41 5.98 -11.74
N ILE D 394 -19.89 7.21 -11.70
CA ILE D 394 -20.31 8.18 -10.68
C ILE D 394 -21.18 9.30 -11.27
N LEU D 395 -20.72 9.92 -12.35
CA LEU D 395 -21.42 11.06 -12.94
C LEU D 395 -22.58 10.66 -13.85
N GLY D 396 -22.58 9.40 -14.29
CA GLY D 396 -23.64 8.88 -15.14
C GLY D 396 -23.34 8.98 -16.62
N MET D 397 -23.81 7.98 -17.37
CA MET D 397 -23.69 7.93 -18.83
C MET D 397 -24.30 9.16 -19.50
N ASP D 398 -25.37 9.68 -18.89
CA ASP D 398 -26.14 10.80 -19.45
C ASP D 398 -25.32 12.08 -19.63
N GLU D 399 -24.24 12.21 -18.86
CA GLU D 399 -23.35 13.36 -18.93
C GLU D 399 -22.49 13.38 -20.20
N LEU D 400 -22.33 12.22 -20.83
CA LEU D 400 -21.50 12.10 -22.03
C LEU D 400 -22.15 12.69 -23.26
N SER D 401 -21.31 13.25 -24.14
CA SER D 401 -21.73 13.63 -25.47
C SER D 401 -22.14 12.38 -26.25
N GLU D 402 -22.93 12.57 -27.30
CA GLU D 402 -23.32 11.45 -28.17
C GLU D 402 -22.10 10.78 -28.82
N GLU D 403 -21.00 11.54 -28.91
CA GLU D 403 -19.74 11.04 -29.43
C GLU D 403 -19.08 10.07 -28.45
N ASP D 404 -19.04 10.45 -27.18
CA ASP D 404 -18.47 9.60 -26.13
C ASP D 404 -19.29 8.35 -25.87
N LYS D 405 -20.61 8.49 -25.80
CA LYS D 405 -21.48 7.35 -25.49
C LYS D 405 -21.62 6.39 -26.66
N LEU D 406 -21.30 6.89 -27.86
CA LEU D 406 -21.19 6.07 -29.06
C LEU D 406 -19.97 5.16 -28.98
N THR D 407 -18.87 5.70 -28.45
CA THR D 407 -17.64 4.93 -28.30
C THR D 407 -17.69 4.01 -27.07
N VAL D 408 -18.57 4.33 -26.11
CA VAL D 408 -18.84 3.41 -25.00
C VAL D 408 -19.57 2.18 -25.51
N SER D 409 -20.69 2.39 -26.21
CA SER D 409 -21.47 1.27 -26.75
C SER D 409 -20.63 0.41 -27.71
N ARG D 410 -19.88 1.06 -28.60
CA ARG D 410 -18.99 0.36 -29.53
C ARG D 410 -17.90 -0.45 -28.84
N ALA D 411 -17.27 0.15 -27.82
CA ALA D 411 -16.23 -0.52 -27.06
C ALA D 411 -16.74 -1.77 -26.35
N ARG D 412 -17.97 -1.69 -25.83
CA ARG D 412 -18.60 -2.82 -25.15
C ARG D 412 -18.97 -3.95 -26.11
N LYS D 413 -19.24 -3.60 -27.36
CA LYS D 413 -19.47 -4.60 -28.39
C LYS D 413 -18.17 -5.26 -28.84
N ILE D 414 -17.12 -4.44 -28.99
CA ILE D 414 -15.78 -4.92 -29.31
C ILE D 414 -15.22 -5.84 -28.21
N GLN D 415 -15.42 -5.45 -26.96
CA GLN D 415 -15.05 -6.32 -25.84
C GLN D 415 -15.70 -7.70 -25.99
N ARG D 416 -16.98 -7.71 -26.35
CA ARG D 416 -17.73 -8.94 -26.49
C ARG D 416 -17.35 -9.75 -27.72
N PHE D 417 -17.07 -9.08 -28.83
CA PHE D 417 -16.65 -9.76 -30.06
C PHE D 417 -15.26 -10.36 -29.94
N LEU D 418 -14.48 -9.90 -28.95
CA LEU D 418 -13.19 -10.50 -28.62
C LEU D 418 -13.33 -11.86 -27.93
N SER D 419 -14.45 -12.07 -27.24
CA SER D 419 -14.72 -13.37 -26.63
C SER D 419 -15.01 -14.39 -27.73
N GLN D 420 -14.84 -15.68 -27.42
CA GLN D 420 -14.96 -16.72 -28.44
C GLN D 420 -15.15 -18.08 -27.78
N PRO D 421 -16.08 -18.90 -28.31
CA PRO D 421 -16.18 -20.26 -27.76
C PRO D 421 -15.08 -21.16 -28.33
N PHE D 422 -14.34 -21.82 -27.45
CA PHE D 422 -13.27 -22.72 -27.84
C PHE D 422 -13.78 -24.15 -27.97
N GLN D 423 -13.22 -24.91 -28.91
CA GLN D 423 -13.57 -26.33 -29.04
C GLN D 423 -13.25 -27.10 -27.77
N VAL D 424 -12.12 -26.76 -27.13
CA VAL D 424 -11.68 -27.42 -25.90
C VAL D 424 -12.43 -26.93 -24.67
N ALA D 425 -13.29 -25.94 -24.84
CA ALA D 425 -13.98 -25.32 -23.72
C ALA D 425 -15.48 -25.55 -23.75
N GLU D 426 -15.93 -26.43 -24.65
CA GLU D 426 -17.35 -26.75 -24.77
C GLU D 426 -17.96 -27.21 -23.45
N VAL D 427 -17.20 -27.96 -22.66
CA VAL D 427 -17.69 -28.42 -21.34
C VAL D 427 -17.83 -27.29 -20.31
N PHE D 428 -17.34 -26.10 -20.67
CA PHE D 428 -17.43 -24.95 -19.77
C PHE D 428 -18.43 -23.90 -20.30
N THR D 429 -18.48 -23.74 -21.62
CA THR D 429 -19.28 -22.70 -22.24
C THR D 429 -20.72 -23.14 -22.51
N GLY D 430 -20.89 -24.38 -22.95
CA GLY D 430 -22.17 -24.86 -23.45
C GLY D 430 -22.37 -24.54 -24.93
N HIS D 431 -21.37 -23.90 -25.53
CA HIS D 431 -21.40 -23.46 -26.93
C HIS D 431 -20.43 -24.29 -27.77
N LEU D 432 -20.77 -24.52 -29.03
CA LEU D 432 -19.88 -25.20 -29.97
C LEU D 432 -18.64 -24.34 -30.26
N GLY D 433 -17.50 -24.99 -30.38
CA GLY D 433 -16.24 -24.30 -30.64
C GLY D 433 -16.22 -23.60 -31.98
N LYS D 434 -15.52 -22.48 -32.05
CA LYS D 434 -15.41 -21.73 -33.31
C LYS D 434 -13.97 -21.32 -33.60
N LEU D 435 -13.58 -21.47 -34.86
CA LEU D 435 -12.29 -21.03 -35.34
C LEU D 435 -12.56 -19.96 -36.39
N VAL D 436 -11.94 -18.79 -36.25
CA VAL D 436 -12.25 -17.66 -37.13
C VAL D 436 -11.05 -17.28 -38.01
N PRO D 437 -11.21 -17.35 -39.34
CA PRO D 437 -10.11 -16.94 -40.24
C PRO D 437 -9.66 -15.49 -39.99
N LEU D 438 -8.38 -15.22 -40.22
CA LEU D 438 -7.80 -13.89 -39.99
C LEU D 438 -8.56 -12.80 -40.74
N LYS D 439 -8.84 -13.05 -42.02
CA LYS D 439 -9.61 -12.12 -42.88
C LYS D 439 -10.93 -11.70 -42.24
N GLU D 440 -11.64 -12.68 -41.66
CA GLU D 440 -12.95 -12.46 -41.06
C GLU D 440 -12.85 -11.72 -39.74
N THR D 441 -11.81 -12.02 -38.97
CA THR D 441 -11.51 -11.32 -37.73
C THR D 441 -11.34 -9.83 -38.01
N ILE D 442 -10.42 -9.51 -38.95
CA ILE D 442 -10.15 -8.14 -39.37
C ILE D 442 -11.42 -7.42 -39.84
N LYS D 443 -12.15 -8.05 -40.75
CA LYS D 443 -13.41 -7.50 -41.28
C LYS D 443 -14.40 -7.16 -40.18
N GLY D 444 -14.66 -8.13 -39.29
CA GLY D 444 -15.62 -7.96 -38.20
C GLY D 444 -15.35 -6.77 -37.29
N PHE D 445 -14.10 -6.62 -36.84
CA PHE D 445 -13.73 -5.50 -35.97
C PHE D 445 -13.74 -4.17 -36.72
N GLN D 446 -13.31 -4.21 -37.97
CA GLN D 446 -13.37 -3.05 -38.85
C GLN D 446 -14.81 -2.53 -38.93
N GLN D 447 -15.76 -3.44 -39.13
CA GLN D 447 -17.16 -3.06 -39.30
C GLN D 447 -17.76 -2.47 -38.03
N ILE D 448 -17.43 -3.07 -36.88
CA ILE D 448 -17.91 -2.57 -35.59
C ILE D 448 -17.38 -1.16 -35.32
N LEU D 449 -16.10 -0.95 -35.62
CA LEU D 449 -15.45 0.35 -35.46
C LEU D 449 -16.11 1.41 -36.35
N ALA D 450 -16.43 1.04 -37.58
CA ALA D 450 -17.04 1.95 -38.55
C ALA D 450 -18.48 2.32 -38.18
N GLY D 451 -19.02 1.69 -37.14
CA GLY D 451 -20.41 1.92 -36.71
C GLY D 451 -21.44 1.14 -37.48
N GLU D 452 -21.00 0.10 -38.19
CA GLU D 452 -21.90 -0.69 -39.04
C GLU D 452 -22.89 -1.59 -38.28
N TYR D 453 -22.72 -1.71 -36.97
CA TYR D 453 -23.64 -2.50 -36.15
C TYR D 453 -24.10 -1.75 -34.90
N ASP D 454 -24.12 -0.43 -34.98
CA ASP D 454 -24.53 0.43 -33.87
C ASP D 454 -25.98 0.16 -33.45
N HIS D 455 -26.76 -0.39 -34.37
CA HIS D 455 -28.17 -0.68 -34.16
C HIS D 455 -28.42 -2.02 -33.45
N LEU D 456 -27.38 -2.87 -33.40
CA LEU D 456 -27.50 -4.21 -32.83
C LEU D 456 -27.26 -4.22 -31.32
N PRO D 457 -27.95 -5.13 -30.61
CA PRO D 457 -27.72 -5.26 -29.16
C PRO D 457 -26.35 -5.82 -28.81
N GLU D 458 -25.78 -5.27 -27.74
CA GLU D 458 -24.51 -5.66 -27.14
C GLU D 458 -24.27 -7.16 -27.11
N GLN D 459 -25.27 -7.89 -26.64
CA GLN D 459 -25.18 -9.33 -26.37
C GLN D 459 -25.04 -10.19 -27.61
N ALA D 460 -25.48 -9.68 -28.75
CA ALA D 460 -25.35 -10.41 -30.01
C ALA D 460 -23.88 -10.70 -30.33
N PHE D 461 -22.99 -9.88 -29.78
CA PHE D 461 -21.56 -9.97 -30.04
C PHE D 461 -20.80 -10.90 -29.11
N TYR D 462 -21.47 -11.29 -28.02
CA TYR D 462 -20.85 -12.10 -26.98
C TYR D 462 -20.85 -13.58 -27.34
N MET D 463 -19.68 -14.21 -27.22
CA MET D 463 -19.53 -15.67 -27.34
C MET D 463 -19.99 -16.22 -28.70
N VAL D 464 -19.53 -15.56 -29.78
CA VAL D 464 -19.76 -16.04 -31.13
C VAL D 464 -18.42 -16.21 -31.86
N GLY D 465 -18.48 -16.80 -33.05
CA GLY D 465 -17.33 -16.89 -33.97
C GLY D 465 -17.26 -15.67 -34.87
N PRO D 466 -17.62 -15.83 -36.17
CA PRO D 466 -17.56 -14.71 -37.11
C PRO D 466 -18.69 -13.69 -36.89
N ILE D 467 -18.54 -12.52 -37.52
CA ILE D 467 -19.46 -11.40 -37.34
C ILE D 467 -20.89 -11.71 -37.79
N GLU D 468 -21.01 -12.61 -38.77
CA GLU D 468 -22.30 -13.07 -39.27
C GLU D 468 -23.14 -13.72 -38.17
N GLU D 469 -22.46 -14.40 -37.24
CA GLU D 469 -23.13 -15.02 -36.10
C GLU D 469 -23.68 -14.00 -35.10
N ALA D 470 -23.02 -12.84 -35.00
CA ALA D 470 -23.54 -11.74 -34.19
C ALA D 470 -24.83 -11.19 -34.80
N VAL D 471 -24.83 -11.01 -36.12
CA VAL D 471 -26.00 -10.57 -36.86
C VAL D 471 -27.13 -11.57 -36.65
N ALA D 472 -26.81 -12.85 -36.85
CA ALA D 472 -27.76 -13.94 -36.66
C ALA D 472 -28.27 -14.01 -35.21
N LYS D 473 -27.40 -13.74 -34.25
CA LYS D 473 -27.77 -13.74 -32.84
C LYS D 473 -28.73 -12.58 -32.53
N ALA D 474 -28.55 -11.46 -33.21
CA ALA D 474 -29.38 -10.27 -33.00
C ALA D 474 -30.85 -10.55 -33.35
N ASP D 475 -31.07 -11.30 -34.42
CA ASP D 475 -32.41 -11.73 -34.84
C ASP D 475 -33.00 -12.73 -33.85
N LYS D 476 -32.17 -13.66 -33.37
CA LYS D 476 -32.58 -14.68 -32.41
C LYS D 476 -32.97 -14.09 -31.05
N LEU D 477 -32.25 -13.05 -30.63
CA LEU D 477 -32.53 -12.37 -29.36
C LEU D 477 -33.79 -11.50 -29.43
N ALA D 478 -34.24 -11.18 -30.65
CA ALA D 478 -35.48 -10.44 -30.84
C ALA D 478 -36.69 -11.34 -30.56
N GLU D 479 -36.83 -12.42 -31.33
CA GLU D 479 -37.89 -13.41 -31.10
C GLU D 479 -37.53 -14.77 -31.71
N THR E 13 50.06 5.15 14.85
CA THR E 13 50.73 3.88 14.40
C THR E 13 50.26 3.46 13.01
N THR E 14 50.89 2.41 12.49
CA THR E 14 50.62 1.91 11.14
C THR E 14 49.89 0.56 11.22
N GLY E 15 48.74 0.50 10.55
CA GLY E 15 47.96 -0.73 10.46
C GLY E 15 48.09 -1.39 9.11
N ARG E 16 47.41 -2.53 8.96
CA ARG E 16 47.37 -3.27 7.70
C ARG E 16 45.93 -3.61 7.33
N ILE E 17 45.60 -3.42 6.05
CA ILE E 17 44.32 -3.85 5.49
C ILE E 17 44.18 -5.37 5.63
N VAL E 18 43.07 -5.82 6.19
CA VAL E 18 42.79 -7.25 6.30
C VAL E 18 41.59 -7.72 5.44
N ALA E 19 40.76 -6.76 5.04
CA ALA E 19 39.58 -7.02 4.20
C ALA E 19 39.22 -5.81 3.35
N VAL E 20 38.84 -6.08 2.10
CA VAL E 20 38.27 -5.08 1.19
C VAL E 20 36.99 -5.64 0.58
N ILE E 21 35.85 -5.08 0.99
CA ILE E 21 34.56 -5.44 0.40
C ILE E 21 33.88 -4.16 -0.10
N GLY E 22 34.02 -3.89 -1.40
CA GLY E 22 33.51 -2.65 -1.97
C GLY E 22 34.12 -1.44 -1.27
N ALA E 23 33.27 -0.53 -0.81
CA ALA E 23 33.74 0.69 -0.16
C ALA E 23 33.95 0.52 1.36
N VAL E 24 33.99 -0.73 1.82
CA VAL E 24 34.27 -1.06 3.22
C VAL E 24 35.62 -1.79 3.33
N VAL E 25 36.49 -1.25 4.19
CA VAL E 25 37.86 -1.74 4.37
C VAL E 25 38.12 -1.98 5.86
N ASP E 26 38.55 -3.20 6.18
CA ASP E 26 38.95 -3.53 7.55
C ASP E 26 40.47 -3.41 7.70
N VAL E 27 40.89 -2.79 8.80
CA VAL E 27 42.31 -2.56 9.07
C VAL E 27 42.66 -3.05 10.48
N GLN E 28 43.75 -3.80 10.57
CA GLN E 28 44.25 -4.33 11.83
C GLN E 28 45.45 -3.53 12.32
N PHE E 29 45.44 -3.18 13.61
CA PHE E 29 46.52 -2.42 14.25
C PHE E 29 47.13 -3.21 15.41
N ASP E 30 48.45 -3.23 15.51
CA ASP E 30 49.14 -3.97 16.57
C ASP E 30 49.19 -3.22 17.90
N GLU E 31 49.38 -1.91 17.85
CA GLU E 31 49.50 -1.10 19.06
C GLU E 31 48.19 -0.40 19.42
N GLY E 32 48.11 0.90 19.19
CA GLY E 32 46.92 1.68 19.51
C GLY E 32 45.91 1.75 18.36
N LEU E 33 44.71 1.27 18.63
CA LEU E 33 43.61 1.36 17.69
C LEU E 33 43.12 2.81 17.56
N PRO E 34 42.92 3.28 16.32
CA PRO E 34 42.29 4.59 16.07
C PRO E 34 40.83 4.60 16.54
N PRO E 35 40.44 5.66 17.28
CA PRO E 35 39.04 5.76 17.68
C PRO E 35 38.09 5.88 16.49
N ILE E 36 36.84 5.49 16.72
CA ILE E 36 35.77 5.65 15.74
C ILE E 36 35.74 7.11 15.28
N LEU E 37 35.59 7.30 13.97
CA LEU E 37 35.57 8.60 13.30
C LEU E 37 36.94 9.15 12.87
N ASN E 38 38.01 8.49 13.31
CA ASN E 38 39.35 8.89 12.89
C ASN E 38 39.59 8.66 11.41
N ALA E 39 40.34 9.57 10.80
CA ALA E 39 40.74 9.46 9.41
C ALA E 39 42.01 8.66 9.32
N LEU E 40 42.00 7.64 8.45
CA LEU E 40 43.19 6.84 8.18
C LEU E 40 43.65 7.09 6.75
N GLU E 41 44.96 7.14 6.57
CA GLU E 41 45.55 7.39 5.26
C GLU E 41 46.18 6.11 4.71
N VAL E 42 45.60 5.58 3.64
CA VAL E 42 46.17 4.42 2.95
C VAL E 42 47.49 4.80 2.29
N GLN E 43 48.50 3.97 2.48
CA GLN E 43 49.83 4.21 1.91
C GLN E 43 49.98 3.51 0.55
N GLY E 44 50.93 3.99 -0.25
CA GLY E 44 51.26 3.37 -1.54
C GLY E 44 50.21 3.57 -2.63
N ARG E 45 49.81 4.82 -2.87
CA ARG E 45 48.81 5.12 -3.89
C ARG E 45 49.02 6.45 -4.64
N GLU E 46 48.41 6.56 -5.82
CA GLU E 46 48.50 7.75 -6.67
C GLU E 46 47.87 8.97 -5.99
N THR E 47 46.58 8.85 -5.68
CA THR E 47 45.85 9.92 -5.02
C THR E 47 45.50 9.51 -3.59
N ARG E 48 45.10 10.50 -2.79
CA ARG E 48 44.87 10.32 -1.38
C ARG E 48 43.60 9.49 -1.14
N LEU E 49 43.78 8.31 -0.53
CA LEU E 49 42.65 7.49 -0.10
C LEU E 49 42.49 7.55 1.41
N VAL E 50 41.37 8.15 1.83
CA VAL E 50 41.05 8.29 3.24
C VAL E 50 40.01 7.26 3.61
N LEU E 51 40.20 6.63 4.77
CA LEU E 51 39.23 5.72 5.34
C LEU E 51 38.78 6.28 6.68
N GLU E 52 37.48 6.32 6.93
CA GLU E 52 36.95 6.82 8.20
C GLU E 52 36.54 5.66 9.09
N VAL E 53 37.14 5.56 10.28
CA VAL E 53 36.82 4.48 11.22
C VAL E 53 35.34 4.50 11.60
N ALA E 54 34.67 3.37 11.44
CA ALA E 54 33.25 3.26 11.80
C ALA E 54 32.97 2.33 12.98
N GLN E 55 33.75 1.27 13.12
CA GLN E 55 33.48 0.24 14.12
C GLN E 55 34.77 -0.36 14.63
N HIS E 56 34.78 -0.73 15.92
CA HIS E 56 35.84 -1.56 16.46
C HIS E 56 35.28 -2.97 16.51
N LEU E 57 35.82 -3.82 15.64
CA LEU E 57 35.30 -5.17 15.42
C LEU E 57 35.71 -6.16 16.50
N GLY E 58 36.75 -5.82 17.25
CA GLY E 58 37.40 -6.77 18.14
C GLY E 58 38.70 -7.26 17.51
N GLU E 59 39.51 -7.93 18.30
CA GLU E 59 40.78 -8.49 17.84
C GLU E 59 41.62 -7.47 17.06
N SER E 60 41.73 -6.27 17.63
CA SER E 60 42.56 -5.18 17.10
C SER E 60 42.24 -4.75 15.66
N THR E 61 41.00 -4.99 15.23
CA THR E 61 40.58 -4.68 13.86
C THR E 61 39.46 -3.65 13.86
N VAL E 62 39.59 -2.66 12.98
CA VAL E 62 38.55 -1.64 12.79
C VAL E 62 37.89 -1.79 11.42
N ARG E 63 36.60 -1.49 11.38
CA ARG E 63 35.90 -1.39 10.10
C ARG E 63 35.85 0.08 9.72
N THR E 64 36.10 0.33 8.44
CA THR E 64 36.18 1.71 7.94
CA THR E 64 36.25 1.68 7.92
C THR E 64 35.36 1.89 6.68
N ILE E 65 34.97 3.14 6.42
CA ILE E 65 34.27 3.49 5.19
C ILE E 65 35.19 4.34 4.29
N ALA E 66 35.36 3.90 3.04
CA ALA E 66 36.29 4.55 2.12
C ALA E 66 35.73 5.87 1.60
N MET E 67 36.60 6.87 1.42
CA MET E 67 36.18 8.16 0.89
C MET E 67 36.34 8.26 -0.63
N ASP E 68 37.00 7.26 -1.20
CA ASP E 68 37.24 7.19 -2.63
C ASP E 68 37.23 5.71 -3.00
N GLY E 69 37.29 5.40 -4.29
CA GLY E 69 37.26 4.01 -4.76
C GLY E 69 38.34 3.14 -4.16
N THR E 70 38.02 1.86 -3.96
CA THR E 70 38.93 0.91 -3.32
C THR E 70 39.62 -0.06 -4.27
N GLU E 71 39.41 0.11 -5.58
CA GLU E 71 40.06 -0.76 -6.57
C GLU E 71 41.58 -0.74 -6.38
N GLY E 72 42.22 -1.89 -6.60
CA GLY E 72 43.67 -1.98 -6.50
C GLY E 72 44.24 -2.21 -5.10
N LEU E 73 43.42 -2.07 -4.06
CA LEU E 73 43.89 -2.32 -2.69
C LEU E 73 44.24 -3.80 -2.46
N VAL E 74 45.27 -4.04 -1.66
CA VAL E 74 45.76 -5.39 -1.37
C VAL E 74 45.69 -5.62 0.13
N ARG E 75 45.38 -6.84 0.53
CA ARG E 75 45.44 -7.20 1.95
C ARG E 75 46.90 -7.09 2.40
N GLY E 76 47.13 -6.52 3.56
CA GLY E 76 48.47 -6.25 4.05
C GLY E 76 49.02 -4.88 3.68
N GLN E 77 48.31 -4.14 2.84
CA GLN E 77 48.69 -2.76 2.50
C GLN E 77 48.66 -1.88 3.76
N LYS E 78 49.63 -0.98 3.86
CA LYS E 78 49.84 -0.17 5.04
C LYS E 78 48.88 1.00 5.12
N VAL E 79 48.42 1.28 6.32
CA VAL E 79 47.47 2.35 6.60
C VAL E 79 47.97 3.11 7.81
N LEU E 80 48.00 4.43 7.71
CA LEU E 80 48.44 5.30 8.80
C LEU E 80 47.24 5.90 9.53
N ASP E 81 47.24 5.82 10.86
CA ASP E 81 46.28 6.56 11.67
C ASP E 81 46.72 8.01 11.76
N SER E 82 45.88 8.93 11.31
CA SER E 82 46.22 10.36 11.32
C SER E 82 46.10 11.00 12.72
N GLY E 83 45.43 10.31 13.65
CA GLY E 83 45.30 10.81 15.02
C GLY E 83 44.09 11.71 15.25
N ALA E 84 43.31 11.95 14.21
CA ALA E 84 42.11 12.80 14.30
C ALA E 84 41.12 12.46 13.18
N PRO E 85 39.84 12.88 13.33
CA PRO E 85 38.90 12.74 12.23
C PRO E 85 39.36 13.57 11.03
N ILE E 86 38.69 13.41 9.89
CA ILE E 86 39.03 14.19 8.70
C ILE E 86 39.17 15.65 9.08
N ARG E 87 40.29 16.26 8.69
CA ARG E 87 40.57 17.65 8.97
C ARG E 87 40.77 18.42 7.67
N ILE E 88 40.15 19.60 7.60
CA ILE E 88 40.07 20.35 6.35
C ILE E 88 40.50 21.82 6.53
N PRO E 89 40.98 22.47 5.44
CA PRO E 89 41.34 23.87 5.55
C PRO E 89 40.13 24.73 5.90
N VAL E 90 40.28 25.59 6.91
CA VAL E 90 39.25 26.57 7.22
C VAL E 90 39.86 27.96 7.25
N GLY E 91 39.06 28.95 6.85
CA GLY E 91 39.50 30.33 6.84
C GLY E 91 39.11 31.04 5.57
N PRO E 92 39.49 32.33 5.45
CA PRO E 92 39.19 33.17 4.28
C PRO E 92 39.69 32.61 2.95
N GLU E 93 40.78 31.84 3.00
CA GLU E 93 41.36 31.28 1.77
C GLU E 93 40.49 30.18 1.12
N THR E 94 39.47 29.70 1.84
CA THR E 94 38.49 28.77 1.25
C THR E 94 37.49 29.47 0.34
N LEU E 95 37.35 30.79 0.51
CA LEU E 95 36.37 31.57 -0.25
C LEU E 95 36.73 31.61 -1.71
N GLY E 96 35.78 31.20 -2.55
CA GLY E 96 35.96 31.16 -4.00
C GLY E 96 36.62 29.89 -4.48
N ARG E 97 37.00 29.02 -3.54
CA ARG E 97 37.63 27.75 -3.86
C ARG E 97 36.62 26.60 -3.84
N ILE E 98 36.96 25.52 -4.54
CA ILE E 98 36.20 24.27 -4.45
C ILE E 98 37.08 23.18 -3.84
N MET E 99 36.62 22.61 -2.73
CA MET E 99 37.26 21.46 -2.10
C MET E 99 36.33 20.24 -2.13
N ASN E 100 36.89 19.06 -1.88
CA ASN E 100 36.08 17.87 -1.72
C ASN E 100 35.85 17.56 -0.24
N VAL E 101 35.30 16.38 0.05
CA VAL E 101 34.98 15.97 1.41
C VAL E 101 36.22 15.98 2.34
N ILE E 102 37.37 15.64 1.79
CA ILE E 102 38.61 15.57 2.59
C ILE E 102 39.45 16.85 2.52
N GLY E 103 38.86 17.92 1.98
CA GLY E 103 39.49 19.24 2.00
C GLY E 103 40.51 19.53 0.91
N GLU E 104 40.59 18.66 -0.08
CA GLU E 104 41.50 18.86 -1.22
C GLU E 104 40.90 19.86 -2.20
N PRO E 105 41.74 20.74 -2.78
CA PRO E 105 41.25 21.58 -3.88
C PRO E 105 40.91 20.71 -5.08
N ILE E 106 39.73 20.92 -5.66
CA ILE E 106 39.35 20.23 -6.89
C ILE E 106 39.10 21.20 -8.05
N ASP E 107 39.52 22.44 -7.87
CA ASP E 107 39.35 23.48 -8.88
C ASP E 107 40.62 23.73 -9.71
N GLU E 108 41.61 22.85 -9.52
CA GLU E 108 42.93 22.94 -10.18
C GLU E 108 43.67 24.28 -10.02
N ARG E 109 43.49 24.92 -8.86
CA ARG E 109 44.09 26.24 -8.63
C ARG E 109 45.22 26.25 -7.59
N GLY E 110 45.61 25.08 -7.10
CA GLY E 110 46.72 24.97 -6.16
C GLY E 110 46.25 24.77 -4.73
N PRO E 111 47.16 24.85 -3.75
CA PRO E 111 46.84 24.64 -2.34
C PRO E 111 45.84 25.67 -1.81
N ILE E 112 44.97 25.23 -0.90
CA ILE E 112 44.15 26.14 -0.12
C ILE E 112 44.99 26.50 1.12
N LYS E 113 45.59 27.69 1.07
CA LYS E 113 46.65 28.05 2.00
C LYS E 113 46.14 28.76 3.24
N THR E 114 45.38 28.02 4.05
CA THR E 114 44.85 28.53 5.31
C THR E 114 45.87 28.35 6.44
N LYS E 115 45.74 29.14 7.49
CA LYS E 115 46.62 29.00 8.64
C LYS E 115 46.05 28.06 9.71
N GLN E 116 44.81 27.63 9.50
CA GLN E 116 44.12 26.70 10.41
C GLN E 116 43.47 25.56 9.63
N PHE E 117 43.38 24.40 10.29
CA PHE E 117 42.61 23.26 9.81
C PHE E 117 41.64 22.88 10.89
N ALA E 118 40.54 22.20 10.52
CA ALA E 118 39.53 21.81 11.51
C ALA E 118 38.86 20.46 11.21
N ALA E 119 38.62 19.69 12.28
CA ALA E 119 37.95 18.39 12.21
C ALA E 119 36.50 18.52 11.74
N ILE E 120 36.08 17.63 10.84
CA ILE E 120 34.74 17.72 10.25
C ILE E 120 33.65 17.17 11.16
N HIS E 121 34.07 16.37 12.14
CA HIS E 121 33.18 15.88 13.19
C HIS E 121 33.39 16.75 14.41
N ALA E 122 32.39 17.56 14.70
CA ALA E 122 32.40 18.43 15.88
C ALA E 122 31.05 18.32 16.52
N GLU E 123 31.03 18.39 17.85
CA GLU E 123 29.78 18.33 18.58
C GLU E 123 29.03 19.64 18.40
N ALA E 124 27.70 19.54 18.38
CA ALA E 124 26.82 20.69 18.32
C ALA E 124 27.02 21.57 19.56
N PRO E 125 26.79 22.90 19.41
CA PRO E 125 26.99 23.80 20.55
C PRO E 125 26.18 23.36 21.76
N GLU E 126 26.77 23.49 22.95
CA GLU E 126 26.13 23.07 24.18
C GLU E 126 24.90 23.93 24.50
N PHE E 127 24.06 23.44 25.42
CA PHE E 127 22.88 24.16 25.87
C PHE E 127 23.18 25.59 26.33
N VAL E 128 24.28 25.78 27.07
CA VAL E 128 24.68 27.09 27.59
C VAL E 128 25.06 28.09 26.48
N GLU E 129 25.34 27.58 25.28
CA GLU E 129 25.79 28.42 24.17
C GLU E 129 24.63 28.93 23.30
N MET E 130 23.43 28.42 23.59
CA MET E 130 22.25 28.74 22.79
C MET E 130 21.83 30.20 22.98
N SER E 131 21.51 30.85 21.86
CA SER E 131 21.01 32.21 21.90
C SER E 131 19.49 32.15 21.79
N VAL E 132 18.80 32.59 22.85
CA VAL E 132 17.33 32.61 22.87
C VAL E 132 16.73 33.71 21.97
N GLU E 133 17.61 34.50 21.36
CA GLU E 133 17.23 35.56 20.42
C GLU E 133 16.57 34.99 19.15
N GLN E 134 15.30 35.31 18.95
CA GLN E 134 14.58 34.96 17.73
C GLN E 134 14.66 36.12 16.74
N GLU E 135 15.73 36.13 15.94
CA GLU E 135 16.02 37.25 15.04
C GLU E 135 15.83 36.88 13.58
N ILE E 136 15.26 37.82 12.82
CA ILE E 136 15.11 37.68 11.38
C ILE E 136 16.43 37.93 10.66
N LEU E 137 16.75 37.11 9.68
CA LEU E 137 17.87 37.36 8.80
C LEU E 137 17.35 38.00 7.51
N VAL E 138 17.55 39.31 7.40
CA VAL E 138 17.04 40.07 6.27
C VAL E 138 17.79 39.69 5.00
N THR E 139 17.05 39.28 3.98
CA THR E 139 17.62 38.85 2.70
C THR E 139 17.58 39.96 1.66
N GLY E 140 16.74 40.97 1.90
CA GLY E 140 16.54 42.06 0.94
C GLY E 140 15.71 41.65 -0.25
N ILE E 141 15.10 40.47 -0.17
CA ILE E 141 14.21 39.95 -1.19
C ILE E 141 12.77 40.06 -0.66
N LYS E 142 11.96 40.85 -1.36
CA LYS E 142 10.61 41.22 -0.90
C LYS E 142 9.70 40.06 -0.48
N VAL E 143 9.52 39.06 -1.36
CA VAL E 143 8.70 37.87 -1.02
C VAL E 143 9.14 37.19 0.25
N VAL E 144 10.45 36.96 0.35
CA VAL E 144 11.03 36.22 1.45
C VAL E 144 10.83 36.98 2.76
N ASP E 145 11.35 38.20 2.82
CA ASP E 145 11.34 38.99 4.06
C ASP E 145 9.94 39.25 4.62
N LEU E 146 8.98 39.58 3.76
CA LEU E 146 7.63 39.89 4.22
C LEU E 146 6.84 38.65 4.65
N LEU E 147 6.73 37.70 3.72
CA LEU E 147 5.75 36.63 3.84
C LEU E 147 6.26 35.32 4.45
N ALA E 148 7.53 35.01 4.22
CA ALA E 148 8.15 33.79 4.78
C ALA E 148 9.62 34.03 5.16
N PRO E 149 9.87 34.94 6.12
CA PRO E 149 11.21 35.41 6.46
C PRO E 149 12.13 34.36 7.08
N TYR E 150 13.42 34.48 6.77
CA TYR E 150 14.45 33.59 7.31
C TYR E 150 14.80 34.02 8.73
N ALA E 151 14.99 33.02 9.60
CA ALA E 151 15.42 33.26 10.97
C ALA E 151 16.90 32.95 11.11
N LYS E 152 17.64 33.86 11.75
CA LYS E 152 19.05 33.65 12.06
C LYS E 152 19.22 32.33 12.80
N GLY E 153 20.16 31.51 12.34
CA GLY E 153 20.38 30.18 12.91
C GLY E 153 19.33 29.14 12.54
N GLY E 154 18.41 29.52 11.66
CA GLY E 154 17.33 28.62 11.25
C GLY E 154 17.67 27.77 10.02
N LYS E 155 16.77 26.85 9.70
CA LYS E 155 16.91 26.03 8.50
C LYS E 155 15.73 26.31 7.58
N ILE E 156 16.01 26.49 6.30
CA ILE E 156 14.97 26.78 5.32
C ILE E 156 14.92 25.68 4.26
N GLY E 157 13.74 25.06 4.11
CA GLY E 157 13.52 24.08 3.04
C GLY E 157 13.27 24.80 1.73
N LEU E 158 14.15 24.58 0.75
CA LEU E 158 14.00 25.14 -0.59
C LEU E 158 13.38 24.11 -1.54
N PHE E 159 12.15 24.38 -1.99
CA PHE E 159 11.42 23.46 -2.85
C PHE E 159 11.46 23.88 -4.31
N GLY E 160 11.54 22.90 -5.23
CA GLY E 160 11.66 23.16 -6.67
C GLY E 160 13.05 22.86 -7.23
N GLY E 161 13.34 23.31 -8.45
CA GLY E 161 14.69 23.15 -9.01
C GLY E 161 14.94 23.61 -10.44
N ALA E 162 14.37 22.86 -11.39
CA ALA E 162 14.59 23.12 -12.81
C ALA E 162 13.68 24.22 -13.34
N GLY E 163 14.29 25.19 -14.03
CA GLY E 163 13.58 26.26 -14.72
C GLY E 163 12.86 27.26 -13.83
N VAL E 164 13.02 27.12 -12.51
CA VAL E 164 12.35 28.01 -11.56
C VAL E 164 13.31 28.98 -10.85
N GLY E 165 14.50 29.16 -11.43
CA GLY E 165 15.47 30.15 -10.98
C GLY E 165 16.09 29.89 -9.62
N LYS E 166 16.34 28.62 -9.29
CA LYS E 166 16.93 28.23 -8.03
C LYS E 166 18.36 28.78 -7.83
N THR E 167 19.23 28.54 -8.80
CA THR E 167 20.63 28.96 -8.70
C THR E 167 20.81 30.48 -8.66
N VAL E 168 20.00 31.22 -9.41
CA VAL E 168 20.01 32.68 -9.34
C VAL E 168 19.59 33.18 -7.95
N LEU E 169 18.54 32.59 -7.38
CA LEU E 169 18.11 32.91 -6.01
C LEU E 169 19.21 32.63 -4.98
N ILE E 170 19.90 31.49 -5.15
CA ILE E 170 21.02 31.13 -4.28
C ILE E 170 22.13 32.18 -4.34
N MET E 171 22.53 32.55 -5.55
CA MET E 171 23.60 33.51 -5.75
C MET E 171 23.24 34.91 -5.24
N GLU E 172 21.97 35.29 -5.40
CA GLU E 172 21.49 36.58 -4.90
C GLU E 172 21.43 36.59 -3.38
N LEU E 173 21.08 35.44 -2.78
CA LEU E 173 21.11 35.30 -1.33
C LEU E 173 22.54 35.48 -0.82
N ILE E 174 23.47 34.77 -1.46
CA ILE E 174 24.90 34.92 -1.19
C ILE E 174 25.30 36.39 -1.29
N ASN E 175 24.93 37.03 -2.40
CA ASN E 175 25.24 38.44 -2.60
C ASN E 175 24.64 39.36 -1.54
N ASN E 176 23.35 39.18 -1.26
CA ASN E 176 22.62 40.07 -0.37
C ASN E 176 23.06 40.00 1.08
N VAL E 177 23.30 38.77 1.57
CA VAL E 177 23.73 38.56 2.94
C VAL E 177 25.12 39.15 3.18
N ALA E 178 26.03 38.98 2.22
CA ALA E 178 27.37 39.57 2.32
C ALA E 178 27.30 41.09 2.30
N LYS E 179 26.51 41.64 1.38
CA LYS E 179 26.35 43.08 1.18
C LYS E 179 25.69 43.78 2.37
N ALA E 180 24.73 43.11 3.01
CA ALA E 180 23.93 43.74 4.07
C ALA E 180 24.34 43.33 5.49
N HIS E 181 24.92 42.14 5.64
CA HIS E 181 25.31 41.66 6.97
C HIS E 181 26.82 41.45 7.13
N GLY E 182 27.56 41.54 6.03
CA GLY E 182 29.00 41.21 6.03
C GLY E 182 29.25 39.75 6.40
N GLY E 183 28.35 38.88 5.97
CA GLY E 183 28.45 37.46 6.27
C GLY E 183 28.71 36.65 5.02
N TYR E 184 29.59 35.66 5.12
CA TYR E 184 29.94 34.83 3.97
C TYR E 184 29.03 33.62 3.86
N SER E 185 29.15 32.93 2.73
CA SER E 185 28.33 31.74 2.48
C SER E 185 29.21 30.52 2.22
N VAL E 186 28.64 29.35 2.46
CA VAL E 186 29.26 28.08 2.11
C VAL E 186 28.22 27.30 1.31
N PHE E 187 28.63 26.78 0.15
CA PHE E 187 27.77 25.88 -0.62
C PHE E 187 28.26 24.43 -0.56
N ALA E 188 27.43 23.56 0.02
CA ALA E 188 27.72 22.13 0.08
C ALA E 188 26.87 21.36 -0.92
N GLY E 189 27.50 20.91 -2.00
CA GLY E 189 26.84 20.09 -3.02
C GLY E 189 26.94 18.63 -2.60
N VAL E 190 25.86 18.13 -2.01
CA VAL E 190 25.79 16.75 -1.52
C VAL E 190 25.13 15.91 -2.58
N GLY E 191 25.89 15.02 -3.20
CA GLY E 191 25.45 14.30 -4.40
C GLY E 191 25.38 15.24 -5.59
N GLU E 192 26.44 16.03 -5.78
CA GLU E 192 26.51 16.98 -6.88
C GLU E 192 26.72 16.26 -8.22
N ARG E 193 25.85 16.55 -9.19
CA ARG E 193 26.11 16.14 -10.56
C ARG E 193 27.26 16.98 -11.07
N THR E 194 28.28 16.33 -11.60
CA THR E 194 29.50 16.99 -12.02
C THR E 194 29.25 18.11 -13.05
N ARG E 195 28.34 17.84 -13.99
CA ARG E 195 27.99 18.84 -15.01
C ARG E 195 27.41 20.09 -14.36
N GLU E 196 26.55 19.88 -13.36
CA GLU E 196 25.88 20.97 -12.68
C GLU E 196 26.80 21.71 -11.71
N GLY E 197 27.74 20.97 -11.12
CA GLY E 197 28.82 21.58 -10.31
C GLY E 197 29.67 22.52 -11.14
N ASN E 198 30.02 22.10 -12.35
CA ASN E 198 30.75 22.93 -13.32
C ASN E 198 29.95 24.18 -13.70
N ASP E 199 28.68 23.98 -14.07
CA ASP E 199 27.77 25.09 -14.39
C ASP E 199 27.66 26.12 -13.27
N LEU E 200 27.41 25.64 -12.04
CA LEU E 200 27.25 26.52 -10.88
C LEU E 200 28.47 27.40 -10.65
N TYR E 201 29.64 26.77 -10.67
CA TYR E 201 30.93 27.44 -10.51
C TYR E 201 31.08 28.59 -11.50
N HIS E 202 30.79 28.32 -12.77
CA HIS E 202 30.94 29.34 -13.81
C HIS E 202 29.89 30.42 -13.76
N GLU E 203 28.69 30.07 -13.29
CA GLU E 203 27.61 31.05 -13.11
C GLU E 203 27.93 31.99 -11.95
N MET E 204 28.58 31.43 -10.92
CA MET E 204 29.05 32.20 -9.78
C MET E 204 30.18 33.15 -10.13
N ILE E 205 31.05 32.72 -11.04
CA ILE E 205 32.14 33.57 -11.53
C ILE E 205 31.57 34.73 -12.33
N GLU E 206 30.57 34.45 -13.17
CA GLU E 206 29.95 35.48 -14.01
C GLU E 206 29.11 36.47 -13.21
N SER E 207 28.40 35.98 -12.20
CA SER E 207 27.62 36.86 -11.34
C SER E 207 28.51 37.70 -10.41
N GLY E 208 29.74 37.22 -10.20
CA GLY E 208 30.72 37.95 -9.39
C GLY E 208 30.78 37.51 -7.94
N VAL E 209 29.97 36.53 -7.55
CA VAL E 209 30.00 36.03 -6.17
C VAL E 209 31.27 35.20 -5.89
N ILE E 210 31.90 34.71 -6.95
CA ILE E 210 33.27 34.21 -6.90
C ILE E 210 34.15 35.10 -7.78
N ASN E 211 35.27 35.55 -7.22
CA ASN E 211 36.29 36.29 -7.96
C ASN E 211 37.60 35.49 -8.01
N LEU E 212 38.09 35.23 -9.21
CA LEU E 212 39.32 34.47 -9.40
C LEU E 212 40.57 35.35 -9.39
N LYS E 213 40.37 36.67 -9.46
CA LYS E 213 41.50 37.60 -9.57
C LYS E 213 41.86 38.32 -8.26
N ASP E 214 40.94 38.34 -7.30
CA ASP E 214 41.22 38.93 -5.98
C ASP E 214 40.52 38.20 -4.83
N ALA E 215 40.64 38.73 -3.62
CA ALA E 215 40.17 38.07 -2.41
C ALA E 215 38.72 38.40 -2.02
N THR E 216 37.89 38.77 -2.99
CA THR E 216 36.54 39.28 -2.70
C THR E 216 35.42 38.25 -2.88
N SER E 217 35.77 36.98 -3.06
CA SER E 217 34.77 35.91 -3.20
C SER E 217 33.90 35.80 -1.96
N LYS E 218 32.63 35.46 -2.16
CA LYS E 218 31.67 35.42 -1.05
C LYS E 218 31.25 34.01 -0.61
N VAL E 219 31.61 33.00 -1.41
CA VAL E 219 31.29 31.59 -1.10
C VAL E 219 32.48 30.67 -1.18
N ALA E 220 32.52 29.71 -0.26
CA ALA E 220 33.40 28.55 -0.35
C ALA E 220 32.57 27.38 -0.87
N LEU E 221 33.08 26.71 -1.90
CA LEU E 221 32.38 25.55 -2.47
C LEU E 221 32.92 24.22 -1.92
N VAL E 222 32.01 23.33 -1.56
CA VAL E 222 32.38 21.98 -1.13
C VAL E 222 31.53 21.00 -1.93
N TYR E 223 32.18 20.20 -2.79
CA TYR E 223 31.46 19.26 -3.65
C TYR E 223 31.71 17.81 -3.30
N GLY E 224 30.61 17.08 -3.09
CA GLY E 224 30.63 15.62 -2.96
C GLY E 224 29.81 15.08 -4.12
N GLN E 225 30.50 14.69 -5.18
CA GLN E 225 29.86 14.38 -6.46
C GLN E 225 29.20 13.00 -6.45
N MET E 226 28.28 12.80 -7.39
CA MET E 226 27.45 11.59 -7.37
C MET E 226 28.21 10.29 -7.56
N ASN E 227 29.33 10.36 -8.28
CA ASN E 227 30.16 9.19 -8.59
C ASN E 227 31.15 8.79 -7.49
N GLU E 228 31.11 9.51 -6.36
CA GLU E 228 31.91 9.20 -5.19
C GLU E 228 31.21 8.18 -4.30
N PRO E 229 31.97 7.38 -3.53
CA PRO E 229 31.36 6.35 -2.67
C PRO E 229 30.45 6.91 -1.58
N PRO E 230 29.57 6.07 -1.01
CA PRO E 230 28.61 6.48 0.01
C PRO E 230 29.23 7.28 1.15
N GLY E 231 30.37 6.84 1.66
CA GLY E 231 31.07 7.54 2.74
C GLY E 231 31.35 9.00 2.42
N ALA E 232 31.84 9.26 1.20
CA ALA E 232 32.18 10.62 0.76
C ALA E 232 30.93 11.52 0.70
N ARG E 233 29.87 11.02 0.05
CA ARG E 233 28.63 11.77 -0.04
C ARG E 233 27.91 11.96 1.30
N ALA E 234 28.11 11.04 2.23
CA ALA E 234 27.53 11.18 3.58
C ALA E 234 28.24 12.22 4.45
N ARG E 235 29.55 12.41 4.25
CA ARG E 235 30.34 13.30 5.10
C ARG E 235 30.52 14.71 4.56
N VAL E 236 30.27 14.91 3.27
CA VAL E 236 30.57 16.18 2.62
C VAL E 236 29.76 17.37 3.17
N ALA E 237 28.55 17.11 3.68
CA ALA E 237 27.77 18.15 4.37
C ALA E 237 28.48 18.61 5.65
N LEU E 238 29.13 17.69 6.35
CA LEU E 238 29.88 18.04 7.56
C LEU E 238 31.11 18.88 7.24
N THR E 239 31.73 18.59 6.09
CA THR E 239 32.84 19.39 5.58
C THR E 239 32.39 20.83 5.35
N GLY E 240 31.29 21.00 4.64
CA GLY E 240 30.67 22.32 4.43
C GLY E 240 30.36 23.01 5.75
N LEU E 241 29.73 22.27 6.65
CA LEU E 241 29.43 22.74 8.01
C LEU E 241 30.66 23.29 8.75
N THR E 242 31.78 22.58 8.62
CA THR E 242 33.04 22.90 9.30
C THR E 242 33.66 24.20 8.76
N VAL E 243 33.56 24.40 7.45
CA VAL E 243 34.00 25.65 6.82
C VAL E 243 33.14 26.81 7.35
N ALA E 244 31.84 26.57 7.47
CA ALA E 244 30.89 27.58 7.96
C ALA E 244 31.14 27.90 9.43
N GLU E 245 31.42 26.86 10.22
CA GLU E 245 31.67 27.00 11.66
C GLU E 245 32.87 27.90 11.98
N TYR E 246 33.86 27.93 11.08
CA TYR E 246 34.99 28.83 11.23
C TYR E 246 34.54 30.30 11.20
N PHE E 247 33.69 30.64 10.24
CA PHE E 247 33.26 32.04 10.10
C PHE E 247 32.36 32.50 11.25
N ARG E 248 31.57 31.57 11.79
CA ARG E 248 30.77 31.86 12.97
C ARG E 248 31.63 31.92 14.24
N ASP E 249 32.33 30.83 14.52
CA ASP E 249 33.00 30.65 15.83
C ASP E 249 34.35 31.36 15.98
N GLN E 250 34.92 31.82 14.86
CA GLN E 250 36.22 32.49 14.90
C GLN E 250 36.14 33.95 14.48
N GLU E 251 35.17 34.27 13.63
CA GLU E 251 35.05 35.62 13.08
C GLU E 251 33.71 36.29 13.40
N GLY E 252 32.91 35.62 14.26
CA GLY E 252 31.66 36.16 14.77
C GLY E 252 30.59 36.53 13.74
N GLN E 253 30.59 35.84 12.60
CA GLN E 253 29.67 36.15 11.51
C GLN E 253 28.31 35.47 11.60
N ASP E 254 27.33 36.06 10.91
CA ASP E 254 26.09 35.37 10.57
C ASP E 254 26.31 34.75 9.19
N VAL E 255 26.47 33.43 9.18
CA VAL E 255 26.91 32.69 8.00
C VAL E 255 25.71 32.02 7.33
N LEU E 256 25.73 31.98 6.00
CA LEU E 256 24.80 31.17 5.21
C LEU E 256 25.44 29.85 4.78
N LEU E 257 24.75 28.75 5.07
CA LEU E 257 25.15 27.43 4.56
C LEU E 257 24.06 26.83 3.64
N PHE E 258 24.43 26.59 2.39
CA PHE E 258 23.55 25.92 1.44
C PHE E 258 23.85 24.43 1.42
N ILE E 259 22.79 23.62 1.55
CA ILE E 259 22.93 22.18 1.35
C ILE E 259 22.02 21.74 0.21
N ASP E 260 22.66 21.29 -0.86
CA ASP E 260 21.94 20.84 -2.06
C ASP E 260 22.44 19.45 -2.46
N ASN E 261 21.66 18.42 -2.17
CA ASN E 261 20.39 18.56 -1.47
CA ASN E 261 20.32 18.47 -1.52
C ASN E 261 20.28 17.61 -0.28
N ILE E 262 19.45 17.99 0.69
CA ILE E 262 19.40 17.30 1.97
C ILE E 262 18.92 15.83 1.87
N PHE E 263 18.15 15.49 0.84
CA PHE E 263 17.72 14.10 0.68
C PHE E 263 18.88 13.16 0.35
N ARG E 264 19.81 13.63 -0.48
CA ARG E 264 20.99 12.86 -0.88
C ARG E 264 21.99 12.71 0.27
N PHE E 265 21.92 13.62 1.24
CA PHE E 265 22.59 13.44 2.52
C PHE E 265 22.02 12.21 3.23
N THR E 266 20.71 12.17 3.36
CA THR E 266 20.01 11.05 3.98
C THR E 266 20.20 9.74 3.21
N GLN E 267 20.16 9.85 1.88
CA GLN E 267 20.38 8.70 1.00
C GLN E 267 21.78 8.10 1.20
N ALA E 268 22.81 8.95 1.25
CA ALA E 268 24.18 8.48 1.43
C ALA E 268 24.36 7.84 2.79
N GLY E 269 23.74 8.43 3.81
CA GLY E 269 23.71 7.80 5.15
C GLY E 269 23.09 6.42 5.13
N SER E 270 22.02 6.24 4.38
CA SER E 270 21.35 4.95 4.21
C SER E 270 22.26 3.92 3.53
N GLU E 271 22.94 4.34 2.47
CA GLU E 271 23.89 3.49 1.76
C GLU E 271 25.01 3.04 2.70
N VAL E 272 25.60 3.99 3.41
CA VAL E 272 26.65 3.70 4.39
C VAL E 272 26.17 2.68 5.44
N SER E 273 24.97 2.89 5.96
CA SER E 273 24.41 1.99 6.98
C SER E 273 24.23 0.57 6.43
N ALA E 274 23.77 0.47 5.19
CA ALA E 274 23.58 -0.81 4.53
C ALA E 274 24.92 -1.53 4.38
N LEU E 275 25.90 -0.82 3.83
CA LEU E 275 27.25 -1.36 3.64
C LEU E 275 27.89 -1.88 4.93
N LEU E 276 27.61 -1.21 6.06
CA LEU E 276 28.10 -1.66 7.37
C LEU E 276 27.26 -2.79 7.96
N GLY E 277 26.29 -3.28 7.20
CA GLY E 277 25.49 -4.45 7.62
C GLY E 277 24.44 -4.16 8.67
N ARG E 278 24.15 -2.89 8.91
CA ARG E 278 23.08 -2.51 9.84
C ARG E 278 21.72 -2.82 9.22
N ILE E 279 20.83 -3.38 10.04
CA ILE E 279 19.48 -3.77 9.59
C ILE E 279 18.66 -2.52 9.25
N PRO E 280 18.15 -2.43 8.01
CA PRO E 280 17.38 -1.25 7.59
C PRO E 280 16.08 -1.07 8.37
N SER E 281 15.64 0.17 8.49
CA SER E 281 14.45 0.51 9.22
C SER E 281 13.25 0.60 8.27
N ALA E 282 12.16 1.21 8.71
CA ALA E 282 10.97 1.36 7.88
C ALA E 282 11.32 2.05 6.55
N VAL E 283 10.76 1.52 5.46
CA VAL E 283 10.96 2.05 4.11
C VAL E 283 12.42 1.93 3.62
N GLY E 284 13.23 1.13 4.31
CA GLY E 284 14.60 0.89 3.88
C GLY E 284 15.66 1.88 4.34
N TYR E 285 15.22 2.92 5.05
CA TYR E 285 16.16 3.91 5.60
C TYR E 285 17.02 3.31 6.72
N GLN E 286 18.13 3.99 7.02
CA GLN E 286 19.01 3.59 8.11
C GLN E 286 18.26 3.66 9.45
N PRO E 287 18.55 2.72 10.39
CA PRO E 287 17.95 2.81 11.74
C PRO E 287 18.31 4.12 12.45
N THR E 288 19.45 4.71 12.06
CA THR E 288 19.97 5.96 12.63
C THR E 288 19.51 7.21 11.88
N LEU E 289 18.44 7.09 11.10
CA LEU E 289 17.93 8.20 10.31
C LEU E 289 17.82 9.51 11.09
N ALA E 290 17.18 9.47 12.26
CA ALA E 290 16.96 10.67 13.08
C ALA E 290 18.25 11.23 13.71
N THR E 291 19.12 10.33 14.15
CA THR E 291 20.38 10.72 14.80
C THR E 291 21.41 11.20 13.78
N ASP E 292 21.48 10.54 12.61
CA ASP E 292 22.30 11.05 11.50
C ASP E 292 21.90 12.48 11.14
N MET E 293 20.59 12.72 11.02
CA MET E 293 20.08 14.06 10.74
C MET E 293 20.39 15.05 11.87
N GLY E 294 20.04 14.67 13.10
CA GLY E 294 20.15 15.55 14.26
C GLY E 294 21.55 16.06 14.59
N THR E 295 22.55 15.17 14.48
CA THR E 295 23.93 15.55 14.80
C THR E 295 24.49 16.56 13.80
N MET E 296 23.98 16.54 12.58
CA MET E 296 24.36 17.49 11.54
C MET E 296 23.58 18.80 11.70
N GLN E 297 22.26 18.69 11.76
CA GLN E 297 21.36 19.85 11.83
C GLN E 297 21.60 20.76 13.04
N GLU E 298 21.82 20.16 14.20
CA GLU E 298 22.00 20.88 15.46
C GLU E 298 23.24 21.78 15.48
N ARG E 299 24.17 21.55 14.54
CA ARG E 299 25.34 22.41 14.41
C ARG E 299 24.97 23.74 13.74
N ILE E 300 23.84 23.75 13.05
CA ILE E 300 23.30 24.93 12.40
C ILE E 300 22.40 25.62 13.41
N THR E 301 22.86 26.76 13.92
CA THR E 301 22.16 27.43 15.00
C THR E 301 22.81 28.77 15.33
N THR E 302 22.12 29.58 16.12
CA THR E 302 22.66 30.84 16.61
C THR E 302 23.34 30.55 17.94
N THR E 303 24.57 31.02 18.08
CA THR E 303 25.28 30.94 19.35
C THR E 303 25.67 32.34 19.78
N LYS E 304 26.38 32.44 20.89
CA LYS E 304 26.80 33.74 21.43
C LYS E 304 27.77 34.47 20.51
N LYS E 305 28.56 33.72 19.73
CA LYS E 305 29.53 34.32 18.79
C LYS E 305 28.91 34.80 17.48
N GLY E 306 27.91 34.07 16.99
CA GLY E 306 27.25 34.40 15.74
C GLY E 306 26.19 33.37 15.38
N SER E 307 26.02 33.11 14.09
CA SER E 307 25.05 32.11 13.65
C SER E 307 25.41 31.48 12.31
N ILE E 308 24.90 30.27 12.09
CA ILE E 308 24.86 29.66 10.78
C ILE E 308 23.39 29.47 10.44
N THR E 309 22.96 30.03 9.32
CA THR E 309 21.61 29.87 8.80
C THR E 309 21.73 29.04 7.54
N SER E 310 20.80 28.11 7.33
CA SER E 310 20.94 27.13 6.26
C SER E 310 19.74 27.00 5.32
N VAL E 311 20.00 27.16 4.02
CA VAL E 311 19.01 26.91 3.00
C VAL E 311 19.25 25.51 2.44
N GLN E 312 18.23 24.66 2.50
CA GLN E 312 18.39 23.24 2.17
C GLN E 312 17.41 22.82 1.10
N ALA E 313 17.95 22.53 -0.09
CA ALA E 313 17.13 22.02 -1.19
C ALA E 313 16.60 20.66 -0.77
N ILE E 314 15.28 20.50 -0.81
CA ILE E 314 14.67 19.25 -0.34
C ILE E 314 14.03 18.54 -1.52
N TYR E 315 14.41 17.28 -1.72
CA TYR E 315 13.68 16.41 -2.63
C TYR E 315 12.72 15.56 -1.80
N VAL E 316 11.49 15.38 -2.29
CA VAL E 316 10.46 14.63 -1.57
C VAL E 316 10.19 13.31 -2.29
N PRO E 317 10.63 12.18 -1.71
CA PRO E 317 10.47 10.88 -2.39
C PRO E 317 9.00 10.53 -2.59
N ALA E 318 8.68 10.08 -3.81
CA ALA E 318 7.33 9.64 -4.19
C ALA E 318 6.26 10.71 -3.93
N ASP E 319 6.67 11.98 -3.90
CA ASP E 319 5.80 13.09 -3.50
C ASP E 319 5.04 12.80 -2.19
N ASP E 320 5.67 12.01 -1.33
CA ASP E 320 5.08 11.60 -0.06
C ASP E 320 5.71 12.40 1.09
N LEU E 321 5.01 13.43 1.55
CA LEU E 321 5.48 14.29 2.63
C LEU E 321 5.60 13.55 3.98
N THR E 322 4.99 12.37 4.07
CA THR E 322 5.06 11.54 5.27
C THR E 322 6.15 10.48 5.16
N ASP E 323 6.85 10.44 4.03
CA ASP E 323 8.00 9.53 3.88
C ASP E 323 8.99 9.86 5.00
N PRO E 324 9.60 8.83 5.64
CA PRO E 324 10.54 9.10 6.74
C PRO E 324 11.61 10.15 6.49
N ALA E 325 12.18 10.22 5.28
CA ALA E 325 13.23 11.19 4.98
C ALA E 325 12.78 12.67 5.11
N PRO E 326 11.80 13.12 4.29
CA PRO E 326 11.32 14.50 4.48
C PRO E 326 10.67 14.74 5.85
N ALA E 327 9.96 13.75 6.39
CA ALA E 327 9.34 13.89 7.73
C ALA E 327 10.38 14.21 8.82
N THR E 328 11.49 13.48 8.81
CA THR E 328 12.60 13.73 9.74
C THR E 328 13.25 15.09 9.51
N THR E 329 13.42 15.46 8.24
CA THR E 329 14.01 16.74 7.90
C THR E 329 13.14 17.93 8.34
N PHE E 330 11.83 17.83 8.11
CA PHE E 330 10.86 18.89 8.45
C PHE E 330 10.92 19.29 9.92
N ALA E 331 11.21 18.34 10.79
CA ALA E 331 11.37 18.58 12.22
C ALA E 331 12.37 19.70 12.51
N HIS E 332 13.32 19.88 11.59
CA HIS E 332 14.42 20.85 11.76
C HIS E 332 14.23 22.16 11.01
N LEU E 333 13.22 22.25 10.15
CA LEU E 333 13.00 23.44 9.32
C LEU E 333 12.16 24.51 10.03
N ASP E 334 12.56 25.76 9.86
CA ASP E 334 11.88 26.90 10.47
C ASP E 334 11.11 27.71 9.42
N ALA E 335 11.43 27.47 8.17
CA ALA E 335 10.81 28.18 7.05
C ALA E 335 10.86 27.33 5.79
N THR E 336 10.07 27.72 4.80
CA THR E 336 10.12 27.12 3.47
C THR E 336 10.16 28.23 2.42
N THR E 337 10.94 28.01 1.38
CA THR E 337 10.87 28.82 0.17
C THR E 337 10.43 27.90 -0.96
N VAL E 338 9.19 28.08 -1.41
CA VAL E 338 8.64 27.23 -2.46
C VAL E 338 8.75 27.94 -3.80
N LEU E 339 9.60 27.40 -4.67
CA LEU E 339 9.75 27.93 -6.02
C LEU E 339 8.82 27.19 -6.94
N SER E 340 7.99 27.94 -7.67
CA SER E 340 6.88 27.39 -8.43
C SER E 340 6.97 27.72 -9.91
N ARG E 341 6.75 26.70 -10.75
CA ARG E 341 6.73 26.89 -12.20
C ARG E 341 5.50 27.68 -12.63
N ALA E 342 4.42 27.56 -11.87
CA ALA E 342 3.18 28.33 -12.09
C ALA E 342 3.41 29.85 -11.93
N ILE E 343 4.19 30.21 -10.91
CA ILE E 343 4.57 31.62 -10.67
C ILE E 343 5.55 32.10 -11.75
N ALA E 344 6.43 31.20 -12.18
CA ALA E 344 7.42 31.51 -13.22
C ALA E 344 6.75 31.76 -14.57
N GLU E 345 5.75 30.93 -14.88
CA GLU E 345 5.00 31.04 -16.14
C GLU E 345 4.07 32.26 -16.17
N LEU E 346 3.96 32.94 -15.03
CA LEU E 346 3.28 34.23 -14.95
C LEU E 346 4.28 35.39 -15.10
N GLY E 347 5.56 35.05 -15.23
CA GLY E 347 6.64 36.03 -15.41
C GLY E 347 7.17 36.65 -14.13
N ILE E 348 6.63 36.23 -12.99
CA ILE E 348 7.04 36.76 -11.69
C ILE E 348 8.37 36.14 -11.26
N TYR E 349 9.36 36.99 -11.04
CA TYR E 349 10.69 36.58 -10.59
C TYR E 349 11.17 37.44 -9.43
N PRO E 350 11.60 36.81 -8.32
CA PRO E 350 11.76 35.35 -8.15
C PRO E 350 10.43 34.61 -8.08
N ALA E 351 10.40 33.39 -8.63
CA ALA E 351 9.18 32.60 -8.74
C ALA E 351 8.75 31.96 -7.42
N VAL E 352 8.77 32.75 -6.35
CA VAL E 352 8.39 32.25 -5.02
C VAL E 352 6.86 32.24 -4.90
N ASP E 353 6.32 31.10 -4.50
CA ASP E 353 4.89 31.00 -4.21
C ASP E 353 4.60 31.69 -2.87
N PRO E 354 3.90 32.84 -2.92
CA PRO E 354 3.68 33.67 -1.73
C PRO E 354 2.67 33.09 -0.73
N LEU E 355 1.97 32.03 -1.15
CA LEU E 355 0.98 31.39 -0.28
C LEU E 355 1.53 30.09 0.32
N ASP E 356 2.28 29.34 -0.50
CA ASP E 356 2.87 28.07 -0.11
C ASP E 356 4.09 28.19 0.81
N SER E 357 4.86 29.27 0.62
CA SER E 357 6.04 29.54 1.44
C SER E 357 5.61 30.03 2.81
N THR E 358 6.13 29.39 3.86
CA THR E 358 5.76 29.70 5.24
C THR E 358 6.99 29.90 6.12
N SER E 359 6.79 30.57 7.26
CA SER E 359 7.86 30.78 8.24
C SER E 359 7.31 30.75 9.66
N ARG E 360 8.00 30.03 10.53
CA ARG E 360 7.59 29.93 11.93
C ARG E 360 7.64 31.29 12.63
N ILE E 361 8.61 32.12 12.23
CA ILE E 361 8.81 33.41 12.88
C ILE E 361 7.90 34.52 12.33
N MET E 362 6.95 34.14 11.47
CA MET E 362 5.85 35.03 11.12
C MET E 362 4.86 35.07 12.27
N ASP E 363 5.27 35.75 13.33
CA ASP E 363 4.53 35.82 14.59
C ASP E 363 4.69 37.24 15.12
N PRO E 364 3.56 37.87 15.54
CA PRO E 364 3.58 39.27 15.98
C PRO E 364 4.58 39.54 17.11
N ASN E 365 4.86 38.52 17.92
CA ASN E 365 5.83 38.61 19.01
C ASN E 365 7.27 38.70 18.50
N ILE E 366 7.56 37.94 17.45
CA ILE E 366 8.91 37.86 16.89
C ILE E 366 9.18 39.00 15.90
N VAL E 367 8.41 39.06 14.83
CA VAL E 367 8.50 40.16 13.87
C VAL E 367 7.69 41.35 14.39
N GLY E 368 7.59 42.41 13.58
CA GLY E 368 6.78 43.57 13.95
C GLY E 368 5.29 43.21 14.04
N SER E 369 4.52 44.05 14.72
CA SER E 369 3.06 43.97 14.67
C SER E 369 2.64 44.47 13.30
N GLU E 370 3.37 45.47 12.81
CA GLU E 370 3.21 45.98 11.46
C GLU E 370 3.58 44.92 10.42
N HIS E 371 4.71 44.23 10.65
CA HIS E 371 5.17 43.15 9.77
C HIS E 371 4.09 42.07 9.64
N TYR E 372 3.65 41.55 10.78
CA TYR E 372 2.66 40.47 10.84
C TYR E 372 1.35 40.81 10.14
N ASP E 373 0.80 42.00 10.42
CA ASP E 373 -0.48 42.43 9.85
C ASP E 373 -0.41 42.66 8.34
N VAL E 374 0.65 43.30 7.88
CA VAL E 374 0.86 43.54 6.45
C VAL E 374 1.01 42.20 5.70
N ALA E 375 1.76 41.27 6.29
CA ALA E 375 1.92 39.94 5.71
C ALA E 375 0.61 39.17 5.70
N ARG E 376 -0.08 39.14 6.84
CA ARG E 376 -1.41 38.53 6.95
C ARG E 376 -2.42 39.17 5.99
N GLY E 377 -2.30 40.49 5.80
CA GLY E 377 -3.14 41.22 4.85
C GLY E 377 -2.85 40.86 3.41
N VAL E 378 -1.56 40.80 3.07
CA VAL E 378 -1.12 40.40 1.73
C VAL E 378 -1.47 38.94 1.45
N GLN E 379 -1.41 38.10 2.48
CA GLN E 379 -1.81 36.70 2.37
C GLN E 379 -3.30 36.58 2.11
N LYS E 380 -4.11 37.31 2.89
CA LYS E 380 -5.56 37.29 2.77
C LYS E 380 -6.03 37.80 1.40
N ILE E 381 -5.47 38.91 0.94
CA ILE E 381 -5.88 39.52 -0.33
C ILE E 381 -5.56 38.63 -1.54
N LEU E 382 -4.41 37.95 -1.49
CA LEU E 382 -4.00 37.05 -2.57
C LEU E 382 -4.80 35.76 -2.56
N GLN E 383 -5.28 35.38 -1.37
CA GLN E 383 -6.20 34.24 -1.23
C GLN E 383 -7.57 34.64 -1.77
N ASP E 384 -8.06 35.81 -1.34
CA ASP E 384 -9.33 36.36 -1.79
C ASP E 384 -9.36 36.56 -3.29
N TYR E 385 -8.21 36.96 -3.85
CA TYR E 385 -8.07 37.12 -5.30
C TYR E 385 -8.28 35.81 -6.06
N LYS E 386 -7.77 34.70 -5.50
CA LYS E 386 -7.95 33.39 -6.12
C LYS E 386 -9.37 32.85 -5.91
N SER E 387 -10.03 33.33 -4.85
CA SER E 387 -11.43 32.99 -4.58
C SER E 387 -12.38 33.78 -5.49
N LEU E 388 -12.02 35.03 -5.77
CA LEU E 388 -12.81 35.88 -6.68
C LEU E 388 -12.45 35.66 -8.16
N GLN E 389 -11.52 34.74 -8.41
CA GLN E 389 -11.16 34.34 -9.78
C GLN E 389 -12.25 33.47 -10.41
N ASP E 390 -12.99 32.76 -9.57
CA ASP E 390 -14.09 31.90 -10.00
C ASP E 390 -15.26 32.72 -10.54
N ILE E 391 -15.64 33.76 -9.78
CA ILE E 391 -16.78 34.61 -10.14
C ILE E 391 -16.45 35.52 -11.33
N LEU E 400 -18.35 42.04 -10.27
CA LEU E 400 -18.05 42.15 -8.85
C LEU E 400 -18.45 43.51 -8.29
N SER E 401 -18.73 43.54 -6.98
CA SER E 401 -19.09 44.77 -6.29
C SER E 401 -17.91 45.74 -6.18
N GLU E 402 -18.20 46.96 -5.73
CA GLU E 402 -17.18 48.01 -5.61
C GLU E 402 -16.09 47.68 -4.59
N GLU E 403 -16.46 46.95 -3.55
CA GLU E 403 -15.51 46.50 -2.53
C GLU E 403 -14.63 45.36 -3.05
N ASP E 404 -15.22 44.49 -3.88
CA ASP E 404 -14.50 43.36 -4.47
C ASP E 404 -13.58 43.80 -5.62
N LYS E 405 -14.06 44.72 -6.46
CA LYS E 405 -13.28 45.26 -7.58
C LYS E 405 -12.06 46.04 -7.12
N LEU E 406 -12.16 46.63 -5.93
CA LEU E 406 -11.06 47.38 -5.31
C LEU E 406 -9.96 46.43 -4.83
N THR E 407 -10.37 45.26 -4.33
CA THR E 407 -9.42 44.27 -3.80
C THR E 407 -8.75 43.44 -4.89
N VAL E 408 -9.43 43.24 -6.02
CA VAL E 408 -8.86 42.50 -7.15
C VAL E 408 -7.73 43.29 -7.83
N SER E 409 -7.94 44.59 -8.01
CA SER E 409 -6.93 45.47 -8.60
C SER E 409 -5.73 45.65 -7.67
N ARG E 410 -5.98 45.70 -6.37
CA ARG E 410 -4.93 45.82 -5.35
C ARG E 410 -4.03 44.58 -5.26
N ALA E 411 -4.65 43.40 -5.33
CA ALA E 411 -3.95 42.12 -5.21
C ALA E 411 -3.09 41.78 -6.43
N ARG E 412 -3.53 42.23 -7.60
CA ARG E 412 -2.76 42.07 -8.83
C ARG E 412 -1.50 42.91 -8.81
N LYS E 413 -1.62 44.15 -8.33
CA LYS E 413 -0.47 45.05 -8.16
C LYS E 413 0.45 44.59 -7.03
N ILE E 414 -0.09 43.80 -6.11
CA ILE E 414 0.68 43.19 -5.03
C ILE E 414 1.45 41.97 -5.54
N GLN E 415 0.86 41.23 -6.48
CA GLN E 415 1.53 40.12 -7.18
C GLN E 415 2.78 40.59 -7.90
N ARG E 416 2.68 41.73 -8.58
CA ARG E 416 3.80 42.31 -9.32
C ARG E 416 4.86 42.89 -8.40
N PHE E 417 4.44 43.46 -7.27
CA PHE E 417 5.37 44.09 -6.34
C PHE E 417 6.23 43.07 -5.60
N LEU E 418 5.75 41.83 -5.55
CA LEU E 418 6.52 40.70 -5.02
C LEU E 418 7.65 40.27 -5.97
N SER E 419 7.57 40.67 -7.24
CA SER E 419 8.67 40.47 -8.18
C SER E 419 9.76 41.50 -7.89
N GLN E 420 10.96 41.25 -8.42
CA GLN E 420 12.16 41.99 -8.02
C GLN E 420 13.33 41.67 -8.93
N PRO E 421 14.06 42.72 -9.39
CA PRO E 421 15.28 42.47 -10.15
C PRO E 421 16.44 42.12 -9.23
N PHE E 422 17.22 41.11 -9.61
CA PHE E 422 18.36 40.66 -8.82
C PHE E 422 19.69 41.20 -9.36
N GLN E 423 20.59 41.55 -8.45
CA GLN E 423 21.92 42.04 -8.82
C GLN E 423 22.69 40.99 -9.61
N VAL E 424 22.46 39.73 -9.25
CA VAL E 424 23.09 38.57 -9.90
C VAL E 424 22.61 38.38 -11.34
N ALA E 425 21.44 38.93 -11.65
CA ALA E 425 20.86 38.83 -13.00
C ALA E 425 21.16 40.05 -13.87
N GLU E 426 21.93 41.00 -13.33
CA GLU E 426 22.23 42.27 -14.00
C GLU E 426 22.92 42.15 -15.36
N VAL E 427 23.85 41.20 -15.46
CA VAL E 427 24.64 41.04 -16.69
C VAL E 427 23.83 40.35 -17.79
N PHE E 428 22.86 39.54 -17.39
CA PHE E 428 21.99 38.83 -18.33
C PHE E 428 20.76 39.66 -18.73
N THR E 429 20.06 40.20 -17.73
CA THR E 429 18.83 40.96 -17.97
C THR E 429 19.12 42.37 -18.50
N GLY E 430 20.22 42.96 -18.05
CA GLY E 430 20.56 44.33 -18.41
C GLY E 430 19.97 45.35 -17.45
N HIS E 431 18.98 44.90 -16.68
CA HIS E 431 18.32 45.76 -15.69
C HIS E 431 19.06 45.71 -14.35
N LEU E 432 19.03 46.84 -13.64
CA LEU E 432 19.71 46.99 -12.37
C LEU E 432 19.01 46.19 -11.26
N GLY E 433 19.80 45.47 -10.47
CA GLY E 433 19.28 44.66 -9.37
C GLY E 433 19.05 45.46 -8.10
N LYS E 434 18.09 45.02 -7.30
CA LYS E 434 17.67 45.78 -6.12
C LYS E 434 17.68 44.97 -4.83
N LEU E 435 18.34 45.50 -3.81
CA LEU E 435 18.34 44.93 -2.47
C LEU E 435 17.50 45.83 -1.58
N VAL E 436 16.33 45.33 -1.16
CA VAL E 436 15.33 46.14 -0.50
C VAL E 436 15.35 45.94 1.02
N PRO E 437 15.65 47.01 1.79
CA PRO E 437 15.57 46.93 3.25
C PRO E 437 14.18 46.48 3.75
N LEU E 438 14.15 45.87 4.93
CA LEU E 438 12.93 45.29 5.48
C LEU E 438 11.77 46.29 5.57
N LYS E 439 12.03 47.46 6.16
CA LYS E 439 10.99 48.47 6.38
C LYS E 439 10.40 49.03 5.09
N GLU E 440 11.25 49.17 4.06
CA GLU E 440 10.81 49.61 2.73
C GLU E 440 9.89 48.58 2.06
N THR E 441 10.17 47.30 2.27
CA THR E 441 9.33 46.22 1.78
C THR E 441 7.94 46.29 2.42
N ILE E 442 7.92 46.31 3.75
CA ILE E 442 6.68 46.37 4.53
C ILE E 442 5.80 47.57 4.15
N LYS E 443 6.37 48.78 4.15
CA LYS E 443 5.58 49.99 3.85
C LYS E 443 4.97 49.97 2.44
N GLY E 444 5.75 49.49 1.47
CA GLY E 444 5.30 49.39 0.08
C GLY E 444 4.04 48.56 -0.10
N PHE E 445 4.05 47.36 0.44
CA PHE E 445 2.88 46.46 0.40
C PHE E 445 1.74 46.98 1.27
N GLN E 446 2.09 47.66 2.35
CA GLN E 446 1.13 48.25 3.28
C GLN E 446 0.29 49.36 2.60
N GLN E 447 0.97 50.21 1.85
CA GLN E 447 0.33 51.35 1.18
C GLN E 447 -0.63 50.92 0.07
N ILE E 448 -0.35 49.79 -0.57
CA ILE E 448 -1.27 49.21 -1.56
C ILE E 448 -2.50 48.65 -0.84
N LEU E 449 -2.27 48.01 0.32
CA LEU E 449 -3.36 47.49 1.16
C LEU E 449 -4.21 48.60 1.75
N ALA E 450 -3.64 49.80 1.83
CA ALA E 450 -4.37 51.00 2.26
C ALA E 450 -4.88 51.77 1.04
N GLY E 451 -4.46 51.34 -0.15
CA GLY E 451 -4.94 51.88 -1.41
C GLY E 451 -4.45 53.29 -1.74
N GLU E 452 -3.17 53.54 -1.49
CA GLU E 452 -2.55 54.82 -1.83
C GLU E 452 -2.09 54.87 -3.28
N TYR E 453 -2.15 53.73 -3.96
CA TYR E 453 -1.71 53.62 -5.35
C TYR E 453 -2.78 53.00 -6.26
N ASP E 454 -4.04 53.16 -5.87
CA ASP E 454 -5.17 52.72 -6.68
C ASP E 454 -5.33 53.58 -7.93
N HIS E 455 -4.79 54.80 -7.87
CA HIS E 455 -4.81 55.76 -8.97
C HIS E 455 -3.76 55.38 -10.04
N LEU E 456 -2.79 54.55 -9.65
CA LEU E 456 -1.67 54.18 -10.52
C LEU E 456 -1.88 52.86 -11.26
N PRO E 457 -1.25 52.69 -12.44
CA PRO E 457 -1.40 51.51 -13.29
C PRO E 457 -0.89 50.19 -12.68
N GLU E 458 -1.11 49.09 -13.40
CA GLU E 458 -0.81 47.75 -12.92
C GLU E 458 0.64 47.31 -13.18
N GLN E 459 1.10 47.48 -14.41
CA GLN E 459 2.44 47.04 -14.83
C GLN E 459 3.58 47.96 -14.39
N ALA E 460 3.24 48.99 -13.60
CA ALA E 460 4.22 49.89 -13.01
C ALA E 460 4.84 49.29 -11.75
N PHE E 461 4.26 48.19 -11.29
CA PHE E 461 4.70 47.50 -10.07
C PHE E 461 5.54 46.26 -10.38
N TYR E 462 5.73 45.98 -11.67
CA TYR E 462 6.48 44.80 -12.12
C TYR E 462 7.98 45.09 -12.21
N MET E 463 8.76 44.28 -11.49
CA MET E 463 10.24 44.35 -11.49
C MET E 463 10.83 45.68 -11.01
N VAL E 464 10.44 46.07 -9.79
CA VAL E 464 11.00 47.26 -9.13
C VAL E 464 11.56 46.90 -7.75
N GLY E 465 12.27 47.85 -7.13
CA GLY E 465 12.80 47.67 -5.79
C GLY E 465 11.84 48.21 -4.74
N PRO E 466 12.17 49.36 -4.14
CA PRO E 466 11.25 50.04 -3.22
C PRO E 466 10.07 50.64 -3.97
N ILE E 467 8.97 50.92 -3.26
CA ILE E 467 7.74 51.40 -3.91
C ILE E 467 7.90 52.71 -4.70
N GLU E 468 8.93 53.48 -4.37
CA GLU E 468 9.25 54.73 -5.08
C GLU E 468 9.61 54.48 -6.55
N GLU E 469 10.21 53.34 -6.83
CA GLU E 469 10.56 52.95 -8.19
C GLU E 469 9.33 52.60 -9.02
N ALA E 470 8.29 52.09 -8.35
CA ALA E 470 7.00 51.84 -8.98
C ALA E 470 6.31 53.13 -9.39
N VAL E 471 6.44 54.15 -8.54
CA VAL E 471 5.95 55.50 -8.83
C VAL E 471 6.74 56.11 -9.98
N ALA E 472 8.04 55.84 -10.01
CA ALA E 472 8.93 56.32 -11.06
C ALA E 472 8.67 55.60 -12.39
N LYS E 473 8.26 54.35 -12.33
CA LYS E 473 7.92 53.58 -13.54
C LYS E 473 6.57 54.01 -14.10
N ALA E 474 5.66 54.43 -13.21
CA ALA E 474 4.34 54.93 -13.60
C ALA E 474 4.42 56.26 -14.36
N ASP E 475 5.39 57.10 -13.96
CA ASP E 475 5.63 58.37 -14.64
C ASP E 475 6.20 58.18 -16.04
N LYS E 476 6.96 57.10 -16.22
CA LYS E 476 7.60 56.80 -17.51
C LYS E 476 6.63 56.18 -18.51
N LEU E 477 5.49 55.69 -18.01
CA LEU E 477 4.46 55.08 -18.85
C LEU E 477 3.34 56.06 -19.24
N ALA E 478 3.60 57.36 -19.08
CA ALA E 478 2.63 58.41 -19.39
C ALA E 478 2.56 58.69 -20.89
N THR F 13 18.01 -30.54 42.20
CA THR F 13 18.69 -29.75 43.28
C THR F 13 18.77 -28.26 42.91
N THR F 14 19.99 -27.80 42.64
CA THR F 14 20.28 -26.38 42.48
C THR F 14 21.04 -26.10 41.18
N GLY F 15 20.82 -24.91 40.62
CA GLY F 15 21.47 -24.45 39.40
C GLY F 15 22.09 -23.07 39.57
N ARG F 16 22.79 -22.61 38.54
CA ARG F 16 23.43 -21.29 38.55
C ARG F 16 23.10 -20.53 37.26
N ILE F 17 22.77 -19.26 37.41
CA ILE F 17 22.53 -18.38 36.26
C ILE F 17 23.80 -18.25 35.44
N VAL F 18 23.69 -18.48 34.13
CA VAL F 18 24.82 -18.31 33.20
C VAL F 18 24.61 -17.17 32.20
N ALA F 19 23.34 -16.79 31.98
CA ALA F 19 23.01 -15.70 31.06
C ALA F 19 21.70 -15.01 31.43
N VAL F 20 21.63 -13.70 31.19
CA VAL F 20 20.41 -12.90 31.40
C VAL F 20 20.27 -11.89 30.25
N ILE F 21 19.15 -11.95 29.53
CA ILE F 21 18.72 -10.84 28.64
C ILE F 21 17.22 -10.59 28.83
N GLY F 22 16.90 -9.49 29.50
CA GLY F 22 15.51 -9.18 29.85
C GLY F 22 14.84 -10.32 30.58
N ALA F 23 13.75 -10.83 30.03
CA ALA F 23 12.93 -11.85 30.67
C ALA F 23 13.55 -13.25 30.56
N VAL F 24 14.56 -13.38 29.72
CA VAL F 24 15.17 -14.66 29.42
C VAL F 24 16.45 -14.89 30.24
N VAL F 25 16.40 -15.93 31.07
CA VAL F 25 17.48 -16.31 31.96
C VAL F 25 17.87 -17.75 31.65
N ASP F 26 19.14 -17.96 31.30
CA ASP F 26 19.72 -19.31 31.16
C ASP F 26 20.32 -19.78 32.48
N VAL F 27 20.06 -21.05 32.82
CA VAL F 27 20.49 -21.61 34.10
C VAL F 27 21.12 -23.00 33.91
N GLN F 28 22.35 -23.17 34.43
CA GLN F 28 23.04 -24.45 34.35
C GLN F 28 22.90 -25.23 35.65
N PHE F 29 22.63 -26.52 35.50
CA PHE F 29 22.41 -27.43 36.62
C PHE F 29 23.47 -28.55 36.58
N ASP F 30 24.09 -28.83 37.71
CA ASP F 30 25.15 -29.84 37.76
C ASP F 30 24.66 -31.24 38.12
N GLU F 31 23.54 -31.33 38.84
CA GLU F 31 22.98 -32.63 39.25
C GLU F 31 21.47 -32.70 39.02
N GLY F 32 21.08 -33.28 37.89
CA GLY F 32 19.65 -33.37 37.58
C GLY F 32 19.12 -32.07 37.00
N LEU F 33 18.38 -32.21 35.90
CA LEU F 33 17.89 -31.10 35.09
C LEU F 33 16.38 -31.00 35.27
N PRO F 34 15.86 -29.78 35.53
CA PRO F 34 14.39 -29.67 35.67
C PRO F 34 13.69 -29.79 34.32
N PRO F 35 12.54 -30.48 34.31
CA PRO F 35 11.72 -30.60 33.10
C PRO F 35 11.18 -29.24 32.61
N ILE F 36 10.86 -29.16 31.33
CA ILE F 36 10.19 -28.01 30.76
C ILE F 36 8.87 -27.75 31.51
N LEU F 37 8.58 -26.46 31.72
CA LEU F 37 7.44 -25.92 32.48
C LEU F 37 7.63 -25.85 33.98
N ASN F 38 8.72 -26.41 34.50
CA ASN F 38 9.04 -26.31 35.94
C ASN F 38 9.33 -24.88 36.41
N ALA F 39 8.80 -24.56 37.58
CA ALA F 39 9.05 -23.27 38.24
C ALA F 39 10.34 -23.36 39.02
N LEU F 40 11.27 -22.45 38.73
CA LEU F 40 12.53 -22.32 39.49
C LEU F 40 12.46 -21.07 40.37
N GLU F 41 13.08 -21.15 41.54
CA GLU F 41 13.13 -20.06 42.51
C GLU F 41 14.54 -19.45 42.54
N VAL F 42 14.66 -18.19 42.17
CA VAL F 42 15.93 -17.49 42.24
C VAL F 42 16.21 -17.16 43.69
N GLN F 43 17.40 -17.53 44.15
CA GLN F 43 17.79 -17.33 45.55
C GLN F 43 18.32 -15.91 45.80
N GLY F 44 17.89 -15.33 46.91
CA GLY F 44 18.41 -14.05 47.37
C GLY F 44 17.68 -12.81 46.87
N ARG F 45 16.39 -12.97 46.57
CA ARG F 45 15.57 -11.85 46.12
C ARG F 45 14.69 -11.36 47.26
N GLU F 46 14.43 -10.06 47.30
CA GLU F 46 13.57 -9.47 48.32
C GLU F 46 12.12 -9.92 48.13
N THR F 47 11.73 -10.10 46.86
CA THR F 47 10.43 -10.70 46.51
C THR F 47 10.66 -11.93 45.65
N ARG F 48 9.78 -12.91 45.78
CA ARG F 48 9.91 -14.16 45.04
C ARG F 48 10.07 -13.92 43.53
N LEU F 49 11.15 -14.45 42.96
CA LEU F 49 11.38 -14.41 41.53
C LEU F 49 11.36 -15.82 40.96
N VAL F 50 10.31 -16.12 40.19
CA VAL F 50 10.15 -17.42 39.58
C VAL F 50 10.63 -17.38 38.12
N LEU F 51 11.40 -18.40 37.73
CA LEU F 51 11.77 -18.63 36.34
C LEU F 51 11.05 -19.90 35.88
N GLU F 52 10.41 -19.84 34.71
CA GLU F 52 9.75 -21.01 34.18
C GLU F 52 10.59 -21.63 33.07
N VAL F 53 10.90 -22.93 33.22
CA VAL F 53 11.71 -23.64 32.23
C VAL F 53 10.98 -23.75 30.90
N ALA F 54 11.62 -23.24 29.84
CA ALA F 54 11.02 -23.23 28.51
C ALA F 54 11.71 -24.22 27.57
N GLN F 55 13.03 -24.34 27.68
CA GLN F 55 13.80 -25.22 26.78
C GLN F 55 14.99 -25.84 27.48
N HIS F 56 15.42 -26.99 26.96
CA HIS F 56 16.70 -27.58 27.31
C HIS F 56 17.67 -27.23 26.18
N LEU F 57 18.72 -26.47 26.49
CA LEU F 57 19.65 -25.97 25.48
C LEU F 57 20.75 -26.97 25.12
N GLY F 58 20.97 -27.95 25.99
CA GLY F 58 22.15 -28.79 25.93
C GLY F 58 23.14 -28.39 27.00
N GLU F 59 24.13 -29.25 27.24
CA GLU F 59 25.18 -29.03 28.24
C GLU F 59 24.60 -28.61 29.60
N SER F 60 23.60 -29.36 30.05
CA SER F 60 23.00 -29.21 31.39
C SER F 60 22.45 -27.80 31.68
N THR F 61 22.13 -27.08 30.62
CA THR F 61 21.65 -25.70 30.68
C THR F 61 20.20 -25.60 30.18
N VAL F 62 19.35 -24.94 30.97
CA VAL F 62 17.98 -24.67 30.58
C VAL F 62 17.80 -23.17 30.25
N ARG F 63 16.90 -22.89 29.31
CA ARG F 63 16.47 -21.52 29.04
C ARG F 63 15.14 -21.32 29.74
N THR F 64 15.02 -20.21 30.46
CA THR F 64 13.84 -19.94 31.26
C THR F 64 13.28 -18.56 30.97
N ILE F 65 12.02 -18.38 31.38
CA ILE F 65 11.33 -17.10 31.27
C ILE F 65 10.99 -16.59 32.67
N ALA F 66 11.41 -15.37 32.99
CA ALA F 66 11.17 -14.78 34.31
C ALA F 66 9.73 -14.28 34.49
N MET F 67 9.20 -14.41 35.71
CA MET F 67 7.85 -13.94 36.04
C MET F 67 7.84 -12.55 36.68
N ASP F 68 9.02 -11.95 36.81
CA ASP F 68 9.17 -10.59 37.31
C ASP F 68 10.48 -10.05 36.77
N GLY F 69 10.81 -8.82 37.14
CA GLY F 69 12.01 -8.17 36.63
C GLY F 69 13.27 -8.95 36.92
N THR F 70 14.23 -8.88 36.00
CA THR F 70 15.53 -9.54 36.16
C THR F 70 16.69 -8.58 36.48
N GLU F 71 16.39 -7.31 36.74
CA GLU F 71 17.43 -6.39 37.20
C GLU F 71 18.01 -6.91 38.50
N GLY F 72 19.33 -6.81 38.64
CA GLY F 72 20.00 -7.22 39.86
C GLY F 72 20.47 -8.65 39.84
N LEU F 73 20.07 -9.41 38.83
CA LEU F 73 20.56 -10.78 38.66
C LEU F 73 22.02 -10.73 38.24
N VAL F 74 22.79 -11.67 38.77
CA VAL F 74 24.23 -11.78 38.51
C VAL F 74 24.52 -13.20 38.03
N ARG F 75 25.47 -13.34 37.11
CA ARG F 75 25.91 -14.64 36.65
C ARG F 75 26.52 -15.42 37.84
N GLY F 76 26.17 -16.69 37.97
CA GLY F 76 26.60 -17.48 39.12
C GLY F 76 25.60 -17.52 40.25
N GLN F 77 24.57 -16.69 40.18
CA GLN F 77 23.49 -16.66 41.18
C GLN F 77 22.75 -18.00 41.26
N LYS F 78 22.45 -18.43 42.48
CA LYS F 78 21.82 -19.74 42.72
C LYS F 78 20.32 -19.77 42.41
N VAL F 79 19.86 -20.89 41.87
CA VAL F 79 18.46 -21.10 41.48
C VAL F 79 18.05 -22.51 41.92
N LEU F 80 16.91 -22.61 42.59
CA LEU F 80 16.40 -23.91 43.04
C LEU F 80 15.22 -24.38 42.19
N ASP F 81 15.17 -25.68 41.94
CA ASP F 81 14.04 -26.32 41.26
C ASP F 81 12.96 -26.61 42.30
N SER F 82 11.76 -26.09 42.07
CA SER F 82 10.64 -26.32 42.99
C SER F 82 10.04 -27.72 42.81
N GLY F 83 10.38 -28.36 41.69
CA GLY F 83 9.91 -29.71 41.40
C GLY F 83 8.52 -29.77 40.80
N ALA F 84 8.02 -28.62 40.34
CA ALA F 84 6.69 -28.53 39.76
C ALA F 84 6.55 -27.23 38.96
N PRO F 85 5.55 -27.15 38.06
CA PRO F 85 5.23 -25.87 37.44
C PRO F 85 4.71 -24.90 38.48
N ILE F 86 4.53 -23.64 38.08
CA ILE F 86 3.93 -22.64 38.97
C ILE F 86 2.63 -23.19 39.53
N ARG F 87 2.49 -23.21 40.86
CA ARG F 87 1.27 -23.66 41.51
C ARG F 87 0.62 -22.54 42.30
N ILE F 88 -0.70 -22.42 42.18
CA ILE F 88 -1.43 -21.31 42.80
C ILE F 88 -2.54 -21.84 43.69
N PRO F 89 -2.99 -21.02 44.66
CA PRO F 89 -4.16 -21.39 45.46
C PRO F 89 -5.41 -21.46 44.58
N VAL F 90 -6.20 -22.51 44.73
CA VAL F 90 -7.50 -22.59 44.07
C VAL F 90 -8.58 -22.93 45.09
N GLY F 91 -9.81 -22.49 44.83
CA GLY F 91 -10.91 -22.81 45.73
C GLY F 91 -11.60 -21.59 46.32
N PRO F 92 -12.61 -21.83 47.17
CA PRO F 92 -13.46 -20.82 47.80
C PRO F 92 -12.71 -19.59 48.34
N GLU F 93 -11.52 -19.80 48.87
CA GLU F 93 -10.79 -18.73 49.53
C GLU F 93 -10.08 -17.77 48.57
N THR F 94 -10.16 -18.05 47.26
CA THR F 94 -9.70 -17.10 46.24
C THR F 94 -10.74 -16.00 46.00
N LEU F 95 -11.98 -16.29 46.38
CA LEU F 95 -13.11 -15.37 46.14
C LEU F 95 -12.98 -14.10 46.97
N GLY F 96 -13.10 -12.94 46.31
CA GLY F 96 -12.92 -11.68 46.99
C GLY F 96 -11.46 -11.27 47.15
N ARG F 97 -10.55 -12.15 46.76
CA ARG F 97 -9.12 -11.87 46.86
C ARG F 97 -8.56 -11.47 45.51
N ILE F 98 -7.42 -10.76 45.54
CA ILE F 98 -6.66 -10.48 44.32
C ILE F 98 -5.31 -11.20 44.40
N MET F 99 -4.98 -11.93 43.34
CA MET F 99 -3.68 -12.59 43.25
C MET F 99 -2.91 -12.11 42.03
N ASN F 100 -1.58 -12.27 42.07
CA ASN F 100 -0.75 -12.07 40.89
C ASN F 100 -0.51 -13.38 40.10
N VAL F 101 0.36 -13.30 39.09
CA VAL F 101 0.64 -14.43 38.18
CA VAL F 101 0.63 -14.42 38.18
C VAL F 101 1.10 -15.71 38.89
N ILE F 102 1.82 -15.55 39.99
CA ILE F 102 2.32 -16.70 40.74
C ILE F 102 1.48 -17.03 41.98
N GLY F 103 0.26 -16.48 42.03
CA GLY F 103 -0.70 -16.83 43.08
C GLY F 103 -0.53 -16.16 44.43
N GLU F 104 0.32 -15.15 44.50
CA GLU F 104 0.49 -14.39 45.74
C GLU F 104 -0.65 -13.39 45.91
N PRO F 105 -1.13 -13.20 47.15
CA PRO F 105 -2.09 -12.14 47.41
C PRO F 105 -1.46 -10.77 47.21
N ILE F 106 -2.12 -9.89 46.47
CA ILE F 106 -1.64 -8.52 46.25
C ILE F 106 -2.67 -7.49 46.74
N ASP F 107 -3.48 -7.91 47.70
CA ASP F 107 -4.53 -7.07 48.24
C ASP F 107 -4.28 -6.66 49.70
N GLU F 108 -3.08 -6.97 50.20
CA GLU F 108 -2.68 -6.69 51.60
C GLU F 108 -3.62 -7.31 52.65
N ARG F 109 -4.25 -8.43 52.30
CA ARG F 109 -5.18 -9.09 53.21
C ARG F 109 -4.64 -10.41 53.79
N GLY F 110 -3.35 -10.67 53.55
CA GLY F 110 -2.68 -11.84 54.12
C GLY F 110 -2.76 -13.08 53.26
N PRO F 111 -2.37 -14.24 53.82
CA PRO F 111 -2.38 -15.52 53.10
C PRO F 111 -3.73 -15.88 52.51
N ILE F 112 -3.69 -16.48 51.32
CA ILE F 112 -4.87 -17.14 50.74
C ILE F 112 -4.79 -18.60 51.18
N LYS F 113 -5.46 -18.94 52.27
CA LYS F 113 -5.30 -20.29 52.82
C LYS F 113 -6.31 -21.30 52.27
N THR F 114 -6.03 -21.73 51.04
CA THR F 114 -6.80 -22.77 50.36
C THR F 114 -6.33 -24.12 50.87
N LYS F 115 -7.19 -25.12 50.68
CA LYS F 115 -6.85 -26.50 51.02
C LYS F 115 -6.18 -27.22 49.84
N GLN F 116 -6.13 -26.56 48.69
CA GLN F 116 -5.59 -27.14 47.47
C GLN F 116 -4.78 -26.08 46.69
N PHE F 117 -3.83 -26.55 45.91
CA PHE F 117 -3.12 -25.72 44.97
C PHE F 117 -3.25 -26.41 43.62
N ALA F 118 -3.02 -25.67 42.54
CA ALA F 118 -3.07 -26.26 41.21
C ALA F 118 -2.01 -25.64 40.34
N ALA F 119 -1.36 -26.46 39.51
CA ALA F 119 -0.39 -25.97 38.55
C ALA F 119 -1.12 -25.19 37.47
N ILE F 120 -0.50 -24.12 36.98
CA ILE F 120 -1.15 -23.23 36.00
C ILE F 120 -1.08 -23.77 34.58
N HIS F 121 -0.33 -24.86 34.40
CA HIS F 121 -0.32 -25.57 33.14
C HIS F 121 -1.11 -26.85 33.36
N ALA F 122 -2.10 -27.07 32.52
CA ALA F 122 -2.95 -28.25 32.57
C ALA F 122 -3.32 -28.50 31.14
N GLU F 123 -3.63 -29.75 30.81
CA GLU F 123 -3.97 -30.07 29.44
C GLU F 123 -5.40 -29.62 29.16
N ALA F 124 -5.64 -29.17 27.94
CA ALA F 124 -6.98 -28.79 27.50
C ALA F 124 -7.93 -29.97 27.67
N PRO F 125 -9.20 -29.71 28.05
CA PRO F 125 -10.20 -30.78 28.01
C PRO F 125 -10.26 -31.48 26.65
N GLU F 126 -10.45 -32.80 26.69
CA GLU F 126 -10.40 -33.62 25.49
C GLU F 126 -11.71 -33.52 24.73
N PHE F 127 -11.70 -33.98 23.47
CA PHE F 127 -12.89 -33.99 22.63
C PHE F 127 -14.12 -34.58 23.32
N VAL F 128 -13.93 -35.68 24.04
CA VAL F 128 -15.03 -36.38 24.73
C VAL F 128 -15.69 -35.59 25.85
N GLU F 129 -15.04 -34.52 26.28
CA GLU F 129 -15.54 -33.72 27.40
C GLU F 129 -16.41 -32.55 26.92
N MET F 130 -16.46 -32.35 25.60
CA MET F 130 -17.16 -31.20 25.04
C MET F 130 -18.68 -31.27 25.23
N SER F 131 -19.29 -30.13 25.46
CA SER F 131 -20.75 -30.00 25.49
C SER F 131 -21.22 -29.38 24.17
N VAL F 132 -22.36 -29.86 23.67
CA VAL F 132 -22.94 -29.29 22.44
C VAL F 132 -24.18 -28.43 22.74
N GLU F 133 -24.53 -28.30 24.01
CA GLU F 133 -25.69 -27.50 24.43
C GLU F 133 -25.56 -26.07 23.93
N GLN F 134 -26.64 -25.57 23.33
CA GLN F 134 -26.68 -24.20 22.81
C GLN F 134 -27.95 -23.48 23.27
N GLU F 135 -27.74 -22.47 24.10
CA GLU F 135 -28.83 -21.78 24.79
C GLU F 135 -28.51 -20.29 24.85
N ILE F 136 -29.48 -19.45 24.48
CA ILE F 136 -29.25 -18.01 24.43
C ILE F 136 -28.98 -17.42 25.82
N LEU F 137 -28.01 -16.51 25.86
CA LEU F 137 -27.77 -15.66 27.01
C LEU F 137 -28.11 -14.22 26.61
N VAL F 138 -29.27 -13.75 27.06
CA VAL F 138 -29.75 -12.42 26.74
C VAL F 138 -28.98 -11.38 27.56
N THR F 139 -28.42 -10.39 26.86
CA THR F 139 -27.59 -9.35 27.47
C THR F 139 -28.37 -8.06 27.77
N GLY F 140 -29.47 -7.86 27.07
CA GLY F 140 -30.22 -6.61 27.13
C GLY F 140 -29.59 -5.53 26.26
N ILE F 141 -28.58 -5.92 25.48
CA ILE F 141 -27.91 -5.02 24.56
C ILE F 141 -28.44 -5.34 23.16
N LYS F 142 -29.12 -4.38 22.56
CA LYS F 142 -29.84 -4.58 21.29
C LYS F 142 -29.03 -5.22 20.14
N VAL F 143 -27.88 -4.63 19.79
CA VAL F 143 -27.05 -5.17 18.67
C VAL F 143 -26.70 -6.62 18.85
N VAL F 144 -26.26 -6.95 20.06
CA VAL F 144 -25.78 -8.28 20.36
C VAL F 144 -26.93 -9.26 20.36
N ASP F 145 -27.96 -8.95 21.15
CA ASP F 145 -29.13 -9.82 21.26
C ASP F 145 -29.79 -10.06 19.90
N LEU F 146 -29.89 -9.02 19.07
CA LEU F 146 -30.50 -9.19 17.75
C LEU F 146 -29.62 -9.94 16.76
N LEU F 147 -28.38 -9.46 16.55
CA LEU F 147 -27.59 -9.90 15.39
C LEU F 147 -26.59 -11.02 15.63
N ALA F 148 -26.06 -11.10 16.84
CA ALA F 148 -25.00 -12.06 17.17
C ALA F 148 -25.08 -12.45 18.64
N PRO F 149 -26.18 -13.11 19.05
CA PRO F 149 -26.46 -13.33 20.47
C PRO F 149 -25.46 -14.25 21.16
N TYR F 150 -25.22 -14.00 22.45
CA TYR F 150 -24.29 -14.82 23.22
C TYR F 150 -24.97 -16.09 23.67
N ALA F 151 -24.16 -17.14 23.86
CA ALA F 151 -24.65 -18.43 24.36
C ALA F 151 -24.16 -18.67 25.79
N LYS F 152 -25.04 -19.19 26.65
CA LYS F 152 -24.65 -19.64 27.98
C LYS F 152 -23.58 -20.72 27.83
N GLY F 153 -22.49 -20.59 28.58
CA GLY F 153 -21.38 -21.52 28.49
C GLY F 153 -20.57 -21.37 27.21
N GLY F 154 -20.82 -20.31 26.45
CA GLY F 154 -20.14 -20.11 25.17
C GLY F 154 -18.94 -19.19 25.29
N LYS F 155 -18.16 -19.13 24.22
CA LYS F 155 -16.96 -18.29 24.14
C LYS F 155 -17.25 -17.02 23.37
N ILE F 156 -17.13 -15.89 24.06
CA ILE F 156 -17.44 -14.58 23.53
C ILE F 156 -16.17 -13.76 23.46
N GLY F 157 -15.96 -13.12 22.30
CA GLY F 157 -14.84 -12.21 22.14
C GLY F 157 -15.26 -10.82 21.67
N LEU F 158 -14.63 -9.81 22.24
CA LEU F 158 -14.92 -8.40 21.95
C LEU F 158 -13.71 -7.74 21.29
N PHE F 159 -13.76 -7.60 19.97
CA PHE F 159 -12.64 -7.02 19.18
C PHE F 159 -12.73 -5.50 19.09
N GLY F 160 -11.61 -4.82 19.27
CA GLY F 160 -11.56 -3.39 19.03
C GLY F 160 -10.19 -2.73 19.07
N GLY F 161 -9.99 -1.76 18.19
CA GLY F 161 -8.81 -0.91 18.22
C GLY F 161 -8.75 -0.08 19.50
N ALA F 162 -7.68 0.67 19.67
CA ALA F 162 -7.46 1.50 20.86
C ALA F 162 -8.60 2.51 21.08
N GLY F 163 -9.22 2.43 22.26
CA GLY F 163 -10.22 3.40 22.68
C GLY F 163 -11.62 3.33 22.08
N VAL F 164 -11.95 2.20 21.42
CA VAL F 164 -13.23 2.07 20.71
CA VAL F 164 -13.21 2.05 20.70
C VAL F 164 -14.39 1.57 21.57
N GLY F 165 -14.07 0.91 22.69
CA GLY F 165 -15.11 0.52 23.65
C GLY F 165 -15.11 -0.92 24.17
N LYS F 166 -13.99 -1.63 24.05
CA LYS F 166 -13.88 -3.00 24.58
C LYS F 166 -14.16 -3.11 26.08
N THR F 167 -13.50 -2.27 26.87
CA THR F 167 -13.63 -2.34 28.34
C THR F 167 -14.98 -1.84 28.86
N VAL F 168 -15.50 -0.76 28.29
CA VAL F 168 -16.85 -0.30 28.61
C VAL F 168 -17.88 -1.42 28.36
N LEU F 169 -17.68 -2.16 27.28
CA LEU F 169 -18.59 -3.24 26.91
C LEU F 169 -18.49 -4.42 27.88
N ILE F 170 -17.26 -4.81 28.23
CA ILE F 170 -17.08 -5.87 29.22
C ILE F 170 -17.65 -5.46 30.60
N MET F 171 -17.51 -4.18 30.96
CA MET F 171 -18.03 -3.68 32.24
C MET F 171 -19.56 -3.66 32.27
N GLU F 172 -20.16 -3.35 31.12
CA GLU F 172 -21.61 -3.36 30.97
C GLU F 172 -22.15 -4.79 31.05
N LEU F 173 -21.42 -5.74 30.47
CA LEU F 173 -21.76 -7.15 30.57
C LEU F 173 -21.62 -7.69 32.01
N ILE F 174 -20.58 -7.26 32.72
CA ILE F 174 -20.45 -7.59 34.15
C ILE F 174 -21.67 -7.06 34.92
N ASN F 175 -22.12 -5.87 34.57
CA ASN F 175 -23.35 -5.27 35.12
C ASN F 175 -24.62 -6.04 34.74
N ASN F 176 -24.77 -6.34 33.45
CA ASN F 176 -25.98 -6.97 32.94
C ASN F 176 -26.10 -8.46 33.19
N VAL F 177 -24.96 -9.16 33.17
CA VAL F 177 -24.94 -10.63 33.25
C VAL F 177 -24.53 -11.17 34.62
N ALA F 178 -23.48 -10.60 35.20
CA ALA F 178 -22.88 -11.13 36.44
C ALA F 178 -23.68 -10.82 37.72
N LYS F 179 -24.97 -10.57 37.59
CA LYS F 179 -25.87 -10.43 38.74
C LYS F 179 -27.05 -11.38 38.61
N ALA F 180 -27.58 -11.53 37.39
CA ALA F 180 -28.59 -12.55 37.08
C ALA F 180 -27.95 -13.94 37.08
N HIS F 181 -26.71 -13.99 37.57
CA HIS F 181 -25.91 -15.20 37.64
C HIS F 181 -25.77 -15.67 39.09
N GLY F 182 -26.06 -16.94 39.33
CA GLY F 182 -26.06 -17.49 40.69
C GLY F 182 -24.86 -18.36 41.01
N GLY F 183 -23.78 -18.18 40.26
CA GLY F 183 -22.53 -18.93 40.45
C GLY F 183 -21.35 -18.02 40.77
N TYR F 184 -20.18 -18.38 40.26
CA TYR F 184 -18.96 -17.62 40.52
C TYR F 184 -18.42 -16.93 39.27
N SER F 185 -17.68 -15.84 39.48
CA SER F 185 -17.05 -15.12 38.39
C SER F 185 -15.55 -14.98 38.65
N VAL F 186 -14.77 -15.00 37.57
CA VAL F 186 -13.34 -14.75 37.65
C VAL F 186 -13.04 -13.62 36.68
N PHE F 187 -12.37 -12.57 37.15
CA PHE F 187 -11.84 -11.53 36.27
C PHE F 187 -10.32 -11.60 36.21
N ALA F 188 -9.79 -11.74 35.00
CA ALA F 188 -8.37 -11.71 34.77
C ALA F 188 -7.96 -10.44 34.03
N GLY F 189 -7.20 -9.59 34.71
CA GLY F 189 -6.57 -8.45 34.07
C GLY F 189 -5.27 -8.91 33.45
N VAL F 190 -5.17 -8.79 32.13
CA VAL F 190 -4.00 -9.24 31.39
C VAL F 190 -3.47 -8.09 30.54
N GLY F 191 -2.33 -7.53 30.95
CA GLY F 191 -1.67 -6.44 30.22
C GLY F 191 -2.44 -5.14 30.03
N GLU F 192 -3.38 -4.85 30.92
CA GLU F 192 -4.20 -3.63 30.81
C GLU F 192 -3.86 -2.62 31.90
N ARG F 193 -4.75 -1.68 32.18
CA ARG F 193 -4.41 -0.56 33.07
C ARG F 193 -4.57 -0.98 34.52
N THR F 194 -3.53 -0.75 35.31
CA THR F 194 -3.57 -1.02 36.75
C THR F 194 -4.69 -0.24 37.42
N ARG F 195 -4.86 1.03 37.02
CA ARG F 195 -5.93 1.83 37.64
C ARG F 195 -7.34 1.32 37.30
N GLU F 196 -7.48 0.62 36.16
CA GLU F 196 -8.72 -0.07 35.83
C GLU F 196 -9.01 -1.23 36.80
N GLY F 197 -7.94 -1.92 37.21
CA GLY F 197 -8.03 -2.94 38.27
C GLY F 197 -8.44 -2.32 39.60
N ASN F 198 -7.83 -1.19 39.93
CA ASN F 198 -8.19 -0.46 41.15
C ASN F 198 -9.65 -0.03 41.13
N ASP F 199 -10.10 0.48 39.98
CA ASP F 199 -11.50 0.88 39.76
C ASP F 199 -12.46 -0.28 39.99
N LEU F 200 -12.19 -1.42 39.34
CA LEU F 200 -13.06 -2.59 39.43
C LEU F 200 -13.12 -3.13 40.87
N TYR F 201 -11.96 -3.34 41.47
CA TYR F 201 -11.86 -3.81 42.84
C TYR F 201 -12.76 -3.00 43.77
N HIS F 202 -12.54 -1.68 43.82
CA HIS F 202 -13.25 -0.81 44.74
C HIS F 202 -14.74 -0.64 44.43
N GLU F 203 -15.08 -0.73 43.16
CA GLU F 203 -16.48 -0.77 42.74
C GLU F 203 -17.20 -2.00 43.28
N MET F 204 -16.53 -3.15 43.21
CA MET F 204 -17.08 -4.42 43.69
C MET F 204 -17.21 -4.47 45.22
N ILE F 205 -16.28 -3.82 45.92
CA ILE F 205 -16.41 -3.63 47.37
C ILE F 205 -17.65 -2.79 47.69
N GLU F 206 -17.87 -1.75 46.89
CA GLU F 206 -18.97 -0.83 47.06
C GLU F 206 -20.33 -1.50 46.79
N SER F 207 -20.38 -2.31 45.73
CA SER F 207 -21.61 -2.99 45.35
C SER F 207 -21.92 -4.18 46.27
N GLY F 208 -20.86 -4.79 46.80
CA GLY F 208 -20.99 -5.93 47.69
C GLY F 208 -20.67 -7.28 47.06
N VAL F 209 -20.37 -7.31 45.76
CA VAL F 209 -20.02 -8.57 45.11
C VAL F 209 -18.66 -9.11 45.62
N ILE F 210 -17.83 -8.19 46.13
CA ILE F 210 -16.71 -8.55 46.99
C ILE F 210 -17.02 -8.04 48.40
N ASN F 211 -17.10 -8.97 49.35
CA ASN F 211 -17.32 -8.63 50.73
C ASN F 211 -16.04 -8.88 51.53
N LEU F 212 -15.57 -7.83 52.19
CA LEU F 212 -14.31 -7.88 52.94
C LEU F 212 -14.48 -8.42 54.37
N LYS F 213 -15.72 -8.64 54.76
CA LYS F 213 -16.05 -9.02 56.14
C LYS F 213 -16.55 -10.46 56.30
N ASP F 214 -17.15 -10.99 55.22
CA ASP F 214 -17.77 -12.32 55.27
C ASP F 214 -17.30 -13.16 54.08
N ALA F 215 -17.77 -14.40 54.02
CA ALA F 215 -17.36 -15.33 52.96
C ALA F 215 -18.29 -15.31 51.74
N THR F 216 -19.02 -14.21 51.56
CA THR F 216 -20.05 -14.13 50.53
C THR F 216 -19.56 -13.62 49.16
N SER F 217 -18.28 -13.27 49.05
CA SER F 217 -17.74 -12.80 47.75
C SER F 217 -17.98 -13.86 46.67
N LYS F 218 -18.28 -13.41 45.46
CA LYS F 218 -18.62 -14.32 44.37
C LYS F 218 -17.68 -14.19 43.17
N VAL F 219 -16.67 -13.33 43.32
CA VAL F 219 -15.71 -13.04 42.26
C VAL F 219 -14.28 -13.21 42.77
N ALA F 220 -13.46 -13.85 41.93
CA ALA F 220 -12.02 -13.94 42.18
C ALA F 220 -11.29 -13.08 41.14
N LEU F 221 -10.29 -12.32 41.58
CA LEU F 221 -9.54 -11.44 40.70
C LEU F 221 -8.08 -11.88 40.57
N VAL F 222 -7.56 -11.81 39.36
CA VAL F 222 -6.19 -12.16 39.03
C VAL F 222 -5.68 -11.07 38.08
N TYR F 223 -4.52 -10.48 38.39
CA TYR F 223 -4.01 -9.35 37.63
C TYR F 223 -2.54 -9.44 37.29
N GLY F 224 -2.22 -9.13 36.04
CA GLY F 224 -0.85 -8.93 35.59
C GLY F 224 -0.87 -7.91 34.47
N GLN F 225 -0.75 -6.63 34.85
CA GLN F 225 -1.07 -5.50 33.96
C GLN F 225 0.12 -4.98 33.12
N MET F 226 -0.07 -3.85 32.44
CA MET F 226 0.93 -3.37 31.47
C MET F 226 2.19 -2.74 32.10
N ASN F 227 2.25 -2.71 33.43
CA ASN F 227 3.49 -2.39 34.16
C ASN F 227 4.41 -3.60 34.34
N GLU F 228 3.90 -4.78 34.03
CA GLU F 228 4.62 -6.04 34.26
C GLU F 228 5.51 -6.41 33.08
N PRO F 229 6.65 -7.06 33.36
CA PRO F 229 7.50 -7.61 32.30
C PRO F 229 6.78 -8.75 31.55
N PRO F 230 7.25 -9.10 30.33
CA PRO F 230 6.46 -9.93 29.43
C PRO F 230 6.15 -11.37 29.92
N GLY F 231 7.04 -11.98 30.68
CA GLY F 231 6.80 -13.33 31.18
C GLY F 231 5.54 -13.36 32.04
N ALA F 232 5.37 -12.33 32.87
CA ALA F 232 4.18 -12.21 33.72
C ALA F 232 2.91 -11.98 32.88
N ARG F 233 2.99 -11.07 31.90
CA ARG F 233 1.88 -10.84 30.98
C ARG F 233 1.51 -12.09 30.15
N ALA F 234 2.52 -12.87 29.78
CA ALA F 234 2.32 -14.12 29.05
C ALA F 234 1.67 -15.24 29.86
N ARG F 235 1.90 -15.28 31.18
CA ARG F 235 1.39 -16.40 31.98
C ARG F 235 0.17 -16.10 32.83
N VAL F 236 -0.12 -14.81 33.07
CA VAL F 236 -1.19 -14.43 34.01
C VAL F 236 -2.60 -14.87 33.54
N ALA F 237 -2.79 -15.01 32.22
CA ALA F 237 -4.03 -15.55 31.66
C ALA F 237 -4.24 -17.00 32.13
N LEU F 238 -3.16 -17.78 32.12
CA LEU F 238 -3.18 -19.17 32.62
C LEU F 238 -3.51 -19.22 34.11
N THR F 239 -3.00 -18.24 34.86
CA THR F 239 -3.33 -18.14 36.28
C THR F 239 -4.83 -17.95 36.48
N GLY F 240 -5.40 -17.03 35.70
CA GLY F 240 -6.84 -16.74 35.78
C GLY F 240 -7.69 -17.94 35.37
N LEU F 241 -7.33 -18.56 34.26
CA LEU F 241 -8.00 -19.78 33.76
C LEU F 241 -8.02 -20.91 34.77
N THR F 242 -6.89 -21.07 35.45
CA THR F 242 -6.71 -22.12 36.46
C THR F 242 -7.68 -21.93 37.61
N VAL F 243 -7.85 -20.69 38.05
CA VAL F 243 -8.85 -20.38 39.08
C VAL F 243 -10.25 -20.74 38.58
N ALA F 244 -10.53 -20.45 37.30
CA ALA F 244 -11.82 -20.77 36.68
C ALA F 244 -12.02 -22.27 36.56
N GLU F 245 -10.96 -22.99 36.21
CA GLU F 245 -11.01 -24.45 36.05
C GLU F 245 -11.39 -25.15 37.34
N TYR F 246 -10.86 -24.66 38.46
CA TYR F 246 -11.23 -25.23 39.74
C TYR F 246 -12.74 -25.18 39.96
N PHE F 247 -13.33 -23.99 39.80
CA PHE F 247 -14.77 -23.83 40.06
C PHE F 247 -15.60 -24.63 39.07
N ARG F 248 -15.13 -24.70 37.82
CA ARG F 248 -15.81 -25.50 36.80
C ARG F 248 -15.85 -26.99 37.16
N ASP F 249 -14.72 -27.53 37.61
CA ASP F 249 -14.56 -28.98 37.76
C ASP F 249 -14.85 -29.51 39.16
N GLN F 250 -14.35 -28.81 40.18
CA GLN F 250 -14.36 -29.32 41.54
C GLN F 250 -15.61 -28.87 42.29
N GLU F 251 -16.30 -27.89 41.72
CA GLU F 251 -17.57 -27.42 42.25
C GLU F 251 -18.65 -27.64 41.18
N GLY F 252 -18.20 -27.97 39.96
CA GLY F 252 -19.07 -28.18 38.80
C GLY F 252 -19.83 -26.93 38.36
N GLN F 253 -19.56 -25.82 39.04
CA GLN F 253 -20.48 -24.67 39.07
C GLN F 253 -20.54 -23.85 37.79
N ASP F 254 -21.60 -23.07 37.65
CA ASP F 254 -21.72 -22.11 36.55
C ASP F 254 -20.73 -20.98 36.82
N VAL F 255 -19.78 -20.81 35.91
CA VAL F 255 -18.67 -19.87 36.07
C VAL F 255 -18.69 -18.84 34.96
N LEU F 256 -18.50 -17.58 35.31
CA LEU F 256 -18.23 -16.54 34.32
C LEU F 256 -16.77 -16.14 34.41
N LEU F 257 -16.10 -16.13 33.25
CA LEU F 257 -14.71 -15.71 33.16
C LEU F 257 -14.59 -14.50 32.23
N PHE F 258 -14.10 -13.40 32.78
CA PHE F 258 -13.88 -12.16 32.03
C PHE F 258 -12.39 -11.90 31.92
N ILE F 259 -11.93 -11.64 30.70
CA ILE F 259 -10.51 -11.36 30.46
C ILE F 259 -10.34 -10.07 29.66
N ASP F 260 -9.64 -9.11 30.25
CA ASP F 260 -9.27 -7.88 29.58
C ASP F 260 -7.77 -7.70 29.83
N ASN F 261 -6.91 -7.98 28.86
CA ASN F 261 -7.24 -8.19 27.45
C ASN F 261 -6.36 -9.31 26.89
N ILE F 262 -6.97 -10.34 26.31
CA ILE F 262 -6.23 -11.54 25.86
C ILE F 262 -5.18 -11.29 24.75
N PHE F 263 -5.30 -10.21 23.99
CA PHE F 263 -4.27 -9.88 23.01
C PHE F 263 -2.90 -9.74 23.68
N ARG F 264 -2.92 -9.21 24.90
CA ARG F 264 -1.71 -8.88 25.63
C ARG F 264 -0.87 -10.13 25.90
N PHE F 265 -1.53 -11.28 25.98
CA PHE F 265 -0.90 -12.60 26.09
C PHE F 265 0.00 -12.90 24.88
N THR F 266 -0.54 -12.67 23.69
CA THR F 266 0.18 -12.94 22.45
C THR F 266 1.31 -11.92 22.22
N GLN F 267 1.02 -10.66 22.51
CA GLN F 267 2.02 -9.61 22.43
C GLN F 267 3.19 -9.88 23.37
N ALA F 268 2.89 -10.29 24.61
CA ALA F 268 3.94 -10.65 25.58
C ALA F 268 4.81 -11.78 25.04
N GLY F 269 4.17 -12.77 24.40
CA GLY F 269 4.86 -13.87 23.77
C GLY F 269 5.78 -13.42 22.64
N SER F 270 5.38 -12.37 21.93
CA SER F 270 6.22 -11.80 20.88
C SER F 270 7.48 -11.17 21.47
N GLU F 271 7.32 -10.49 22.61
CA GLU F 271 8.46 -9.89 23.32
C GLU F 271 9.49 -10.94 23.77
N VAL F 272 9.02 -12.06 24.32
CA VAL F 272 9.92 -13.13 24.76
C VAL F 272 10.54 -13.88 23.57
N SER F 273 9.75 -14.13 22.54
CA SER F 273 10.24 -14.83 21.36
C SER F 273 11.41 -14.08 20.74
N ALA F 274 11.34 -12.75 20.75
CA ALA F 274 12.45 -11.92 20.28
C ALA F 274 13.71 -12.22 21.10
N LEU F 275 13.54 -12.38 22.42
CA LEU F 275 14.66 -12.68 23.32
C LEU F 275 15.09 -14.17 23.31
N LEU F 276 14.18 -15.07 22.93
CA LEU F 276 14.48 -16.51 22.82
C LEU F 276 15.23 -16.80 21.53
N GLY F 277 15.41 -15.78 20.70
CA GLY F 277 16.15 -15.91 19.46
C GLY F 277 15.56 -16.77 18.34
N ARG F 278 14.29 -17.17 18.47
CA ARG F 278 13.56 -17.85 17.37
C ARG F 278 13.63 -17.01 16.08
N ILE F 279 13.53 -17.66 14.92
CA ILE F 279 13.28 -16.95 13.67
C ILE F 279 11.84 -16.41 13.72
N PRO F 280 11.66 -15.11 13.47
CA PRO F 280 10.32 -14.52 13.55
C PRO F 280 9.43 -14.93 12.37
N SER F 281 8.13 -14.87 12.60
CA SER F 281 7.14 -15.11 11.55
C SER F 281 6.64 -13.75 11.05
N ALA F 282 5.55 -13.73 10.30
CA ALA F 282 5.00 -12.49 9.74
C ALA F 282 4.75 -11.41 10.81
N VAL F 283 5.04 -10.16 10.46
CA VAL F 283 4.79 -8.99 11.31
C VAL F 283 5.60 -9.03 12.63
N GLY F 284 6.70 -9.78 12.63
CA GLY F 284 7.59 -9.88 13.78
C GLY F 284 7.11 -10.76 14.90
N TYR F 285 6.02 -11.48 14.68
CA TYR F 285 5.47 -12.35 15.71
C TYR F 285 6.26 -13.66 15.91
N GLN F 286 6.11 -14.24 17.10
CA GLN F 286 6.64 -15.58 17.39
C GLN F 286 6.13 -16.60 16.34
N PRO F 287 6.99 -17.55 15.92
CA PRO F 287 6.49 -18.60 15.02
C PRO F 287 5.43 -19.50 15.66
N THR F 288 5.34 -19.45 16.98
CA THR F 288 4.45 -20.32 17.76
C THR F 288 3.12 -19.67 18.12
N LEU F 289 2.82 -18.52 17.51
CA LEU F 289 1.65 -17.72 17.86
C LEU F 289 0.35 -18.53 17.95
N ALA F 290 0.10 -19.35 16.92
CA ALA F 290 -1.16 -20.09 16.82
C ALA F 290 -1.26 -21.26 17.80
N THR F 291 -0.18 -22.02 17.97
CA THR F 291 -0.17 -23.14 18.93
C THR F 291 -0.18 -22.65 20.37
N ASP F 292 0.56 -21.57 20.64
CA ASP F 292 0.55 -20.94 21.96
C ASP F 292 -0.87 -20.51 22.30
N MET F 293 -1.53 -19.85 21.34
CA MET F 293 -2.91 -19.42 21.53
C MET F 293 -3.85 -20.61 21.72
N GLY F 294 -3.64 -21.65 20.93
CA GLY F 294 -4.46 -22.86 20.99
C GLY F 294 -4.40 -23.57 22.33
N THR F 295 -3.19 -23.73 22.85
CA THR F 295 -2.97 -24.42 24.12
C THR F 295 -3.61 -23.70 25.31
N MET F 296 -3.63 -22.37 25.23
CA MET F 296 -4.30 -21.55 26.23
C MET F 296 -5.83 -21.51 26.00
N GLN F 297 -6.24 -21.19 24.76
CA GLN F 297 -7.69 -21.03 24.46
C GLN F 297 -8.49 -22.28 24.73
N GLU F 298 -7.95 -23.44 24.34
CA GLU F 298 -8.67 -24.71 24.48
C GLU F 298 -9.02 -25.09 25.92
N ARG F 299 -8.37 -24.43 26.88
CA ARG F 299 -8.69 -24.60 28.29
C ARG F 299 -9.86 -23.71 28.72
N ILE F 300 -10.06 -22.61 28.00
CA ILE F 300 -11.18 -21.70 28.25
C ILE F 300 -12.41 -22.29 27.57
N THR F 301 -13.11 -23.16 28.29
CA THR F 301 -14.22 -23.87 27.69
C THR F 301 -15.15 -24.49 28.73
N THR F 302 -16.42 -24.55 28.36
CA THR F 302 -17.41 -25.37 29.04
C THR F 302 -17.07 -26.83 28.76
N THR F 303 -17.35 -27.69 29.73
CA THR F 303 -17.27 -29.14 29.53
C THR F 303 -18.56 -29.77 30.07
N LYS F 304 -18.71 -31.08 29.91
CA LYS F 304 -19.85 -31.79 30.50
C LYS F 304 -19.85 -31.67 32.02
N LYS F 305 -18.69 -31.32 32.58
CA LYS F 305 -18.51 -31.25 34.03
C LYS F 305 -18.98 -29.91 34.60
N GLY F 306 -18.91 -28.85 33.79
CA GLY F 306 -19.32 -27.52 34.25
C GLY F 306 -19.23 -26.47 33.18
N SER F 307 -19.95 -25.38 33.39
CA SER F 307 -20.09 -24.32 32.39
C SER F 307 -19.19 -23.12 32.66
N ILE F 308 -18.47 -22.68 31.64
CA ILE F 308 -17.77 -21.41 31.68
C ILE F 308 -18.30 -20.52 30.56
N THR F 309 -18.96 -19.43 30.94
CA THR F 309 -19.25 -18.39 29.96
C THR F 309 -18.07 -17.44 29.98
N SER F 310 -17.32 -17.41 28.88
CA SER F 310 -16.13 -16.57 28.80
C SER F 310 -16.34 -15.36 27.90
N VAL F 311 -15.93 -14.20 28.41
CA VAL F 311 -15.97 -12.95 27.65
C VAL F 311 -14.55 -12.41 27.64
N GLN F 312 -13.94 -12.35 26.45
CA GLN F 312 -12.57 -11.87 26.33
C GLN F 312 -12.50 -10.62 25.46
N ALA F 313 -11.90 -9.55 25.98
CA ALA F 313 -11.60 -8.37 25.17
C ALA F 313 -10.35 -8.65 24.34
N ILE F 314 -10.38 -8.22 23.08
CA ILE F 314 -9.33 -8.54 22.11
C ILE F 314 -8.87 -7.27 21.42
N TYR F 315 -7.72 -6.75 21.85
CA TYR F 315 -7.13 -5.55 21.26
C TYR F 315 -6.76 -5.81 19.81
N VAL F 316 -6.98 -4.80 18.96
CA VAL F 316 -6.67 -4.91 17.53
C VAL F 316 -5.59 -3.90 17.16
N PRO F 317 -4.35 -4.38 16.90
CA PRO F 317 -3.23 -3.47 16.67
C PRO F 317 -3.42 -2.63 15.41
N ALA F 318 -3.25 -1.32 15.53
CA ALA F 318 -3.40 -0.39 14.40
C ALA F 318 -4.72 -0.55 13.63
N ASP F 319 -5.77 -0.97 14.36
CA ASP F 319 -7.12 -1.19 13.82
C ASP F 319 -7.19 -2.27 12.72
N ASP F 320 -6.18 -3.12 12.66
CA ASP F 320 -6.06 -4.06 11.55
C ASP F 320 -6.47 -5.46 11.98
N LEU F 321 -7.68 -5.86 11.60
CA LEU F 321 -8.23 -7.16 11.96
C LEU F 321 -7.51 -8.33 11.29
N THR F 322 -6.67 -8.04 10.29
CA THR F 322 -5.84 -9.09 9.66
C THR F 322 -4.50 -9.32 10.38
N ASP F 323 -4.20 -8.51 11.38
CA ASP F 323 -3.01 -8.74 12.19
C ASP F 323 -3.11 -10.17 12.74
N PRO F 324 -2.01 -10.92 12.67
CA PRO F 324 -2.03 -12.35 13.08
C PRO F 324 -2.70 -12.63 14.43
N ALA F 325 -2.55 -11.72 15.39
CA ALA F 325 -3.11 -11.96 16.73
C ALA F 325 -4.65 -12.00 16.76
N PRO F 326 -5.33 -10.89 16.40
CA PRO F 326 -6.80 -10.95 16.29
C PRO F 326 -7.29 -11.94 15.23
N ALA F 327 -6.60 -12.04 14.09
CA ALA F 327 -7.00 -12.93 12.99
C ALA F 327 -7.13 -14.39 13.47
N THR F 328 -6.17 -14.81 14.29
CA THR F 328 -6.10 -16.18 14.79
C THR F 328 -7.10 -16.42 15.92
N THR F 329 -7.54 -15.34 16.56
CA THR F 329 -8.47 -15.43 17.69
C THR F 329 -9.92 -15.78 17.26
N PHE F 330 -10.31 -15.40 16.04
CA PHE F 330 -11.70 -15.60 15.59
C PHE F 330 -12.19 -17.04 15.74
N ALA F 331 -11.35 -18.00 15.34
CA ALA F 331 -11.74 -19.41 15.30
C ALA F 331 -11.96 -20.03 16.68
N HIS F 332 -11.54 -19.32 17.72
CA HIS F 332 -11.71 -19.77 19.10
C HIS F 332 -13.00 -19.30 19.76
N LEU F 333 -13.84 -18.61 18.99
CA LEU F 333 -15.02 -17.97 19.56
C LEU F 333 -16.31 -18.55 19.03
N ASP F 334 -17.34 -18.56 19.87
CA ASP F 334 -18.69 -18.94 19.47
C ASP F 334 -19.51 -17.70 19.08
N ALA F 335 -19.21 -16.56 19.72
CA ALA F 335 -19.83 -15.28 19.40
C ALA F 335 -18.79 -14.16 19.35
N THR F 336 -18.84 -13.35 18.30
CA THR F 336 -17.92 -12.22 18.18
C THR F 336 -18.69 -10.90 18.15
N THR F 337 -18.20 -9.93 18.92
CA THR F 337 -18.66 -8.56 18.83
C THR F 337 -17.50 -7.73 18.31
N VAL F 338 -17.57 -7.34 17.04
CA VAL F 338 -16.48 -6.63 16.40
C VAL F 338 -16.78 -5.13 16.38
N LEU F 339 -15.98 -4.35 17.10
CA LEU F 339 -16.16 -2.91 17.20
C LEU F 339 -15.38 -2.19 16.12
N SER F 340 -15.84 -0.98 15.78
CA SER F 340 -15.28 -0.19 14.68
C SER F 340 -15.05 1.28 15.05
N ARG F 341 -13.85 1.78 14.77
CA ARG F 341 -13.48 3.18 15.04
C ARG F 341 -14.36 4.13 14.24
N ALA F 342 -14.57 3.83 12.95
CA ALA F 342 -15.43 4.65 12.09
C ALA F 342 -16.84 4.76 12.66
N ILE F 343 -17.39 3.64 13.13
CA ILE F 343 -18.73 3.63 13.77
C ILE F 343 -18.74 4.44 15.08
N ALA F 344 -17.72 4.26 15.91
CA ALA F 344 -17.53 5.08 17.13
C ALA F 344 -17.52 6.58 16.81
N GLU F 345 -16.77 6.96 15.78
CA GLU F 345 -16.62 8.35 15.36
C GLU F 345 -17.91 8.97 14.81
N LEU F 346 -18.82 8.14 14.32
CA LEU F 346 -20.16 8.59 13.96
C LEU F 346 -21.05 8.78 15.19
N GLY F 347 -20.56 8.40 16.36
CA GLY F 347 -21.32 8.56 17.60
C GLY F 347 -22.21 7.38 17.92
N ILE F 348 -22.10 6.32 17.13
CA ILE F 348 -22.84 5.09 17.42
C ILE F 348 -22.10 4.29 18.50
N TYR F 349 -22.73 4.20 19.67
CA TYR F 349 -22.23 3.38 20.78
C TYR F 349 -23.34 2.45 21.27
N PRO F 350 -23.02 1.18 21.57
CA PRO F 350 -21.70 0.54 21.40
C PRO F 350 -21.32 0.49 19.91
N ALA F 351 -20.03 0.66 19.62
CA ALA F 351 -19.55 0.86 18.24
C ALA F 351 -19.44 -0.45 17.46
N VAL F 352 -20.47 -1.28 17.57
CA VAL F 352 -20.48 -2.62 16.97
C VAL F 352 -20.70 -2.58 15.46
N ASP F 353 -19.86 -3.28 14.73
CA ASP F 353 -20.03 -3.46 13.28
C ASP F 353 -21.06 -4.57 13.04
N PRO F 354 -22.30 -4.20 12.66
CA PRO F 354 -23.40 -5.16 12.56
C PRO F 354 -23.20 -6.20 11.45
N LEU F 355 -22.21 -5.95 10.60
CA LEU F 355 -21.92 -6.82 9.45
C LEU F 355 -20.64 -7.61 9.62
N ASP F 356 -20.02 -7.55 10.81
CA ASP F 356 -18.79 -8.28 11.06
C ASP F 356 -18.83 -9.00 12.41
N SER F 357 -20.01 -9.02 13.02
CA SER F 357 -20.23 -9.68 14.30
C SER F 357 -21.14 -10.89 14.09
N THR F 358 -20.72 -12.05 14.60
CA THR F 358 -21.40 -13.32 14.30
C THR F 358 -21.65 -14.15 15.55
N SER F 359 -22.57 -15.10 15.46
CA SER F 359 -22.81 -16.06 16.54
C SER F 359 -23.28 -17.37 15.96
N ARG F 360 -22.76 -18.46 16.53
CA ARG F 360 -23.15 -19.81 16.12
C ARG F 360 -24.61 -20.12 16.38
N ILE F 361 -25.22 -19.44 17.36
CA ILE F 361 -26.63 -19.70 17.68
C ILE F 361 -27.63 -18.87 16.86
N MET F 362 -27.12 -18.00 15.98
CA MET F 362 -27.95 -17.32 14.98
C MET F 362 -28.39 -18.35 13.94
N ASP F 363 -29.47 -19.06 14.27
CA ASP F 363 -29.94 -20.23 13.55
C ASP F 363 -31.43 -20.27 13.83
N PRO F 364 -32.27 -20.37 12.77
CA PRO F 364 -33.72 -20.38 12.95
C PRO F 364 -34.18 -21.43 13.95
N ASN F 365 -33.51 -22.57 13.96
CA ASN F 365 -33.86 -23.69 14.85
C ASN F 365 -33.48 -23.46 16.33
N ILE F 366 -32.70 -22.40 16.59
CA ILE F 366 -32.28 -22.09 17.96
C ILE F 366 -33.00 -20.84 18.50
N VAL F 367 -32.97 -19.75 17.72
CA VAL F 367 -33.58 -18.48 18.16
C VAL F 367 -35.03 -18.29 17.70
N GLY F 368 -35.52 -19.18 16.85
CA GLY F 368 -36.86 -19.05 16.28
C GLY F 368 -36.81 -18.28 14.97
N SER F 369 -37.76 -18.56 14.08
CA SER F 369 -37.76 -17.95 12.74
C SER F 369 -37.98 -16.43 12.76
N GLU F 370 -38.79 -15.95 13.71
CA GLU F 370 -39.02 -14.51 13.86
C GLU F 370 -37.73 -13.74 14.18
N HIS F 371 -37.03 -14.12 15.24
CA HIS F 371 -35.74 -13.54 15.59
C HIS F 371 -34.80 -13.60 14.38
N TYR F 372 -34.69 -14.79 13.78
CA TYR F 372 -33.74 -15.02 12.70
C TYR F 372 -34.01 -14.12 11.48
N ASP F 373 -35.27 -14.07 11.06
CA ASP F 373 -35.70 -13.27 9.91
C ASP F 373 -35.47 -11.78 10.11
N VAL F 374 -35.79 -11.28 11.30
CA VAL F 374 -35.58 -9.86 11.62
C VAL F 374 -34.08 -9.53 11.53
N ALA F 375 -33.23 -10.41 12.08
CA ALA F 375 -31.79 -10.21 12.08
C ALA F 375 -31.22 -10.15 10.66
N ARG F 376 -31.53 -11.17 9.85
CA ARG F 376 -31.13 -11.21 8.44
C ARG F 376 -31.68 -10.02 7.65
N GLY F 377 -32.92 -9.62 8.00
CA GLY F 377 -33.54 -8.45 7.39
C GLY F 377 -32.74 -7.19 7.65
N VAL F 378 -32.32 -7.02 8.91
CA VAL F 378 -31.52 -5.88 9.33
C VAL F 378 -30.16 -5.87 8.62
N GLN F 379 -29.52 -7.04 8.54
CA GLN F 379 -28.20 -7.14 7.90
C GLN F 379 -28.26 -6.94 6.39
N LYS F 380 -29.39 -7.29 5.77
CA LYS F 380 -29.62 -7.04 4.35
C LYS F 380 -29.75 -5.55 4.03
N ILE F 381 -30.61 -4.84 4.75
CA ILE F 381 -30.76 -3.40 4.52
C ILE F 381 -29.43 -2.66 4.78
N LEU F 382 -28.68 -3.09 5.80
CA LEU F 382 -27.42 -2.44 6.15
C LEU F 382 -26.33 -2.69 5.10
N GLN F 383 -26.30 -3.89 4.54
CA GLN F 383 -25.36 -4.23 3.47
C GLN F 383 -25.72 -3.49 2.17
N ASP F 384 -27.02 -3.43 1.87
CA ASP F 384 -27.52 -2.69 0.70
C ASP F 384 -27.11 -1.21 0.83
N TYR F 385 -27.25 -0.67 2.03
CA TYR F 385 -26.80 0.69 2.35
C TYR F 385 -25.29 0.83 2.11
N LYS F 386 -24.51 -0.11 2.66
CA LYS F 386 -23.07 -0.13 2.52
C LYS F 386 -22.60 -0.16 1.06
N SER F 387 -23.32 -0.92 0.24
CA SER F 387 -22.97 -1.08 -1.17
C SER F 387 -23.16 0.20 -1.98
N LEU F 388 -23.90 1.16 -1.43
CA LEU F 388 -24.13 2.45 -2.08
C LEU F 388 -23.15 3.54 -1.62
N GLN F 389 -22.24 3.19 -0.71
CA GLN F 389 -21.39 4.16 -0.01
C GLN F 389 -20.40 4.95 -0.88
N ASP F 390 -19.89 4.32 -1.95
CA ASP F 390 -18.98 5.00 -2.88
C ASP F 390 -19.62 6.21 -3.55
N ILE F 391 -20.85 6.03 -4.04
CA ILE F 391 -21.59 7.07 -4.74
C ILE F 391 -22.09 8.16 -3.78
N ILE F 392 -22.57 7.75 -2.61
CA ILE F 392 -23.03 8.68 -1.58
C ILE F 392 -21.89 9.59 -1.09
N ALA F 393 -20.69 9.01 -0.98
CA ALA F 393 -19.53 9.74 -0.54
C ALA F 393 -19.24 10.94 -1.44
N ILE F 394 -19.34 10.72 -2.75
CA ILE F 394 -19.09 11.77 -3.74
C ILE F 394 -20.33 12.66 -3.93
N LEU F 395 -21.48 12.02 -4.17
CA LEU F 395 -22.65 12.74 -4.68
C LEU F 395 -23.79 12.95 -3.67
N GLY F 396 -23.76 12.23 -2.55
CA GLY F 396 -24.81 12.36 -1.54
C GLY F 396 -26.05 11.53 -1.82
N MET F 397 -26.93 11.44 -0.82
CA MET F 397 -28.15 10.63 -0.89
C MET F 397 -29.18 11.12 -1.91
N ASP F 398 -29.13 12.42 -2.22
CA ASP F 398 -30.10 13.05 -3.12
C ASP F 398 -30.04 12.55 -4.56
N GLU F 399 -28.88 12.05 -4.97
CA GLU F 399 -28.67 11.55 -6.32
C GLU F 399 -29.17 10.12 -6.54
N LEU F 400 -29.67 9.50 -5.47
CA LEU F 400 -30.14 8.11 -5.53
C LEU F 400 -31.60 8.02 -5.98
N SER F 401 -31.97 6.84 -6.48
CA SER F 401 -33.35 6.56 -6.91
C SER F 401 -34.30 6.45 -5.72
N GLU F 402 -35.59 6.58 -6.00
CA GLU F 402 -36.66 6.45 -5.00
C GLU F 402 -36.44 5.23 -4.09
N GLU F 403 -36.27 4.06 -4.72
CA GLU F 403 -36.13 2.80 -4.00
C GLU F 403 -34.90 2.81 -3.09
N ASP F 404 -33.77 3.26 -3.62
CA ASP F 404 -32.51 3.32 -2.87
C ASP F 404 -32.55 4.31 -1.71
N LYS F 405 -33.24 5.43 -1.91
CA LYS F 405 -33.41 6.44 -0.85
C LYS F 405 -34.21 5.88 0.31
N LEU F 406 -35.13 4.96 0.03
CA LEU F 406 -35.94 4.32 1.06
C LEU F 406 -35.10 3.40 1.93
N THR F 407 -34.23 2.61 1.28
CA THR F 407 -33.37 1.68 1.98
C THR F 407 -32.32 2.42 2.80
N VAL F 408 -31.72 3.46 2.21
CA VAL F 408 -30.78 4.32 2.91
C VAL F 408 -31.41 4.93 4.18
N SER F 409 -32.62 5.49 4.03
CA SER F 409 -33.31 6.15 5.14
C SER F 409 -33.75 5.18 6.24
N ARG F 410 -34.22 3.99 5.86
CA ARG F 410 -34.54 2.93 6.82
C ARG F 410 -33.28 2.36 7.47
N ALA F 411 -32.22 2.20 6.70
CA ALA F 411 -30.94 1.69 7.21
C ALA F 411 -30.32 2.64 8.22
N ARG F 412 -30.42 3.94 7.97
CA ARG F 412 -29.91 4.95 8.91
C ARG F 412 -30.68 4.99 10.23
N LYS F 413 -31.98 4.69 10.16
CA LYS F 413 -32.80 4.58 11.36
C LYS F 413 -32.43 3.32 12.16
N ILE F 414 -32.23 2.22 11.45
CA ILE F 414 -31.77 0.97 12.03
C ILE F 414 -30.37 1.11 12.68
N GLN F 415 -29.42 1.69 11.95
CA GLN F 415 -28.11 2.03 12.50
C GLN F 415 -28.22 2.75 13.85
N ARG F 416 -29.09 3.76 13.89
CA ARG F 416 -29.29 4.55 15.11
C ARG F 416 -29.99 3.76 16.22
N PHE F 417 -30.96 2.93 15.85
CA PHE F 417 -31.68 2.11 16.84
C PHE F 417 -30.79 0.99 17.44
N LEU F 418 -29.70 0.67 16.75
CA LEU F 418 -28.70 -0.27 17.25
C LEU F 418 -27.81 0.33 18.34
N SER F 419 -27.77 1.66 18.42
CA SER F 419 -27.04 2.33 19.48
C SER F 419 -27.86 2.23 20.77
N GLN F 420 -27.21 2.42 21.91
CA GLN F 420 -27.85 2.22 23.21
C GLN F 420 -27.08 2.91 24.32
N PRO F 421 -27.78 3.59 25.25
CA PRO F 421 -27.10 4.12 26.41
C PRO F 421 -26.76 3.01 27.42
N PHE F 422 -25.48 2.87 27.73
CA PHE F 422 -25.00 1.92 28.75
C PHE F 422 -24.97 2.57 30.12
N GLN F 423 -25.38 1.83 31.15
CA GLN F 423 -25.30 2.31 32.54
C GLN F 423 -23.89 2.76 32.92
N VAL F 424 -22.91 2.13 32.29
CA VAL F 424 -21.51 2.31 32.60
C VAL F 424 -20.90 3.55 31.91
N ALA F 425 -21.59 4.06 30.88
CA ALA F 425 -21.08 5.17 30.08
C ALA F 425 -21.90 6.45 30.21
N GLU F 426 -22.67 6.55 31.29
CA GLU F 426 -23.59 7.67 31.50
C GLU F 426 -22.92 9.04 31.45
N VAL F 427 -21.69 9.11 31.97
CA VAL F 427 -20.89 10.33 31.97
C VAL F 427 -20.64 10.81 30.54
N PHE F 428 -20.38 9.86 29.63
CA PHE F 428 -20.02 10.16 28.25
C PHE F 428 -21.20 10.35 27.30
N THR F 429 -22.34 9.75 27.62
CA THR F 429 -23.55 9.89 26.80
C THR F 429 -24.48 11.00 27.31
N GLY F 430 -24.53 11.17 28.63
CA GLY F 430 -25.49 12.07 29.26
C GLY F 430 -26.89 11.45 29.28
N HIS F 431 -26.97 10.16 29.00
CA HIS F 431 -28.24 9.44 29.02
C HIS F 431 -28.20 8.33 30.06
N LEU F 432 -29.29 8.20 30.82
CA LEU F 432 -29.46 7.08 31.74
C LEU F 432 -29.34 5.76 30.95
N GLY F 433 -28.65 4.79 31.53
CA GLY F 433 -28.48 3.47 30.92
C GLY F 433 -29.77 2.70 30.72
N LYS F 434 -29.82 1.89 29.66
CA LYS F 434 -31.02 1.14 29.31
C LYS F 434 -30.72 -0.33 29.05
N LEU F 435 -31.63 -1.19 29.49
CA LEU F 435 -31.56 -2.61 29.21
C LEU F 435 -32.85 -2.99 28.49
N VAL F 436 -32.71 -3.57 27.30
CA VAL F 436 -33.87 -3.84 26.46
C VAL F 436 -34.18 -5.35 26.39
N PRO F 437 -35.38 -5.75 26.84
CA PRO F 437 -35.75 -7.17 26.73
C PRO F 437 -35.72 -7.64 25.29
N LEU F 438 -35.39 -8.92 25.08
CA LEU F 438 -35.17 -9.46 23.75
C LEU F 438 -36.36 -9.29 22.80
N LYS F 439 -37.56 -9.62 23.28
CA LYS F 439 -38.76 -9.55 22.44
C LYS F 439 -39.01 -8.12 21.95
N GLU F 440 -38.65 -7.14 22.78
CA GLU F 440 -38.78 -5.72 22.45
C GLU F 440 -37.77 -5.27 21.40
N THR F 441 -36.54 -5.79 21.49
CA THR F 441 -35.51 -5.59 20.47
C THR F 441 -35.98 -6.11 19.09
N ILE F 442 -36.47 -7.35 19.05
CA ILE F 442 -37.04 -7.94 17.84
C ILE F 442 -38.19 -7.09 17.28
N LYS F 443 -39.16 -6.77 18.14
CA LYS F 443 -40.33 -5.96 17.75
C LYS F 443 -39.93 -4.63 17.11
N GLY F 444 -39.08 -3.86 17.80
CA GLY F 444 -38.63 -2.55 17.34
C GLY F 444 -37.99 -2.56 15.95
N PHE F 445 -37.08 -3.51 15.72
CA PHE F 445 -36.43 -3.61 14.41
C PHE F 445 -37.38 -4.20 13.37
N GLN F 446 -38.27 -5.07 13.81
CA GLN F 446 -39.30 -5.61 12.93
C GLN F 446 -40.14 -4.46 12.39
N GLN F 447 -40.59 -3.59 13.28
CA GLN F 447 -41.45 -2.47 12.91
C GLN F 447 -40.74 -1.49 11.95
N ILE F 448 -39.50 -1.13 12.26
CA ILE F 448 -38.73 -0.23 11.39
C ILE F 448 -38.59 -0.79 9.97
N LEU F 449 -38.24 -2.08 9.88
CA LEU F 449 -38.10 -2.76 8.59
C LEU F 449 -39.38 -2.75 7.75
N ALA F 450 -40.52 -2.86 8.44
CA ALA F 450 -41.84 -2.84 7.79
C ALA F 450 -42.25 -1.45 7.31
N GLY F 451 -41.50 -0.42 7.72
CA GLY F 451 -41.79 0.95 7.33
C GLY F 451 -42.77 1.68 8.23
N GLU F 452 -43.04 1.12 9.41
CA GLU F 452 -43.96 1.72 10.37
C GLU F 452 -43.48 3.06 10.91
N TYR F 453 -42.20 3.37 10.75
CA TYR F 453 -41.64 4.62 11.29
C TYR F 453 -40.93 5.48 10.24
N ASP F 454 -41.28 5.27 8.96
CA ASP F 454 -40.72 6.04 7.86
C ASP F 454 -40.91 7.56 7.99
N HIS F 455 -41.93 7.94 8.76
CA HIS F 455 -42.29 9.35 8.96
C HIS F 455 -41.50 10.00 10.10
N LEU F 456 -40.92 9.18 10.98
CA LEU F 456 -40.15 9.67 12.11
C LEU F 456 -38.73 10.06 11.71
N PRO F 457 -38.20 11.16 12.27
CA PRO F 457 -36.83 11.60 11.98
C PRO F 457 -35.77 10.62 12.53
N GLU F 458 -34.63 10.53 11.85
CA GLU F 458 -33.53 9.62 12.22
C GLU F 458 -33.14 9.73 13.67
N GLN F 459 -32.87 10.97 14.09
CA GLN F 459 -32.33 11.27 15.41
C GLN F 459 -33.19 10.77 16.56
N ALA F 460 -34.48 10.54 16.28
CA ALA F 460 -35.40 9.99 17.29
C ALA F 460 -35.01 8.57 17.72
N PHE F 461 -34.29 7.85 16.85
CA PHE F 461 -33.89 6.47 17.10
C PHE F 461 -32.53 6.36 17.79
N TYR F 462 -31.88 7.49 18.01
CA TYR F 462 -30.53 7.52 18.53
C TYR F 462 -30.50 7.53 20.05
N MET F 463 -29.67 6.66 20.63
CA MET F 463 -29.45 6.59 22.08
C MET F 463 -30.73 6.43 22.89
N VAL F 464 -31.54 5.44 22.51
CA VAL F 464 -32.74 5.07 23.28
C VAL F 464 -32.70 3.58 23.62
N GLY F 465 -33.64 3.15 24.46
CA GLY F 465 -33.83 1.74 24.76
C GLY F 465 -34.84 1.12 23.80
N PRO F 466 -36.07 0.86 24.28
CA PRO F 466 -37.14 0.30 23.45
C PRO F 466 -37.64 1.28 22.39
N ILE F 467 -38.39 0.78 21.41
CA ILE F 467 -38.93 1.58 20.32
C ILE F 467 -39.87 2.71 20.77
N GLU F 468 -40.58 2.50 21.88
CA GLU F 468 -41.47 3.52 22.46
C GLU F 468 -40.74 4.82 22.78
N GLU F 469 -39.49 4.69 23.22
CA GLU F 469 -38.65 5.85 23.53
C GLU F 469 -38.28 6.64 22.29
N ALA F 470 -38.20 5.96 21.15
CA ALA F 470 -37.96 6.62 19.86
C ALA F 470 -39.19 7.40 19.41
N VAL F 471 -40.36 6.80 19.62
CA VAL F 471 -41.65 7.44 19.32
C VAL F 471 -41.83 8.69 20.19
N ALA F 472 -41.66 8.53 21.50
CA ALA F 472 -41.79 9.64 22.44
C ALA F 472 -40.78 10.74 22.13
N LYS F 473 -39.59 10.34 21.69
CA LYS F 473 -38.54 11.26 21.29
C LYS F 473 -38.92 12.06 20.03
N ALA F 474 -39.52 11.37 19.06
CA ALA F 474 -39.99 12.00 17.82
C ALA F 474 -41.14 12.98 18.08
N ASP F 475 -42.02 12.62 19.02
CA ASP F 475 -43.12 13.50 19.43
C ASP F 475 -42.64 14.82 20.03
N LYS F 476 -41.52 14.77 20.77
CA LYS F 476 -40.93 15.95 21.40
C LYS F 476 -40.39 16.95 20.38
N LEU F 477 -39.69 16.43 19.37
CA LEU F 477 -39.00 17.27 18.37
C LEU F 477 -39.99 18.10 17.53
N ALA F 478 -40.86 17.40 16.80
CA ALA F 478 -41.88 18.05 15.98
C ALA F 478 -43.14 17.19 15.89
N ALA G 1 -7.20 -1.98 -1.42
CA ALA G 1 -6.08 -2.39 -0.52
C ALA G 1 -4.76 -2.46 -1.28
N THR G 2 -4.85 -2.74 -2.57
CA THR G 2 -3.69 -2.85 -3.45
C THR G 2 -3.35 -1.47 -4.03
N LEU G 3 -2.05 -1.18 -4.18
CA LEU G 3 -1.59 0.06 -4.78
C LEU G 3 -2.16 0.28 -6.18
N LYS G 4 -2.38 -0.83 -6.89
CA LYS G 4 -3.02 -0.82 -8.20
C LYS G 4 -4.45 -0.28 -8.12
N ASP G 5 -5.24 -0.83 -7.20
CA ASP G 5 -6.61 -0.39 -6.95
C ASP G 5 -6.72 1.08 -6.54
N ILE G 6 -5.81 1.53 -5.67
CA ILE G 6 -5.83 2.91 -5.16
C ILE G 6 -5.39 3.90 -6.24
N THR G 7 -4.44 3.49 -7.07
CA THR G 7 -3.98 4.31 -8.20
C THR G 7 -5.12 4.51 -9.21
N ARG G 8 -5.91 3.47 -9.44
CA ARG G 8 -7.07 3.56 -10.32
C ARG G 8 -8.12 4.50 -9.74
N ARG G 9 -8.40 4.35 -8.45
CA ARG G 9 -9.35 5.23 -7.76
C ARG G 9 -8.90 6.70 -7.76
N LEU G 10 -7.59 6.92 -7.56
CA LEU G 10 -7.04 8.27 -7.57
C LEU G 10 -7.15 8.96 -8.93
N LYS G 11 -6.86 8.23 -10.01
CA LYS G 11 -7.05 8.74 -11.37
C LYS G 11 -8.51 9.15 -11.58
N SER G 12 -9.41 8.24 -11.19
CA SER G 12 -10.86 8.40 -11.33
C SER G 12 -11.39 9.63 -10.58
N ILE G 13 -11.03 9.76 -9.31
CA ILE G 13 -11.57 10.82 -8.45
C ILE G 13 -10.90 12.18 -8.68
N LYS G 14 -9.74 12.16 -9.34
CA LYS G 14 -9.11 13.41 -9.80
C LYS G 14 -9.85 13.97 -11.02
N ASN G 15 -10.24 13.08 -11.93
CA ASN G 15 -11.10 13.45 -13.05
C ASN G 15 -12.41 14.05 -12.56
N ILE G 16 -13.07 13.34 -11.63
CA ILE G 16 -14.34 13.76 -11.04
C ILE G 16 -14.26 15.13 -10.34
N GLN G 17 -13.20 15.37 -9.58
CA GLN G 17 -13.03 16.63 -8.86
C GLN G 17 -12.89 17.82 -9.82
N LYS G 18 -12.18 17.61 -10.93
CA LYS G 18 -12.00 18.65 -11.94
C LYS G 18 -13.29 18.89 -12.74
N ILE G 19 -14.01 17.81 -13.04
CA ILE G 19 -15.27 17.90 -13.78
C ILE G 19 -16.40 18.52 -12.95
N THR G 20 -16.57 18.06 -11.71
CA THR G 20 -17.59 18.62 -10.82
C THR G 20 -17.36 20.11 -10.55
N LYS G 21 -16.10 20.52 -10.50
CA LYS G 21 -15.73 21.93 -10.36
C LYS G 21 -16.13 22.73 -11.60
N SER G 22 -15.93 22.14 -12.77
CA SER G 22 -16.31 22.73 -14.06
C SER G 22 -17.82 22.85 -14.18
N MET G 23 -18.54 21.88 -13.62
CA MET G 23 -20.01 21.85 -13.64
C MET G 23 -20.63 22.86 -12.69
N LYS G 24 -19.96 23.13 -11.58
CA LYS G 24 -20.38 24.15 -10.62
C LYS G 24 -20.30 25.55 -11.23
N MET G 25 -19.30 25.74 -12.10
CA MET G 25 -19.07 27.03 -12.75
C MET G 25 -19.88 27.22 -14.03
N VAL G 26 -20.15 26.13 -14.74
CA VAL G 26 -21.02 26.17 -15.92
C VAL G 26 -22.45 26.47 -15.48
N ALA G 27 -22.88 25.81 -14.41
CA ALA G 27 -24.19 26.07 -13.81
C ALA G 27 -24.28 27.51 -13.31
N ALA G 28 -23.16 28.06 -12.85
CA ALA G 28 -23.10 29.46 -12.42
C ALA G 28 -23.38 30.40 -13.59
N ALA G 29 -22.79 30.09 -14.74
CA ALA G 29 -23.03 30.81 -15.99
C ALA G 29 -24.47 30.67 -16.47
N LYS G 30 -25.09 29.54 -16.14
CA LYS G 30 -26.48 29.25 -16.50
C LYS G 30 -27.46 29.88 -15.53
N TYR G 31 -27.15 29.78 -14.23
CA TYR G 31 -27.99 30.37 -13.19
C TYR G 31 -27.93 31.91 -13.18
N ALA G 32 -26.79 32.48 -13.58
CA ALA G 32 -26.68 33.94 -13.73
C ALA G 32 -27.59 34.47 -14.83
N ARG G 33 -27.75 33.68 -15.90
CA ARG G 33 -28.68 33.96 -16.98
C ARG G 33 -30.13 33.73 -16.54
N ALA G 34 -30.33 32.67 -15.75
CA ALA G 34 -31.66 32.23 -15.32
C ALA G 34 -32.32 33.16 -14.31
N GLU G 35 -31.52 33.73 -13.41
CA GLU G 35 -32.04 34.61 -12.35
C GLU G 35 -32.49 35.97 -12.90
N ARG G 36 -31.73 36.50 -13.85
CA ARG G 36 -32.06 37.76 -14.52
C ARG G 36 -33.32 37.60 -15.38
N GLU G 37 -33.40 36.48 -16.10
CA GLU G 37 -34.55 36.18 -16.97
C GLU G 37 -35.79 35.81 -16.16
N LEU G 38 -35.60 35.39 -14.91
CA LEU G 38 -36.71 35.06 -14.02
C LEU G 38 -37.46 36.31 -13.55
N LYS G 39 -36.77 37.45 -13.52
CA LYS G 39 -37.38 38.72 -13.12
C LYS G 39 -38.67 39.06 -13.89
N PRO G 40 -38.57 39.30 -15.23
CA PRO G 40 -39.76 39.65 -16.01
C PRO G 40 -40.80 38.54 -16.07
N ALA G 41 -40.37 37.29 -16.10
CA ALA G 41 -41.26 36.14 -16.20
C ALA G 41 -42.10 35.93 -14.94
N ARG G 42 -41.66 36.50 -13.82
CA ARG G 42 -42.38 36.41 -12.54
C ARG G 42 -43.60 37.33 -12.50
N VAL G 43 -43.41 38.58 -12.94
CA VAL G 43 -44.52 39.53 -13.01
C VAL G 43 -45.47 39.16 -14.16
N TYR G 44 -44.94 38.47 -15.16
CA TYR G 44 -45.71 38.02 -16.32
C TYR G 44 -46.62 36.83 -15.96
N GLY G 45 -46.10 35.92 -15.12
CA GLY G 45 -46.82 34.72 -14.73
C GLY G 45 -47.95 34.95 -13.75
N VAL G 46 -48.05 36.19 -13.25
CA VAL G 46 -49.10 36.59 -12.29
C VAL G 46 -50.50 36.30 -12.85
N GLY G 47 -50.77 36.76 -14.07
CA GLY G 47 -52.04 36.51 -14.74
C GLY G 47 -52.21 35.07 -15.18
N LEU G 67 -55.14 16.02 -15.55
CA LEU G 67 -54.02 16.79 -16.06
C LEU G 67 -53.11 17.23 -14.91
N ILE G 68 -51.82 16.92 -15.03
CA ILE G 68 -50.85 17.24 -13.98
C ILE G 68 -49.91 18.42 -14.34
N ILE G 69 -48.82 18.21 -15.08
CA ILE G 69 -48.35 16.92 -15.59
C ILE G 69 -46.81 16.75 -15.42
N GLY G 70 -46.21 17.57 -14.55
CA GLY G 70 -44.83 17.36 -14.09
C GLY G 70 -43.70 17.97 -14.90
N VAL G 71 -42.98 18.92 -14.29
CA VAL G 71 -41.89 19.64 -14.95
C VAL G 71 -40.54 19.44 -14.24
N SER G 72 -39.51 19.11 -15.03
CA SER G 72 -38.11 19.16 -14.58
C SER G 72 -37.15 19.40 -15.76
N SER G 73 -36.30 18.42 -16.07
CA SER G 73 -35.37 18.55 -17.21
C SER G 73 -34.80 17.20 -17.64
N ASP G 74 -33.84 17.25 -18.56
CA ASP G 74 -33.13 16.06 -19.04
C ASP G 74 -31.94 15.69 -18.17
N ARG G 75 -31.34 16.68 -17.53
CA ARG G 75 -30.04 16.52 -16.88
C ARG G 75 -30.15 16.20 -15.39
N GLY G 76 -29.30 15.27 -14.93
CA GLY G 76 -29.19 14.93 -13.52
C GLY G 76 -28.17 15.78 -12.79
N LEU G 77 -27.61 15.21 -11.72
CA LEU G 77 -26.61 15.88 -10.88
C LEU G 77 -27.09 17.24 -10.34
N CYS G 78 -28.33 17.25 -9.86
CA CYS G 78 -28.94 18.46 -9.32
C CYS G 78 -29.72 18.12 -8.06
N GLY G 79 -29.17 17.21 -7.26
CA GLY G 79 -29.80 16.79 -6.02
C GLY G 79 -31.16 16.17 -6.24
N ALA G 80 -32.18 16.79 -5.64
CA ALA G 80 -33.52 16.20 -5.59
C ALA G 80 -34.53 16.84 -6.55
N ILE G 81 -34.06 17.76 -7.41
CA ILE G 81 -34.92 18.48 -8.37
C ILE G 81 -35.98 17.59 -9.03
N HIS G 82 -35.55 16.45 -9.58
CA HIS G 82 -36.45 15.54 -10.28
C HIS G 82 -37.34 14.77 -9.30
N SER G 83 -36.74 14.22 -8.25
CA SER G 83 -37.47 13.42 -7.26
C SER G 83 -38.51 14.22 -6.48
N SER G 84 -38.23 15.50 -6.24
CA SER G 84 -39.14 16.38 -5.50
C SER G 84 -40.46 16.64 -6.23
N VAL G 85 -40.39 16.77 -7.57
CA VAL G 85 -41.59 16.98 -8.38
C VAL G 85 -42.27 15.65 -8.76
N ALA G 86 -41.46 14.62 -8.99
CA ALA G 86 -42.00 13.29 -9.31
C ALA G 86 -42.49 12.57 -8.06
N ILE G 105 -50.45 11.96 -18.23
CA ILE G 105 -49.70 10.85 -18.81
C ILE G 105 -48.69 11.35 -19.85
N ILE G 106 -48.07 12.50 -19.56
CA ILE G 106 -47.12 13.12 -20.49
C ILE G 106 -45.76 13.43 -19.82
N GLY G 107 -45.63 14.60 -19.19
CA GLY G 107 -44.41 14.96 -18.46
C GLY G 107 -43.28 15.57 -19.28
N VAL G 108 -42.89 16.79 -18.94
CA VAL G 108 -41.82 17.52 -19.64
C VAL G 108 -40.45 17.35 -18.97
N GLY G 109 -39.47 16.93 -19.76
CA GLY G 109 -38.14 16.61 -19.27
C GLY G 109 -37.96 15.10 -19.23
N ASP G 110 -36.91 14.62 -19.91
CA ASP G 110 -36.70 13.18 -20.10
C ASP G 110 -36.55 12.41 -18.78
N LYS G 111 -36.26 13.14 -17.70
CA LYS G 111 -36.10 12.55 -16.38
C LYS G 111 -37.45 12.19 -15.76
N ILE G 112 -38.45 13.04 -15.99
CA ILE G 112 -39.82 12.81 -15.48
C ILE G 112 -40.43 11.50 -15.99
N ARG G 113 -40.05 11.09 -17.20
CA ARG G 113 -40.57 9.85 -17.79
C ARG G 113 -39.74 8.60 -17.45
N SER G 114 -38.45 8.78 -17.20
CA SER G 114 -37.58 7.65 -16.84
C SER G 114 -37.79 7.21 -15.39
N ILE G 115 -38.15 8.17 -14.53
CA ILE G 115 -38.55 7.89 -13.15
C ILE G 115 -39.95 7.26 -13.12
N LEU G 116 -40.85 7.77 -13.96
CA LEU G 116 -42.22 7.23 -14.07
C LEU G 116 -42.41 6.42 -15.35
N THR G 127 -44.52 13.28 -23.56
CA THR G 127 -43.12 13.22 -23.13
C THR G 127 -42.26 14.15 -23.99
N PHE G 128 -41.41 14.93 -23.32
CA PHE G 128 -40.53 15.87 -24.01
C PHE G 128 -39.06 15.72 -23.63
N LYS G 129 -38.22 15.78 -24.65
CA LYS G 129 -36.77 15.72 -24.51
C LYS G 129 -36.18 17.10 -24.78
N GLU G 130 -34.89 17.26 -24.51
CA GLU G 130 -34.14 18.48 -24.87
C GLU G 130 -34.52 19.71 -24.03
N VAL G 131 -34.91 19.50 -22.77
CA VAL G 131 -35.26 20.62 -21.90
C VAL G 131 -34.20 20.85 -20.81
N GLY G 132 -33.87 22.13 -20.61
CA GLY G 132 -32.95 22.51 -19.52
C GLY G 132 -31.57 22.99 -19.94
N ARG G 133 -31.03 22.41 -21.02
CA ARG G 133 -29.69 22.78 -21.50
C ARG G 133 -29.64 24.26 -21.91
N ARG G 134 -30.47 24.61 -22.90
CA ARG G 134 -30.70 26.01 -23.25
C ARG G 134 -31.83 26.51 -22.36
N PRO G 135 -31.83 27.82 -22.03
CA PRO G 135 -32.92 28.36 -21.21
C PRO G 135 -34.27 28.21 -21.92
N PRO G 136 -35.30 27.74 -21.18
CA PRO G 136 -36.68 27.58 -21.69
C PRO G 136 -37.28 28.89 -22.20
N THR G 137 -38.06 28.79 -23.26
CA THR G 137 -38.74 29.94 -23.86
C THR G 137 -40.25 29.72 -23.78
N PHE G 138 -41.03 30.76 -24.09
CA PHE G 138 -42.48 30.61 -24.25
C PHE G 138 -42.79 29.71 -25.44
N GLY G 139 -41.88 29.71 -26.42
CA GLY G 139 -41.95 28.81 -27.57
C GLY G 139 -41.88 27.35 -27.18
N ASP G 140 -41.15 27.06 -26.10
CA ASP G 140 -41.10 25.72 -25.52
C ASP G 140 -42.44 25.35 -24.87
N ALA G 141 -43.06 26.31 -24.19
CA ALA G 141 -44.37 26.12 -23.56
C ALA G 141 -45.47 25.93 -24.60
N SER G 142 -45.37 26.67 -25.72
CA SER G 142 -46.27 26.56 -26.86
C SER G 142 -46.25 25.18 -27.49
N VAL G 143 -45.05 24.64 -27.72
CA VAL G 143 -44.88 23.29 -28.25
C VAL G 143 -45.58 22.25 -27.37
N ILE G 144 -45.36 22.32 -26.05
CA ILE G 144 -46.03 21.46 -25.08
C ILE G 144 -47.56 21.61 -25.14
N ALA G 145 -48.04 22.86 -25.10
CA ALA G 145 -49.46 23.16 -25.09
C ALA G 145 -50.17 22.67 -26.36
N LEU G 146 -49.55 22.91 -27.51
CA LEU G 146 -50.09 22.51 -28.81
C LEU G 146 -50.26 21.00 -28.92
N GLU G 147 -49.42 20.25 -28.22
CA GLU G 147 -49.50 18.79 -28.23
C GLU G 147 -50.68 18.26 -27.43
N LEU G 148 -51.05 18.99 -26.37
CA LEU G 148 -52.18 18.63 -25.52
C LEU G 148 -53.52 18.82 -26.22
N SER G 159 -53.57 22.50 -11.32
CA SER G 159 -52.25 22.97 -10.92
C SER G 159 -51.15 22.24 -11.69
N ILE G 160 -50.05 22.95 -11.95
CA ILE G 160 -48.84 22.38 -12.54
C ILE G 160 -47.73 22.28 -11.48
N ILE G 161 -46.94 21.21 -11.53
CA ILE G 161 -45.94 20.92 -10.50
C ILE G 161 -44.50 21.18 -10.97
N PHE G 162 -43.85 22.10 -10.25
CA PHE G 162 -42.51 22.58 -10.58
C PHE G 162 -41.76 22.98 -9.31
N ASN G 163 -40.49 23.35 -9.46
CA ASN G 163 -39.68 23.84 -8.35
C ASN G 163 -39.51 25.35 -8.42
N ARG G 164 -39.93 26.05 -7.38
CA ARG G 164 -39.85 27.52 -7.34
C ARG G 164 -38.58 28.01 -6.66
N PHE G 165 -37.78 28.76 -7.40
CA PHE G 165 -36.49 29.31 -6.94
C PHE G 165 -36.66 30.34 -5.84
N ARG G 166 -35.82 30.23 -4.81
CA ARG G 166 -35.85 31.14 -3.65
C ARG G 166 -34.50 31.86 -3.51
N SER G 167 -33.43 31.07 -3.50
CA SER G 167 -32.06 31.55 -3.41
C SER G 167 -31.11 30.47 -3.94
N VAL G 168 -29.81 30.76 -3.95
CA VAL G 168 -28.78 29.82 -4.39
C VAL G 168 -28.94 28.40 -3.83
N ILE G 169 -29.44 28.29 -2.60
CA ILE G 169 -29.63 27.01 -1.93
C ILE G 169 -31.09 26.55 -2.02
N SER G 170 -32.01 27.43 -1.67
CA SER G 170 -33.40 27.05 -1.43
C SER G 170 -34.25 26.96 -2.70
N TYR G 171 -35.09 25.92 -2.76
CA TYR G 171 -36.16 25.78 -3.76
C TYR G 171 -37.31 24.95 -3.19
N LYS G 172 -38.52 25.23 -3.65
CA LYS G 172 -39.73 24.56 -3.13
C LYS G 172 -40.61 23.97 -4.23
N THR G 173 -41.12 22.77 -3.98
CA THR G 173 -42.08 22.10 -4.86
C THR G 173 -43.50 22.56 -4.50
N GLU G 206 -57.25 29.50 -22.91
CA GLU G 206 -56.48 28.80 -23.94
C GLU G 206 -55.02 29.27 -23.91
N TYR G 207 -54.86 30.59 -23.90
CA TYR G 207 -53.54 31.23 -23.90
C TYR G 207 -52.89 31.21 -22.52
N SER G 208 -53.68 31.53 -21.48
CA SER G 208 -53.20 31.51 -20.10
C SER G 208 -52.79 30.11 -19.65
N LEU G 209 -53.21 29.10 -20.41
CA LEU G 209 -52.79 27.73 -20.21
C LEU G 209 -51.33 27.54 -20.65
N ALA G 210 -50.95 28.22 -21.73
CA ALA G 210 -49.56 28.23 -22.18
C ALA G 210 -48.70 29.13 -21.30
N ASN G 211 -49.34 30.14 -20.68
CA ASN G 211 -48.68 31.02 -19.72
C ASN G 211 -48.26 30.28 -18.45
N ILE G 212 -49.09 29.33 -18.02
CA ILE G 212 -48.85 28.58 -16.79
C ILE G 212 -47.78 27.47 -16.97
N ILE G 213 -47.71 26.90 -18.17
CA ILE G 213 -46.65 25.95 -18.53
C ILE G 213 -45.30 26.70 -18.58
N TYR G 214 -45.33 27.91 -19.14
CA TYR G 214 -44.13 28.74 -19.24
C TYR G 214 -43.59 29.17 -17.88
N TYR G 215 -44.50 29.57 -16.97
CA TYR G 215 -44.09 30.01 -15.64
C TYR G 215 -43.42 28.87 -14.88
N SER G 216 -43.96 27.66 -15.02
CA SER G 216 -43.41 26.48 -14.37
C SER G 216 -42.08 26.03 -15.00
N LEU G 217 -41.80 26.54 -16.21
CA LEU G 217 -40.53 26.28 -16.90
C LEU G 217 -39.43 27.23 -16.44
N LYS G 218 -39.78 28.51 -16.30
CA LYS G 218 -38.81 29.54 -15.93
C LYS G 218 -38.35 29.44 -14.47
N GLU G 219 -39.22 28.91 -13.62
CA GLU G 219 -38.90 28.68 -12.22
C GLU G 219 -38.19 27.34 -12.05
N SER G 220 -38.63 26.34 -12.82
CA SER G 220 -38.09 24.98 -12.78
C SER G 220 -36.59 24.92 -13.07
N THR G 221 -36.14 25.72 -14.04
CA THR G 221 -34.75 25.73 -14.45
C THR G 221 -33.86 26.55 -13.52
N THR G 222 -34.38 27.68 -13.03
CA THR G 222 -33.64 28.51 -12.08
C THR G 222 -33.37 27.71 -10.81
N SER G 223 -34.34 26.90 -10.41
CA SER G 223 -34.20 25.99 -9.28
C SER G 223 -33.24 24.85 -9.59
N GLU G 224 -33.27 24.37 -10.83
CA GLU G 224 -32.42 23.27 -11.27
C GLU G 224 -30.94 23.67 -11.36
N GLN G 225 -30.69 24.86 -11.89
CA GLN G 225 -29.32 25.34 -12.09
C GLN G 225 -28.60 25.66 -10.79
N SER G 226 -29.34 26.21 -9.82
CA SER G 226 -28.81 26.50 -8.50
C SER G 226 -28.63 25.24 -7.66
N ALA G 227 -29.54 24.27 -7.85
CA ALA G 227 -29.43 22.98 -7.15
C ALA G 227 -28.28 22.14 -7.70
N ARG G 228 -27.98 22.28 -8.99
CA ARG G 228 -26.80 21.67 -9.59
C ARG G 228 -25.53 22.37 -9.12
N MET G 229 -25.57 23.70 -8.99
CA MET G 229 -24.48 24.48 -8.41
C MET G 229 -24.12 23.96 -7.02
N THR G 230 -25.14 23.86 -6.16
CA THR G 230 -24.98 23.37 -4.79
C THR G 230 -24.45 21.94 -4.78
N ALA G 231 -25.05 21.07 -5.59
CA ALA G 231 -24.67 19.66 -5.65
C ALA G 231 -23.25 19.45 -6.18
N MET G 232 -22.88 20.18 -7.22
CA MET G 232 -21.56 20.02 -7.85
C MET G 232 -20.43 20.68 -7.08
N ASP G 233 -20.77 21.74 -6.33
CA ASP G 233 -19.82 22.31 -5.38
C ASP G 233 -19.53 21.29 -4.30
N ASN G 234 -20.60 20.79 -3.67
CA ASN G 234 -20.48 19.77 -2.62
C ASN G 234 -19.82 18.47 -3.09
N ALA G 235 -20.08 18.08 -4.33
CA ALA G 235 -19.41 16.90 -4.92
C ALA G 235 -17.91 17.15 -5.07
N SER G 236 -17.55 18.34 -5.53
CA SER G 236 -16.16 18.74 -5.73
C SER G 236 -15.40 18.77 -4.40
N LYS G 237 -16.07 19.24 -3.36
CA LYS G 237 -15.51 19.24 -2.00
C LYS G 237 -15.27 17.83 -1.50
N ASN G 238 -16.26 16.95 -1.70
CA ASN G 238 -16.16 15.55 -1.29
C ASN G 238 -15.05 14.81 -2.02
N ALA G 239 -14.94 15.06 -3.34
CA ALA G 239 -13.89 14.49 -4.17
C ALA G 239 -12.52 14.89 -3.65
N SER G 240 -12.39 16.18 -3.30
CA SER G 240 -11.16 16.73 -2.76
C SER G 240 -10.76 16.05 -1.45
N GLU G 241 -11.74 15.87 -0.56
CA GLU G 241 -11.51 15.20 0.73
C GLU G 241 -11.19 13.72 0.59
N MET G 242 -11.74 13.09 -0.45
CA MET G 242 -11.49 11.68 -0.71
C MET G 242 -10.10 11.49 -1.33
N ILE G 243 -9.69 12.44 -2.18
CA ILE G 243 -8.34 12.44 -2.78
C ILE G 243 -7.28 12.44 -1.67
N ASP G 244 -7.47 13.27 -0.64
CA ASP G 244 -6.57 13.32 0.50
C ASP G 244 -6.53 11.99 1.22
N LYS G 245 -7.71 11.46 1.54
CA LYS G 245 -7.84 10.17 2.22
C LYS G 245 -7.16 9.03 1.45
N LEU G 246 -7.42 8.95 0.15
CA LEU G 246 -6.80 7.93 -0.71
C LEU G 246 -5.29 8.12 -0.89
N THR G 247 -4.84 9.37 -0.96
CA THR G 247 -3.41 9.66 -1.11
C THR G 247 -2.64 9.19 0.11
N LEU G 248 -3.25 9.39 1.28
CA LEU G 248 -2.66 8.98 2.54
C LEU G 248 -2.73 7.46 2.72
N THR G 249 -3.78 6.85 2.19
CA THR G 249 -3.86 5.39 2.15
C THR G 249 -2.79 4.87 1.20
N PHE G 250 -2.68 5.50 0.03
CA PHE G 250 -1.67 5.09 -0.94
C PHE G 250 -0.28 5.08 -0.30
N ASN G 251 0.07 6.18 0.35
CA ASN G 251 1.41 6.33 0.89
C ASN G 251 1.77 5.43 2.08
N ARG G 252 0.82 5.22 2.99
CA ARG G 252 1.01 4.25 4.06
C ARG G 252 1.19 2.84 3.51
N THR G 253 0.43 2.50 2.47
CA THR G 253 0.55 1.20 1.81
C THR G 253 1.87 1.09 1.07
N ARG G 254 2.26 2.17 0.37
CA ARG G 254 3.55 2.21 -0.35
C ARG G 254 4.73 1.91 0.60
N GLN G 255 4.72 2.61 1.74
CA GLN G 255 5.74 2.44 2.77
C GLN G 255 5.71 1.03 3.37
N ALA G 256 4.52 0.56 3.76
CA ALA G 256 4.39 -0.76 4.38
C ALA G 256 4.86 -1.90 3.46
N VAL G 257 4.60 -1.79 2.16
CA VAL G 257 5.02 -2.83 1.19
C VAL G 257 6.54 -2.90 1.16
N ILE G 258 7.19 -1.74 1.14
CA ILE G 258 8.65 -1.68 1.15
C ILE G 258 9.20 -2.28 2.46
N THR G 259 8.61 -1.88 3.59
CA THR G 259 9.05 -2.36 4.90
C THR G 259 8.89 -3.88 5.04
N LYS G 260 7.73 -4.41 4.67
CA LYS G 260 7.45 -5.84 4.80
C LYS G 260 8.36 -6.70 3.92
N GLU G 261 8.58 -6.26 2.69
CA GLU G 261 9.48 -6.96 1.77
C GLU G 261 10.91 -7.02 2.34
N LEU G 262 11.34 -5.92 2.94
CA LEU G 262 12.69 -5.84 3.51
C LEU G 262 12.83 -6.76 4.73
N ILE G 263 11.79 -6.79 5.57
CA ILE G 263 11.81 -7.67 6.75
C ILE G 263 11.88 -9.16 6.37
N GLU G 264 11.23 -9.53 5.27
CA GLU G 264 11.27 -10.91 4.75
C GLU G 264 12.69 -11.29 4.32
N ILE G 265 13.36 -10.34 3.67
CA ILE G 265 14.74 -10.50 3.21
C ILE G 265 15.66 -10.64 4.42
N ILE G 266 15.60 -9.66 5.33
CA ILE G 266 16.39 -9.70 6.56
C ILE G 266 16.21 -11.02 7.33
N SER G 267 14.97 -11.48 7.44
CA SER G 267 14.63 -12.72 8.15
C SER G 267 15.24 -13.96 7.49
N GLY G 268 15.14 -14.03 6.16
CA GLY G 268 15.77 -15.10 5.39
C GLY G 268 17.28 -15.11 5.55
N ALA G 269 17.89 -13.92 5.50
CA ALA G 269 19.35 -13.77 5.63
C ALA G 269 19.87 -14.17 7.01
N ALA G 270 19.21 -13.69 8.07
CA ALA G 270 19.61 -13.98 9.45
C ALA G 270 19.48 -15.47 9.81
N ALA G 271 18.57 -16.16 9.13
CA ALA G 271 18.29 -17.58 9.41
C ALA G 271 19.38 -18.53 8.88
N LEU G 272 20.35 -17.99 8.14
CA LEU G 272 21.41 -18.78 7.51
C LEU G 272 22.60 -19.09 8.42
N ASP G 273 23.37 -20.11 8.01
CA ASP G 273 24.62 -20.53 8.67
C ASP G 273 24.64 -20.37 10.19
N SER H 17 -51.92 52.48 -11.80
CA SER H 17 -50.76 51.80 -12.44
C SER H 17 -51.20 50.62 -13.31
N PHE H 18 -50.44 50.36 -14.37
CA PHE H 18 -50.75 49.28 -15.30
C PHE H 18 -49.47 48.55 -15.73
N THR H 19 -49.34 47.30 -15.29
CA THR H 19 -48.17 46.49 -15.60
C THR H 19 -48.25 45.94 -17.01
N PHE H 20 -47.28 46.34 -17.84
CA PHE H 20 -47.23 45.95 -19.25
C PHE H 20 -45.94 45.21 -19.55
N ALA H 21 -46.05 43.92 -19.83
CA ALA H 21 -44.89 43.05 -20.02
C ALA H 21 -45.11 41.90 -21.00
N SER H 22 -44.07 41.61 -21.77
CA SER H 22 -43.96 40.36 -22.52
C SER H 22 -43.23 39.36 -21.62
N PRO H 23 -43.10 38.08 -22.06
CA PRO H 23 -42.36 37.09 -21.25
C PRO H 23 -40.92 37.52 -20.92
N THR H 24 -40.31 38.31 -21.80
CA THR H 24 -38.89 38.69 -21.66
C THR H 24 -38.68 40.11 -21.14
N GLN H 25 -39.53 41.05 -21.57
CA GLN H 25 -39.35 42.45 -21.21
C GLN H 25 -40.53 43.02 -20.43
N VAL H 26 -40.22 43.90 -19.48
CA VAL H 26 -41.23 44.65 -18.72
C VAL H 26 -41.09 46.15 -18.99
N PHE H 27 -42.20 46.79 -19.35
CA PHE H 27 -42.19 48.19 -19.78
C PHE H 27 -42.71 49.14 -18.71
N PHE H 28 -43.83 48.78 -18.09
CA PHE H 28 -44.41 49.56 -16.99
C PHE H 28 -44.79 48.64 -15.84
N ASN H 29 -44.49 49.08 -14.63
CA ASN H 29 -44.71 48.28 -13.43
C ASN H 29 -45.52 49.04 -12.38
N GLN H 35 -53.27 56.50 -19.66
CA GLN H 35 -54.12 55.80 -20.62
C GLN H 35 -53.33 54.75 -21.40
N VAL H 36 -53.96 53.60 -21.62
CA VAL H 36 -53.35 52.50 -22.38
C VAL H 36 -54.34 52.00 -23.44
N ASP H 37 -53.82 51.52 -24.57
CA ASP H 37 -54.65 51.03 -25.68
C ASP H 37 -54.57 49.51 -25.83
N VAL H 38 -55.70 48.89 -26.20
CA VAL H 38 -55.79 47.43 -26.33
C VAL H 38 -56.46 47.00 -27.64
N PRO H 39 -55.70 46.31 -28.51
CA PRO H 39 -56.22 45.81 -29.79
C PRO H 39 -56.73 44.36 -29.73
N THR H 40 -58.04 44.19 -29.91
CA THR H 40 -58.65 42.85 -29.92
C THR H 40 -59.19 42.46 -31.31
N LEU H 58 -56.29 38.68 -28.04
CA LEU H 58 -55.71 39.88 -28.63
C LEU H 58 -55.37 39.71 -30.11
N ARG H 59 -55.18 40.85 -30.78
CA ARG H 59 -54.91 40.92 -32.20
C ARG H 59 -53.60 41.68 -32.37
N PRO H 60 -52.78 41.30 -33.36
CA PRO H 60 -51.60 42.13 -33.67
C PRO H 60 -52.00 43.59 -33.93
N GLY H 61 -51.59 44.48 -33.04
CA GLY H 61 -51.96 45.90 -33.14
C GLY H 61 -51.27 46.82 -32.16
N LEU H 62 -51.56 48.12 -32.29
CA LEU H 62 -50.89 49.17 -31.52
C LEU H 62 -51.28 49.24 -30.04
N VAL H 63 -50.28 49.58 -29.23
CA VAL H 63 -50.46 49.89 -27.81
C VAL H 63 -49.62 51.13 -27.50
N VAL H 64 -50.28 52.27 -27.31
CA VAL H 64 -49.62 53.53 -26.98
C VAL H 64 -49.92 53.93 -25.54
N VAL H 65 -48.86 54.14 -24.75
CA VAL H 65 -49.00 54.52 -23.35
C VAL H 65 -49.36 56.00 -23.20
N PHE H 76 -46.71 48.02 -29.23
CA PHE H 76 -47.22 47.01 -30.15
C PHE H 76 -47.26 45.61 -29.51
N VAL H 77 -48.41 44.96 -29.60
CA VAL H 77 -48.60 43.61 -29.08
C VAL H 77 -48.92 42.64 -30.21
N SER H 78 -48.24 41.50 -30.24
CA SER H 78 -48.47 40.49 -31.27
C SER H 78 -49.76 39.72 -31.06
N SER H 79 -50.03 39.34 -29.81
CA SER H 79 -51.17 38.51 -29.44
C SER H 79 -51.23 38.28 -27.94
N GLY H 80 -52.24 37.55 -27.47
CA GLY H 80 -52.38 37.22 -26.06
C GLY H 80 -53.76 37.49 -25.48
N SER H 81 -53.80 37.81 -24.18
CA SER H 81 -55.05 38.14 -23.50
C SER H 81 -54.96 39.50 -22.83
N GLN H 91 -53.34 44.35 -16.07
CA GLN H 91 -52.17 43.85 -16.79
C GLN H 91 -52.56 43.04 -18.03
N LEU H 92 -51.97 43.41 -19.16
CA LEU H 92 -52.23 42.78 -20.44
C LEU H 92 -51.13 41.79 -20.80
N LEU H 93 -51.48 40.51 -20.89
CA LEU H 93 -50.52 39.46 -21.24
C LEU H 93 -50.31 39.37 -22.75
N ALA H 94 -49.06 39.34 -23.17
CA ALA H 94 -48.71 39.33 -24.59
C ALA H 94 -47.52 38.40 -24.85
N GLU H 95 -47.45 37.83 -26.05
CA GLU H 95 -46.32 36.98 -26.42
C GLU H 95 -45.14 37.82 -26.91
N GLU H 96 -45.41 38.76 -27.80
CA GLU H 96 -44.41 39.75 -28.19
C GLU H 96 -44.97 41.16 -28.03
N ALA H 97 -44.48 41.85 -27.00
CA ALA H 97 -44.85 43.24 -26.76
C ALA H 97 -43.59 44.09 -26.81
N VAL H 98 -43.56 45.04 -27.75
CA VAL H 98 -42.36 45.86 -27.99
C VAL H 98 -42.66 47.31 -28.37
N THR H 99 -41.59 48.10 -28.46
CA THR H 99 -41.57 49.37 -29.18
C THR H 99 -41.60 49.03 -30.68
N LEU H 100 -42.18 49.85 -31.57
CA LEU H 100 -42.48 51.29 -31.46
C LEU H 100 -41.25 52.12 -31.82
N ASP H 101 -40.09 51.71 -31.30
CA ASP H 101 -38.80 52.28 -31.67
C ASP H 101 -37.97 51.19 -32.35
N MET H 102 -38.11 49.96 -31.87
CA MET H 102 -37.29 48.83 -32.32
C MET H 102 -37.99 47.91 -33.34
N LEU H 103 -38.99 48.45 -34.03
CA LEU H 103 -39.63 47.75 -35.16
C LEU H 103 -39.18 48.34 -36.49
N ASP H 104 -38.76 47.46 -37.39
CA ASP H 104 -38.36 47.84 -38.75
C ASP H 104 -38.84 46.78 -39.73
N LEU H 105 -39.78 47.09 -40.63
CA LEU H 105 -40.46 48.38 -40.84
C LEU H 105 -40.55 48.59 -42.35
N GLY H 106 -39.37 48.70 -42.97
CA GLY H 106 -39.23 48.48 -44.41
C GLY H 106 -39.06 46.99 -44.63
N ALA H 107 -38.73 46.28 -43.55
CA ALA H 107 -38.67 44.82 -43.55
C ALA H 107 -40.04 44.22 -43.27
N ALA H 108 -40.88 44.95 -42.56
CA ALA H 108 -42.27 44.55 -42.31
C ALA H 108 -43.09 44.60 -43.60
N LYS H 109 -42.76 45.55 -44.47
CA LYS H 109 -43.38 45.68 -45.77
C LYS H 109 -42.88 44.56 -46.69
N ALA H 110 -41.58 44.27 -46.60
CA ALA H 110 -40.96 43.19 -47.36
C ALA H 110 -41.47 41.82 -46.90
N ASN H 111 -41.61 41.65 -45.59
CA ASN H 111 -42.19 40.43 -45.01
C ASN H 111 -43.67 40.26 -45.35
N LEU H 112 -44.37 41.38 -45.56
CA LEU H 112 -45.77 41.35 -46.00
C LEU H 112 -45.84 40.85 -47.44
N GLU H 113 -45.04 41.45 -48.32
CA GLU H 113 -44.99 41.08 -49.74
C GLU H 113 -44.54 39.63 -49.95
N LYS H 114 -43.69 39.13 -49.05
CA LYS H 114 -43.23 37.75 -49.13
C LYS H 114 -44.35 36.79 -48.73
N ALA H 115 -45.07 37.14 -47.65
CA ALA H 115 -46.17 36.31 -47.14
C ALA H 115 -47.34 36.22 -48.12
N GLN H 116 -47.56 37.30 -48.87
CA GLN H 116 -48.60 37.34 -49.90
C GLN H 116 -48.21 36.54 -51.15
N SER H 117 -46.90 36.37 -51.34
CA SER H 117 -46.36 35.54 -52.42
C SER H 117 -46.37 34.06 -52.03
N GLU H 118 -46.37 33.79 -50.73
CA GLU H 118 -46.48 32.44 -50.18
C GLU H 118 -47.88 31.84 -50.36
N LEU H 119 -48.87 32.72 -50.47
CA LEU H 119 -50.29 32.35 -50.38
C LEU H 119 -50.82 31.61 -51.61
N LEU H 120 -50.37 32.00 -52.79
CA LEU H 120 -50.83 31.37 -54.03
C LEU H 120 -50.21 29.98 -54.24
N GLY H 121 -50.51 29.08 -53.31
CA GLY H 121 -50.05 27.70 -53.36
C GLY H 121 -50.89 26.88 -54.33
N ALA H 122 -51.58 25.83 -53.87
CA ALA H 122 -51.64 25.32 -52.48
C ALA H 122 -52.43 26.19 -51.48
N ALA H 123 -53.49 25.67 -50.86
CA ALA H 123 -54.12 24.34 -51.09
C ALA H 123 -54.81 23.81 -49.82
N ASP H 124 -54.07 23.04 -49.02
CA ASP H 124 -54.63 22.39 -47.84
C ASP H 124 -54.87 23.38 -46.70
N GLU H 125 -56.08 23.35 -46.16
CA GLU H 125 -56.52 24.29 -45.13
C GLU H 125 -55.57 24.33 -43.94
N ALA H 126 -55.40 25.53 -43.37
CA ALA H 126 -54.48 25.77 -42.25
C ALA H 126 -53.00 25.64 -42.64
N THR H 127 -52.57 26.40 -43.63
CA THR H 127 -51.19 26.35 -44.13
C THR H 127 -50.62 27.61 -44.80
N ARG H 128 -51.33 28.41 -45.61
CA ARG H 128 -52.79 28.59 -45.79
C ARG H 128 -53.45 29.50 -44.76
N ALA H 129 -54.02 28.92 -43.70
CA ALA H 129 -54.49 29.71 -42.57
C ALA H 129 -53.29 30.36 -41.88
N GLU H 130 -52.21 29.59 -41.77
CA GLU H 130 -50.96 30.05 -41.18
C GLU H 130 -50.33 31.20 -41.96
N ILE H 131 -50.53 31.22 -43.28
CA ILE H 131 -50.00 32.28 -44.13
C ILE H 131 -50.84 33.55 -43.96
N GLN H 132 -52.16 33.40 -43.92
CA GLN H 132 -53.07 34.53 -43.72
C GLN H 132 -52.89 35.20 -42.36
N ILE H 133 -52.64 34.40 -41.32
CA ILE H 133 -52.25 34.92 -40.01
C ILE H 133 -50.99 35.80 -40.13
N ARG H 134 -49.97 35.28 -40.81
CA ARG H 134 -48.72 36.00 -41.06
C ARG H 134 -48.95 37.29 -41.86
N ILE H 135 -49.90 37.24 -42.80
CA ILE H 135 -50.29 38.42 -43.59
C ILE H 135 -51.00 39.45 -42.72
N GLU H 136 -51.92 38.98 -41.88
CA GLU H 136 -52.67 39.85 -40.97
C GLU H 136 -51.72 40.55 -39.99
N ALA H 137 -50.77 39.78 -39.46
CA ALA H 137 -49.76 40.30 -38.55
C ALA H 137 -48.88 41.38 -39.21
N ASN H 138 -48.45 41.12 -40.44
CA ASN H 138 -47.61 42.06 -41.18
C ASN H 138 -48.33 43.31 -41.66
N GLU H 139 -49.59 43.15 -42.07
CA GLU H 139 -50.46 44.28 -42.38
C GLU H 139 -50.58 45.18 -41.15
N ALA H 140 -50.90 44.58 -40.01
CA ALA H 140 -50.90 45.26 -38.73
C ALA H 140 -49.48 45.35 -38.16
N LEU H 141 -48.60 46.00 -38.92
CA LEU H 141 -47.24 46.33 -38.49
C LEU H 141 -46.82 47.54 -39.31
N VAL H 142 -47.19 47.52 -40.59
CA VAL H 142 -47.06 48.66 -41.48
C VAL H 142 -48.11 49.70 -41.08
N LYS H 143 -49.28 49.21 -40.66
CA LYS H 143 -50.35 50.01 -40.08
C LYS H 143 -49.90 50.73 -38.81
N ALA H 144 -49.01 50.09 -38.06
CA ALA H 144 -48.60 50.55 -36.73
C ALA H 144 -47.64 51.75 -36.76
N LEU H 145 -46.63 51.69 -37.62
CA LEU H 145 -45.57 52.70 -37.62
C LEU H 145 -45.82 53.80 -38.64
N VAL I 1 -66.49 32.76 -35.05
CA VAL I 1 -65.53 31.73 -35.56
C VAL I 1 -64.57 32.37 -36.56
N ALA I 2 -63.27 32.17 -36.35
CA ALA I 2 -62.24 32.75 -37.21
C ALA I 2 -61.75 31.74 -38.25
N TYR I 3 -61.13 32.25 -39.31
CA TYR I 3 -60.64 31.42 -40.43
C TYR I 3 -59.60 30.37 -40.02
N TRP I 4 -58.73 30.73 -39.08
CA TRP I 4 -57.71 29.82 -38.58
C TRP I 4 -58.34 28.69 -37.76
N ARG I 5 -59.36 29.03 -36.97
CA ARG I 5 -60.17 28.02 -36.27
C ARG I 5 -61.31 27.52 -37.17
N GLN I 6 -60.94 26.83 -38.26
CA GLN I 6 -61.91 26.16 -39.13
C GLN I 6 -61.48 24.70 -39.31
N ALA I 7 -60.36 24.47 -39.98
CA ALA I 7 -59.67 23.19 -39.96
C ALA I 7 -58.42 23.40 -39.12
N GLY I 8 -58.49 22.95 -37.86
CA GLY I 8 -57.66 23.51 -36.80
C GLY I 8 -58.34 24.83 -36.49
N LEU I 9 -57.65 25.81 -35.89
CA LEU I 9 -56.32 25.73 -35.31
C LEU I 9 -56.48 26.41 -33.96
N SER I 10 -55.59 26.12 -33.01
CA SER I 10 -55.65 26.75 -31.70
C SER I 10 -55.15 28.19 -31.73
N TYR I 11 -55.46 28.96 -30.70
CA TYR I 11 -54.97 30.33 -30.56
C TYR I 11 -53.48 30.37 -30.22
N ILE I 12 -52.96 29.23 -29.75
CA ILE I 12 -51.54 29.09 -29.43
C ILE I 12 -50.69 29.12 -30.69
N ARG I 13 -51.17 28.51 -31.76
CA ARG I 13 -50.50 28.55 -33.06
C ARG I 13 -50.62 29.94 -33.65
N TYR I 14 -51.82 30.53 -33.55
CA TYR I 14 -52.08 31.90 -33.96
C TYR I 14 -51.10 32.86 -33.29
N SER I 15 -51.00 32.76 -31.97
CA SER I 15 -50.13 33.62 -31.18
C SER I 15 -48.67 33.43 -31.58
N GLN I 16 -48.25 32.17 -31.65
CA GLN I 16 -46.91 31.77 -32.09
C GLN I 16 -46.49 32.43 -33.40
N ILE I 17 -47.40 32.44 -34.37
CA ILE I 17 -47.13 33.00 -35.70
C ILE I 17 -46.99 34.52 -35.64
N CYS I 18 -47.97 35.19 -35.04
CA CYS I 18 -47.95 36.65 -34.85
C CYS I 18 -46.68 37.11 -34.12
N ALA I 19 -46.32 36.40 -33.06
CA ALA I 19 -45.11 36.68 -32.29
C ALA I 19 -43.85 36.65 -33.15
N LYS I 20 -43.78 35.65 -34.04
CA LYS I 20 -42.64 35.47 -34.94
C LYS I 20 -42.57 36.55 -36.01
N ALA I 21 -43.73 37.05 -36.44
CA ALA I 21 -43.80 38.09 -37.46
C ALA I 21 -43.31 39.44 -36.92
N VAL I 22 -43.50 39.64 -35.61
CA VAL I 22 -43.04 40.85 -34.92
C VAL I 22 -41.52 40.80 -34.73
N ARG I 23 -40.98 39.62 -34.45
CA ARG I 23 -39.54 39.43 -34.31
C ARG I 23 -38.82 39.56 -35.65
N ASP I 24 -39.49 39.14 -36.72
CA ASP I 24 -38.91 39.18 -38.05
C ASP I 24 -38.98 40.59 -38.63
N ALA I 25 -39.80 41.44 -38.02
CA ALA I 25 -39.91 42.85 -38.39
C ALA I 25 -39.14 43.76 -37.43
PG ANP J . 10.71 -4.33 -23.94
O1G ANP J . 10.50 -5.59 -24.75
O2G ANP J . 12.15 -3.91 -23.83
O3G ANP J . 10.03 -4.31 -22.60
PB ANP J . 10.33 -1.48 -24.97
O1B ANP J . 9.76 -0.86 -23.72
O2B ANP J . 11.79 -1.27 -25.29
N3B ANP J . 9.91 -3.17 -24.95
PA ANP J . 9.81 -1.30 -27.78
O1A ANP J . 10.18 -2.75 -27.92
O2A ANP J . 10.72 -0.24 -28.36
O3A ANP J . 9.49 -0.95 -26.24
O5' ANP J . 8.34 -1.08 -28.40
C5' ANP J . 7.25 -1.93 -28.07
C4' ANP J . 6.34 -2.05 -29.28
O4' ANP J . 5.81 -0.77 -29.63
C3' ANP J . 7.08 -2.57 -30.52
O3' ANP J . 6.28 -3.56 -31.17
C2' ANP J . 7.24 -1.36 -31.41
O2' ANP J . 7.27 -1.71 -32.80
C1' ANP J . 6.06 -0.47 -31.00
N9 ANP J . 6.41 0.96 -31.15
C8 ANP J . 7.44 1.58 -30.54
N7 ANP J . 7.49 2.89 -30.89
C5 ANP J . 6.48 3.12 -31.73
C6 ANP J . 5.96 4.29 -32.48
N6 ANP J . 6.56 5.51 -32.37
N1 ANP J . 4.87 4.11 -33.26
C2 ANP J . 4.26 2.91 -33.37
N3 ANP J . 4.68 1.81 -32.72
C4 ANP J . 5.77 1.84 -31.90
MG MG K . 13.37 -2.75 -25.18
PG ANP L . 6.36 20.82 16.85
O1G ANP L . 7.47 21.74 16.39
O2G ANP L . 6.70 20.02 18.08
O3G ANP L . 5.85 19.93 15.75
PB ANP L . 3.76 21.67 18.33
O1B ANP L . 2.77 20.74 17.67
O2B ANP L . 4.25 21.27 19.69
N3B ANP L . 5.10 21.95 17.24
PA ANP L . 3.70 24.37 19.18
O1A ANP L . 5.19 24.42 18.92
O2A ANP L . 3.19 24.43 20.60
O3A ANP L . 3.07 23.11 18.43
O5' ANP L . 2.98 25.56 18.36
C5' ANP L . 3.25 25.76 16.97
C4' ANP L . 3.21 27.25 16.64
O4' ANP L . 1.89 27.75 16.89
C3' ANP L . 4.17 28.06 17.50
O3' ANP L . 4.86 29.03 16.69
C2' ANP L . 3.29 28.75 18.52
O2' ANP L . 3.77 30.07 18.77
C1' ANP L . 1.92 28.80 17.85
N9 ANP L . 0.82 28.59 18.83
C8 ANP L . 0.64 27.51 19.61
N7 ANP L . -0.48 27.64 20.36
C5 ANP L . -1.03 28.84 20.08
C6 ANP L . -2.22 29.60 20.51
N6 ANP L . -3.07 29.12 21.44
N1 ANP L . -2.43 30.81 19.94
C2 ANP L . -1.60 31.32 19.00
N3 ANP L . -0.51 30.68 18.57
C4 ANP L . -0.17 29.46 19.05
MG MG M . 6.29 20.63 20.11
PG ANP N . -15.56 -20.13 10.11
O1G ANP N . -16.09 -20.21 11.52
O2G ANP N . -14.82 -21.34 9.61
O3G ANP N . -14.80 -18.87 9.81
PB ANP N . -17.31 -20.72 7.63
O1B ANP N . -16.73 -19.77 6.59
O2B ANP N . -16.79 -22.13 7.59
N3B ANP N . -17.06 -20.04 9.22
PA ANP N . -19.96 -21.64 8.23
O1A ANP N . -19.55 -21.70 9.69
O2A ANP N . -20.21 -22.89 7.46
O3A ANP N . -18.89 -20.75 7.40
O5' ANP N . -21.25 -20.69 8.10
C5' ANP N . -21.26 -19.42 8.76
C4' ANP N . -22.68 -19.12 9.22
O4' ANP N . -23.50 -19.00 8.05
C3' ANP N . -23.29 -20.27 10.03
O3' ANP N . -24.03 -19.72 11.12
C2' ANP N . -24.22 -20.97 9.09
O2' ANP N . -25.37 -21.49 9.76
C1' ANP N . -24.61 -19.87 8.11
N9 ANP N . -24.91 -20.40 6.76
C8 ANP N . -24.05 -21.03 5.94
N7 ANP N . -24.66 -21.39 4.78
C5 ANP N . -25.94 -20.99 4.86
C6 ANP N . -27.13 -21.03 3.98
N6 ANP N . -27.08 -21.62 2.76
N1 ANP N . -28.29 -20.49 4.45
C2 ANP N . -28.36 -19.91 5.66
N3 ANP N . -27.31 -19.82 6.51
C4 ANP N . -26.10 -20.32 6.16
MG MG O . -15.59 -23.27 9.01
PG ANP P . -3.52 -22.70 -13.17
O1G ANP P . -4.25 -23.01 -11.89
O2G ANP P . -3.13 -23.94 -13.93
O3G ANP P . -2.39 -21.70 -13.04
PB ANP P . -5.03 -21.72 -15.71
O1B ANP P . -4.78 -20.28 -16.10
O2B ANP P . -4.21 -22.72 -16.46
N3B ANP P . -4.80 -21.89 -14.01
PA ANP P . -7.35 -22.98 -16.91
O1A ANP P . -7.38 -24.38 -16.34
O2A ANP P . -6.84 -22.76 -18.33
O3A ANP P . -6.60 -22.00 -15.88
O5' ANP P . -8.85 -22.42 -16.79
C5' ANP P . -9.50 -22.42 -15.52
C4' ANP P . -11.00 -22.60 -15.68
O4' ANP P . -11.61 -21.37 -16.12
C3' ANP P . -11.40 -23.64 -16.73
O3' ANP P . -11.47 -24.96 -16.18
C2' ANP P . -12.75 -23.14 -17.17
O2' ANP P . -13.75 -23.55 -16.22
C1' ANP P . -12.57 -21.64 -17.14
N9 ANP P . -12.04 -21.27 -18.48
C8 ANP P . -10.75 -21.05 -18.81
N7 ANP P . -10.60 -20.76 -20.12
C5 ANP P . -11.83 -20.79 -20.67
C6 ANP P . -12.39 -20.57 -22.01
N6 ANP P . -11.59 -20.25 -23.07
N1 ANP P . -13.73 -20.70 -22.15
C2 ANP P . -14.55 -21.01 -21.13
N3 ANP P . -14.11 -21.22 -19.87
C4 ANP P . -12.78 -21.13 -19.58
MG MG Q . -3.12 -24.53 -16.01
PG ANP R . -8.11 0.59 25.16
O1G ANP R . -7.38 1.84 25.57
O2G ANP R . -8.20 -0.41 26.25
O3G ANP R . -7.73 -0.01 23.84
PB ANP R . -11.13 0.30 24.93
O1B ANP R . -11.43 -0.30 23.56
O2B ANP R . -11.23 -0.63 26.11
N3B ANP R . -9.70 1.23 24.91
PA ANP R . -13.03 1.80 26.47
O1A ANP R . -12.17 2.06 27.68
O2A ANP R . -14.14 0.78 26.55
O3A ANP R . -12.18 1.47 25.16
O5' ANP R . -13.67 3.20 26.01
C5' ANP R . -12.86 4.35 25.77
C4' ANP R . -13.74 5.61 25.67
O4' ANP R . -14.60 5.55 24.52
C3' ANP R . -14.67 5.80 26.86
O3' ANP R . -14.04 6.52 27.93
C2' ANP R . -15.82 6.57 26.26
O2' ANP R . -15.48 7.96 26.20
C1' ANP R . -15.91 6.03 24.83
N9 ANP R . -16.89 4.91 24.82
C8 ANP R . -16.61 3.61 24.67
N7 ANP R . -17.72 2.84 24.73
C5 ANP R . -18.76 3.67 24.94
C6 ANP R . -20.23 3.53 25.10
N6 ANP R . -20.83 2.31 25.04
N1 ANP R . -20.95 4.66 25.28
C2 ANP R . -20.38 5.88 25.32
N3 ANP R . -19.06 6.08 25.19
C4 ANP R . -18.21 5.03 25.00
MG MG S . -9.71 -1.30 27.51
#